data_7YFI
#
_entry.id   7YFI
#
_cell.length_a   1.00
_cell.length_b   1.00
_cell.length_c   1.00
_cell.angle_alpha   90.00
_cell.angle_beta   90.00
_cell.angle_gamma   90.00
#
_symmetry.space_group_name_H-M   'P 1'
#
loop_
_entity.id
_entity.type
_entity.pdbx_description
1 polymer 'Glutamate receptor ionotropic, NMDA 1'
2 polymer 'Glutamate receptor'
3 polymer 'Glutamate receptor ionotropic, NMDA 2C'
4 branched 2-acetamido-2-deoxy-beta-D-glucopyranose-(1-4)-2-acetamido-2-deoxy-beta-D-glucopyranose
5 branched alpha-D-mannopyranose-(1-4)-2-acetamido-2-deoxy-beta-D-glucopyranose-(1-4)-2-acetamido-2-deoxy-beta-D-glucopyranose
6 non-polymer 2-acetamido-2-deoxy-beta-D-glucopyranose
7 non-polymer GLYCINE
8 non-polymer 'GLUTAMIC ACID'
#
loop_
_entity_poly.entity_id
_entity_poly.type
_entity_poly.pdbx_seq_one_letter_code
_entity_poly.pdbx_strand_id
1 'polypeptide(L)'
;MSTMHLLTFALLFSCSFARAACDPKIVNIGAVLSTRKHEQMFREAVNQANKRHGSWKIQLNATSVTHKPNAIQMALSVCE
DLISSQVYAILVSHPPTPNDHFTPTPVSYTAGFYRIPVLGLTTRMSIYSDKSIHLSFLRTVPPYSHQSSVWFEMMRVYNW
NHIILLVSDDHEGRAAQKRLETLLEERESKAEKVLQFDPGTKNVTALLMEARELEARVIILSASEDDAATVYRAAAMLNM
TGSGYVWLVGEREISGNALRYAPDGIIGLQLINGKNESAHISDAVGVVAQAVHELLEKENITDPPRGCVGNTNIWKTGPL
FKRVLMSSKYADGVTGRVEFNEDGDRKFANYSIMNLQNRKLVQVGIYNGTHVIPNDRKIIWPGGETEKPRGYQMSTRLKI
VTIHQEPFVYVKPTMSDGTCKEEFTVNGDPVKKVICTGPNDTSPGSPRHTVPQCCYGFCIDLLIKLARTMNFTYEVHLVA
DGKFGTQERVNNSNKKEWNGMMGELLSGQADMIVAPLTINNERAQYIEFSKPFKYQGLTILVKKEIPRSTLDSFMQPFQS
TLWLLVGLSVHVVAVMLYLLDRFSPFGRFKVNSEEEEEDALTLSSAMWFSWGVLLNSGIGEGAPRSFSARILGMVWAGFA
MIIVASYTANLAAFLVLDRPEERITGINDPRLRNPSDKFIYATVKQSSVDIYFRRQVELSTMYRHMEKHNYESAAEAIQA
VRDNKLHAFIWDSAVLEFEASQKCDLVTTGELFFRSGFGIGMRKDSPWKQNVSLSILKSHENGFMEDLDKTWVRYQEC
;
A,C
2 'polypeptide(L)'
;PMGRLGYWTLLVLPALLVWRDPAQNAAAEKGPPALNIAVLLGHSHDVTERELRNLWGPEQATGLPLDVNVVALLMNRTDP
KSLITHVCDLMSGARIHGLVFGDDTDQEAVAQMLDFISSQTFIPILGIHGGASMIMADKDPTSTFFQFGASIQQQATVML
KIMQDYDWHVFSLVTTIFPGYRDFISFIKTTVDNSFVGWDMQNVITLDTSFEDAKTQVQLKKIHSSVILLYCSKDEAVLI
LSEARSLGLTGYDFFWIVPSLVSGNTELIPKEFPSGLISVSYDDWDYSLEARVRDGLGILTTAASSMLEKFSYIPEAKAS
CYGQAEKPETPLHTLHQFMVNVTWDGKDLSFTEEGYQVHPRLVVIVLNKDREWEKVGKWENQTLSLRHAVWPRYKSFSDC
EPDDNHLSIVTLEEAPFVIVEDIDPLTETCVRNTVPCRKFVKINNSTNEGMNVKKCCKGFCIDILKKLSRTVKFTYDLYL
VTNGKHGKKVNNVWNGMIGEVVYQRAVMAVGSLTINEERSEVVDFSVPFVETGISVMVSRSNGTVSPSAFLEPFSASVWV
MMFVMLLIVSAIAVFVFEYFSPVGYNRNLAKGKAPHGPSFTIGKAIWLLWGLVFNNSVPVQNPKGTTSKIMVSVWAFFAV
IFLASYTANLAAFMIQEEFVDQVTGLSDKKFQRPHDYSPPFRFGTVPNGSTERNIRNNYPYMHQYMTRFNQRGVEDALVS
LKTGKLDAFIYDAAVLNYKAGRDEGCKLVTIGSGYIFATTGYGIALQKGSPWKRQIDLALLQFVGDGEMEELETLWLTGI
CHNEKNEVMSSQLDIDNMAGVFYMLAAAMALSLITFIW
;
B
3 'polypeptide(L)'
;MGGALGPALLLTSLLGAWARLGAGQGEQAVTVAVVFGSSGPLQTQARTRLTSQNFLDLPLEIQPLTVGVNNTNPSSILTQ
ICGLLGAARVHGIVFEDNVDTEAVAQLLDFVSSQTHVPILSISGGSAVVLTPKEPGSAFLQLGVSLEQQLQVLFKVLEEY
DWSAFAVITSLHPGHALFLEGVRAVADASYLSWRLLDVLTLELGPGGPRARTQRLLRQVDAPVLVAYCSREEAEVLFAEA
AQAGLVGPGHVWLVPNLALGSTDAPPAAFPVGLISVVTESWRLSLRQKVRDGVAILALGAHSYRRQYGTLPAPAGDCRSH
PGPVSPAREAFYRHLLNVTWEGRDFSFSPGGYLVRPTMVVIALNRHRLWEMVGRWDHGVLYMKYPVWPRYSTSLQPVVDS
RHLTVATLEERPFVIVESPDPGTGGCVPNTVPCRRQSNHTFSSGDLTPYTKLCCKGFCIDILKKLAKVVKFSYDLYLVTN
GKHGKRVRGVWNGMIGEVYYKRADMAIGSLTINEERSEIIDFSVPFVETGISVMVSRSNGTVSPSAFLEPYSPAVWVMMF
VMCLTVVAITVFMFEYFSPVSYNQNLTKGKKPGGPSFTIGKSVWLLWALVFNNSVPIENPRGTTSKIMVLVWAFFAVIFL
ASYTANLAAFMIQEQYIDTVSGLSDKKFQRPQDQYPPFRFGTVPNGSTERNIRSNYRDMHTHMVKFNQRSVEDALTSLKM
GKLDAFIYDAAVLNYMAGKDEGCKLVTIGSGKVFATTGYGIAMQKDSHWKRAIDLALLQLLGDGETQKLETVWLSGICQN
EKNEVMSSKLDIDNMAGVFYMLLVAMGLALLVFAW
;
D
#
# COMPACT_ATOMS: atom_id res chain seq x y z
N LYS A 25 -38.30 -10.82 -57.26
CA LYS A 25 -38.39 -9.53 -57.93
C LYS A 25 -39.34 -8.59 -57.19
N ILE A 26 -40.21 -9.17 -56.37
CA ILE A 26 -41.21 -8.42 -55.63
C ILE A 26 -40.96 -8.62 -54.13
N VAL A 27 -40.91 -7.53 -53.39
CA VAL A 27 -40.79 -7.57 -51.94
C VAL A 27 -42.17 -7.32 -51.34
N ASN A 28 -42.67 -8.29 -50.59
CA ASN A 28 -44.00 -8.21 -50.01
C ASN A 28 -43.96 -7.62 -48.62
N ILE A 29 -44.88 -6.70 -48.34
CA ILE A 29 -45.06 -6.12 -47.02
C ILE A 29 -46.51 -6.32 -46.60
N GLY A 30 -46.71 -6.85 -45.40
CA GLY A 30 -48.03 -7.14 -44.90
C GLY A 30 -48.50 -6.12 -43.87
N ALA A 31 -49.82 -5.93 -43.83
CA ALA A 31 -50.44 -5.06 -42.85
C ALA A 31 -51.65 -5.76 -42.25
N VAL A 32 -51.93 -5.44 -40.99
CA VAL A 32 -53.10 -5.99 -40.32
C VAL A 32 -54.08 -4.87 -40.05
N LEU A 33 -55.00 -4.65 -40.99
CA LEU A 33 -55.92 -3.52 -40.91
C LEU A 33 -57.24 -3.92 -41.56
N SER A 34 -58.34 -3.54 -40.92
CA SER A 34 -59.68 -3.83 -41.43
C SER A 34 -60.30 -2.68 -42.21
N THR A 35 -60.12 -1.44 -41.74
CA THR A 35 -60.77 -0.30 -42.40
C THR A 35 -60.18 -0.08 -43.78
N ARG A 36 -61.05 -0.04 -44.79
CA ARG A 36 -60.60 0.01 -46.18
C ARG A 36 -59.89 1.31 -46.52
N LYS A 37 -60.27 2.42 -45.86
CA LYS A 37 -59.62 3.70 -46.13
C LYS A 37 -58.12 3.62 -45.85
N HIS A 38 -57.74 3.04 -44.71
CA HIS A 38 -56.34 2.95 -44.39
C HIS A 38 -55.64 1.89 -45.23
N GLU A 39 -56.38 0.88 -45.70
CA GLU A 39 -55.81 -0.03 -46.69
C GLU A 39 -55.44 0.70 -47.97
N GLN A 40 -56.32 1.59 -48.44
CA GLN A 40 -56.01 2.40 -49.60
C GLN A 40 -54.83 3.33 -49.33
N MET A 41 -54.77 3.91 -48.13
CA MET A 41 -53.65 4.76 -47.77
C MET A 41 -52.33 3.97 -47.82
N PHE A 42 -52.34 2.76 -47.27
CA PHE A 42 -51.15 1.91 -47.28
C PHE A 42 -50.74 1.55 -48.72
N ARG A 43 -51.71 1.20 -49.56
CA ARG A 43 -51.41 0.85 -50.94
C ARG A 43 -50.83 2.05 -51.70
N GLU A 44 -51.40 3.23 -51.52
CA GLU A 44 -50.89 4.41 -52.19
C GLU A 44 -49.51 4.79 -51.67
N ALA A 45 -49.26 4.59 -50.37
CA ALA A 45 -47.93 4.84 -49.83
C ALA A 45 -46.90 3.89 -50.45
N VAL A 46 -47.28 2.62 -50.61
CA VAL A 46 -46.38 1.66 -51.25
C VAL A 46 -46.11 2.07 -52.70
N ASN A 47 -47.16 2.51 -53.40
CA ASN A 47 -46.98 2.97 -54.78
C ASN A 47 -46.04 4.16 -54.84
N GLN A 48 -46.21 5.12 -53.93
CA GLN A 48 -45.33 6.30 -53.91
C GLN A 48 -43.90 5.90 -53.60
N ALA A 49 -43.71 4.94 -52.69
CA ALA A 49 -42.37 4.43 -52.42
C ALA A 49 -41.77 3.80 -53.67
N ASN A 50 -42.58 3.07 -54.43
CA ASN A 50 -42.11 2.51 -55.70
C ASN A 50 -41.73 3.62 -56.68
N LYS A 51 -42.46 4.73 -56.67
CA LYS A 51 -42.27 5.79 -57.65
C LYS A 51 -41.00 6.60 -57.42
N ARG A 52 -40.66 6.90 -56.17
CA ARG A 52 -39.59 7.84 -55.86
C ARG A 52 -38.36 7.16 -55.25
N HIS A 53 -38.06 5.93 -55.68
CA HIS A 53 -36.91 5.23 -55.12
C HIS A 53 -35.94 4.77 -56.19
N GLY A 54 -35.59 5.67 -57.11
CA GLY A 54 -34.54 5.40 -58.08
C GLY A 54 -35.00 4.58 -59.26
N SER A 55 -34.03 4.25 -60.11
CA SER A 55 -34.29 3.49 -61.33
C SER A 55 -34.19 1.99 -61.12
N TRP A 56 -33.96 1.53 -59.89
CA TRP A 56 -33.89 0.09 -59.64
C TRP A 56 -35.23 -0.57 -59.96
N LYS A 57 -35.16 -1.75 -60.56
CA LYS A 57 -36.33 -2.43 -61.10
C LYS A 57 -36.93 -3.44 -60.13
N ILE A 58 -36.80 -3.20 -58.83
CA ILE A 58 -37.46 -4.02 -57.82
C ILE A 58 -38.84 -3.42 -57.55
N GLN A 59 -39.80 -4.28 -57.27
CA GLN A 59 -41.16 -3.85 -56.99
C GLN A 59 -41.51 -4.11 -55.54
N LEU A 60 -42.32 -3.22 -54.98
CA LEU A 60 -42.84 -3.37 -53.62
C LEU A 60 -44.32 -3.68 -53.71
N ASN A 61 -44.72 -4.84 -53.18
CA ASN A 61 -46.11 -5.25 -53.16
C ASN A 61 -46.63 -5.21 -51.73
N ALA A 62 -47.90 -4.86 -51.59
CA ALA A 62 -48.53 -4.70 -50.29
C ALA A 62 -49.72 -5.64 -50.18
N THR A 63 -49.79 -6.37 -49.07
CA THR A 63 -50.93 -7.21 -48.76
C THR A 63 -51.44 -6.85 -47.37
N SER A 64 -52.73 -7.10 -47.13
CA SER A 64 -53.34 -6.69 -45.88
C SER A 64 -54.41 -7.69 -45.46
N VAL A 65 -54.59 -7.80 -44.14
CA VAL A 65 -55.59 -8.66 -43.55
C VAL A 65 -56.37 -7.85 -42.51
N THR A 66 -57.59 -8.30 -42.23
CA THR A 66 -58.52 -7.56 -41.40
C THR A 66 -58.38 -7.95 -39.94
N HIS A 67 -58.54 -6.98 -39.04
CA HIS A 67 -58.57 -7.26 -37.61
C HIS A 67 -59.80 -8.09 -37.26
N LYS A 68 -59.62 -9.01 -36.31
CA LYS A 68 -60.70 -9.85 -35.84
C LYS A 68 -60.73 -9.82 -34.32
N PRO A 69 -61.91 -9.95 -33.72
CA PRO A 69 -61.99 -9.92 -32.25
C PRO A 69 -61.21 -11.04 -31.59
N ASN A 70 -61.15 -12.22 -32.19
CA ASN A 70 -60.44 -13.34 -31.62
C ASN A 70 -58.93 -13.16 -31.82
N ALA A 71 -58.17 -13.20 -30.72
CA ALA A 71 -56.72 -13.19 -30.84
C ALA A 71 -56.21 -14.48 -31.47
N ILE A 72 -56.84 -15.61 -31.17
CA ILE A 72 -56.46 -16.88 -31.78
C ILE A 72 -56.69 -16.82 -33.29
N GLN A 73 -57.86 -16.32 -33.70
CA GLN A 73 -58.12 -16.15 -35.12
C GLN A 73 -57.18 -15.13 -35.74
N MET A 74 -56.78 -14.11 -34.97
CA MET A 74 -55.80 -13.15 -35.47
C MET A 74 -54.48 -13.84 -35.78
N ALA A 75 -53.98 -14.66 -34.85
CA ALA A 75 -52.73 -15.37 -35.08
C ALA A 75 -52.86 -16.34 -36.25
N LEU A 76 -53.98 -17.05 -36.35
CA LEU A 76 -54.18 -17.99 -37.45
C LEU A 76 -54.21 -17.27 -38.79
N SER A 77 -54.91 -16.13 -38.86
CA SER A 77 -54.96 -15.37 -40.10
C SER A 77 -53.58 -14.82 -40.48
N VAL A 78 -52.82 -14.33 -39.49
CA VAL A 78 -51.48 -13.84 -39.76
C VAL A 78 -50.61 -14.97 -40.29
N CYS A 79 -50.71 -16.16 -39.70
CA CYS A 79 -49.88 -17.28 -40.15
C CYS A 79 -50.30 -17.75 -41.54
N GLU A 80 -51.60 -17.73 -41.82
CA GLU A 80 -52.05 -18.08 -43.15
C GLU A 80 -51.53 -17.03 -44.10
N ASP A 81 -51.63 -15.76 -43.70
CA ASP A 81 -51.12 -14.67 -44.53
C ASP A 81 -49.65 -14.89 -44.83
N LEU A 82 -48.89 -15.35 -43.84
CA LEU A 82 -47.48 -15.61 -44.04
C LEU A 82 -47.33 -16.56 -45.20
N ILE A 83 -47.94 -17.74 -45.10
CA ILE A 83 -47.87 -18.72 -46.17
C ILE A 83 -48.42 -18.15 -47.46
N SER A 84 -49.21 -17.08 -47.36
CA SER A 84 -49.86 -16.53 -48.54
C SER A 84 -49.11 -15.38 -49.21
N SER A 85 -47.95 -14.97 -48.71
CA SER A 85 -47.31 -13.79 -49.30
C SER A 85 -45.79 -13.69 -49.16
N GLN A 86 -45.16 -14.60 -48.42
CA GLN A 86 -43.72 -14.48 -48.20
C GLN A 86 -43.38 -13.04 -47.86
N VAL A 87 -44.10 -12.44 -46.92
CA VAL A 87 -43.87 -11.04 -46.57
C VAL A 87 -42.49 -10.80 -46.00
N TYR A 88 -42.07 -9.52 -46.00
CA TYR A 88 -40.75 -9.15 -45.47
C TYR A 88 -40.95 -8.43 -44.13
N ALA A 89 -42.08 -7.73 -43.92
CA ALA A 89 -42.37 -7.06 -42.67
C ALA A 89 -43.88 -6.92 -42.52
N ILE A 90 -44.33 -6.81 -41.27
CA ILE A 90 -45.74 -6.72 -40.96
C ILE A 90 -46.00 -5.49 -40.10
N LEU A 91 -47.06 -4.76 -40.43
CA LEU A 91 -47.47 -3.55 -39.73
C LEU A 91 -48.79 -3.80 -39.01
N VAL A 92 -48.94 -3.19 -37.83
CA VAL A 92 -50.14 -3.29 -37.01
C VAL A 92 -50.44 -1.91 -36.43
N SER A 93 -51.58 -1.32 -36.80
CA SER A 93 -51.81 0.08 -36.45
C SER A 93 -53.27 0.36 -36.09
N HIS A 94 -54.02 -0.63 -35.60
CA HIS A 94 -55.44 -0.44 -35.33
C HIS A 94 -55.77 -0.59 -33.85
N PRO A 95 -55.64 0.48 -33.06
CA PRO A 95 -56.19 0.47 -31.70
C PRO A 95 -57.72 0.48 -31.67
N PRO A 96 -58.39 1.43 -32.34
CA PRO A 96 -59.82 1.60 -32.09
C PRO A 96 -60.76 0.76 -32.94
N THR A 97 -60.29 0.22 -34.07
CA THR A 97 -61.15 -0.61 -34.91
C THR A 97 -61.69 -1.83 -34.18
N PRO A 98 -60.91 -2.59 -33.40
CA PRO A 98 -61.51 -3.58 -32.52
C PRO A 98 -62.03 -2.98 -31.21
N ASN A 99 -61.60 -1.76 -30.86
CA ASN A 99 -62.08 -1.05 -29.68
C ASN A 99 -61.94 -1.88 -28.42
N ASP A 100 -60.71 -2.29 -28.13
CA ASP A 100 -60.41 -3.19 -27.03
C ASP A 100 -58.96 -3.04 -26.61
N HIS A 101 -58.43 -4.02 -25.89
CA HIS A 101 -57.00 -4.04 -25.53
C HIS A 101 -56.09 -3.86 -26.75
N PHE A 102 -56.61 -4.07 -27.96
CA PHE A 102 -55.94 -3.79 -29.24
C PHE A 102 -54.53 -4.37 -29.33
N THR A 103 -54.25 -5.40 -28.56
CA THR A 103 -52.89 -5.93 -28.47
C THR A 103 -52.44 -6.49 -29.82
N PRO A 104 -51.31 -6.02 -30.35
CA PRO A 104 -50.75 -6.63 -31.56
C PRO A 104 -49.89 -7.85 -31.23
N THR A 105 -50.06 -8.37 -30.02
CA THR A 105 -49.24 -9.49 -29.55
C THR A 105 -49.28 -10.71 -30.46
N PRO A 106 -50.44 -11.15 -31.00
CA PRO A 106 -50.38 -12.29 -31.92
C PRO A 106 -49.49 -12.07 -33.12
N VAL A 107 -49.56 -10.88 -33.74
CA VAL A 107 -48.70 -10.57 -34.87
C VAL A 107 -47.24 -10.56 -34.45
N SER A 108 -46.94 -9.92 -33.32
CA SER A 108 -45.57 -9.84 -32.85
C SER A 108 -44.99 -11.22 -32.59
N TYR A 109 -45.74 -12.08 -31.91
CA TYR A 109 -45.25 -13.44 -31.64
C TYR A 109 -45.07 -14.23 -32.92
N THR A 110 -46.07 -14.19 -33.81
CA THR A 110 -46.01 -15.00 -35.03
C THR A 110 -44.84 -14.59 -35.91
N ALA A 111 -44.62 -13.28 -36.08
CA ALA A 111 -43.52 -12.85 -36.93
C ALA A 111 -42.19 -12.84 -36.20
N GLY A 112 -42.18 -12.91 -34.88
CA GLY A 112 -40.94 -13.11 -34.14
C GLY A 112 -40.52 -14.56 -34.07
N PHE A 113 -41.43 -15.48 -34.36
CA PHE A 113 -41.04 -16.88 -34.49
C PHE A 113 -40.03 -17.05 -35.63
N TYR A 114 -40.25 -16.36 -36.74
CA TYR A 114 -39.36 -16.41 -37.90
C TYR A 114 -38.42 -15.20 -37.95
N ARG A 115 -38.38 -14.40 -36.88
CA ARG A 115 -37.55 -13.19 -36.82
C ARG A 115 -37.91 -12.20 -37.93
N ILE A 116 -39.15 -12.22 -38.38
CA ILE A 116 -39.64 -11.23 -39.34
C ILE A 116 -39.95 -9.95 -38.58
N PRO A 117 -39.31 -8.83 -38.91
CA PRO A 117 -39.56 -7.60 -38.14
C PRO A 117 -41.01 -7.13 -38.26
N VAL A 118 -41.54 -6.64 -37.14
CA VAL A 118 -42.88 -6.06 -37.08
C VAL A 118 -42.70 -4.58 -36.76
N LEU A 119 -43.46 -3.73 -37.43
CA LEU A 119 -43.41 -2.28 -37.22
C LEU A 119 -44.81 -1.81 -36.79
N GLY A 120 -45.03 -1.75 -35.49
CA GLY A 120 -46.23 -1.14 -34.98
C GLY A 120 -46.16 0.38 -35.03
N LEU A 121 -47.33 1.00 -35.15
CA LEU A 121 -47.38 2.45 -35.33
C LEU A 121 -48.23 3.19 -34.32
N THR A 122 -48.99 2.50 -33.48
CA THR A 122 -49.87 3.18 -32.54
C THR A 122 -49.64 2.76 -31.09
N THR A 123 -49.29 1.50 -30.86
CA THR A 123 -49.18 1.00 -29.50
C THR A 123 -48.02 1.67 -28.77
N ARG A 124 -48.30 2.13 -27.55
CA ARG A 124 -47.31 2.84 -26.74
C ARG A 124 -47.06 2.16 -25.41
N MET A 125 -47.36 0.86 -25.31
CA MET A 125 -47.13 0.14 -24.06
C MET A 125 -45.68 -0.32 -23.97
N SER A 126 -45.18 -0.38 -22.74
CA SER A 126 -43.78 -0.72 -22.52
C SER A 126 -43.50 -2.21 -22.60
N ILE A 127 -44.52 -3.04 -22.74
CA ILE A 127 -44.32 -4.48 -22.85
C ILE A 127 -43.60 -4.85 -24.13
N TYR A 128 -43.56 -3.94 -25.10
CA TYR A 128 -42.94 -4.18 -26.39
C TYR A 128 -41.55 -3.58 -26.51
N SER A 129 -40.99 -3.05 -25.42
CA SER A 129 -39.69 -2.41 -25.45
C SER A 129 -38.56 -3.32 -25.00
N ASP A 130 -38.85 -4.56 -24.65
CA ASP A 130 -37.84 -5.54 -24.26
C ASP A 130 -37.72 -6.59 -25.35
N LYS A 131 -36.50 -6.80 -25.85
CA LYS A 131 -36.30 -7.71 -26.96
C LYS A 131 -36.26 -9.17 -26.54
N SER A 132 -36.30 -9.45 -25.23
CA SER A 132 -36.38 -10.83 -24.77
C SER A 132 -37.76 -11.41 -24.99
N ILE A 133 -38.81 -10.61 -24.81
CA ILE A 133 -40.17 -11.09 -24.98
C ILE A 133 -40.60 -10.96 -26.45
N HIS A 134 -40.47 -9.77 -27.01
CA HIS A 134 -40.82 -9.50 -28.40
C HIS A 134 -39.51 -9.40 -29.18
N LEU A 135 -39.22 -10.43 -29.98
CA LEU A 135 -37.91 -10.56 -30.59
C LEU A 135 -37.66 -9.57 -31.72
N SER A 136 -38.68 -9.26 -32.52
CA SER A 136 -38.53 -8.48 -33.75
C SER A 136 -39.58 -7.39 -33.83
N PHE A 137 -39.72 -6.61 -32.76
CA PHE A 137 -40.71 -5.55 -32.69
C PHE A 137 -40.05 -4.18 -32.73
N LEU A 138 -40.60 -3.28 -33.54
CA LEU A 138 -40.19 -1.89 -33.63
C LEU A 138 -41.46 -1.04 -33.68
N ARG A 139 -41.33 0.23 -33.30
CA ARG A 139 -42.48 1.11 -33.34
C ARG A 139 -42.04 2.54 -33.58
N THR A 140 -42.90 3.30 -34.26
CA THR A 140 -42.65 4.70 -34.56
C THR A 140 -43.21 5.64 -33.51
N VAL A 141 -43.87 5.11 -32.48
CA VAL A 141 -44.40 5.90 -31.37
C VAL A 141 -43.67 5.46 -30.10
N PRO A 142 -43.02 6.37 -29.38
CA PRO A 142 -42.34 5.96 -28.16
C PRO A 142 -43.33 5.50 -27.12
N PRO A 143 -42.93 4.60 -26.24
CA PRO A 143 -43.85 4.09 -25.22
C PRO A 143 -44.10 5.12 -24.13
N TYR A 144 -45.11 4.84 -23.30
CA TYR A 144 -45.44 5.72 -22.20
C TYR A 144 -44.28 5.92 -21.24
N SER A 145 -43.42 4.92 -21.08
CA SER A 145 -42.28 5.04 -20.18
C SER A 145 -41.32 6.14 -20.59
N HIS A 146 -41.36 6.60 -21.85
CA HIS A 146 -40.54 7.72 -22.27
C HIS A 146 -41.05 9.04 -21.73
N GLN A 147 -42.35 9.15 -21.42
CA GLN A 147 -42.88 10.37 -20.85
C GLN A 147 -42.15 10.78 -19.58
N SER A 148 -41.62 9.81 -18.82
CA SER A 148 -40.83 10.12 -17.64
C SER A 148 -39.73 11.13 -17.95
N SER A 149 -39.04 10.94 -19.08
CA SER A 149 -37.99 11.89 -19.46
C SER A 149 -38.53 13.31 -19.45
N VAL A 150 -39.69 13.53 -20.07
CA VAL A 150 -40.28 14.86 -20.10
C VAL A 150 -40.43 15.40 -18.69
N TRP A 151 -40.99 14.57 -17.79
CA TRP A 151 -41.16 15.00 -16.41
C TRP A 151 -39.83 15.44 -15.83
N PHE A 152 -38.78 14.62 -16.03
CA PHE A 152 -37.47 14.99 -15.51
C PHE A 152 -37.04 16.35 -16.03
N GLU A 153 -37.22 16.59 -17.33
CA GLU A 153 -36.83 17.87 -17.88
C GLU A 153 -37.60 19.01 -17.24
N MET A 154 -38.89 18.80 -16.97
CA MET A 154 -39.65 19.83 -16.28
C MET A 154 -39.10 20.06 -14.89
N MET A 155 -38.75 18.98 -14.18
CA MET A 155 -38.13 19.14 -12.87
C MET A 155 -36.81 19.88 -12.97
N ARG A 156 -36.18 19.84 -14.15
CA ARG A 156 -34.98 20.63 -14.38
C ARG A 156 -35.33 22.10 -14.57
N VAL A 157 -36.40 22.37 -15.33
CA VAL A 157 -36.73 23.75 -15.68
C VAL A 157 -37.32 24.49 -14.48
N TYR A 158 -38.24 23.85 -13.77
CA TYR A 158 -38.98 24.50 -12.70
C TYR A 158 -38.33 24.32 -11.33
N ASN A 159 -37.15 23.71 -11.27
CA ASN A 159 -36.38 23.55 -10.04
C ASN A 159 -37.17 22.81 -8.97
N TRP A 160 -37.78 21.70 -9.36
CA TRP A 160 -38.44 20.80 -8.42
C TRP A 160 -37.51 19.64 -8.10
N ASN A 161 -37.28 19.40 -6.81
CA ASN A 161 -36.31 18.41 -6.38
C ASN A 161 -36.93 17.22 -5.65
N HIS A 162 -37.94 17.43 -4.83
CA HIS A 162 -38.58 16.35 -4.09
C HIS A 162 -39.96 16.07 -4.70
N ILE A 163 -40.20 14.80 -5.02
CA ILE A 163 -41.43 14.39 -5.70
C ILE A 163 -41.98 13.15 -5.02
N ILE A 164 -43.28 12.94 -5.20
CA ILE A 164 -43.96 11.73 -4.77
C ILE A 164 -44.45 11.01 -6.02
N LEU A 165 -44.04 9.76 -6.18
CA LEU A 165 -44.31 9.01 -7.39
C LEU A 165 -45.38 7.96 -7.14
N LEU A 166 -46.31 7.83 -8.10
CA LEU A 166 -47.40 6.87 -7.99
C LEU A 166 -47.39 5.93 -9.18
N VAL A 167 -47.51 4.64 -8.90
CA VAL A 167 -47.52 3.59 -9.93
C VAL A 167 -48.81 2.81 -9.80
N SER A 168 -49.56 2.72 -10.90
CA SER A 168 -50.80 1.95 -10.92
C SER A 168 -50.65 0.60 -11.61
N ASP A 169 -50.28 0.60 -12.88
CA ASP A 169 -50.16 -0.65 -13.61
C ASP A 169 -48.90 -1.38 -13.16
N ASP A 170 -48.93 -2.71 -13.26
CA ASP A 170 -47.77 -3.48 -12.83
C ASP A 170 -46.59 -3.28 -13.76
N HIS A 171 -46.72 -3.72 -15.02
CA HIS A 171 -45.57 -3.67 -15.93
C HIS A 171 -45.32 -2.26 -16.44
N GLU A 172 -46.36 -1.58 -16.94
CA GLU A 172 -46.18 -0.24 -17.47
C GLU A 172 -45.77 0.72 -16.36
N GLY A 173 -46.42 0.64 -15.20
CA GLY A 173 -46.03 1.48 -14.08
C GLY A 173 -44.62 1.19 -13.59
N ARG A 174 -44.25 -0.10 -13.53
CA ARG A 174 -42.90 -0.45 -13.13
C ARG A 174 -41.88 0.09 -14.11
N ALA A 175 -42.18 0.02 -15.41
CA ALA A 175 -41.26 0.54 -16.42
C ALA A 175 -41.09 2.05 -16.29
N ALA A 176 -42.20 2.77 -16.10
CA ALA A 176 -42.12 4.22 -15.91
C ALA A 176 -41.30 4.55 -14.66
N GLN A 177 -41.57 3.84 -13.56
CA GLN A 177 -40.82 4.07 -12.34
C GLN A 177 -39.33 3.78 -12.54
N LYS A 178 -39.00 2.70 -13.23
CA LYS A 178 -37.61 2.34 -13.44
C LYS A 178 -36.89 3.38 -14.28
N ARG A 179 -37.52 3.84 -15.38
CA ARG A 179 -36.90 4.85 -16.21
C ARG A 179 -36.69 6.15 -15.44
N LEU A 180 -37.71 6.61 -14.69
CA LEU A 180 -37.55 7.85 -13.95
C LEU A 180 -36.47 7.71 -12.88
N GLU A 181 -36.46 6.59 -12.16
CA GLU A 181 -35.45 6.38 -11.13
C GLU A 181 -34.06 6.36 -11.72
N THR A 182 -33.90 5.72 -12.88
CA THR A 182 -32.61 5.74 -13.56
C THR A 182 -32.20 7.17 -13.91
N LEU A 183 -33.17 7.98 -14.33
CA LEU A 183 -32.86 9.37 -14.62
C LEU A 183 -32.39 10.13 -13.38
N LEU A 184 -33.05 9.94 -12.23
CA LEU A 184 -32.56 10.60 -11.03
C LEU A 184 -31.19 10.06 -10.60
N GLU A 185 -30.95 8.75 -10.74
CA GLU A 185 -29.62 8.23 -10.41
C GLU A 185 -28.55 8.84 -11.32
N GLU A 186 -28.91 9.13 -12.57
CA GLU A 186 -28.00 9.90 -13.42
C GLU A 186 -27.82 11.31 -12.88
N ARG A 187 -28.85 11.87 -12.27
CA ARG A 187 -28.81 13.18 -11.63
C ARG A 187 -28.30 13.12 -10.19
N GLU A 188 -28.01 11.92 -9.69
CA GLU A 188 -27.57 11.73 -8.31
C GLU A 188 -28.57 12.32 -7.31
N SER A 189 -29.85 12.02 -7.54
CA SER A 189 -30.92 12.45 -6.64
C SER A 189 -31.79 11.23 -6.36
N LYS A 190 -32.87 11.45 -5.63
CA LYS A 190 -33.78 10.38 -5.25
C LYS A 190 -35.21 10.90 -5.24
N ALA A 191 -36.15 9.97 -5.33
CA ALA A 191 -37.56 10.25 -5.12
C ALA A 191 -37.87 10.06 -3.65
N GLU A 192 -38.61 11.01 -3.07
CA GLU A 192 -38.91 10.92 -1.64
C GLU A 192 -39.69 9.66 -1.31
N LYS A 193 -40.65 9.30 -2.17
CA LYS A 193 -41.49 8.14 -1.87
C LYS A 193 -42.16 7.68 -3.15
N VAL A 194 -42.00 6.39 -3.45
CA VAL A 194 -42.66 5.73 -4.59
C VAL A 194 -43.72 4.80 -4.01
N LEU A 195 -44.95 4.93 -4.50
CA LEU A 195 -46.08 4.19 -3.98
C LEU A 195 -46.77 3.43 -5.11
N GLN A 196 -46.92 2.12 -4.91
CA GLN A 196 -47.55 1.26 -5.89
C GLN A 196 -48.83 0.66 -5.31
N PHE A 197 -49.89 0.66 -6.11
CA PHE A 197 -51.16 0.08 -5.69
C PHE A 197 -51.76 -0.73 -6.84
N ASP A 198 -52.58 -1.70 -6.47
CA ASP A 198 -53.14 -2.65 -7.43
C ASP A 198 -54.04 -1.93 -8.43
N PRO A 199 -53.87 -2.19 -9.72
CA PRO A 199 -54.77 -1.56 -10.72
C PRO A 199 -56.21 -2.00 -10.50
N GLY A 200 -57.13 -1.06 -10.72
CA GLY A 200 -58.55 -1.33 -10.61
C GLY A 200 -59.11 -1.26 -9.21
N THR A 201 -58.29 -1.00 -8.20
CA THR A 201 -58.80 -0.92 -6.84
C THR A 201 -59.49 0.43 -6.63
N LYS A 202 -60.23 0.53 -5.52
CA LYS A 202 -61.02 1.71 -5.21
C LYS A 202 -60.57 2.40 -3.93
N ASN A 203 -60.31 1.64 -2.87
CA ASN A 203 -59.88 2.25 -1.61
C ASN A 203 -58.41 2.65 -1.68
N VAL A 204 -58.13 3.78 -2.35
CA VAL A 204 -56.77 4.29 -2.46
C VAL A 204 -56.51 5.44 -1.48
N THR A 205 -57.51 5.80 -0.67
CA THR A 205 -57.34 6.91 0.26
C THR A 205 -56.27 6.63 1.30
N ALA A 206 -55.99 5.35 1.59
CA ALA A 206 -54.92 5.03 2.54
C ALA A 206 -53.56 5.47 2.00
N LEU A 207 -53.31 5.19 0.71
CA LEU A 207 -52.03 5.55 0.12
C LEU A 207 -51.90 7.06 -0.06
N LEU A 208 -53.01 7.72 -0.44
CA LEU A 208 -53.00 9.17 -0.52
C LEU A 208 -52.75 9.79 0.86
N MET A 209 -53.33 9.20 1.91
CA MET A 209 -53.06 9.65 3.26
C MET A 209 -51.58 9.47 3.62
N GLU A 210 -51.01 8.33 3.23
CA GLU A 210 -49.59 8.10 3.46
C GLU A 210 -48.73 9.13 2.75
N ALA A 211 -49.16 9.58 1.56
CA ALA A 211 -48.40 10.58 0.82
C ALA A 211 -48.77 12.02 1.21
N ARG A 212 -49.79 12.21 2.04
CA ARG A 212 -50.27 13.56 2.34
C ARG A 212 -49.34 14.29 3.31
N GLU A 213 -48.85 13.60 4.34
CA GLU A 213 -48.03 14.24 5.37
C GLU A 213 -46.55 14.27 4.98
N LEU A 214 -46.19 13.78 3.81
CA LEU A 214 -44.82 13.80 3.35
C LEU A 214 -44.40 15.23 3.00
N GLU A 215 -43.09 15.44 2.92
CA GLU A 215 -42.55 16.77 2.68
C GLU A 215 -42.79 17.26 1.27
N ALA A 216 -42.75 16.38 0.28
CA ALA A 216 -42.85 16.78 -1.12
C ALA A 216 -44.29 17.13 -1.49
N ARG A 217 -44.44 18.03 -2.46
CA ARG A 217 -45.74 18.42 -2.99
C ARG A 217 -45.95 18.01 -4.44
N VAL A 218 -44.89 17.78 -5.20
CA VAL A 218 -45.03 17.40 -6.60
C VAL A 218 -45.45 15.95 -6.68
N ILE A 219 -46.61 15.69 -7.27
CA ILE A 219 -47.18 14.36 -7.39
C ILE A 219 -47.12 13.95 -8.86
N ILE A 220 -46.45 12.84 -9.13
CA ILE A 220 -46.35 12.28 -10.48
C ILE A 220 -47.20 11.02 -10.53
N LEU A 221 -48.09 10.96 -11.51
CA LEU A 221 -49.06 9.87 -11.63
C LEU A 221 -48.82 9.10 -12.91
N SER A 222 -48.84 7.76 -12.79
CA SER A 222 -48.75 6.85 -13.93
C SER A 222 -49.88 5.86 -13.78
N ALA A 223 -50.95 6.05 -14.54
CA ALA A 223 -52.18 5.28 -14.33
C ALA A 223 -52.93 5.14 -15.64
N SER A 224 -53.88 4.21 -15.65
CA SER A 224 -54.86 4.13 -16.71
C SER A 224 -55.99 5.12 -16.41
N GLU A 225 -56.99 5.16 -17.29
CA GLU A 225 -58.06 6.14 -17.14
C GLU A 225 -58.86 5.93 -15.86
N ASP A 226 -59.23 4.67 -15.57
CA ASP A 226 -60.06 4.40 -14.40
C ASP A 226 -59.27 4.58 -13.11
N ASP A 227 -58.03 4.11 -13.06
CA ASP A 227 -57.20 4.31 -11.88
C ASP A 227 -56.92 5.79 -11.66
N ALA A 228 -56.69 6.53 -12.75
CA ALA A 228 -56.50 7.97 -12.62
C ALA A 228 -57.75 8.65 -12.08
N ALA A 229 -58.93 8.23 -12.53
CA ALA A 229 -60.16 8.79 -12.02
C ALA A 229 -60.32 8.51 -10.53
N THR A 230 -60.02 7.28 -10.11
CA THR A 230 -60.11 6.95 -8.69
C THR A 230 -59.13 7.77 -7.87
N VAL A 231 -57.91 7.92 -8.35
CA VAL A 231 -56.90 8.71 -7.64
C VAL A 231 -57.33 10.16 -7.55
N TYR A 232 -57.89 10.70 -8.63
CA TYR A 232 -58.35 12.09 -8.62
C TYR A 232 -59.48 12.28 -7.63
N ARG A 233 -60.43 11.33 -7.58
CA ARG A 233 -61.52 11.42 -6.61
C ARG A 233 -60.98 11.40 -5.19
N ALA A 234 -60.06 10.49 -4.91
CA ALA A 234 -59.50 10.41 -3.55
C ALA A 234 -58.74 11.68 -3.19
N ALA A 235 -57.96 12.22 -4.13
CA ALA A 235 -57.20 13.44 -3.86
C ALA A 235 -58.12 14.63 -3.64
N ALA A 236 -59.20 14.72 -4.41
CA ALA A 236 -60.16 15.79 -4.19
C ALA A 236 -60.85 15.65 -2.85
N MET A 237 -61.09 14.41 -2.42
CA MET A 237 -61.75 14.19 -1.13
C MET A 237 -60.85 14.53 0.05
N LEU A 238 -59.54 14.68 -0.17
CA LEU A 238 -58.62 14.96 0.93
C LEU A 238 -57.82 16.24 0.69
N ASN A 239 -58.37 17.16 -0.11
CA ASN A 239 -57.78 18.46 -0.36
C ASN A 239 -56.35 18.35 -0.89
N MET A 240 -56.06 17.29 -1.64
CA MET A 240 -54.72 17.11 -2.18
C MET A 240 -54.48 17.94 -3.45
N THR A 241 -55.52 18.56 -3.98
CA THR A 241 -55.42 19.38 -5.18
C THR A 241 -55.44 20.88 -4.88
N GLY A 242 -55.21 21.27 -3.63
CA GLY A 242 -55.23 22.66 -3.25
C GLY A 242 -53.95 23.38 -3.64
N SER A 243 -53.83 24.61 -3.15
CA SER A 243 -52.66 25.43 -3.45
C SER A 243 -51.41 24.81 -2.84
N GLY A 244 -50.28 25.02 -3.53
CA GLY A 244 -49.02 24.46 -3.10
C GLY A 244 -48.70 23.09 -3.63
N TYR A 245 -49.65 22.43 -4.28
CA TYR A 245 -49.45 21.11 -4.86
C TYR A 245 -49.21 21.22 -6.36
N VAL A 246 -48.44 20.27 -6.89
CA VAL A 246 -48.16 20.18 -8.31
C VAL A 246 -48.49 18.77 -8.77
N TRP A 247 -49.29 18.67 -9.83
CA TRP A 247 -49.68 17.38 -10.40
C TRP A 247 -49.05 17.24 -11.79
N LEU A 248 -48.34 16.14 -11.98
CA LEU A 248 -47.73 15.81 -13.27
C LEU A 248 -48.21 14.42 -13.68
N VAL A 249 -48.77 14.33 -14.87
CA VAL A 249 -49.29 13.08 -15.41
C VAL A 249 -48.78 12.90 -16.83
N GLY A 250 -49.19 11.80 -17.46
CA GLY A 250 -48.78 11.52 -18.82
C GLY A 250 -49.87 11.84 -19.83
N GLU A 251 -50.33 10.84 -20.57
CA GLU A 251 -51.37 11.02 -21.55
C GLU A 251 -52.66 10.28 -21.20
N ARG A 252 -52.57 9.09 -20.59
CA ARG A 252 -53.76 8.33 -20.25
C ARG A 252 -54.61 9.00 -19.18
N GLU A 253 -54.02 9.87 -18.37
CA GLU A 253 -54.73 10.48 -17.25
C GLU A 253 -55.49 11.74 -17.63
N ILE A 254 -55.27 12.28 -18.83
CA ILE A 254 -55.97 13.49 -19.26
C ILE A 254 -56.88 13.14 -20.42
N SER A 255 -57.28 11.88 -20.51
CA SER A 255 -58.18 11.44 -21.56
C SER A 255 -59.26 10.56 -20.94
N GLY A 256 -60.41 10.50 -21.59
CA GLY A 256 -61.51 9.72 -21.06
C GLY A 256 -62.14 10.40 -19.85
N ASN A 257 -62.90 9.59 -19.10
CA ASN A 257 -63.61 10.10 -17.94
C ASN A 257 -62.67 10.69 -16.91
N ALA A 258 -61.41 10.26 -16.89
CA ALA A 258 -60.43 10.85 -15.98
C ALA A 258 -60.34 12.36 -16.17
N LEU A 259 -60.38 12.82 -17.43
CA LEU A 259 -60.32 14.25 -17.69
C LEU A 259 -61.51 14.97 -17.07
N ARG A 260 -62.66 14.31 -17.00
CA ARG A 260 -63.81 14.91 -16.33
C ARG A 260 -63.55 15.05 -14.83
N TYR A 261 -62.83 14.09 -14.24
CA TYR A 261 -62.56 14.10 -12.81
C TYR A 261 -61.20 14.65 -12.46
N ALA A 262 -60.43 15.09 -13.46
CA ALA A 262 -59.12 15.66 -13.18
C ALA A 262 -59.27 17.03 -12.51
N PRO A 263 -58.35 17.37 -11.60
CA PRO A 263 -58.42 18.66 -10.94
C PRO A 263 -57.85 19.77 -11.81
N ASP A 264 -58.38 20.98 -11.60
CA ASP A 264 -57.91 22.14 -12.34
C ASP A 264 -56.43 22.39 -12.02
N GLY A 265 -55.71 22.87 -13.03
CA GLY A 265 -54.30 23.13 -12.89
C GLY A 265 -53.39 21.93 -13.10
N ILE A 266 -53.94 20.77 -13.42
CA ILE A 266 -53.11 19.59 -13.67
C ILE A 266 -52.36 19.76 -14.99
N ILE A 267 -51.15 19.23 -15.04
CA ILE A 267 -50.31 19.30 -16.23
C ILE A 267 -50.18 17.91 -16.82
N GLY A 268 -50.55 17.76 -18.10
CA GLY A 268 -50.47 16.49 -18.78
C GLY A 268 -49.61 16.59 -20.03
N LEU A 269 -49.33 15.44 -20.62
CA LEU A 269 -48.54 15.32 -21.83
C LEU A 269 -49.38 14.72 -22.95
N GLN A 270 -49.03 15.08 -24.18
CA GLN A 270 -49.67 14.51 -25.35
C GLN A 270 -48.61 14.23 -26.40
N LEU A 271 -48.93 13.36 -27.35
CA LEU A 271 -48.03 13.03 -28.44
C LEU A 271 -48.58 13.60 -29.74
N ILE A 272 -47.80 14.44 -30.40
CA ILE A 272 -48.22 15.04 -31.65
C ILE A 272 -48.10 14.01 -32.77
N ASN A 273 -49.17 13.87 -33.56
CA ASN A 273 -49.29 12.87 -34.62
C ASN A 273 -49.29 11.44 -34.10
N GLY A 274 -49.41 11.25 -32.80
CA GLY A 274 -49.46 9.92 -32.23
C GLY A 274 -50.81 9.23 -32.29
N LYS A 275 -51.83 9.92 -32.77
CA LYS A 275 -53.16 9.34 -32.90
C LYS A 275 -53.63 9.17 -34.34
N ASN A 276 -53.03 9.87 -35.29
CA ASN A 276 -53.44 9.74 -36.69
C ASN A 276 -52.68 8.57 -37.32
N GLU A 277 -53.31 7.91 -38.30
CA GLU A 277 -52.74 6.69 -38.84
C GLU A 277 -52.04 6.89 -40.17
N SER A 278 -52.52 7.83 -41.01
CA SER A 278 -51.96 7.99 -42.35
C SER A 278 -50.49 8.40 -42.29
N ALA A 279 -50.15 9.33 -41.40
CA ALA A 279 -48.78 9.80 -41.30
C ALA A 279 -47.84 8.69 -40.86
N HIS A 280 -48.24 7.92 -39.83
CA HIS A 280 -47.41 6.83 -39.36
C HIS A 280 -47.27 5.73 -40.40
N ILE A 281 -48.36 5.46 -41.14
CA ILE A 281 -48.30 4.47 -42.21
C ILE A 281 -47.30 4.91 -43.27
N SER A 282 -47.35 6.18 -43.67
CA SER A 282 -46.42 6.68 -44.67
C SER A 282 -44.97 6.60 -44.18
N ASP A 283 -44.74 6.99 -42.92
CA ASP A 283 -43.38 6.94 -42.38
C ASP A 283 -42.86 5.51 -42.32
N ALA A 284 -43.71 4.56 -41.87
CA ALA A 284 -43.30 3.16 -41.81
C ALA A 284 -43.02 2.62 -43.20
N VAL A 285 -43.87 2.96 -44.18
CA VAL A 285 -43.65 2.49 -45.54
C VAL A 285 -42.33 3.02 -46.08
N GLY A 286 -42.05 4.30 -45.85
CA GLY A 286 -40.80 4.87 -46.32
C GLY A 286 -39.58 4.21 -45.69
N VAL A 287 -39.61 4.03 -44.36
CA VAL A 287 -38.45 3.46 -43.69
C VAL A 287 -38.29 1.99 -44.08
N VAL A 288 -39.39 1.27 -44.25
CA VAL A 288 -39.32 -0.13 -44.68
C VAL A 288 -38.73 -0.23 -46.08
N ALA A 289 -39.17 0.65 -46.99
CA ALA A 289 -38.61 0.64 -48.35
C ALA A 289 -37.13 0.95 -48.34
N GLN A 290 -36.72 1.95 -47.55
CA GLN A 290 -35.30 2.28 -47.47
C GLN A 290 -34.48 1.11 -46.90
N ALA A 291 -35.00 0.45 -45.86
CA ALA A 291 -34.30 -0.69 -45.29
C ALA A 291 -34.21 -1.84 -46.29
N VAL A 292 -35.29 -2.08 -47.04
CA VAL A 292 -35.26 -3.14 -48.05
C VAL A 292 -34.23 -2.83 -49.12
N HIS A 293 -34.19 -1.58 -49.58
CA HIS A 293 -33.20 -1.22 -50.60
C HIS A 293 -31.78 -1.33 -50.07
N GLU A 294 -31.57 -0.99 -48.79
CA GLU A 294 -30.26 -1.18 -48.18
C GLU A 294 -29.88 -2.65 -48.12
N LEU A 295 -30.85 -3.51 -47.77
CA LEU A 295 -30.58 -4.95 -47.69
C LEU A 295 -30.28 -5.52 -49.07
N LEU A 296 -30.96 -5.02 -50.10
CA LEU A 296 -30.70 -5.46 -51.47
C LEU A 296 -29.28 -5.15 -51.91
N GLU A 297 -28.69 -4.07 -51.40
CA GLU A 297 -27.35 -3.65 -51.81
C GLU A 297 -26.28 -4.65 -51.40
N LYS A 298 -26.59 -5.59 -50.51
CA LYS A 298 -25.60 -6.57 -50.00
C LYS A 298 -25.66 -7.98 -50.63
N GLU A 299 -24.95 -8.97 -50.07
CA GLU A 299 -24.89 -10.32 -50.70
C GLU A 299 -25.67 -11.44 -50.06
N ASN A 300 -25.53 -12.65 -50.55
CA ASN A 300 -26.18 -13.80 -49.89
C ASN A 300 -27.43 -13.46 -49.06
N ILE A 301 -28.49 -12.98 -49.70
CA ILE A 301 -29.72 -12.69 -48.97
C ILE A 301 -30.77 -13.78 -49.18
N THR A 302 -31.20 -14.43 -48.08
CA THR A 302 -32.24 -15.48 -48.16
C THR A 302 -33.61 -14.79 -48.26
N ASP A 303 -34.67 -15.55 -48.03
CA ASP A 303 -36.01 -14.98 -48.12
C ASP A 303 -36.94 -15.59 -47.09
N PRO A 304 -37.85 -14.77 -46.55
CA PRO A 304 -38.82 -15.29 -45.58
C PRO A 304 -39.59 -16.45 -46.16
N PRO A 305 -39.73 -17.55 -45.40
CA PRO A 305 -40.39 -18.74 -45.92
C PRO A 305 -41.88 -18.80 -45.63
N ARG A 306 -42.44 -20.00 -45.57
CA ARG A 306 -43.86 -20.16 -45.28
C ARG A 306 -44.11 -20.15 -43.79
N GLY A 307 -45.38 -20.17 -43.40
CA GLY A 307 -45.72 -20.16 -42.00
C GLY A 307 -46.19 -21.52 -41.51
N CYS A 308 -46.47 -22.41 -42.46
CA CYS A 308 -46.99 -23.73 -42.08
C CYS A 308 -46.64 -24.83 -43.04
N VAL A 309 -45.42 -24.81 -43.55
CA VAL A 309 -45.00 -25.87 -44.42
C VAL A 309 -43.61 -26.27 -44.04
N GLY A 310 -43.52 -27.18 -43.08
CA GLY A 310 -42.24 -27.67 -42.63
C GLY A 310 -41.19 -26.59 -42.52
N ASN A 311 -41.53 -25.47 -41.90
CA ASN A 311 -40.54 -24.43 -41.68
C ASN A 311 -40.46 -23.98 -40.24
N THR A 312 -39.63 -24.63 -39.44
CA THR A 312 -39.45 -24.23 -38.06
C THR A 312 -38.30 -23.26 -38.02
N ASN A 313 -37.51 -23.24 -39.09
CA ASN A 313 -36.37 -22.34 -39.17
C ASN A 313 -36.76 -20.88 -39.11
N ILE A 314 -35.76 -20.00 -39.07
CA ILE A 314 -36.04 -18.58 -39.08
C ILE A 314 -35.38 -17.93 -40.27
N TRP A 315 -35.72 -16.67 -40.52
CA TRP A 315 -35.12 -15.95 -41.62
C TRP A 315 -33.66 -15.64 -41.32
N LYS A 316 -32.74 -16.31 -42.01
CA LYS A 316 -31.34 -16.10 -41.72
C LYS A 316 -31.03 -14.61 -41.63
N THR A 317 -31.51 -13.84 -42.60
CA THR A 317 -31.28 -12.40 -42.62
C THR A 317 -32.28 -11.63 -41.79
N GLY A 318 -33.14 -12.33 -41.04
CA GLY A 318 -34.11 -11.69 -40.17
C GLY A 318 -33.46 -10.78 -39.15
N PRO A 319 -32.50 -11.30 -38.38
CA PRO A 319 -31.70 -10.41 -37.53
C PRO A 319 -30.97 -9.33 -38.33
N LEU A 320 -30.46 -9.69 -39.51
CA LEU A 320 -29.78 -8.68 -40.34
C LEU A 320 -30.76 -7.61 -40.81
N PHE A 321 -31.96 -8.02 -41.23
CA PHE A 321 -32.97 -7.04 -41.65
C PHE A 321 -33.39 -6.16 -40.48
N LYS A 322 -33.54 -6.74 -39.29
CA LYS A 322 -33.88 -5.95 -38.12
C LYS A 322 -32.78 -4.94 -37.79
N ARG A 323 -31.52 -5.36 -37.89
CA ARG A 323 -30.42 -4.43 -37.67
C ARG A 323 -30.39 -3.32 -38.71
N VAL A 324 -30.70 -3.67 -39.96
CA VAL A 324 -30.76 -2.65 -41.02
C VAL A 324 -31.86 -1.64 -40.71
N LEU A 325 -33.03 -2.12 -40.28
CA LEU A 325 -34.12 -1.23 -39.90
C LEU A 325 -33.73 -0.35 -38.72
N MET A 326 -33.08 -0.93 -37.72
CA MET A 326 -32.68 -0.18 -36.54
C MET A 326 -31.58 0.83 -36.82
N SER A 327 -30.80 0.61 -37.89
CA SER A 327 -29.75 1.55 -38.28
C SER A 327 -30.25 2.63 -39.23
N SER A 328 -31.52 2.58 -39.63
CA SER A 328 -32.05 3.55 -40.57
C SER A 328 -32.21 4.92 -39.91
N LYS A 329 -32.02 5.97 -40.72
CA LYS A 329 -32.17 7.34 -40.26
C LYS A 329 -32.85 8.15 -41.34
N TYR A 330 -33.42 9.28 -40.93
CA TYR A 330 -34.13 10.17 -41.84
C TYR A 330 -33.86 11.62 -41.46
N ALA A 331 -34.15 12.51 -42.40
CA ALA A 331 -34.19 13.94 -42.15
C ALA A 331 -35.54 14.56 -42.43
N ASP A 332 -36.38 13.89 -43.23
CA ASP A 332 -37.73 14.36 -43.53
C ASP A 332 -38.71 13.22 -43.35
N GLY A 333 -39.95 13.56 -42.99
CA GLY A 333 -40.98 12.58 -42.81
C GLY A 333 -42.34 13.20 -42.52
N VAL A 334 -43.41 12.48 -42.84
CA VAL A 334 -44.75 12.98 -42.57
C VAL A 334 -44.96 13.16 -41.07
N THR A 335 -44.51 12.17 -40.28
CA THR A 335 -44.52 12.31 -38.83
C THR A 335 -43.33 13.12 -38.32
N GLY A 336 -42.38 13.44 -39.19
CA GLY A 336 -41.17 14.14 -38.81
C GLY A 336 -39.95 13.24 -38.90
N ARG A 337 -38.88 13.69 -38.27
CA ARG A 337 -37.64 12.91 -38.25
C ARG A 337 -37.85 11.62 -37.48
N VAL A 338 -37.44 10.51 -38.09
CA VAL A 338 -37.64 9.18 -37.51
C VAL A 338 -36.29 8.51 -37.31
N GLU A 339 -36.07 7.99 -36.11
CA GLU A 339 -34.86 7.24 -35.79
C GLU A 339 -35.17 6.34 -34.61
N PHE A 340 -34.71 5.10 -34.65
CA PHE A 340 -35.03 4.14 -33.61
C PHE A 340 -33.89 4.02 -32.61
N ASN A 341 -34.23 3.95 -31.34
CA ASN A 341 -33.25 3.88 -30.27
C ASN A 341 -32.77 2.44 -30.10
N GLU A 342 -32.00 2.19 -29.04
CA GLU A 342 -31.38 0.88 -28.85
C GLU A 342 -32.44 -0.20 -28.67
N ASP A 343 -33.50 0.08 -27.92
CA ASP A 343 -34.56 -0.90 -27.70
C ASP A 343 -35.52 -1.00 -28.86
N GLY A 344 -35.39 -0.16 -29.88
CA GLY A 344 -36.23 -0.24 -31.05
C GLY A 344 -37.45 0.67 -31.04
N ASP A 345 -37.54 1.60 -30.10
CA ASP A 345 -38.63 2.56 -30.05
C ASP A 345 -38.24 3.85 -30.73
N ARG A 346 -39.24 4.69 -31.01
CA ARG A 346 -38.99 5.97 -31.66
C ARG A 346 -38.14 6.86 -30.76
N LYS A 347 -37.17 7.54 -31.37
CA LYS A 347 -36.28 8.44 -30.67
C LYS A 347 -36.64 9.89 -31.04
N PHE A 348 -36.47 10.79 -30.07
CA PHE A 348 -36.71 12.22 -30.26
C PHE A 348 -38.15 12.50 -30.68
N ALA A 349 -39.06 12.20 -29.76
CA ALA A 349 -40.46 12.56 -29.92
C ALA A 349 -40.65 14.04 -29.63
N ASN A 350 -41.89 14.51 -29.84
CA ASN A 350 -42.14 15.95 -29.71
C ASN A 350 -42.91 16.30 -28.43
N TYR A 351 -44.10 15.71 -28.22
CA TYR A 351 -44.86 15.89 -26.99
C TYR A 351 -45.34 17.33 -26.79
N SER A 352 -46.63 17.50 -26.57
CA SER A 352 -47.23 18.80 -26.25
C SER A 352 -47.67 18.80 -24.80
N ILE A 353 -47.22 19.81 -24.05
CA ILE A 353 -47.59 19.97 -22.65
C ILE A 353 -48.92 20.72 -22.58
N MET A 354 -49.90 20.11 -21.92
CA MET A 354 -51.23 20.69 -21.79
C MET A 354 -51.49 21.02 -20.33
N ASN A 355 -52.09 22.19 -20.09
CA ASN A 355 -52.47 22.63 -18.76
C ASN A 355 -53.98 22.81 -18.71
N LEU A 356 -54.61 22.23 -17.69
CA LEU A 356 -56.06 22.27 -17.57
C LEU A 356 -56.51 23.59 -16.97
N GLN A 357 -57.28 24.35 -17.74
CA GLN A 357 -57.82 25.62 -17.29
C GLN A 357 -59.30 25.67 -17.65
N ASN A 358 -60.15 25.98 -16.66
CA ASN A 358 -61.59 26.09 -16.88
C ASN A 358 -62.16 24.80 -17.48
N ARG A 359 -61.64 23.67 -17.02
CA ARG A 359 -62.03 22.34 -17.52
C ARG A 359 -61.78 22.23 -19.03
N LYS A 360 -60.77 22.92 -19.53
CA LYS A 360 -60.40 22.87 -20.93
C LYS A 360 -58.88 22.83 -21.04
N LEU A 361 -58.35 21.79 -21.66
CA LEU A 361 -56.91 21.62 -21.78
C LEU A 361 -56.34 22.72 -22.66
N VAL A 362 -55.28 23.38 -22.19
CA VAL A 362 -54.63 24.48 -22.91
C VAL A 362 -53.15 24.16 -23.01
N GLN A 363 -52.62 24.20 -24.23
CA GLN A 363 -51.21 23.92 -24.44
C GLN A 363 -50.35 25.02 -23.83
N VAL A 364 -49.21 24.63 -23.26
CA VAL A 364 -48.33 25.55 -22.56
C VAL A 364 -46.93 25.49 -23.18
N GLY A 365 -46.68 24.47 -23.98
CA GLY A 365 -45.39 24.35 -24.65
C GLY A 365 -45.23 22.98 -25.26
N ILE A 366 -43.99 22.73 -25.72
CA ILE A 366 -43.62 21.47 -26.34
C ILE A 366 -42.34 20.97 -25.70
N TYR A 367 -41.95 19.75 -26.06
CA TYR A 367 -40.70 19.15 -25.55
C TYR A 367 -39.91 18.70 -26.77
N ASN A 368 -39.10 19.61 -27.31
CA ASN A 368 -38.36 19.34 -28.53
C ASN A 368 -37.07 18.61 -28.16
N GLY A 369 -36.85 17.46 -28.78
CA GLY A 369 -35.59 16.75 -28.60
C GLY A 369 -35.27 16.53 -27.13
N THR A 370 -34.29 17.28 -26.63
CA THR A 370 -33.83 17.12 -25.26
C THR A 370 -34.54 18.08 -24.31
N HIS A 371 -34.85 19.29 -24.76
CA HIS A 371 -35.32 20.34 -23.85
C HIS A 371 -36.80 20.65 -24.08
N VAL A 372 -37.32 21.56 -23.25
CA VAL A 372 -38.72 21.96 -23.26
C VAL A 372 -38.81 23.41 -23.68
N ILE A 373 -39.67 23.70 -24.65
CA ILE A 373 -39.93 25.06 -25.10
C ILE A 373 -41.30 25.49 -24.61
N PRO A 374 -41.38 26.34 -23.58
CA PRO A 374 -42.68 26.91 -23.20
C PRO A 374 -43.12 27.97 -24.19
N ASN A 375 -44.43 28.16 -24.29
CA ASN A 375 -44.99 29.14 -25.20
C ASN A 375 -45.40 30.39 -24.42
N ASP A 376 -46.08 31.32 -25.10
CA ASP A 376 -46.44 32.61 -24.53
C ASP A 376 -47.66 32.54 -23.62
N ARG A 377 -48.10 31.35 -23.23
CA ARG A 377 -49.27 31.19 -22.36
C ARG A 377 -48.83 30.99 -20.91
N LYS A 378 -49.58 31.58 -19.99
CA LYS A 378 -49.32 31.43 -18.57
C LYS A 378 -50.08 30.23 -18.02
N ILE A 379 -49.58 29.68 -16.92
CA ILE A 379 -50.09 28.45 -16.34
C ILE A 379 -50.91 28.78 -15.10
N ILE A 380 -52.09 28.18 -15.01
CA ILE A 380 -52.91 28.23 -13.80
C ILE A 380 -52.66 26.95 -13.03
N TRP A 381 -52.17 27.10 -11.81
CA TRP A 381 -51.71 25.98 -10.99
C TRP A 381 -52.87 25.39 -10.20
N PRO A 382 -52.71 24.18 -9.64
CA PRO A 382 -53.87 23.46 -9.08
C PRO A 382 -54.69 24.24 -8.07
N GLY A 383 -54.09 25.18 -7.34
CA GLY A 383 -54.83 25.93 -6.35
C GLY A 383 -55.32 27.27 -6.87
N GLY A 384 -54.70 28.34 -6.42
CA GLY A 384 -55.11 29.69 -6.78
C GLY A 384 -54.12 30.41 -7.67
N GLU A 385 -53.29 31.24 -7.03
CA GLU A 385 -52.31 32.10 -7.69
C GLU A 385 -51.54 31.42 -8.82
N THR A 386 -51.21 32.18 -9.85
CA THR A 386 -50.51 31.67 -11.02
C THR A 386 -48.99 31.56 -10.82
N GLU A 387 -48.47 32.03 -9.69
CA GLU A 387 -47.05 31.87 -9.41
C GLU A 387 -46.71 30.40 -9.26
N LYS A 388 -45.55 30.00 -9.76
CA LYS A 388 -45.15 28.61 -9.74
C LYS A 388 -44.99 28.12 -8.31
N PRO A 389 -45.75 27.12 -7.87
CA PRO A 389 -45.65 26.69 -6.48
C PRO A 389 -44.34 25.97 -6.21
N ARG A 390 -43.75 26.27 -5.07
CA ARG A 390 -42.54 25.57 -4.66
C ARG A 390 -42.88 24.14 -4.25
N GLY A 391 -41.96 23.24 -4.53
CA GLY A 391 -42.17 21.82 -4.25
C GLY A 391 -41.79 21.36 -2.87
N TYR A 392 -41.42 22.28 -1.97
CA TYR A 392 -40.96 21.94 -0.63
C TYR A 392 -42.05 22.20 0.39
N GLN A 393 -41.90 21.54 1.55
CA GLN A 393 -42.67 21.86 2.75
C GLN A 393 -41.71 21.89 3.93
N MET A 394 -41.84 22.93 4.76
CA MET A 394 -40.87 23.11 5.84
C MET A 394 -40.94 21.99 6.87
N SER A 395 -42.17 21.58 7.23
CA SER A 395 -42.39 20.57 8.27
C SER A 395 -41.75 21.00 9.59
N THR A 396 -42.27 22.11 10.13
CA THR A 396 -41.66 22.74 11.30
C THR A 396 -41.74 21.89 12.55
N ARG A 397 -42.55 20.83 12.56
CA ARG A 397 -42.63 19.94 13.71
C ARG A 397 -41.74 18.72 13.46
N LEU A 398 -40.88 18.42 14.43
CA LEU A 398 -39.91 17.35 14.30
C LEU A 398 -40.14 16.28 15.36
N LYS A 399 -39.83 15.04 15.00
CA LYS A 399 -39.93 13.91 15.91
C LYS A 399 -38.52 13.53 16.36
N ILE A 400 -38.28 13.55 17.67
CA ILE A 400 -36.98 13.31 18.25
C ILE A 400 -36.98 11.94 18.92
N VAL A 401 -35.94 11.16 18.64
CA VAL A 401 -35.73 9.87 19.28
C VAL A 401 -34.49 9.98 20.15
N THR A 402 -34.55 9.42 21.35
CA THR A 402 -33.45 9.49 22.30
C THR A 402 -33.46 8.21 23.14
N ILE A 403 -32.42 8.06 23.96
CA ILE A 403 -32.24 6.87 24.79
C ILE A 403 -31.99 7.32 26.23
N HIS A 404 -32.14 6.37 27.15
CA HIS A 404 -31.98 6.65 28.57
C HIS A 404 -30.51 6.46 28.93
N GLN A 405 -29.78 7.57 29.02
CA GLN A 405 -28.42 7.58 29.56
C GLN A 405 -28.40 8.57 30.71
N GLU A 406 -27.97 8.10 31.87
CA GLU A 406 -28.16 8.84 33.11
C GLU A 406 -27.54 10.24 33.10
N PRO A 407 -26.27 10.46 32.75
CA PRO A 407 -25.74 11.83 32.76
C PRO A 407 -26.43 12.74 31.78
N PHE A 408 -26.92 12.21 30.66
CA PHE A 408 -27.47 13.02 29.58
C PHE A 408 -28.99 13.02 29.55
N VAL A 409 -29.63 11.85 29.67
CA VAL A 409 -31.10 11.79 29.62
C VAL A 409 -31.62 10.98 30.79
N TYR A 410 -32.00 11.66 31.87
CA TYR A 410 -32.80 11.06 32.92
C TYR A 410 -34.24 10.91 32.45
N VAL A 411 -34.83 9.76 32.76
CA VAL A 411 -36.23 9.48 32.47
C VAL A 411 -36.93 9.11 33.77
N LYS A 412 -37.97 9.86 34.12
CA LYS A 412 -38.68 9.68 35.38
C LYS A 412 -40.18 9.59 35.12
N PRO A 413 -40.90 8.85 35.96
CA PRO A 413 -42.35 8.75 35.79
C PRO A 413 -43.06 10.06 36.12
N THR A 414 -44.23 10.23 35.51
CA THR A 414 -45.03 11.42 35.75
C THR A 414 -45.79 11.30 37.07
N MET A 415 -46.26 12.44 37.57
CA MET A 415 -46.95 12.47 38.87
C MET A 415 -48.42 12.06 38.73
N SER A 416 -49.20 12.83 37.98
CA SER A 416 -50.63 12.59 37.82
C SER A 416 -51.02 12.38 36.37
N ASP A 417 -50.78 13.36 35.50
CA ASP A 417 -51.08 13.23 34.08
C ASP A 417 -50.17 14.14 33.27
N GLY A 418 -49.13 13.55 32.67
CA GLY A 418 -48.20 14.30 31.84
C GLY A 418 -47.49 15.41 32.56
N THR A 419 -47.07 15.20 33.80
CA THR A 419 -46.34 16.19 34.57
C THR A 419 -45.48 15.52 35.63
N CYS A 420 -44.32 16.14 35.89
CA CYS A 420 -43.42 15.71 36.95
C CYS A 420 -43.18 16.86 37.92
N LYS A 421 -42.61 16.53 39.07
CA LYS A 421 -42.33 17.54 40.08
C LYS A 421 -41.39 18.60 39.53
N GLU A 422 -41.74 19.87 39.76
CA GLU A 422 -40.98 21.00 39.24
C GLU A 422 -39.75 21.19 40.11
N GLU A 423 -38.68 20.50 39.75
CA GLU A 423 -37.44 20.55 40.52
C GLU A 423 -36.74 21.89 40.30
N PHE A 424 -35.78 22.17 41.17
CA PHE A 424 -34.95 23.36 41.08
C PHE A 424 -33.50 22.96 41.30
N THR A 425 -32.60 23.55 40.50
CA THR A 425 -31.18 23.36 40.73
C THR A 425 -30.76 24.09 42.01
N VAL A 426 -29.63 23.67 42.56
CA VAL A 426 -29.13 24.27 43.79
C VAL A 426 -28.81 25.75 43.60
N ASN A 427 -28.62 26.19 42.35
CA ASN A 427 -28.38 27.59 42.05
C ASN A 427 -29.68 28.39 41.87
N GLY A 428 -30.83 27.74 42.01
CA GLY A 428 -32.11 28.42 41.88
C GLY A 428 -32.76 28.34 40.52
N ASP A 429 -32.04 27.88 39.51
CA ASP A 429 -32.62 27.78 38.17
C ASP A 429 -33.46 26.51 38.06
N PRO A 430 -34.70 26.62 37.60
CA PRO A 430 -35.55 25.43 37.47
C PRO A 430 -35.03 24.48 36.40
N VAL A 431 -35.30 23.20 36.60
CA VAL A 431 -34.91 22.15 35.66
C VAL A 431 -35.95 22.07 34.55
N LYS A 432 -35.50 22.15 33.31
CA LYS A 432 -36.39 22.07 32.16
C LYS A 432 -36.63 20.60 31.82
N LYS A 433 -37.87 20.15 32.05
CA LYS A 433 -38.26 18.78 31.75
C LYS A 433 -39.19 18.77 30.54
N VAL A 434 -39.15 17.67 29.79
CA VAL A 434 -39.98 17.49 28.61
C VAL A 434 -40.71 16.15 28.74
N ILE A 435 -41.78 16.00 27.98
CA ILE A 435 -42.61 14.80 28.01
C ILE A 435 -42.18 13.87 26.90
N CYS A 436 -41.79 12.64 27.28
CA CYS A 436 -41.29 11.64 26.33
C CYS A 436 -42.13 10.38 26.47
N THR A 437 -42.68 9.91 25.36
CA THR A 437 -43.53 8.71 25.37
C THR A 437 -42.65 7.51 25.05
N GLY A 438 -42.39 6.69 26.06
CA GLY A 438 -41.51 5.54 25.88
C GLY A 438 -42.02 4.30 26.57
N PRO A 439 -41.37 3.16 26.31
CA PRO A 439 -41.82 1.90 26.89
C PRO A 439 -41.39 1.79 28.34
N ASN A 440 -41.89 0.74 29.00
CA ASN A 440 -41.68 0.55 30.43
C ASN A 440 -40.29 -0.03 30.69
N ASP A 441 -40.04 -0.46 31.92
CA ASP A 441 -38.69 -0.84 32.34
C ASP A 441 -38.22 -2.11 31.63
N THR A 442 -39.05 -3.15 31.63
CA THR A 442 -38.63 -4.46 31.15
C THR A 442 -39.10 -4.63 29.70
N SER A 443 -38.14 -4.83 28.79
CA SER A 443 -38.45 -5.06 27.38
C SER A 443 -38.83 -6.50 27.08
N PRO A 444 -38.03 -7.52 27.49
CA PRO A 444 -38.32 -8.88 27.03
C PRO A 444 -39.44 -9.58 27.79
N GLY A 445 -39.55 -9.33 29.09
CA GLY A 445 -40.50 -10.02 29.93
C GLY A 445 -41.75 -9.25 30.29
N SER A 446 -42.00 -8.10 29.66
CA SER A 446 -43.17 -7.28 29.96
C SER A 446 -43.81 -6.87 28.65
N PRO A 447 -45.12 -6.59 28.67
CA PRO A 447 -45.78 -6.16 27.43
C PRO A 447 -45.26 -4.82 26.94
N ARG A 448 -45.26 -4.66 25.62
CA ARG A 448 -44.76 -3.45 24.97
C ARG A 448 -45.91 -2.47 24.83
N HIS A 449 -46.16 -1.68 25.88
CA HIS A 449 -47.15 -0.60 25.83
C HIS A 449 -46.45 0.69 26.21
N THR A 450 -46.72 1.75 25.45
CA THR A 450 -46.03 3.01 25.66
C THR A 450 -46.68 3.81 26.78
N VAL A 451 -45.85 4.44 27.60
CA VAL A 451 -46.31 5.30 28.68
C VAL A 451 -45.59 6.64 28.55
N PRO A 452 -46.27 7.77 28.79
CA PRO A 452 -45.57 9.06 28.78
C PRO A 452 -44.87 9.34 30.10
N GLN A 453 -43.55 9.26 30.07
CA GLN A 453 -42.71 9.68 31.18
C GLN A 453 -42.19 11.07 30.87
N CYS A 454 -41.29 11.58 31.70
CA CYS A 454 -40.67 12.88 31.48
C CYS A 454 -39.16 12.75 31.52
N CYS A 455 -38.52 13.31 30.49
CA CYS A 455 -37.08 13.25 30.32
C CYS A 455 -36.47 14.62 30.56
N TYR A 456 -35.23 14.62 31.06
CA TYR A 456 -34.50 15.88 31.28
C TYR A 456 -33.02 15.57 31.37
N GLY A 457 -32.20 16.58 31.15
CA GLY A 457 -30.77 16.43 31.31
C GLY A 457 -30.00 17.25 30.29
N PHE A 458 -28.76 16.83 30.06
CA PHE A 458 -27.86 17.55 29.16
C PHE A 458 -28.43 17.62 27.75
N CYS A 459 -28.81 16.47 27.19
CA CYS A 459 -29.30 16.43 25.82
C CYS A 459 -30.63 17.16 25.69
N ILE A 460 -31.49 17.10 26.70
CA ILE A 460 -32.77 17.78 26.63
C ILE A 460 -32.57 19.30 26.67
N ASP A 461 -31.63 19.77 27.50
CA ASP A 461 -31.33 21.21 27.51
C ASP A 461 -30.74 21.65 26.17
N LEU A 462 -29.87 20.84 25.60
CA LEU A 462 -29.31 21.17 24.29
C LEU A 462 -30.40 21.21 23.22
N LEU A 463 -31.33 20.26 23.26
CA LEU A 463 -32.43 20.25 22.31
C LEU A 463 -33.34 21.45 22.47
N ILE A 464 -33.61 21.86 23.72
CA ILE A 464 -34.42 23.04 23.97
C ILE A 464 -33.72 24.29 23.42
N LYS A 465 -32.41 24.39 23.63
CA LYS A 465 -31.67 25.53 23.08
C LYS A 465 -31.71 25.52 21.56
N LEU A 466 -31.59 24.35 20.95
CA LEU A 466 -31.65 24.26 19.49
C LEU A 466 -33.02 24.71 18.98
N ALA A 467 -34.10 24.25 19.63
CA ALA A 467 -35.44 24.64 19.22
C ALA A 467 -35.67 26.13 19.43
N ARG A 468 -35.03 26.72 20.45
CA ARG A 468 -35.11 28.16 20.64
C ARG A 468 -34.41 28.91 19.52
N THR A 469 -33.20 28.46 19.15
CA THR A 469 -32.44 29.15 18.11
C THR A 469 -33.05 28.89 16.74
N MET A 470 -33.07 27.62 16.33
CA MET A 470 -33.73 27.22 15.09
C MET A 470 -35.20 26.97 15.41
N ASN A 471 -36.08 27.78 14.82
CA ASN A 471 -37.47 27.83 15.24
C ASN A 471 -38.20 26.58 14.76
N PHE A 472 -38.29 25.57 15.63
CA PHE A 472 -39.09 24.40 15.36
C PHE A 472 -39.59 23.83 16.67
N THR A 473 -40.64 23.01 16.58
CA THR A 473 -41.20 22.32 17.73
C THR A 473 -40.85 20.84 17.66
N TYR A 474 -40.88 20.18 18.82
CA TYR A 474 -40.36 18.82 18.94
C TYR A 474 -41.38 17.93 19.63
N GLU A 475 -41.29 16.64 19.32
CA GLU A 475 -42.11 15.60 19.95
C GLU A 475 -41.16 14.45 20.31
N VAL A 476 -40.75 14.39 21.56
CA VAL A 476 -39.70 13.47 22.00
C VAL A 476 -40.32 12.13 22.39
N HIS A 477 -39.72 11.06 21.90
CA HIS A 477 -40.10 9.70 22.29
C HIS A 477 -38.85 8.85 22.39
N LEU A 478 -38.88 7.87 23.29
CA LEU A 478 -37.74 6.99 23.50
C LEU A 478 -37.73 5.87 22.48
N VAL A 479 -36.53 5.36 22.20
CA VAL A 479 -36.38 4.24 21.28
C VAL A 479 -36.95 2.98 21.90
N ALA A 480 -37.60 2.15 21.08
CA ALA A 480 -38.30 0.98 21.59
C ALA A 480 -37.36 0.06 22.36
N ASP A 481 -36.24 -0.30 21.78
CA ASP A 481 -35.22 -1.10 22.45
C ASP A 481 -34.10 -0.21 22.96
N GLY A 482 -33.39 -0.71 23.97
CA GLY A 482 -32.34 0.08 24.59
C GLY A 482 -31.01 -0.02 23.87
N LYS A 483 -31.06 -0.02 22.54
CA LYS A 483 -29.86 -0.13 21.71
C LYS A 483 -29.65 1.15 20.91
N PHE A 484 -28.40 1.62 20.89
CA PHE A 484 -28.08 2.81 20.11
C PHE A 484 -28.23 2.55 18.62
N GLY A 485 -27.72 1.41 18.15
CA GLY A 485 -27.88 1.04 16.76
C GLY A 485 -26.64 0.47 16.11
N THR A 486 -26.77 -0.73 15.55
CA THR A 486 -25.70 -1.39 14.84
C THR A 486 -26.27 -2.08 13.62
N GLN A 487 -25.41 -2.42 12.67
CA GLN A 487 -25.80 -3.17 11.49
C GLN A 487 -25.79 -4.65 11.86
N GLU A 488 -26.98 -5.23 12.02
CA GLU A 488 -27.13 -6.60 12.46
C GLU A 488 -27.74 -7.46 11.36
N ARG A 489 -27.35 -8.72 11.33
CA ARG A 489 -27.95 -9.66 10.39
C ARG A 489 -29.38 -9.98 10.79
N VAL A 490 -30.29 -9.86 9.84
CA VAL A 490 -31.67 -10.24 10.02
C VAL A 490 -31.85 -11.67 9.52
N ASN A 491 -32.58 -12.48 10.29
CA ASN A 491 -32.75 -13.90 9.99
C ASN A 491 -33.71 -14.16 8.81
N ASN A 492 -34.15 -13.12 8.10
CA ASN A 492 -34.90 -13.27 6.86
C ASN A 492 -34.09 -12.67 5.72
N SER A 493 -34.03 -13.38 4.61
CA SER A 493 -33.37 -12.97 3.36
C SER A 493 -31.86 -12.81 3.51
N ASN A 494 -31.28 -13.13 4.67
CA ASN A 494 -29.84 -13.05 4.90
C ASN A 494 -29.31 -11.64 4.60
N LYS A 495 -30.03 -10.65 5.10
CA LYS A 495 -29.70 -9.24 4.89
C LYS A 495 -29.13 -8.65 6.17
N LYS A 496 -28.63 -7.43 6.05
CA LYS A 496 -28.15 -6.65 7.18
C LYS A 496 -28.99 -5.39 7.29
N GLU A 497 -29.35 -5.02 8.51
CA GLU A 497 -30.23 -3.87 8.73
C GLU A 497 -29.84 -3.17 10.03
N TRP A 498 -30.27 -1.92 10.13
CA TRP A 498 -30.03 -1.09 11.30
C TRP A 498 -31.13 -1.27 12.32
N ASN A 499 -30.77 -1.31 13.58
CA ASN A 499 -31.71 -1.39 14.69
C ASN A 499 -31.53 -0.19 15.61
N GLY A 500 -32.36 -0.13 16.65
CA GLY A 500 -32.22 0.93 17.63
C GLY A 500 -32.53 2.30 17.07
N MET A 501 -31.83 3.31 17.61
CA MET A 501 -32.07 4.69 17.19
C MET A 501 -31.68 4.90 15.73
N MET A 502 -30.60 4.27 15.29
CA MET A 502 -30.21 4.37 13.89
C MET A 502 -31.30 3.83 12.97
N GLY A 503 -31.83 2.66 13.30
CA GLY A 503 -32.90 2.08 12.50
C GLY A 503 -34.16 2.94 12.52
N GLU A 504 -34.51 3.49 13.69
CA GLU A 504 -35.69 4.33 13.78
C GLU A 504 -35.54 5.60 12.95
N LEU A 505 -34.35 6.20 12.97
CA LEU A 505 -34.11 7.40 12.18
C LEU A 505 -34.14 7.11 10.69
N LEU A 506 -33.48 6.01 10.27
CA LEU A 506 -33.40 5.72 8.84
C LEU A 506 -34.76 5.30 8.27
N SER A 507 -35.63 4.72 9.10
CA SER A 507 -36.93 4.27 8.64
C SER A 507 -37.97 5.38 8.61
N GLY A 508 -37.62 6.60 9.01
CA GLY A 508 -38.55 7.71 9.02
C GLY A 508 -39.36 7.87 10.28
N GLN A 509 -39.19 6.98 11.26
CA GLN A 509 -39.92 7.11 12.52
C GLN A 509 -39.47 8.32 13.32
N ALA A 510 -38.28 8.86 13.04
CA ALA A 510 -37.77 10.03 13.73
C ALA A 510 -37.03 10.92 12.74
N ASP A 511 -36.93 12.20 13.06
CA ASP A 511 -36.27 13.17 12.21
C ASP A 511 -34.92 13.62 12.76
N MET A 512 -34.60 13.31 14.01
CA MET A 512 -33.33 13.71 14.59
C MET A 512 -33.06 12.84 15.81
N ILE A 513 -31.80 12.45 15.99
CA ILE A 513 -31.37 11.68 17.14
C ILE A 513 -30.63 12.65 18.07
N VAL A 514 -31.31 13.10 19.13
CA VAL A 514 -30.69 13.95 20.15
C VAL A 514 -30.37 13.03 21.32
N ALA A 515 -29.16 12.47 21.29
CA ALA A 515 -28.71 11.50 22.28
C ALA A 515 -27.20 11.40 22.20
N PRO A 516 -26.55 10.82 23.21
CA PRO A 516 -25.09 10.64 23.12
C PRO A 516 -24.71 9.61 22.07
N LEU A 517 -24.88 9.97 20.80
CA LEU A 517 -24.61 9.09 19.69
C LEU A 517 -23.16 9.28 19.21
N THR A 518 -22.38 8.21 19.24
CA THR A 518 -20.98 8.29 18.83
C THR A 518 -20.87 8.40 17.32
N ILE A 519 -19.97 9.27 16.87
CA ILE A 519 -19.71 9.49 15.46
C ILE A 519 -18.64 8.50 15.01
N ASN A 520 -18.92 7.76 13.96
CA ASN A 520 -17.96 6.81 13.40
C ASN A 520 -18.29 6.59 11.93
N ASN A 521 -17.35 5.92 11.24
CA ASN A 521 -17.49 5.74 9.80
C ASN A 521 -18.65 4.82 9.44
N GLU A 522 -18.93 3.81 10.27
CA GLU A 522 -20.00 2.88 9.97
C GLU A 522 -21.35 3.59 9.88
N ARG A 523 -21.64 4.46 10.84
CA ARG A 523 -22.91 5.17 10.83
C ARG A 523 -22.92 6.32 9.82
N ALA A 524 -21.78 6.96 9.60
CA ALA A 524 -21.75 8.13 8.73
C ALA A 524 -22.04 7.78 7.27
N GLN A 525 -21.89 6.52 6.88
CA GLN A 525 -22.19 6.12 5.51
C GLN A 525 -23.67 6.17 5.20
N TYR A 526 -24.54 6.17 6.22
CA TYR A 526 -25.98 6.17 6.02
C TYR A 526 -26.68 7.41 6.55
N ILE A 527 -26.16 8.03 7.61
CA ILE A 527 -26.72 9.24 8.16
C ILE A 527 -25.62 10.30 8.22
N GLU A 528 -26.03 11.55 8.44
CA GLU A 528 -25.11 12.66 8.54
C GLU A 528 -25.14 13.20 9.97
N PHE A 529 -23.97 13.31 10.58
CA PHE A 529 -23.86 13.87 11.91
C PHE A 529 -23.63 15.38 11.83
N SER A 530 -23.90 16.04 12.94
CA SER A 530 -23.50 17.43 13.11
C SER A 530 -22.08 17.48 13.65
N LYS A 531 -21.57 18.70 13.82
CA LYS A 531 -20.28 18.84 14.49
C LYS A 531 -20.43 18.35 15.93
N PRO A 532 -19.44 17.64 16.46
CA PRO A 532 -19.62 17.00 17.77
C PRO A 532 -19.87 18.02 18.87
N PHE A 533 -20.90 17.76 19.66
CA PHE A 533 -21.19 18.58 20.83
C PHE A 533 -20.53 18.05 22.09
N LYS A 534 -19.83 16.92 22.02
CA LYS A 534 -19.03 16.43 23.13
C LYS A 534 -17.78 15.74 22.60
N TYR A 535 -16.67 15.89 23.32
CA TYR A 535 -15.43 15.20 22.99
C TYR A 535 -15.05 14.30 24.15
N GLN A 536 -14.93 13.00 23.89
CA GLN A 536 -14.65 12.03 24.94
C GLN A 536 -14.28 10.70 24.30
N GLY A 537 -13.60 9.85 25.07
CA GLY A 537 -13.17 8.56 24.59
C GLY A 537 -13.75 7.43 25.43
N LEU A 538 -13.23 6.23 25.18
CA LEU A 538 -13.63 5.05 25.93
C LEU A 538 -12.73 4.87 27.15
N THR A 539 -13.29 4.29 28.20
CA THR A 539 -12.58 4.14 29.45
C THR A 539 -13.19 2.97 30.24
N ILE A 540 -12.56 2.65 31.37
CA ILE A 540 -12.84 1.43 32.13
C ILE A 540 -13.32 1.82 33.53
N LEU A 541 -14.40 1.21 33.97
CA LEU A 541 -14.92 1.49 35.29
C LEU A 541 -14.65 0.33 36.22
N VAL A 542 -14.08 0.62 37.37
CA VAL A 542 -13.80 -0.43 38.34
C VAL A 542 -14.26 0.00 39.73
N LYS A 543 -13.72 -0.64 40.76
CA LYS A 543 -14.10 -0.30 42.12
C LYS A 543 -12.89 0.10 42.94
N LYS A 544 -13.13 0.61 44.14
CA LYS A 544 -12.01 0.97 45.01
C LYS A 544 -11.65 -0.23 45.84
N GLU A 545 -10.56 -0.91 45.47
CA GLU A 545 -10.11 -2.09 46.22
C GLU A 545 -11.17 -3.20 46.21
N ILE A 546 -10.84 -4.34 46.81
CA ILE A 546 -11.85 -5.39 46.91
C ILE A 546 -13.00 -4.80 47.70
N PRO A 547 -12.79 -4.53 49.01
CA PRO A 547 -13.88 -3.83 49.70
C PRO A 547 -13.67 -2.33 49.87
N ARG A 548 -12.42 -1.92 50.14
CA ARG A 548 -12.13 -0.58 50.62
C ARG A 548 -10.61 -0.54 50.82
N SER A 549 -10.07 0.63 51.15
CA SER A 549 -8.70 0.76 51.63
C SER A 549 -8.67 0.60 53.15
N THR A 550 -7.47 0.34 53.66
CA THR A 550 -7.28 0.22 55.10
C THR A 550 -7.36 1.60 55.76
N LEU A 551 -8.05 1.68 56.90
CA LEU A 551 -8.16 2.92 57.66
C LEU A 551 -7.15 2.89 58.80
N ASP A 552 -6.40 3.98 58.95
CA ASP A 552 -5.26 4.06 59.87
C ASP A 552 -4.27 2.94 59.60
N SER A 553 -4.11 2.60 58.32
CA SER A 553 -3.13 1.58 57.93
C SER A 553 -3.02 0.39 58.86
N PHE A 554 -4.15 -0.04 59.42
CA PHE A 554 -4.11 -1.14 60.35
C PHE A 554 -2.99 -0.86 61.33
N MET A 555 -2.98 0.35 61.88
CA MET A 555 -1.93 0.74 62.82
C MET A 555 -0.61 0.16 62.36
N GLN A 556 -0.21 0.47 61.12
CA GLN A 556 1.01 -0.08 60.55
C GLN A 556 0.87 -1.59 60.36
N PRO A 557 0.82 -2.02 59.09
CA PRO A 557 0.67 -3.45 58.81
C PRO A 557 1.84 -4.28 59.35
N PHE A 558 2.90 -3.62 59.79
CA PHE A 558 4.07 -4.33 60.31
C PHE A 558 4.45 -5.45 59.37
N GLN A 559 4.44 -5.16 58.07
CA GLN A 559 4.78 -6.16 57.08
C GLN A 559 6.00 -6.97 57.52
N SER A 560 5.88 -8.29 57.48
CA SER A 560 6.98 -9.15 57.91
C SER A 560 7.47 -8.69 59.28
N THR A 561 6.62 -8.82 60.28
CA THR A 561 6.99 -8.38 61.62
C THR A 561 8.03 -9.29 62.25
N LEU A 562 7.92 -10.59 62.03
CA LEU A 562 8.84 -11.53 62.68
C LEU A 562 8.94 -11.06 64.10
N TRP A 563 7.83 -10.59 64.65
CA TRP A 563 7.84 -10.01 65.98
C TRP A 563 8.04 -11.06 67.06
N LEU A 564 7.51 -12.27 66.87
CA LEU A 564 7.63 -13.30 67.90
C LEU A 564 9.09 -13.64 68.16
N LEU A 565 9.88 -13.82 67.09
CA LEU A 565 11.29 -14.13 67.27
C LEU A 565 12.03 -12.97 67.92
N VAL A 566 11.66 -11.74 67.56
CA VAL A 566 12.27 -10.58 68.19
C VAL A 566 11.99 -10.57 69.69
N GLY A 567 10.75 -10.85 70.06
CA GLY A 567 10.41 -10.90 71.48
C GLY A 567 11.12 -12.02 72.22
N LEU A 568 11.28 -13.17 71.56
CA LEU A 568 12.04 -14.25 72.16
C LEU A 568 13.49 -13.83 72.37
N SER A 569 14.07 -13.12 71.41
CA SER A 569 15.44 -12.62 71.56
C SER A 569 15.55 -11.64 72.71
N VAL A 570 14.59 -10.72 72.84
CA VAL A 570 14.65 -9.76 73.93
C VAL A 570 14.45 -10.46 75.27
N HIS A 571 13.61 -11.49 75.31
CA HIS A 571 13.44 -12.26 76.55
C HIS A 571 14.73 -12.96 76.95
N VAL A 572 15.40 -13.58 75.97
CA VAL A 572 16.67 -14.24 76.24
C VAL A 572 17.71 -13.24 76.71
N VAL A 573 17.78 -12.08 76.05
CA VAL A 573 18.75 -11.05 76.45
C VAL A 573 18.45 -10.55 77.85
N ALA A 574 17.17 -10.35 78.18
CA ALA A 574 16.82 -9.92 79.53
C ALA A 574 17.20 -10.96 80.57
N VAL A 575 16.94 -12.24 80.28
CA VAL A 575 17.28 -13.30 81.22
C VAL A 575 18.79 -13.35 81.45
N MET A 576 19.55 -13.29 80.35
CA MET A 576 21.00 -13.33 80.47
C MET A 576 21.53 -12.09 81.16
N LEU A 577 20.86 -10.94 80.98
CA LEU A 577 21.23 -9.73 81.71
C LEU A 577 21.02 -9.90 83.20
N TYR A 578 19.87 -10.47 83.60
CA TYR A 578 19.64 -10.70 85.01
C TYR A 578 20.68 -11.65 85.59
N LEU A 579 20.99 -12.72 84.86
CA LEU A 579 21.99 -13.68 85.32
C LEU A 579 23.36 -13.01 85.47
N LEU A 580 23.75 -12.21 84.48
CA LEU A 580 25.05 -11.54 84.51
C LEU A 580 25.12 -10.53 85.65
N ASP A 581 24.05 -9.75 85.85
CA ASP A 581 24.05 -8.77 86.93
C ASP A 581 24.08 -9.44 88.29
N ARG A 582 23.37 -10.57 88.44
CA ARG A 582 23.38 -11.28 89.72
C ARG A 582 24.75 -11.91 89.96
N PHE A 583 25.39 -12.43 88.92
CA PHE A 583 26.75 -12.95 89.06
C PHE A 583 27.74 -11.83 89.38
N SER A 584 27.62 -10.69 88.69
CA SER A 584 28.57 -9.60 88.87
C SER A 584 28.43 -9.02 90.28
N PRO A 585 29.53 -8.69 90.95
CA PRO A 585 29.50 -8.14 92.31
C PRO A 585 28.81 -6.78 92.40
N THR A 602 19.15 -7.19 92.96
CA THR A 602 18.71 -6.10 92.09
C THR A 602 17.74 -6.58 91.02
N LEU A 603 16.62 -7.16 91.45
CA LEU A 603 15.60 -7.60 90.49
C LEU A 603 14.85 -6.41 89.89
N SER A 604 14.42 -5.48 90.75
CA SER A 604 13.67 -4.32 90.27
C SER A 604 14.51 -3.43 89.36
N SER A 605 15.77 -3.17 89.75
CA SER A 605 16.64 -2.32 88.95
C SER A 605 16.90 -2.94 87.58
N ALA A 606 17.18 -4.25 87.56
CA ALA A 606 17.41 -4.95 86.30
C ALA A 606 16.16 -4.97 85.43
N MET A 607 14.98 -5.17 86.03
CA MET A 607 13.75 -5.19 85.25
C MET A 607 13.46 -3.82 84.65
N TRP A 608 13.63 -2.76 85.44
CA TRP A 608 13.45 -1.41 84.92
C TRP A 608 14.44 -1.10 83.82
N PHE A 609 15.69 -1.53 83.99
CA PHE A 609 16.70 -1.31 82.95
C PHE A 609 16.33 -2.06 81.67
N SER A 610 15.85 -3.30 81.81
CA SER A 610 15.49 -4.11 80.65
C SER A 610 14.35 -3.47 79.87
N TRP A 611 13.35 -2.92 80.58
CA TRP A 611 12.27 -2.25 79.87
C TRP A 611 12.70 -0.92 79.27
N GLY A 612 13.44 -0.10 80.04
CA GLY A 612 13.71 1.26 79.60
C GLY A 612 14.95 1.41 78.76
N VAL A 613 15.65 0.30 78.48
CA VAL A 613 16.91 0.38 77.74
C VAL A 613 16.68 1.01 76.36
N LEU A 614 15.47 0.89 75.83
CA LEU A 614 15.15 1.53 74.56
C LEU A 614 15.14 3.05 74.66
N LEU A 615 14.78 3.61 75.82
CA LEU A 615 14.70 5.06 75.94
C LEU A 615 15.38 5.62 77.19
N ASN A 616 15.52 4.81 78.24
CA ASN A 616 16.14 5.25 79.50
C ASN A 616 15.45 6.48 80.08
N PHE A 627 32.07 -3.92 83.54
CA PHE A 627 33.03 -4.44 82.57
C PHE A 627 32.31 -4.90 81.31
N SER A 628 31.36 -5.82 81.48
CA SER A 628 30.61 -6.35 80.34
C SER A 628 29.24 -5.71 80.20
N ALA A 629 28.68 -5.19 81.30
CA ALA A 629 27.37 -4.55 81.22
C ALA A 629 27.39 -3.37 80.27
N ARG A 630 28.48 -2.60 80.27
CA ARG A 630 28.58 -1.49 79.33
C ARG A 630 28.50 -1.96 77.89
N ILE A 631 29.30 -2.96 77.52
CA ILE A 631 29.34 -3.39 76.12
C ILE A 631 28.02 -4.02 75.71
N LEU A 632 27.39 -4.77 76.63
CA LEU A 632 26.06 -5.30 76.33
C LEU A 632 25.06 -4.17 76.10
N GLY A 633 25.13 -3.12 76.92
CA GLY A 633 24.28 -1.97 76.70
C GLY A 633 24.52 -1.32 75.35
N MET A 634 25.79 -1.21 74.95
CA MET A 634 26.10 -0.59 73.66
C MET A 634 25.54 -1.41 72.50
N VAL A 635 25.77 -2.72 72.51
CA VAL A 635 25.30 -3.53 71.40
C VAL A 635 23.78 -3.57 71.36
N TRP A 636 23.13 -3.65 72.53
CA TRP A 636 21.67 -3.66 72.55
C TRP A 636 21.12 -2.33 72.06
N ALA A 637 21.74 -1.22 72.48
CA ALA A 637 21.29 0.09 72.00
C ALA A 637 21.45 0.20 70.50
N GLY A 638 22.58 -0.26 69.96
CA GLY A 638 22.77 -0.22 68.53
C GLY A 638 21.76 -1.07 67.77
N PHE A 639 21.46 -2.26 68.29
CA PHE A 639 20.53 -3.14 67.59
C PHE A 639 19.11 -2.58 67.63
N ALA A 640 18.65 -2.11 68.79
CA ALA A 640 17.32 -1.49 68.85
C ALA A 640 17.27 -0.24 67.99
N MET A 641 18.37 0.52 67.94
CA MET A 641 18.43 1.72 67.11
C MET A 641 18.28 1.37 65.64
N ILE A 642 19.01 0.37 65.16
CA ILE A 642 18.90 0.00 63.76
C ILE A 642 17.52 -0.60 63.47
N ILE A 643 16.93 -1.29 64.44
CA ILE A 643 15.60 -1.83 64.25
C ILE A 643 14.59 -0.69 64.07
N VAL A 644 14.68 0.35 64.90
CA VAL A 644 13.74 1.45 64.75
C VAL A 644 14.00 2.22 63.47
N ALA A 645 15.25 2.29 63.01
CA ALA A 645 15.53 2.91 61.72
C ALA A 645 14.86 2.15 60.58
N SER A 646 14.98 0.82 60.60
CA SER A 646 14.32 0.01 59.58
C SER A 646 12.82 0.15 59.66
N TYR A 647 12.29 0.26 60.88
CA TYR A 647 10.84 0.40 61.05
C TYR A 647 10.34 1.70 60.46
N THR A 648 11.04 2.81 60.76
CA THR A 648 10.67 4.09 60.18
C THR A 648 10.76 4.05 58.67
N ALA A 649 11.82 3.42 58.14
CA ALA A 649 11.97 3.31 56.69
C ALA A 649 10.83 2.52 56.08
N ASN A 650 10.41 1.43 56.74
CA ASN A 650 9.34 0.63 56.15
C ASN A 650 8.01 1.38 56.18
N LEU A 651 7.72 2.09 57.28
CA LEU A 651 6.50 2.89 57.31
C LEU A 651 6.52 3.95 56.22
N ALA A 652 7.65 4.65 56.05
CA ALA A 652 7.74 5.71 55.05
C ALA A 652 7.56 5.14 53.65
N ALA A 653 8.29 4.06 53.34
CA ALA A 653 8.14 3.44 52.04
C ALA A 653 6.71 2.98 51.81
N PHE A 654 6.08 2.44 52.84
CA PHE A 654 4.70 1.97 52.70
C PHE A 654 3.76 3.10 52.39
N LEU A 655 3.91 4.24 53.06
CA LEU A 655 2.96 5.33 52.89
C LEU A 655 3.44 6.40 51.91
N VAL A 656 4.47 6.12 51.11
CA VAL A 656 4.80 6.96 49.97
C VAL A 656 4.42 6.29 48.65
N LEU A 657 4.71 4.99 48.52
CA LEU A 657 4.48 4.28 47.27
C LEU A 657 3.40 3.22 47.38
N ASP A 658 3.52 2.33 48.36
CA ASP A 658 2.58 1.21 48.50
C ASP A 658 1.16 1.72 48.74
N ARG A 659 0.27 1.42 47.81
CA ARG A 659 -1.14 1.80 47.90
C ARG A 659 -1.98 0.96 46.95
N PRO A 660 -1.58 0.79 45.69
CA PRO A 660 -2.31 -0.16 44.84
C PRO A 660 -2.02 -1.59 45.25
N GLU A 661 -3.08 -2.38 45.43
CA GLU A 661 -2.95 -3.83 45.57
C GLU A 661 -3.76 -4.50 44.48
N GLU A 662 -3.09 -4.90 43.40
CA GLU A 662 -3.78 -5.59 42.30
C GLU A 662 -4.82 -4.70 41.62
N ARG A 663 -4.38 -3.64 40.95
CA ARG A 663 -5.30 -2.81 40.20
C ARG A 663 -5.25 -3.19 38.74
N ILE A 664 -6.37 -3.08 38.05
CA ILE A 664 -6.41 -3.43 36.63
C ILE A 664 -6.06 -2.20 35.84
N THR A 665 -4.97 -1.53 36.23
CA THR A 665 -4.55 -0.30 35.56
C THR A 665 -4.81 -0.27 34.07
N GLY A 666 -5.82 0.47 33.65
CA GLY A 666 -6.10 0.62 32.23
C GLY A 666 -6.30 -0.69 31.47
N ILE A 667 -6.39 -0.55 30.16
CA ILE A 667 -6.70 -1.68 29.28
C ILE A 667 -5.46 -2.53 29.02
N ASN A 668 -4.28 -2.00 29.32
CA ASN A 668 -3.04 -2.75 29.08
C ASN A 668 -2.71 -3.73 30.19
N ASP A 669 -3.55 -3.84 31.21
CA ASP A 669 -3.30 -4.77 32.30
C ASP A 669 -3.32 -6.21 31.77
N PRO A 670 -2.48 -7.09 32.32
CA PRO A 670 -2.52 -8.50 31.89
C PRO A 670 -3.86 -9.17 32.11
N ARG A 671 -4.64 -8.74 33.10
CA ARG A 671 -5.94 -9.37 33.36
C ARG A 671 -6.87 -9.24 32.17
N LEU A 672 -6.88 -8.09 31.49
CA LEU A 672 -7.67 -7.91 30.28
C LEU A 672 -6.93 -8.34 29.02
N ARG A 673 -5.62 -8.09 28.95
CA ARG A 673 -4.86 -8.53 27.79
C ARG A 673 -4.82 -10.06 27.69
N ASN A 674 -4.66 -10.73 28.84
CA ASN A 674 -4.72 -12.19 28.89
C ASN A 674 -6.04 -12.61 29.52
N PRO A 675 -7.09 -12.78 28.75
CA PRO A 675 -8.43 -13.01 29.33
C PRO A 675 -8.52 -14.35 30.03
N SER A 676 -9.35 -14.39 31.06
CA SER A 676 -9.68 -15.61 31.77
C SER A 676 -11.06 -15.46 32.37
N ASP A 677 -11.70 -16.59 32.68
CA ASP A 677 -13.03 -16.55 33.25
C ASP A 677 -13.04 -16.04 34.69
N LYS A 678 -11.86 -15.98 35.33
CA LYS A 678 -11.79 -15.42 36.68
C LYS A 678 -12.12 -13.93 36.68
N PHE A 679 -11.63 -13.19 35.69
CA PHE A 679 -11.86 -11.76 35.57
C PHE A 679 -12.83 -11.50 34.43
N ILE A 680 -13.94 -10.84 34.73
CA ILE A 680 -15.04 -10.65 33.79
C ILE A 680 -15.16 -9.17 33.47
N TYR A 681 -15.07 -8.85 32.19
CA TYR A 681 -15.28 -7.49 31.70
C TYR A 681 -16.15 -7.54 30.46
N ALA A 682 -16.97 -6.51 30.27
CA ALA A 682 -17.94 -6.50 29.19
C ALA A 682 -18.30 -5.07 28.83
N THR A 683 -19.18 -4.93 27.84
CA THR A 683 -19.67 -3.64 27.40
C THR A 683 -21.16 -3.79 27.10
N VAL A 684 -21.73 -2.79 26.43
CA VAL A 684 -23.16 -2.77 26.10
C VAL A 684 -23.35 -3.38 24.72
N LYS A 685 -24.27 -4.35 24.63
CA LYS A 685 -24.55 -4.99 23.35
C LYS A 685 -25.18 -4.00 22.38
N GLN A 686 -24.83 -4.16 21.10
CA GLN A 686 -25.35 -3.34 20.01
C GLN A 686 -25.10 -1.86 20.26
N SER A 687 -23.86 -1.54 20.61
CA SER A 687 -23.43 -0.17 20.83
C SER A 687 -22.23 0.13 19.95
N SER A 688 -21.67 1.33 20.10
CA SER A 688 -20.48 1.72 19.34
C SER A 688 -19.24 0.98 19.82
N VAL A 689 -19.12 0.73 21.13
CA VAL A 689 -17.95 0.03 21.66
C VAL A 689 -17.90 -1.39 21.13
N ASP A 690 -19.05 -2.04 20.99
CA ASP A 690 -19.10 -3.40 20.48
C ASP A 690 -18.52 -3.48 19.07
N ILE A 691 -18.97 -2.60 18.18
CA ILE A 691 -18.46 -2.63 16.80
C ILE A 691 -17.04 -2.10 16.73
N TYR A 692 -16.64 -1.25 17.68
CA TYR A 692 -15.25 -0.83 17.73
C TYR A 692 -14.32 -1.99 18.05
N PHE A 693 -14.70 -2.82 19.03
CA PHE A 693 -13.91 -4.01 19.33
C PHE A 693 -14.01 -5.04 18.22
N ARG A 694 -15.16 -5.14 17.55
CA ARG A 694 -15.30 -6.08 16.44
C ARG A 694 -14.41 -5.68 15.26
N ARG A 695 -14.33 -4.39 14.95
CA ARG A 695 -13.59 -3.94 13.78
C ARG A 695 -12.09 -4.19 13.94
N GLN A 696 -11.56 -3.97 15.14
CA GLN A 696 -10.11 -4.11 15.35
C GLN A 696 -9.69 -5.57 15.23
N VAL A 697 -8.47 -5.77 14.73
CA VAL A 697 -7.97 -7.12 14.47
C VAL A 697 -7.23 -7.70 15.68
N GLU A 698 -6.49 -6.88 16.42
CA GLU A 698 -5.70 -7.37 17.54
C GLU A 698 -6.50 -7.48 18.84
N LEU A 699 -7.73 -6.96 18.87
CA LEU A 699 -8.61 -7.09 20.02
C LEU A 699 -9.65 -8.17 19.82
N SER A 700 -9.40 -9.14 18.92
CA SER A 700 -10.37 -10.20 18.67
C SER A 700 -10.56 -11.07 19.91
N THR A 701 -9.47 -11.31 20.66
CA THR A 701 -9.59 -12.09 21.89
C THR A 701 -10.49 -11.38 22.90
N MET A 702 -10.32 -10.06 23.05
CA MET A 702 -11.19 -9.29 23.93
C MET A 702 -12.63 -9.32 23.46
N TYR A 703 -12.84 -9.21 22.14
CA TYR A 703 -14.20 -9.25 21.61
C TYR A 703 -14.86 -10.59 21.88
N ARG A 704 -14.12 -11.69 21.72
CA ARG A 704 -14.66 -13.01 22.01
C ARG A 704 -14.96 -13.17 23.49
N HIS A 705 -14.08 -12.67 24.35
CA HIS A 705 -14.31 -12.79 25.79
C HIS A 705 -15.48 -11.93 26.25
N MET A 706 -15.75 -10.83 25.55
CA MET A 706 -16.82 -9.92 25.95
C MET A 706 -18.17 -10.29 25.37
N GLU A 707 -18.20 -10.87 24.16
CA GLU A 707 -19.46 -11.15 23.49
C GLU A 707 -20.32 -12.15 24.23
N LYS A 708 -19.72 -12.95 25.13
CA LYS A 708 -20.50 -13.96 25.85
C LYS A 708 -21.51 -13.33 26.80
N HIS A 709 -21.10 -12.26 27.49
CA HIS A 709 -21.91 -11.66 28.54
C HIS A 709 -21.96 -10.15 28.40
N ASN A 710 -22.23 -9.67 27.19
CA ASN A 710 -22.44 -8.24 26.98
C ASN A 710 -23.83 -7.85 27.50
N TYR A 711 -23.90 -6.71 28.17
CA TYR A 711 -25.12 -6.32 28.85
C TYR A 711 -26.07 -5.57 27.92
N GLU A 712 -27.33 -5.49 28.33
CA GLU A 712 -28.35 -4.83 27.53
C GLU A 712 -28.26 -3.32 27.59
N SER A 713 -27.89 -2.75 28.74
CA SER A 713 -27.83 -1.31 28.91
C SER A 713 -26.70 -0.97 29.88
N ALA A 714 -26.27 0.30 29.83
CA ALA A 714 -25.14 0.73 30.64
C ALA A 714 -25.48 0.70 32.12
N ALA A 715 -26.71 1.05 32.49
CA ALA A 715 -27.09 1.04 33.91
C ALA A 715 -27.01 -0.36 34.50
N GLU A 716 -27.48 -1.36 33.75
CA GLU A 716 -27.40 -2.73 34.24
C GLU A 716 -25.96 -3.18 34.43
N ALA A 717 -25.08 -2.83 33.49
CA ALA A 717 -23.67 -3.20 33.61
C ALA A 717 -23.03 -2.49 34.80
N ILE A 718 -23.38 -1.23 35.03
CA ILE A 718 -22.82 -0.49 36.17
C ILE A 718 -23.28 -1.12 37.47
N GLN A 719 -24.57 -1.49 37.55
CA GLN A 719 -25.07 -2.16 38.74
C GLN A 719 -24.38 -3.50 38.96
N ALA A 720 -24.15 -4.25 37.88
CA ALA A 720 -23.44 -5.52 37.99
C ALA A 720 -22.01 -5.31 38.49
N VAL A 721 -21.35 -4.25 38.03
CA VAL A 721 -20.03 -3.91 38.55
C VAL A 721 -20.12 -3.63 40.04
N ARG A 722 -21.16 -2.89 40.46
CA ARG A 722 -21.35 -2.62 41.87
C ARG A 722 -21.69 -3.88 42.67
N ASP A 723 -22.36 -4.83 42.04
CA ASP A 723 -22.76 -6.07 42.70
C ASP A 723 -21.75 -7.20 42.55
N ASN A 724 -20.58 -6.91 41.98
CA ASN A 724 -19.46 -7.83 41.79
C ASN A 724 -19.73 -8.93 40.79
N LYS A 725 -20.89 -8.92 40.12
CA LYS A 725 -21.08 -9.84 39.00
C LYS A 725 -20.15 -9.51 37.85
N LEU A 726 -19.75 -8.25 37.74
CA LEU A 726 -18.75 -7.78 36.79
C LEU A 726 -17.49 -7.36 37.52
N HIS A 727 -16.43 -7.14 36.75
CA HIS A 727 -15.18 -6.64 37.29
C HIS A 727 -14.64 -5.41 36.56
N ALA A 728 -15.03 -5.18 35.31
CA ALA A 728 -14.64 -3.98 34.59
C ALA A 728 -15.70 -3.71 33.52
N PHE A 729 -15.97 -2.43 33.28
CA PHE A 729 -16.96 -2.02 32.30
C PHE A 729 -16.32 -1.03 31.33
N ILE A 730 -16.43 -1.33 30.04
CA ILE A 730 -15.85 -0.49 28.99
C ILE A 730 -16.95 0.39 28.43
N TRP A 731 -16.81 1.69 28.55
CA TRP A 731 -17.88 2.58 28.09
C TRP A 731 -17.32 3.99 27.89
N ASP A 732 -18.17 4.86 27.37
CA ASP A 732 -17.79 6.24 27.10
C ASP A 732 -17.35 6.94 28.38
N SER A 733 -16.30 7.77 28.26
CA SER A 733 -15.74 8.44 29.42
C SER A 733 -16.74 9.40 30.05
N ALA A 734 -17.52 10.11 29.22
CA ALA A 734 -18.42 11.12 29.75
C ALA A 734 -19.47 10.53 30.68
N VAL A 735 -19.78 9.25 30.53
CA VAL A 735 -20.75 8.59 31.39
C VAL A 735 -20.06 7.93 32.59
N LEU A 736 -18.97 7.20 32.34
CA LEU A 736 -18.30 6.48 33.42
C LEU A 736 -17.70 7.42 34.45
N GLU A 737 -17.12 8.54 34.00
CA GLU A 737 -16.57 9.50 34.95
C GLU A 737 -17.67 10.10 35.82
N PHE A 738 -18.83 10.40 35.23
CA PHE A 738 -19.96 10.90 36.01
C PHE A 738 -20.41 9.85 37.02
N GLU A 739 -20.50 8.59 36.61
CA GLU A 739 -20.94 7.54 37.53
C GLU A 739 -19.94 7.35 38.67
N ALA A 740 -18.65 7.44 38.36
CA ALA A 740 -17.64 7.37 39.41
C ALA A 740 -17.77 8.56 40.36
N SER A 741 -18.06 9.74 39.83
CA SER A 741 -18.25 10.91 40.69
C SER A 741 -19.45 10.73 41.61
N GLN A 742 -20.55 10.19 41.09
CA GLN A 742 -21.75 10.02 41.90
C GLN A 742 -21.57 8.91 42.92
N LYS A 743 -21.06 7.76 42.49
CA LYS A 743 -20.91 6.58 43.35
C LYS A 743 -19.47 6.51 43.83
N CYS A 744 -19.27 6.68 45.14
CA CYS A 744 -17.92 6.76 45.68
C CYS A 744 -17.24 5.39 45.71
N ASP A 745 -18.01 4.31 45.70
CA ASP A 745 -17.43 2.97 45.74
C ASP A 745 -16.91 2.52 44.38
N LEU A 746 -17.21 3.23 43.31
CA LEU A 746 -16.70 2.93 41.98
C LEU A 746 -15.59 3.91 41.61
N VAL A 747 -14.69 3.47 40.73
CA VAL A 747 -13.60 4.31 40.25
C VAL A 747 -13.37 4.00 38.78
N THR A 748 -12.67 4.92 38.11
CA THR A 748 -12.31 4.75 36.70
C THR A 748 -10.82 4.99 36.53
N THR A 749 -10.18 4.17 35.71
CA THR A 749 -8.79 4.40 35.37
C THR A 749 -8.63 5.68 34.57
N GLY A 750 -7.46 6.29 34.67
CA GLY A 750 -7.21 7.53 33.96
C GLY A 750 -6.88 7.37 32.50
N GLU A 751 -6.83 6.14 32.01
CA GLU A 751 -6.49 5.89 30.62
C GLU A 751 -7.64 6.30 29.70
N LEU A 752 -7.30 6.51 28.43
CA LEU A 752 -8.27 6.81 27.40
C LEU A 752 -7.79 6.19 26.10
N PHE A 753 -8.74 5.72 25.28
CA PHE A 753 -8.42 5.17 23.98
C PHE A 753 -9.61 5.38 23.07
N PHE A 754 -9.32 5.44 21.77
CA PHE A 754 -10.30 5.76 20.73
C PHE A 754 -11.12 7.00 21.11
N ARG A 755 -10.42 8.13 21.20
CA ARG A 755 -11.09 9.39 21.45
C ARG A 755 -12.04 9.70 20.30
N SER A 756 -13.28 10.05 20.64
CA SER A 756 -14.33 10.29 19.66
C SER A 756 -15.21 11.42 20.16
N GLY A 757 -16.37 11.58 19.52
CA GLY A 757 -17.24 12.69 19.85
C GLY A 757 -18.71 12.28 19.79
N PHE A 758 -19.48 12.97 20.62
CA PHE A 758 -20.94 12.90 20.60
C PHE A 758 -21.47 14.02 19.72
N GLY A 759 -22.17 13.64 18.66
CA GLY A 759 -22.85 14.58 17.80
C GLY A 759 -24.32 14.23 17.67
N ILE A 760 -25.02 15.02 16.85
CA ILE A 760 -26.45 14.90 16.67
C ILE A 760 -26.71 14.27 15.32
N GLY A 761 -27.42 13.15 15.31
CA GLY A 761 -27.68 12.45 14.07
C GLY A 761 -28.93 12.96 13.38
N MET A 762 -28.86 12.96 12.04
CA MET A 762 -29.99 13.33 11.20
C MET A 762 -30.00 12.38 10.01
N ARG A 763 -30.96 12.59 9.10
CA ARG A 763 -31.06 11.77 7.91
C ARG A 763 -30.03 12.24 6.89
N LYS A 764 -30.18 11.82 5.64
CA LYS A 764 -29.36 12.35 4.57
C LYS A 764 -29.74 13.81 4.35
N ASP A 765 -29.17 14.46 3.32
CA ASP A 765 -29.23 15.91 3.18
C ASP A 765 -30.58 16.49 3.56
N SER A 766 -30.57 17.38 4.56
CA SER A 766 -31.76 17.85 5.23
C SER A 766 -31.60 19.33 5.54
N PRO A 767 -32.70 20.09 5.58
CA PRO A 767 -32.59 21.53 5.81
C PRO A 767 -32.02 21.90 7.17
N TRP A 768 -32.11 21.03 8.16
CA TRP A 768 -31.70 21.41 9.52
C TRP A 768 -30.21 21.20 9.77
N LYS A 769 -29.52 20.52 8.85
CA LYS A 769 -28.15 20.07 9.11
C LYS A 769 -27.19 21.23 9.38
N GLN A 770 -27.16 22.21 8.47
CA GLN A 770 -26.19 23.27 8.58
C GLN A 770 -26.46 24.14 9.80
N ASN A 771 -27.72 24.44 10.07
CA ASN A 771 -28.05 25.29 11.21
C ASN A 771 -27.81 24.56 12.53
N VAL A 772 -28.05 23.25 12.57
CA VAL A 772 -27.72 22.49 13.78
C VAL A 772 -26.22 22.54 14.05
N SER A 773 -25.42 22.32 13.00
CA SER A 773 -23.97 22.37 13.18
C SER A 773 -23.51 23.75 13.63
N LEU A 774 -24.07 24.80 13.01
CA LEU A 774 -23.68 26.16 13.36
C LEU A 774 -24.09 26.51 14.78
N SER A 775 -25.28 26.07 15.21
CA SER A 775 -25.71 26.34 16.58
C SER A 775 -24.83 25.62 17.59
N ILE A 776 -24.44 24.38 17.29
CA ILE A 776 -23.54 23.67 18.19
C ILE A 776 -22.19 24.38 18.27
N LEU A 777 -21.66 24.82 17.12
CA LEU A 777 -20.39 25.55 17.14
C LEU A 777 -20.50 26.85 17.92
N LYS A 778 -21.61 27.57 17.76
CA LYS A 778 -21.81 28.80 18.52
C LYS A 778 -21.89 28.53 20.02
N SER A 779 -22.60 27.47 20.41
CA SER A 779 -22.69 27.13 21.82
C SER A 779 -21.33 26.75 22.37
N HIS A 780 -20.49 26.09 21.56
CA HIS A 780 -19.12 25.81 21.99
C HIS A 780 -18.32 27.10 22.14
N GLU A 781 -18.51 28.06 21.24
CA GLU A 781 -17.72 29.28 21.27
C GLU A 781 -17.95 30.07 22.54
N ASN A 782 -19.23 30.26 22.92
CA ASN A 782 -19.53 30.86 24.20
C ASN A 782 -19.56 29.78 25.27
N GLY A 783 -20.04 30.12 26.47
CA GLY A 783 -19.98 29.20 27.60
C GLY A 783 -21.18 28.32 27.81
N PHE A 784 -22.08 28.21 26.82
CA PHE A 784 -23.30 27.44 27.02
C PHE A 784 -23.00 25.96 27.27
N MET A 785 -22.12 25.37 26.47
CA MET A 785 -21.72 23.98 26.71
C MET A 785 -20.99 23.85 28.04
N GLU A 786 -20.21 24.86 28.41
CA GLU A 786 -19.57 24.86 29.72
C GLU A 786 -20.61 24.94 30.84
N ASP A 787 -21.66 25.74 30.64
CA ASP A 787 -22.74 25.80 31.62
C ASP A 787 -23.43 24.46 31.76
N LEU A 788 -23.68 23.78 30.65
CA LEU A 788 -24.31 22.45 30.71
C LEU A 788 -23.40 21.45 31.42
N ASP A 789 -22.09 21.53 31.15
CA ASP A 789 -21.15 20.65 31.85
C ASP A 789 -21.16 20.91 33.35
N LYS A 790 -21.21 22.19 33.74
CA LYS A 790 -21.31 22.52 35.16
C LYS A 790 -22.59 22.00 35.77
N THR A 791 -23.70 22.12 35.05
CA THR A 791 -25.00 21.78 35.62
C THR A 791 -25.19 20.27 35.73
N TRP A 792 -24.72 19.51 34.76
CA TRP A 792 -25.07 18.10 34.70
C TRP A 792 -23.90 17.14 34.88
N VAL A 793 -22.69 17.52 34.45
CA VAL A 793 -21.55 16.62 34.49
C VAL A 793 -20.58 16.97 35.61
N ARG A 794 -20.35 18.26 35.85
CA ARG A 794 -19.36 18.69 36.82
C ARG A 794 -19.93 18.89 38.21
N TYR A 795 -21.20 18.55 38.43
CA TYR A 795 -21.81 18.56 39.76
C TYR A 795 -21.63 17.18 40.38
N GLN A 796 -20.69 17.08 41.32
CA GLN A 796 -20.31 15.81 41.91
C GLN A 796 -20.53 15.84 43.42
N GLU A 797 -20.67 14.65 44.01
CA GLU A 797 -20.84 14.49 45.45
C GLU A 797 -19.81 13.49 45.95
N CYS A 798 -18.91 13.94 46.82
CA CYS A 798 -17.89 13.07 47.39
C CYS A 798 -17.61 13.45 48.84
N LEU B 35 -58.03 -34.37 -13.59
CA LEU B 35 -59.03 -34.64 -14.63
C LEU B 35 -58.37 -34.85 -15.98
N ASN B 36 -59.06 -34.43 -17.05
CA ASN B 36 -58.55 -34.62 -18.40
C ASN B 36 -57.35 -33.71 -18.65
N ILE B 37 -56.17 -34.33 -18.77
CA ILE B 37 -54.92 -33.61 -18.93
C ILE B 37 -54.19 -34.15 -20.15
N ALA B 38 -53.62 -33.23 -20.93
CA ALA B 38 -52.91 -33.57 -22.16
C ALA B 38 -51.41 -33.43 -21.94
N VAL B 39 -50.65 -34.38 -22.47
CA VAL B 39 -49.19 -34.35 -22.45
C VAL B 39 -48.74 -34.38 -23.90
N LEU B 40 -48.09 -33.31 -24.35
CA LEU B 40 -47.76 -33.12 -25.75
C LEU B 40 -46.25 -33.00 -25.92
N LEU B 41 -45.65 -34.00 -26.55
CA LEU B 41 -44.22 -34.07 -26.79
C LEU B 41 -43.96 -34.16 -28.29
N GLY B 42 -42.74 -33.77 -28.67
CA GLY B 42 -42.30 -33.92 -30.04
C GLY B 42 -41.60 -35.24 -30.27
N HIS B 43 -40.52 -35.24 -31.04
CA HIS B 43 -39.70 -36.42 -31.24
C HIS B 43 -38.62 -36.58 -30.17
N SER B 44 -38.82 -35.97 -29.00
CA SER B 44 -37.86 -36.10 -27.91
C SER B 44 -37.75 -37.53 -27.45
N HIS B 45 -36.58 -38.14 -27.67
CA HIS B 45 -36.28 -39.53 -27.35
C HIS B 45 -37.12 -40.52 -28.14
N ASP B 46 -37.96 -40.04 -29.07
CA ASP B 46 -38.79 -40.88 -29.93
C ASP B 46 -39.63 -41.85 -29.11
N VAL B 47 -40.18 -41.35 -28.01
CA VAL B 47 -41.05 -42.15 -27.15
C VAL B 47 -42.49 -41.98 -27.62
N THR B 48 -43.17 -43.10 -27.87
CA THR B 48 -44.53 -43.06 -28.37
C THR B 48 -45.50 -42.60 -27.28
N GLU B 49 -46.71 -42.23 -27.71
CA GLU B 49 -47.72 -41.74 -26.77
C GLU B 49 -48.18 -42.83 -25.80
N ARG B 50 -47.97 -44.10 -26.13
CA ARG B 50 -48.37 -45.17 -25.22
C ARG B 50 -47.61 -45.10 -23.90
N GLU B 51 -46.30 -44.84 -23.97
CA GLU B 51 -45.52 -44.74 -22.74
C GLU B 51 -45.95 -43.54 -21.90
N LEU B 52 -46.36 -42.45 -22.55
CA LEU B 52 -46.92 -41.33 -21.81
C LEU B 52 -48.24 -41.70 -21.16
N ARG B 53 -49.07 -42.47 -21.86
CA ARG B 53 -50.32 -42.97 -21.27
C ARG B 53 -50.06 -43.97 -20.15
N ASN B 54 -48.86 -44.55 -20.08
CA ASN B 54 -48.55 -45.49 -19.01
C ASN B 54 -48.52 -44.80 -17.64
N LEU B 55 -48.32 -43.48 -17.62
CA LEU B 55 -48.22 -42.75 -16.36
C LEU B 55 -49.63 -42.40 -15.88
N TRP B 56 -50.34 -43.43 -15.43
CA TRP B 56 -51.64 -43.28 -14.80
C TRP B 56 -51.67 -43.83 -13.38
N GLY B 57 -50.98 -44.94 -13.14
CA GLY B 57 -50.84 -45.50 -11.81
C GLY B 57 -50.06 -44.59 -10.89
N PRO B 58 -48.79 -44.34 -11.21
CA PRO B 58 -47.99 -43.44 -10.36
C PRO B 58 -48.55 -42.03 -10.27
N GLU B 59 -49.32 -41.59 -11.27
CA GLU B 59 -49.92 -40.26 -11.25
C GLU B 59 -51.22 -40.32 -10.46
N GLN B 60 -51.12 -40.01 -9.17
CA GLN B 60 -52.26 -40.03 -8.25
C GLN B 60 -52.89 -41.42 -8.19
N ALA B 61 -52.11 -42.37 -7.68
CA ALA B 61 -52.62 -43.73 -7.50
C ALA B 61 -53.89 -43.74 -6.65
N THR B 62 -53.90 -42.97 -5.57
CA THR B 62 -55.11 -42.76 -4.78
C THR B 62 -55.96 -41.75 -5.54
N GLY B 63 -56.74 -42.26 -6.48
CA GLY B 63 -57.52 -41.41 -7.35
C GLY B 63 -58.61 -40.65 -6.63
N LEU B 64 -58.43 -39.34 -6.48
CA LEU B 64 -59.42 -38.47 -5.87
C LEU B 64 -60.53 -38.10 -6.86
N PRO B 65 -60.22 -37.66 -8.09
CA PRO B 65 -61.30 -37.35 -9.04
C PRO B 65 -61.79 -38.55 -9.84
N LEU B 66 -61.17 -39.72 -9.66
CA LEU B 66 -61.54 -40.98 -10.34
C LEU B 66 -61.66 -40.82 -11.85
N ASP B 67 -61.05 -39.78 -12.41
CA ASP B 67 -61.11 -39.51 -13.84
C ASP B 67 -59.74 -39.41 -14.48
N VAL B 68 -58.77 -38.79 -13.80
CA VAL B 68 -57.38 -38.60 -14.18
C VAL B 68 -57.00 -39.35 -15.46
N ASN B 69 -57.57 -38.94 -16.57
CA ASN B 69 -57.28 -39.52 -17.88
C ASN B 69 -56.25 -38.66 -18.59
N VAL B 70 -55.25 -39.31 -19.18
CA VAL B 70 -54.13 -38.64 -19.84
C VAL B 70 -54.21 -38.90 -21.33
N VAL B 71 -54.27 -37.81 -22.11
CA VAL B 71 -54.32 -37.88 -23.56
C VAL B 71 -52.95 -37.41 -24.07
N ALA B 72 -52.24 -38.29 -24.75
CA ALA B 72 -50.89 -38.01 -25.23
C ALA B 72 -50.89 -37.92 -26.75
N LEU B 73 -50.32 -36.84 -27.28
CA LEU B 73 -50.25 -36.59 -28.72
C LEU B 73 -48.80 -36.42 -29.14
N LEU B 74 -48.55 -36.68 -30.42
CA LEU B 74 -47.22 -36.52 -31.00
C LEU B 74 -47.23 -35.32 -31.94
N MET B 75 -46.18 -34.51 -31.84
CA MET B 75 -46.08 -33.23 -32.53
C MET B 75 -44.85 -33.24 -33.41
N ASN B 76 -45.04 -33.03 -34.72
CA ASN B 76 -43.95 -33.20 -35.68
C ASN B 76 -43.14 -31.93 -35.92
N ARG B 77 -43.79 -30.78 -36.02
CA ARG B 77 -43.08 -29.52 -36.25
C ARG B 77 -43.75 -28.43 -35.43
N THR B 78 -43.00 -27.37 -35.16
CA THR B 78 -43.41 -26.35 -34.20
C THR B 78 -43.94 -25.08 -34.87
N ASP B 79 -44.64 -25.23 -35.98
CA ASP B 79 -45.23 -24.06 -36.61
C ASP B 79 -46.27 -23.44 -35.68
N PRO B 80 -46.28 -22.12 -35.50
CA PRO B 80 -47.29 -21.51 -34.62
C PRO B 80 -48.72 -21.83 -35.03
N LYS B 81 -49.01 -21.88 -36.33
CA LYS B 81 -50.33 -22.30 -36.78
C LYS B 81 -50.63 -23.73 -36.33
N SER B 82 -49.67 -24.63 -36.51
CA SER B 82 -49.85 -26.02 -36.09
C SER B 82 -49.99 -26.11 -34.58
N LEU B 83 -49.22 -25.31 -33.84
CA LEU B 83 -49.31 -25.34 -32.39
C LEU B 83 -50.69 -24.89 -31.92
N ILE B 84 -51.18 -23.77 -32.45
CA ILE B 84 -52.51 -23.27 -32.07
C ILE B 84 -53.58 -24.29 -32.44
N THR B 85 -53.50 -24.83 -33.66
CA THR B 85 -54.50 -25.79 -34.11
C THR B 85 -54.52 -27.01 -33.21
N HIS B 86 -53.34 -27.57 -32.92
CA HIS B 86 -53.27 -28.73 -32.04
C HIS B 86 -53.84 -28.41 -30.67
N VAL B 87 -53.41 -27.31 -30.06
CA VAL B 87 -53.83 -27.01 -28.69
C VAL B 87 -55.34 -26.85 -28.62
N CYS B 88 -55.92 -26.03 -29.50
CA CYS B 88 -57.35 -25.77 -29.36
C CYS B 88 -58.22 -26.88 -29.93
N ASP B 89 -57.69 -27.72 -30.84
CA ASP B 89 -58.46 -28.87 -31.29
C ASP B 89 -58.51 -29.94 -30.20
N LEU B 90 -57.37 -30.22 -29.57
CA LEU B 90 -57.39 -31.11 -28.41
C LEU B 90 -58.20 -30.52 -27.27
N MET B 91 -58.29 -29.19 -27.21
CA MET B 91 -59.19 -28.57 -26.23
C MET B 91 -60.64 -28.85 -26.57
N SER B 92 -61.01 -28.74 -27.86
CA SER B 92 -62.35 -29.09 -28.27
C SER B 92 -62.62 -30.58 -28.15
N GLY B 93 -61.55 -31.38 -28.10
CA GLY B 93 -61.68 -32.82 -27.97
C GLY B 93 -61.50 -33.33 -26.56
N ALA B 94 -62.60 -33.71 -25.91
CA ALA B 94 -62.63 -34.26 -24.57
C ALA B 94 -62.26 -33.24 -23.49
N ARG B 95 -62.18 -31.96 -23.87
CA ARG B 95 -62.09 -30.84 -22.92
C ARG B 95 -60.93 -31.01 -21.94
N ILE B 96 -59.71 -30.94 -22.48
CA ILE B 96 -58.53 -31.08 -21.63
C ILE B 96 -58.48 -29.93 -20.63
N HIS B 97 -58.12 -30.23 -19.40
CA HIS B 97 -58.01 -29.24 -18.33
C HIS B 97 -56.58 -28.83 -18.04
N GLY B 98 -55.62 -29.26 -18.86
CA GLY B 98 -54.23 -28.91 -18.65
C GLY B 98 -53.40 -29.31 -19.84
N LEU B 99 -52.13 -28.90 -19.81
CA LEU B 99 -51.22 -29.22 -20.89
C LEU B 99 -49.79 -29.27 -20.36
N VAL B 100 -49.09 -30.33 -20.70
CA VAL B 100 -47.68 -30.52 -20.36
C VAL B 100 -46.91 -30.58 -21.66
N PHE B 101 -46.30 -29.46 -22.06
CA PHE B 101 -45.73 -29.29 -23.38
C PHE B 101 -44.22 -29.42 -23.33
N GLY B 102 -43.68 -30.31 -24.14
CA GLY B 102 -42.23 -30.44 -24.28
C GLY B 102 -41.83 -30.37 -25.73
N ASP B 103 -40.67 -29.74 -25.98
CA ASP B 103 -40.20 -29.50 -27.33
C ASP B 103 -38.73 -29.89 -27.43
N ASP B 104 -38.31 -30.25 -28.65
CA ASP B 104 -36.94 -30.69 -28.91
C ASP B 104 -36.16 -29.69 -29.74
N THR B 105 -36.63 -28.46 -29.85
CA THR B 105 -35.97 -27.43 -30.64
C THR B 105 -35.56 -26.26 -29.75
N ASP B 106 -34.47 -25.60 -30.13
CA ASP B 106 -33.97 -24.45 -29.39
C ASP B 106 -34.57 -23.15 -29.94
N GLN B 107 -35.89 -23.08 -29.90
CA GLN B 107 -36.64 -21.90 -30.34
C GLN B 107 -37.39 -21.33 -29.14
N GLU B 108 -36.90 -20.21 -28.62
CA GLU B 108 -37.52 -19.61 -27.43
C GLU B 108 -38.93 -19.10 -27.73
N ALA B 109 -39.20 -18.69 -28.98
CA ALA B 109 -40.49 -18.11 -29.30
C ALA B 109 -41.65 -19.03 -28.95
N VAL B 110 -41.43 -20.35 -29.01
CA VAL B 110 -42.47 -21.31 -28.68
C VAL B 110 -43.02 -21.03 -27.28
N ALA B 111 -42.13 -20.76 -26.32
CA ALA B 111 -42.57 -20.41 -24.97
C ALA B 111 -43.57 -19.27 -25.01
N GLN B 112 -43.24 -18.19 -25.71
CA GLN B 112 -44.17 -17.07 -25.84
C GLN B 112 -45.48 -17.54 -26.45
N MET B 113 -45.39 -18.36 -27.52
CA MET B 113 -46.59 -18.83 -28.18
C MET B 113 -47.46 -19.68 -27.28
N LEU B 114 -46.90 -20.20 -26.19
CA LEU B 114 -47.73 -20.88 -25.21
C LEU B 114 -48.37 -19.88 -24.25
N ASP B 115 -47.59 -18.92 -23.77
CA ASP B 115 -48.08 -17.94 -22.81
C ASP B 115 -49.29 -17.22 -23.36
N PHE B 116 -49.18 -16.69 -24.58
CA PHE B 116 -50.31 -16.06 -25.24
C PHE B 116 -51.52 -16.99 -25.27
N ILE B 117 -51.30 -18.25 -25.66
CA ILE B 117 -52.40 -19.20 -25.70
C ILE B 117 -53.01 -19.37 -24.32
N SER B 118 -52.18 -19.40 -23.28
CA SER B 118 -52.69 -19.54 -21.92
C SER B 118 -53.65 -18.41 -21.56
N SER B 119 -53.48 -17.23 -22.16
CA SER B 119 -54.42 -16.15 -21.91
C SER B 119 -55.71 -16.33 -22.69
N GLN B 120 -55.64 -16.89 -23.90
CA GLN B 120 -56.82 -17.01 -24.75
C GLN B 120 -57.66 -18.24 -24.43
N THR B 121 -57.12 -19.20 -23.69
CA THR B 121 -57.83 -20.45 -23.41
C THR B 121 -57.99 -20.77 -21.93
N PHE B 122 -57.30 -20.05 -21.04
CA PHE B 122 -57.35 -20.30 -19.60
C PHE B 122 -56.92 -21.72 -19.27
N ILE B 123 -56.03 -22.28 -20.08
CA ILE B 123 -55.51 -23.63 -19.88
C ILE B 123 -54.16 -23.50 -19.17
N PRO B 124 -54.00 -24.07 -17.98
CA PRO B 124 -52.67 -24.12 -17.37
C PRO B 124 -51.73 -24.96 -18.23
N ILE B 125 -50.59 -24.36 -18.58
CA ILE B 125 -49.61 -24.99 -19.46
C ILE B 125 -48.29 -25.05 -18.73
N LEU B 126 -47.60 -26.17 -18.85
CA LEU B 126 -46.32 -26.41 -18.19
C LEU B 126 -45.25 -26.69 -19.25
N GLY B 127 -44.27 -25.82 -19.34
CA GLY B 127 -43.16 -26.03 -20.26
C GLY B 127 -42.16 -27.00 -19.64
N ILE B 128 -41.72 -27.97 -20.43
CA ILE B 128 -40.89 -29.07 -19.95
C ILE B 128 -39.45 -28.96 -20.46
N HIS B 129 -39.27 -29.01 -21.78
CA HIS B 129 -37.95 -29.14 -22.35
C HIS B 129 -37.89 -28.38 -23.66
N GLY B 130 -36.69 -27.91 -24.01
CA GLY B 130 -36.49 -27.19 -25.24
C GLY B 130 -36.84 -25.72 -25.14
N GLY B 131 -37.50 -25.19 -26.17
CA GLY B 131 -37.88 -23.79 -26.16
C GLY B 131 -38.87 -23.45 -25.07
N ALA B 132 -39.79 -24.39 -24.78
CA ALA B 132 -40.79 -24.13 -23.75
C ALA B 132 -40.15 -23.95 -22.38
N SER B 133 -39.12 -24.73 -22.07
CA SER B 133 -38.45 -24.63 -20.78
C SER B 133 -37.57 -23.39 -20.66
N MET B 134 -37.30 -22.70 -21.76
CA MET B 134 -36.55 -21.46 -21.69
C MET B 134 -37.35 -20.43 -20.91
N ILE B 135 -36.70 -19.79 -19.94
CA ILE B 135 -37.40 -18.92 -18.99
C ILE B 135 -37.96 -17.70 -19.73
N MET B 136 -39.03 -17.14 -19.20
CA MET B 136 -39.67 -15.98 -19.80
C MET B 136 -39.72 -14.86 -18.77
N ALA B 137 -39.35 -13.65 -19.19
CA ALA B 137 -39.18 -12.54 -18.26
C ALA B 137 -40.50 -12.11 -17.62
N ASP B 138 -41.46 -11.68 -18.43
CA ASP B 138 -42.74 -11.17 -17.94
C ASP B 138 -43.87 -11.83 -18.71
N LYS B 139 -44.83 -12.36 -17.97
CA LYS B 139 -46.04 -12.96 -18.54
C LYS B 139 -47.24 -12.10 -18.17
N ASP B 140 -48.21 -12.04 -19.08
CA ASP B 140 -49.42 -11.29 -18.78
C ASP B 140 -50.17 -11.95 -17.63
N PRO B 141 -50.78 -11.17 -16.73
CA PRO B 141 -51.38 -11.76 -15.53
C PRO B 141 -52.49 -12.76 -15.82
N THR B 142 -53.21 -12.60 -16.92
CA THR B 142 -54.32 -13.48 -17.25
C THR B 142 -53.86 -14.79 -17.90
N SER B 143 -52.57 -15.11 -17.85
CA SER B 143 -52.04 -16.33 -18.44
C SER B 143 -51.49 -17.22 -17.35
N THR B 144 -51.88 -18.50 -17.37
CA THR B 144 -51.48 -19.48 -16.38
C THR B 144 -50.33 -20.36 -16.86
N PHE B 145 -49.40 -19.80 -17.62
CA PHE B 145 -48.27 -20.55 -18.14
C PHE B 145 -47.14 -20.60 -17.10
N PHE B 146 -46.59 -21.79 -16.88
CA PHE B 146 -45.51 -21.99 -15.93
C PHE B 146 -44.41 -22.81 -16.59
N GLN B 147 -43.17 -22.58 -16.18
CA GLN B 147 -42.01 -23.13 -16.86
C GLN B 147 -41.11 -23.86 -15.87
N PHE B 148 -40.52 -24.96 -16.33
CA PHE B 148 -39.48 -25.67 -15.58
C PHE B 148 -38.14 -25.07 -15.98
N GLY B 149 -37.64 -24.14 -15.17
CA GLY B 149 -36.39 -23.48 -15.50
C GLY B 149 -36.01 -22.51 -14.41
N ALA B 150 -34.87 -21.85 -14.63
CA ALA B 150 -34.30 -20.91 -13.68
C ALA B 150 -34.25 -19.52 -14.30
N SER B 151 -34.72 -18.53 -13.56
CA SER B 151 -34.57 -17.15 -13.99
C SER B 151 -33.12 -16.71 -13.89
N ILE B 152 -32.82 -15.56 -14.50
CA ILE B 152 -31.46 -15.05 -14.47
C ILE B 152 -31.04 -14.72 -13.05
N GLN B 153 -31.99 -14.33 -12.19
CA GLN B 153 -31.66 -14.05 -10.80
C GLN B 153 -31.17 -15.29 -10.07
N GLN B 154 -31.83 -16.43 -10.29
CA GLN B 154 -31.40 -17.65 -9.63
C GLN B 154 -30.05 -18.13 -10.15
N GLN B 155 -29.81 -17.98 -11.45
CA GLN B 155 -28.50 -18.32 -12.00
C GLN B 155 -27.41 -17.42 -11.41
N ALA B 156 -27.71 -16.14 -11.24
CA ALA B 156 -26.76 -15.23 -10.61
C ALA B 156 -26.50 -15.63 -9.15
N THR B 157 -27.55 -16.04 -8.44
CA THR B 157 -27.38 -16.50 -7.07
C THR B 157 -26.48 -17.73 -7.01
N VAL B 158 -26.69 -18.68 -7.91
CA VAL B 158 -25.84 -19.87 -7.94
C VAL B 158 -24.41 -19.51 -8.29
N MET B 159 -24.22 -18.57 -9.21
CA MET B 159 -22.88 -18.12 -9.57
C MET B 159 -22.18 -17.48 -8.37
N LEU B 160 -22.91 -16.65 -7.63
CA LEU B 160 -22.33 -16.02 -6.44
C LEU B 160 -22.00 -17.06 -5.38
N LYS B 161 -22.84 -18.07 -5.23
CA LYS B 161 -22.52 -19.17 -4.31
C LYS B 161 -21.27 -19.91 -4.74
N ILE B 162 -21.10 -20.11 -6.05
CA ILE B 162 -19.89 -20.74 -6.57
C ILE B 162 -18.67 -19.91 -6.21
N MET B 163 -18.75 -18.60 -6.46
CA MET B 163 -17.62 -17.73 -6.15
C MET B 163 -17.32 -17.71 -4.66
N GLN B 164 -18.35 -17.75 -3.83
CA GLN B 164 -18.15 -17.75 -2.39
C GLN B 164 -17.48 -19.03 -1.91
N ASP B 165 -17.93 -20.18 -2.41
CA ASP B 165 -17.43 -21.45 -1.90
C ASP B 165 -15.96 -21.65 -2.21
N TYR B 166 -15.46 -21.06 -3.30
CA TYR B 166 -14.06 -21.16 -3.68
C TYR B 166 -13.27 -19.92 -3.31
N ASP B 167 -13.85 -19.04 -2.48
CA ASP B 167 -13.16 -17.85 -1.97
C ASP B 167 -12.66 -16.95 -3.10
N TRP B 168 -13.46 -16.81 -4.14
CA TRP B 168 -13.17 -15.84 -5.20
C TRP B 168 -14.01 -14.58 -4.98
N HIS B 169 -13.57 -13.79 -3.99
CA HIS B 169 -14.32 -12.61 -3.58
C HIS B 169 -14.00 -11.37 -4.39
N VAL B 170 -13.02 -11.44 -5.29
CA VAL B 170 -12.66 -10.32 -6.16
C VAL B 170 -13.07 -10.68 -7.58
N PHE B 171 -13.96 -9.88 -8.17
CA PHE B 171 -14.47 -10.22 -9.48
C PHE B 171 -14.92 -8.97 -10.24
N SER B 172 -15.07 -9.14 -11.54
CA SER B 172 -15.50 -8.09 -12.45
C SER B 172 -16.74 -8.55 -13.22
N LEU B 173 -17.62 -7.61 -13.50
CA LEU B 173 -18.87 -7.87 -14.20
C LEU B 173 -18.79 -7.29 -15.60
N VAL B 174 -18.81 -8.17 -16.61
CA VAL B 174 -18.72 -7.78 -18.01
C VAL B 174 -20.00 -8.19 -18.72
N THR B 175 -20.74 -7.19 -19.21
CA THR B 175 -22.01 -7.43 -19.89
C THR B 175 -22.04 -6.64 -21.19
N THR B 176 -22.89 -7.09 -22.10
CA THR B 176 -23.21 -6.39 -23.32
C THR B 176 -24.58 -5.72 -23.19
N ILE B 177 -25.10 -5.21 -24.30
CA ILE B 177 -26.43 -4.61 -24.35
C ILE B 177 -27.47 -5.67 -24.60
N PHE B 178 -27.08 -6.94 -24.51
CA PHE B 178 -28.02 -8.03 -24.70
C PHE B 178 -29.16 -7.91 -23.69
N PRO B 179 -30.39 -8.20 -24.12
CA PRO B 179 -31.55 -8.02 -23.23
C PRO B 179 -31.42 -8.81 -21.94
N GLY B 180 -31.88 -8.20 -20.85
CA GLY B 180 -31.79 -8.79 -19.54
C GLY B 180 -30.55 -8.43 -18.75
N TYR B 181 -29.62 -7.67 -19.35
CA TYR B 181 -28.40 -7.31 -18.63
C TYR B 181 -28.67 -6.28 -17.54
N ARG B 182 -29.70 -5.44 -17.72
CA ARG B 182 -30.05 -4.47 -16.68
C ARG B 182 -30.47 -5.18 -15.40
N ASP B 183 -31.36 -6.17 -15.51
CA ASP B 183 -31.79 -6.92 -14.34
C ASP B 183 -30.64 -7.71 -13.74
N PHE B 184 -29.78 -8.26 -14.59
CA PHE B 184 -28.62 -9.00 -14.10
C PHE B 184 -27.71 -8.12 -13.26
N ILE B 185 -27.36 -6.93 -13.78
CA ILE B 185 -26.50 -6.02 -13.05
C ILE B 185 -27.17 -5.54 -11.77
N SER B 186 -28.47 -5.22 -11.85
CA SER B 186 -29.19 -4.75 -10.66
C SER B 186 -29.21 -5.82 -9.58
N PHE B 187 -29.48 -7.07 -9.95
CA PHE B 187 -29.52 -8.14 -8.97
C PHE B 187 -28.14 -8.40 -8.38
N ILE B 188 -27.09 -8.35 -9.21
CA ILE B 188 -25.74 -8.56 -8.69
C ILE B 188 -25.39 -7.46 -7.68
N LYS B 189 -25.70 -6.21 -8.03
CA LYS B 189 -25.40 -5.11 -7.11
C LYS B 189 -26.20 -5.23 -5.82
N THR B 190 -27.48 -5.57 -5.92
CA THR B 190 -28.32 -5.71 -4.73
C THR B 190 -27.81 -6.82 -3.83
N THR B 191 -27.42 -7.96 -4.42
CA THR B 191 -26.88 -9.05 -3.61
C THR B 191 -25.57 -8.68 -2.96
N VAL B 192 -24.71 -7.95 -3.68
CA VAL B 192 -23.42 -7.54 -3.14
C VAL B 192 -23.62 -6.57 -1.97
N ASP B 193 -24.50 -5.59 -2.14
CA ASP B 193 -24.68 -4.57 -1.10
C ASP B 193 -25.24 -5.16 0.18
N ASN B 194 -26.26 -6.02 0.07
CA ASN B 194 -26.88 -6.62 1.24
C ASN B 194 -26.23 -7.98 1.55
N SER B 195 -24.92 -7.93 1.77
CA SER B 195 -24.15 -9.13 2.07
C SER B 195 -23.04 -8.79 3.05
N PHE B 196 -22.80 -9.69 4.00
CA PHE B 196 -21.68 -9.58 4.93
C PHE B 196 -20.42 -10.28 4.44
N VAL B 197 -20.46 -10.90 3.26
CA VAL B 197 -19.33 -11.69 2.78
C VAL B 197 -18.12 -10.81 2.54
N GLY B 198 -18.34 -9.63 1.95
CA GLY B 198 -17.23 -8.75 1.61
C GLY B 198 -16.82 -8.88 0.17
N TRP B 199 -17.81 -8.84 -0.73
CA TRP B 199 -17.54 -8.95 -2.15
C TRP B 199 -16.72 -7.77 -2.65
N ASP B 200 -15.85 -8.03 -3.63
CA ASP B 200 -15.04 -6.99 -4.26
C ASP B 200 -15.42 -6.96 -5.74
N MET B 201 -16.47 -6.20 -6.04
CA MET B 201 -16.97 -6.05 -7.41
C MET B 201 -16.32 -4.82 -8.04
N GLN B 202 -15.51 -5.03 -9.07
CA GLN B 202 -14.80 -3.93 -9.71
C GLN B 202 -14.94 -4.02 -11.21
N ASN B 203 -14.82 -2.87 -11.88
CA ASN B 203 -14.79 -2.78 -13.34
C ASN B 203 -16.05 -3.39 -13.95
N VAL B 204 -17.17 -2.71 -13.69
CA VAL B 204 -18.44 -3.08 -14.33
C VAL B 204 -18.32 -2.63 -15.79
N ILE B 205 -17.98 -3.57 -16.67
CA ILE B 205 -17.74 -3.29 -18.08
C ILE B 205 -19.01 -3.61 -18.85
N THR B 206 -19.76 -2.57 -19.22
CA THR B 206 -20.85 -2.71 -20.17
C THR B 206 -20.24 -2.45 -21.55
N LEU B 207 -19.88 -3.55 -22.23
CA LEU B 207 -19.12 -3.42 -23.47
C LEU B 207 -19.91 -2.66 -24.52
N ASP B 208 -21.20 -2.97 -24.66
CA ASP B 208 -22.12 -2.21 -25.50
C ASP B 208 -21.73 -2.22 -26.97
N THR B 209 -20.61 -1.58 -27.29
CA THR B 209 -20.17 -1.44 -28.68
C THR B 209 -20.00 -2.80 -29.33
N SER B 210 -20.55 -2.94 -30.54
CA SER B 210 -20.51 -4.20 -31.26
C SER B 210 -19.14 -4.44 -31.88
N PHE B 211 -18.22 -4.96 -31.06
CA PHE B 211 -16.85 -5.35 -31.47
C PHE B 211 -16.23 -4.39 -32.49
N GLU B 212 -16.18 -3.10 -32.16
CA GLU B 212 -15.51 -2.13 -33.00
C GLU B 212 -13.99 -2.26 -32.97
N ASP B 213 -13.46 -3.10 -32.07
CA ASP B 213 -12.04 -3.40 -31.98
C ASP B 213 -11.21 -2.17 -31.66
N ALA B 214 -11.86 -1.10 -31.17
CA ALA B 214 -11.17 0.12 -30.80
C ALA B 214 -11.34 0.32 -29.31
N LYS B 215 -12.56 0.31 -28.77
CA LYS B 215 -12.74 0.52 -27.34
C LYS B 215 -12.71 -0.80 -26.58
N THR B 216 -13.07 -1.90 -27.24
CA THR B 216 -13.21 -3.19 -26.56
C THR B 216 -11.87 -3.68 -25.99
N GLN B 217 -10.78 -3.46 -26.72
CA GLN B 217 -9.48 -3.92 -26.26
C GLN B 217 -9.08 -3.23 -24.96
N VAL B 218 -9.25 -1.90 -24.90
CA VAL B 218 -8.90 -1.16 -23.70
C VAL B 218 -9.88 -1.50 -22.57
N GLN B 219 -11.15 -1.71 -22.93
CA GLN B 219 -12.15 -2.08 -21.93
C GLN B 219 -11.78 -3.39 -21.25
N LEU B 220 -11.37 -4.39 -22.04
CA LEU B 220 -10.93 -5.66 -21.48
C LEU B 220 -9.64 -5.51 -20.71
N LYS B 221 -8.72 -4.67 -21.20
CA LYS B 221 -7.48 -4.42 -20.47
C LYS B 221 -7.70 -3.67 -19.17
N LYS B 222 -8.85 -3.00 -19.02
CA LYS B 222 -9.17 -2.34 -17.76
C LYS B 222 -9.47 -3.32 -16.64
N ILE B 223 -9.63 -4.60 -16.94
CA ILE B 223 -9.94 -5.63 -15.96
C ILE B 223 -8.64 -6.22 -15.44
N HIS B 224 -8.50 -6.25 -14.11
CA HIS B 224 -7.32 -6.81 -13.46
C HIS B 224 -7.72 -7.76 -12.35
N SER B 225 -8.86 -8.43 -12.49
CA SER B 225 -9.35 -9.37 -11.49
C SER B 225 -8.94 -10.79 -11.88
N SER B 226 -9.46 -11.77 -11.13
CA SER B 226 -9.22 -13.17 -11.44
C SER B 226 -10.49 -13.92 -11.82
N VAL B 227 -11.66 -13.39 -11.51
CA VAL B 227 -12.94 -13.98 -11.89
C VAL B 227 -13.74 -12.95 -12.65
N ILE B 228 -14.29 -13.34 -13.80
CA ILE B 228 -15.03 -12.44 -14.66
C ILE B 228 -16.42 -13.03 -14.88
N LEU B 229 -17.45 -12.28 -14.52
CA LEU B 229 -18.83 -12.67 -14.80
C LEU B 229 -19.23 -12.09 -16.15
N LEU B 230 -19.46 -12.95 -17.12
CA LEU B 230 -19.74 -12.55 -18.50
C LEU B 230 -21.20 -12.81 -18.81
N TYR B 231 -21.91 -11.77 -19.24
CA TYR B 231 -23.31 -11.88 -19.65
C TYR B 231 -23.44 -11.32 -21.06
N CYS B 232 -23.67 -12.20 -22.02
CA CYS B 232 -23.81 -11.81 -23.42
C CYS B 232 -24.32 -13.03 -24.19
N SER B 233 -24.64 -12.81 -25.46
CA SER B 233 -25.08 -13.90 -26.31
C SER B 233 -23.92 -14.85 -26.62
N LYS B 234 -24.28 -16.03 -27.14
CA LYS B 234 -23.27 -17.05 -27.40
C LYS B 234 -22.24 -16.58 -28.42
N ASP B 235 -22.70 -15.93 -29.50
CA ASP B 235 -21.77 -15.41 -30.49
C ASP B 235 -20.95 -14.25 -29.91
N GLU B 236 -21.59 -13.37 -29.16
CA GLU B 236 -20.85 -12.32 -28.47
C GLU B 236 -19.87 -12.91 -27.46
N ALA B 237 -20.26 -14.01 -26.81
CA ALA B 237 -19.35 -14.70 -25.92
C ALA B 237 -18.13 -15.23 -26.66
N VAL B 238 -18.34 -15.80 -27.84
CA VAL B 238 -17.23 -16.29 -28.65
C VAL B 238 -16.29 -15.16 -29.01
N LEU B 239 -16.86 -14.04 -29.46
CA LEU B 239 -16.04 -12.89 -29.85
C LEU B 239 -15.25 -12.36 -28.66
N ILE B 240 -15.90 -12.22 -27.50
CA ILE B 240 -15.25 -11.66 -26.33
C ILE B 240 -14.17 -12.59 -25.80
N LEU B 241 -14.42 -13.90 -25.81
CA LEU B 241 -13.40 -14.84 -25.35
C LEU B 241 -12.22 -14.90 -26.30
N SER B 242 -12.47 -14.80 -27.60
CA SER B 242 -11.37 -14.73 -28.56
C SER B 242 -10.54 -13.47 -28.33
N GLU B 243 -11.20 -12.34 -28.10
CA GLU B 243 -10.47 -11.11 -27.81
C GLU B 243 -9.67 -11.22 -26.52
N ALA B 244 -10.25 -11.87 -25.50
CA ALA B 244 -9.54 -12.05 -24.24
C ALA B 244 -8.31 -12.92 -24.42
N ARG B 245 -8.43 -14.02 -25.16
CA ARG B 245 -7.26 -14.85 -25.46
C ARG B 245 -6.23 -14.09 -26.27
N SER B 246 -6.67 -13.18 -27.13
CA SER B 246 -5.73 -12.28 -27.80
C SER B 246 -5.03 -11.38 -26.80
N LEU B 247 -5.74 -10.92 -25.78
CA LEU B 247 -5.19 -10.02 -24.77
C LEU B 247 -4.61 -10.76 -23.57
N GLY B 248 -4.63 -12.09 -23.57
CA GLY B 248 -4.05 -12.85 -22.47
C GLY B 248 -4.78 -12.71 -21.16
N LEU B 249 -6.12 -12.78 -21.17
CA LEU B 249 -6.92 -12.69 -19.97
C LEU B 249 -7.61 -14.02 -19.64
N THR B 250 -7.11 -15.13 -20.16
CA THR B 250 -7.70 -16.44 -19.94
C THR B 250 -6.65 -17.48 -19.61
N GLY B 251 -5.74 -17.14 -18.69
CA GLY B 251 -4.68 -18.05 -18.30
C GLY B 251 -5.15 -19.10 -17.31
N TYR B 252 -4.17 -19.72 -16.67
CA TYR B 252 -4.47 -20.72 -15.64
C TYR B 252 -5.22 -20.09 -14.47
N ASP B 253 -4.80 -18.89 -14.05
CA ASP B 253 -5.39 -18.25 -12.89
C ASP B 253 -6.74 -17.63 -13.19
N PHE B 254 -6.98 -17.22 -14.44
CA PHE B 254 -8.22 -16.54 -14.77
C PHE B 254 -9.38 -17.52 -14.83
N PHE B 255 -10.51 -17.10 -14.25
CA PHE B 255 -11.72 -17.91 -14.20
C PHE B 255 -12.87 -17.14 -14.84
N TRP B 256 -13.64 -17.81 -15.69
CA TRP B 256 -14.80 -17.23 -16.35
C TRP B 256 -16.05 -17.98 -15.94
N ILE B 257 -17.05 -17.24 -15.46
CA ILE B 257 -18.33 -17.82 -15.08
C ILE B 257 -19.42 -17.16 -15.92
N VAL B 258 -20.22 -17.99 -16.59
CA VAL B 258 -21.24 -17.51 -17.51
C VAL B 258 -22.57 -18.20 -17.21
N PRO B 259 -23.71 -17.58 -17.50
CA PRO B 259 -25.00 -18.24 -17.28
C PRO B 259 -25.31 -19.24 -18.40
N SER B 260 -26.48 -19.86 -18.27
CA SER B 260 -26.89 -20.86 -19.25
C SER B 260 -27.10 -20.26 -20.64
N LEU B 261 -27.30 -18.95 -20.74
CA LEU B 261 -27.46 -18.32 -22.04
C LEU B 261 -26.18 -18.44 -22.86
N VAL B 262 -25.02 -18.24 -22.22
CA VAL B 262 -23.75 -18.35 -22.94
C VAL B 262 -23.47 -19.79 -23.33
N SER B 263 -23.64 -20.73 -22.39
CA SER B 263 -23.36 -22.13 -22.69
C SER B 263 -24.30 -22.66 -23.76
N GLY B 264 -25.58 -22.30 -23.68
CA GLY B 264 -26.55 -22.71 -24.67
C GLY B 264 -26.69 -24.22 -24.74
N ASN B 265 -26.77 -24.73 -25.97
CA ASN B 265 -26.86 -26.16 -26.17
C ASN B 265 -25.56 -26.84 -25.75
N THR B 266 -25.67 -27.87 -24.91
CA THR B 266 -24.49 -28.54 -24.39
C THR B 266 -23.70 -29.23 -25.50
N GLU B 267 -24.39 -29.88 -26.43
CA GLU B 267 -23.70 -30.64 -27.47
C GLU B 267 -22.87 -29.73 -28.36
N LEU B 268 -23.38 -28.55 -28.69
CA LEU B 268 -22.64 -27.61 -29.52
C LEU B 268 -21.61 -26.89 -28.66
N ILE B 269 -20.33 -27.23 -28.86
CA ILE B 269 -19.25 -26.62 -28.10
C ILE B 269 -18.34 -25.86 -29.08
N PRO B 270 -18.47 -24.54 -29.18
CA PRO B 270 -17.70 -23.79 -30.17
C PRO B 270 -16.23 -23.68 -29.78
N LYS B 271 -15.43 -23.27 -30.75
CA LYS B 271 -14.03 -22.96 -30.51
C LYS B 271 -13.92 -21.66 -29.72
N GLU B 272 -12.70 -21.34 -29.30
CA GLU B 272 -12.39 -20.15 -28.51
C GLU B 272 -13.13 -20.14 -27.16
N PHE B 273 -13.58 -21.31 -26.71
CA PHE B 273 -14.18 -21.46 -25.39
C PHE B 273 -13.12 -22.07 -24.46
N PRO B 274 -12.54 -21.30 -23.56
CA PRO B 274 -11.42 -21.82 -22.76
C PRO B 274 -11.88 -22.98 -21.87
N SER B 275 -10.99 -23.95 -21.70
CA SER B 275 -11.26 -25.04 -20.77
C SER B 275 -11.33 -24.49 -19.35
N GLY B 276 -12.16 -25.11 -18.53
CA GLY B 276 -12.45 -24.59 -17.22
C GLY B 276 -13.53 -23.54 -17.18
N LEU B 277 -14.20 -23.27 -18.30
CA LEU B 277 -15.31 -22.33 -18.32
C LEU B 277 -16.45 -22.86 -17.46
N ILE B 278 -16.77 -22.12 -16.40
CA ILE B 278 -17.81 -22.52 -15.46
C ILE B 278 -19.14 -21.93 -15.92
N SER B 279 -20.16 -22.78 -16.03
CA SER B 279 -21.48 -22.34 -16.44
C SER B 279 -22.51 -22.95 -15.50
N VAL B 280 -23.67 -22.30 -15.43
CA VAL B 280 -24.80 -22.78 -14.65
C VAL B 280 -25.93 -23.09 -15.61
N SER B 281 -26.30 -24.37 -15.68
CA SER B 281 -27.27 -24.84 -16.67
C SER B 281 -28.37 -25.64 -15.96
N TYR B 282 -29.50 -25.75 -16.65
CA TYR B 282 -30.62 -26.55 -16.18
C TYR B 282 -30.83 -27.82 -16.97
N ASP B 283 -30.20 -27.97 -18.14
CA ASP B 283 -30.44 -29.12 -19.01
C ASP B 283 -29.78 -30.33 -18.35
N ASP B 284 -30.48 -30.90 -17.38
CA ASP B 284 -29.96 -32.00 -16.59
C ASP B 284 -30.18 -33.31 -17.32
N TRP B 285 -29.10 -34.04 -17.59
CA TRP B 285 -29.21 -35.38 -18.18
C TRP B 285 -29.79 -36.38 -17.20
N ASP B 286 -29.57 -36.19 -15.89
CA ASP B 286 -30.19 -37.06 -14.90
C ASP B 286 -31.69 -36.84 -14.81
N TYR B 287 -32.19 -35.71 -15.30
CA TYR B 287 -33.62 -35.38 -15.27
C TYR B 287 -34.20 -35.76 -16.62
N SER B 288 -34.63 -37.01 -16.73
CA SER B 288 -35.12 -37.53 -18.00
C SER B 288 -36.49 -36.94 -18.35
N LEU B 289 -36.87 -37.11 -19.62
CA LEU B 289 -38.15 -36.57 -20.08
C LEU B 289 -39.32 -37.22 -19.35
N GLU B 290 -39.23 -38.52 -19.10
CA GLU B 290 -40.31 -39.22 -18.39
C GLU B 290 -40.48 -38.67 -16.98
N ALA B 291 -39.37 -38.39 -16.30
CA ALA B 291 -39.46 -37.80 -14.96
C ALA B 291 -40.11 -36.42 -15.00
N ARG B 292 -39.77 -35.62 -16.02
CA ARG B 292 -40.37 -34.29 -16.14
C ARG B 292 -41.87 -34.38 -16.42
N VAL B 293 -42.27 -35.31 -17.29
CA VAL B 293 -43.70 -35.50 -17.56
C VAL B 293 -44.42 -35.97 -16.30
N ARG B 294 -43.79 -36.87 -15.54
CA ARG B 294 -44.35 -37.34 -14.28
C ARG B 294 -44.54 -36.19 -13.31
N ASP B 295 -43.54 -35.31 -13.21
CA ASP B 295 -43.64 -34.17 -12.29
C ASP B 295 -44.73 -33.20 -12.73
N GLY B 296 -44.85 -32.96 -14.04
CA GLY B 296 -45.90 -32.09 -14.53
C GLY B 296 -47.28 -32.64 -14.26
N LEU B 297 -47.49 -33.93 -14.53
CA LEU B 297 -48.77 -34.55 -14.23
C LEU B 297 -49.04 -34.51 -12.74
N GLY B 298 -48.01 -34.71 -11.91
CA GLY B 298 -48.20 -34.67 -10.47
C GLY B 298 -48.61 -33.30 -9.98
N ILE B 299 -47.96 -32.24 -10.46
CA ILE B 299 -48.30 -30.89 -10.00
C ILE B 299 -49.70 -30.53 -10.47
N LEU B 300 -50.06 -30.88 -11.71
CA LEU B 300 -51.41 -30.60 -12.18
C LEU B 300 -52.46 -31.33 -11.36
N THR B 301 -52.22 -32.61 -11.05
CA THR B 301 -53.19 -33.37 -10.26
C THR B 301 -53.27 -32.86 -8.84
N THR B 302 -52.14 -32.42 -8.26
CA THR B 302 -52.17 -31.87 -6.92
C THR B 302 -52.94 -30.56 -6.88
N ALA B 303 -52.78 -29.73 -7.91
CA ALA B 303 -53.58 -28.51 -8.00
C ALA B 303 -55.06 -28.84 -8.15
N ALA B 304 -55.38 -29.89 -8.93
CA ALA B 304 -56.77 -30.32 -9.06
C ALA B 304 -57.32 -30.77 -7.71
N SER B 305 -56.53 -31.51 -6.94
CA SER B 305 -56.98 -31.94 -5.62
C SER B 305 -57.17 -30.77 -4.67
N SER B 306 -56.27 -29.78 -4.75
CA SER B 306 -56.42 -28.58 -3.92
C SER B 306 -57.69 -27.83 -4.28
N MET B 307 -58.02 -27.76 -5.57
CA MET B 307 -59.30 -27.18 -5.96
C MET B 307 -60.47 -28.01 -5.45
N LEU B 308 -60.35 -29.35 -5.52
CA LEU B 308 -61.42 -30.23 -5.06
C LEU B 308 -61.70 -30.01 -3.58
N GLU B 309 -60.66 -29.79 -2.79
CA GLU B 309 -60.85 -29.59 -1.35
C GLU B 309 -61.73 -28.37 -1.07
N LYS B 310 -61.56 -27.30 -1.84
CA LYS B 310 -62.30 -26.06 -1.59
C LYS B 310 -63.65 -26.04 -2.28
N PHE B 311 -63.72 -26.35 -3.57
CA PHE B 311 -64.95 -26.23 -4.34
C PHE B 311 -65.24 -27.55 -5.04
N SER B 312 -66.42 -27.60 -5.68
CA SER B 312 -66.82 -28.75 -6.47
C SER B 312 -66.93 -28.45 -7.96
N TYR B 313 -67.05 -27.18 -8.34
CA TYR B 313 -67.10 -26.78 -9.75
C TYR B 313 -65.67 -26.69 -10.29
N ILE B 314 -65.00 -27.83 -10.28
CA ILE B 314 -63.59 -27.91 -10.64
C ILE B 314 -63.43 -27.99 -12.17
N PRO B 315 -64.24 -28.78 -12.90
CA PRO B 315 -64.08 -28.81 -14.37
C PRO B 315 -64.44 -27.50 -15.04
N GLU B 316 -63.59 -26.48 -14.91
CA GLU B 316 -63.81 -25.23 -15.62
C GLU B 316 -63.12 -25.30 -16.98
N ALA B 317 -63.90 -25.50 -18.03
CA ALA B 317 -63.38 -25.62 -19.39
C ALA B 317 -64.05 -24.59 -20.28
N LYS B 318 -63.26 -23.94 -21.14
CA LYS B 318 -63.79 -22.98 -22.09
C LYS B 318 -64.67 -23.68 -23.11
N ALA B 319 -65.59 -22.91 -23.70
CA ALA B 319 -66.58 -23.50 -24.59
C ALA B 319 -65.94 -24.04 -25.86
N SER B 320 -65.12 -23.23 -26.54
CA SER B 320 -64.58 -23.63 -27.82
C SER B 320 -63.29 -22.89 -28.18
N CYS B 321 -62.89 -23.00 -29.45
CA CYS B 321 -61.64 -22.43 -29.94
C CYS B 321 -61.84 -21.06 -30.58
N TYR B 322 -63.07 -20.69 -30.91
CA TYR B 322 -63.33 -19.44 -31.62
C TYR B 322 -64.56 -18.76 -31.03
N GLY B 323 -64.76 -17.51 -31.42
CA GLY B 323 -65.94 -16.76 -31.02
C GLY B 323 -65.85 -16.08 -29.68
N GLN B 324 -64.86 -15.19 -29.50
CA GLN B 324 -64.76 -14.43 -28.26
C GLN B 324 -65.78 -13.30 -28.21
N ALA B 325 -66.10 -12.71 -29.37
CA ALA B 325 -67.08 -11.62 -29.40
C ALA B 325 -68.47 -12.11 -29.00
N GLU B 326 -68.75 -13.39 -29.22
CA GLU B 326 -70.05 -13.97 -28.88
C GLU B 326 -70.06 -14.62 -27.49
N LYS B 327 -68.92 -14.70 -26.82
CA LYS B 327 -68.84 -15.39 -25.53
C LYS B 327 -68.13 -14.52 -24.50
N PRO B 328 -68.79 -14.16 -23.40
CA PRO B 328 -68.12 -13.38 -22.37
C PRO B 328 -67.13 -14.23 -21.58
N GLU B 329 -66.18 -13.54 -20.95
CA GLU B 329 -65.16 -14.22 -20.16
C GLU B 329 -65.77 -14.85 -18.92
N THR B 330 -65.28 -16.02 -18.55
CA THR B 330 -65.66 -16.70 -17.31
C THR B 330 -64.41 -17.14 -16.55
N PRO B 331 -63.59 -16.20 -16.05
CA PRO B 331 -62.44 -16.55 -15.21
C PRO B 331 -62.80 -16.62 -13.74
N LEU B 332 -63.81 -17.42 -13.42
CA LEU B 332 -64.35 -17.44 -12.05
C LEU B 332 -63.39 -18.16 -11.10
N HIS B 333 -63.11 -19.43 -11.35
CA HIS B 333 -62.21 -20.22 -10.53
C HIS B 333 -61.13 -20.83 -11.41
N THR B 334 -59.88 -20.68 -10.98
CA THR B 334 -58.74 -21.20 -11.74
C THR B 334 -57.77 -21.86 -10.77
N LEU B 335 -56.82 -22.60 -11.33
CA LEU B 335 -55.79 -23.30 -10.58
C LEU B 335 -54.54 -22.45 -10.38
N HIS B 336 -54.61 -21.16 -10.71
CA HIS B 336 -53.44 -20.29 -10.57
C HIS B 336 -53.02 -20.13 -9.11
N GLN B 337 -53.99 -19.97 -8.20
CA GLN B 337 -53.71 -19.62 -6.83
C GLN B 337 -53.40 -20.81 -5.94
N PHE B 338 -53.53 -22.04 -6.45
CA PHE B 338 -53.42 -23.24 -5.62
C PHE B 338 -52.06 -23.93 -5.74
N MET B 339 -51.48 -24.00 -6.93
CA MET B 339 -50.23 -24.70 -7.13
C MET B 339 -49.01 -23.80 -6.97
N VAL B 340 -49.21 -22.56 -6.50
CA VAL B 340 -48.08 -21.76 -6.06
C VAL B 340 -47.45 -22.37 -4.82
N ASN B 341 -48.26 -23.02 -3.98
CA ASN B 341 -47.80 -23.71 -2.79
C ASN B 341 -48.23 -25.17 -2.93
N VAL B 342 -47.27 -26.09 -3.06
CA VAL B 342 -47.58 -27.47 -3.39
C VAL B 342 -46.37 -28.34 -3.06
N THR B 343 -46.64 -29.55 -2.59
CA THR B 343 -45.62 -30.57 -2.38
C THR B 343 -46.12 -31.88 -2.98
N TRP B 344 -45.27 -32.53 -3.77
CA TRP B 344 -45.66 -33.75 -4.48
C TRP B 344 -44.52 -34.75 -4.45
N ASP B 345 -44.85 -36.02 -4.19
CA ASP B 345 -43.88 -37.12 -4.18
C ASP B 345 -42.73 -36.87 -3.22
N GLY B 346 -43.02 -36.21 -2.10
CA GLY B 346 -42.03 -35.96 -1.07
C GLY B 346 -41.08 -34.82 -1.36
N LYS B 347 -41.24 -34.13 -2.49
CA LYS B 347 -40.39 -33.00 -2.85
C LYS B 347 -41.25 -31.79 -3.14
N ASP B 348 -40.73 -30.61 -2.79
CA ASP B 348 -41.47 -29.37 -2.94
C ASP B 348 -41.30 -28.86 -4.37
N LEU B 349 -42.42 -28.72 -5.08
CA LEU B 349 -42.43 -28.22 -6.45
C LEU B 349 -43.16 -26.90 -6.57
N SER B 350 -43.13 -26.08 -5.52
CA SER B 350 -43.86 -24.82 -5.51
C SER B 350 -43.31 -23.86 -6.56
N PHE B 351 -44.19 -23.06 -7.14
CA PHE B 351 -43.82 -22.04 -8.10
C PHE B 351 -43.84 -20.66 -7.47
N THR B 352 -43.41 -19.68 -8.24
CA THR B 352 -43.46 -18.28 -7.84
C THR B 352 -44.59 -17.57 -8.57
N GLU B 353 -44.82 -16.31 -8.21
CA GLU B 353 -45.85 -15.52 -8.86
C GLU B 353 -45.51 -15.16 -10.29
N GLU B 354 -44.23 -15.29 -10.69
CA GLU B 354 -43.80 -14.96 -12.04
C GLU B 354 -43.60 -16.18 -12.92
N GLY B 355 -43.90 -17.38 -12.42
CA GLY B 355 -43.76 -18.58 -13.21
C GLY B 355 -42.44 -19.31 -13.06
N TYR B 356 -41.65 -18.98 -12.04
CA TYR B 356 -40.39 -19.67 -11.78
C TYR B 356 -40.61 -20.79 -10.77
N GLN B 357 -39.61 -21.67 -10.68
CA GLN B 357 -39.59 -22.69 -9.64
C GLN B 357 -38.86 -22.16 -8.41
N VAL B 358 -39.42 -22.44 -7.24
CA VAL B 358 -38.77 -22.01 -6.01
C VAL B 358 -37.56 -22.87 -5.68
N HIS B 359 -37.54 -24.12 -6.13
CA HIS B 359 -36.39 -25.02 -5.94
C HIS B 359 -36.05 -25.67 -7.27
N PRO B 360 -35.51 -24.90 -8.22
CA PRO B 360 -35.14 -25.47 -9.51
C PRO B 360 -33.89 -26.33 -9.39
N ARG B 361 -33.78 -27.29 -10.31
CA ARG B 361 -32.68 -28.25 -10.30
C ARG B 361 -31.52 -27.74 -11.15
N LEU B 362 -30.78 -26.79 -10.57
CA LEU B 362 -29.63 -26.22 -11.27
C LEU B 362 -28.44 -27.17 -11.21
N VAL B 363 -27.55 -27.02 -12.19
CA VAL B 363 -26.34 -27.80 -12.30
C VAL B 363 -25.19 -26.87 -12.66
N VAL B 364 -24.05 -27.07 -12.01
CA VAL B 364 -22.83 -26.32 -12.28
C VAL B 364 -21.94 -27.20 -13.14
N ILE B 365 -21.71 -26.77 -14.38
CA ILE B 365 -20.94 -27.54 -15.35
C ILE B 365 -19.66 -26.79 -15.67
N VAL B 366 -18.66 -27.54 -16.14
CA VAL B 366 -17.37 -26.99 -16.50
C VAL B 366 -16.95 -27.58 -17.84
N LEU B 367 -16.08 -26.86 -18.55
CA LEU B 367 -15.52 -27.31 -19.81
C LEU B 367 -14.13 -27.87 -19.53
N ASN B 368 -13.99 -29.19 -19.59
CA ASN B 368 -12.75 -29.85 -19.20
C ASN B 368 -11.74 -29.75 -20.34
N LYS B 369 -10.60 -30.43 -20.19
CA LYS B 369 -9.56 -30.41 -21.21
C LYS B 369 -9.93 -31.18 -22.46
N ASP B 370 -11.02 -31.95 -22.43
CA ASP B 370 -11.47 -32.73 -23.58
C ASP B 370 -12.49 -31.97 -24.43
N ARG B 371 -12.71 -30.69 -24.14
CA ARG B 371 -13.73 -29.88 -24.82
C ARG B 371 -15.10 -30.53 -24.67
N GLU B 372 -15.50 -30.77 -23.43
CA GLU B 372 -16.77 -31.40 -23.11
C GLU B 372 -17.31 -30.80 -21.82
N TRP B 373 -18.63 -30.83 -21.67
CA TRP B 373 -19.28 -30.25 -20.50
C TRP B 373 -19.46 -31.32 -19.43
N GLU B 374 -18.87 -31.12 -18.27
CA GLU B 374 -18.89 -32.08 -17.18
C GLU B 374 -19.65 -31.52 -15.99
N LYS B 375 -20.38 -32.41 -15.31
CA LYS B 375 -21.16 -32.05 -14.14
C LYS B 375 -20.23 -31.90 -12.94
N VAL B 376 -20.20 -30.71 -12.36
CA VAL B 376 -19.31 -30.41 -11.24
C VAL B 376 -20.10 -30.20 -9.94
N GLY B 377 -21.18 -29.42 -10.00
CA GLY B 377 -21.93 -29.10 -8.80
C GLY B 377 -23.43 -29.22 -9.03
N LYS B 378 -24.16 -29.24 -7.93
CA LYS B 378 -25.61 -29.40 -7.98
C LYS B 378 -26.26 -28.45 -6.98
N TRP B 379 -27.44 -27.96 -7.35
CA TRP B 379 -28.24 -27.08 -6.49
C TRP B 379 -29.16 -27.96 -5.66
N GLU B 380 -28.77 -28.23 -4.41
CA GLU B 380 -29.52 -29.10 -3.52
C GLU B 380 -30.20 -28.24 -2.46
N ASN B 381 -31.50 -28.42 -2.29
CA ASN B 381 -32.31 -27.56 -1.44
C ASN B 381 -32.14 -26.12 -1.88
N GLN B 382 -31.58 -25.27 -1.01
CA GLN B 382 -31.21 -23.91 -1.36
C GLN B 382 -29.72 -23.67 -1.24
N THR B 383 -28.93 -24.73 -1.08
CA THR B 383 -27.48 -24.65 -1.03
C THR B 383 -26.88 -25.34 -2.25
N LEU B 384 -25.55 -25.35 -2.32
CA LEU B 384 -24.82 -25.89 -3.45
C LEU B 384 -23.89 -27.00 -2.96
N SER B 385 -23.95 -28.15 -3.63
CA SER B 385 -23.09 -29.29 -3.34
C SER B 385 -22.06 -29.40 -4.45
N LEU B 386 -20.78 -29.35 -4.09
CA LEU B 386 -19.68 -29.36 -5.04
C LEU B 386 -18.97 -30.71 -4.98
N ARG B 387 -18.64 -31.25 -6.16
CA ARG B 387 -17.90 -32.50 -6.22
C ARG B 387 -16.45 -32.32 -5.82
N HIS B 388 -15.87 -31.16 -6.15
CA HIS B 388 -14.46 -30.87 -5.89
C HIS B 388 -14.36 -29.88 -4.75
N ALA B 389 -13.85 -30.34 -3.60
CA ALA B 389 -13.66 -29.44 -2.46
C ALA B 389 -12.68 -28.33 -2.78
N VAL B 390 -11.56 -28.68 -3.40
CA VAL B 390 -10.60 -27.72 -3.92
C VAL B 390 -10.75 -27.67 -5.42
N TRP B 391 -10.55 -26.50 -6.01
CA TRP B 391 -10.82 -26.32 -7.43
C TRP B 391 -9.72 -26.92 -8.27
N PRO B 392 -9.97 -27.94 -9.08
CA PRO B 392 -8.96 -28.41 -10.03
C PRO B 392 -8.73 -27.36 -11.11
N ARG B 393 -7.49 -27.30 -11.60
CA ARG B 393 -7.11 -26.31 -12.59
C ARG B 393 -7.01 -26.97 -13.96
N TYR B 394 -7.58 -26.31 -14.97
CA TYR B 394 -7.75 -26.88 -16.30
C TYR B 394 -6.87 -26.14 -17.30
N LYS B 395 -6.38 -26.86 -18.30
CA LYS B 395 -5.54 -26.30 -19.34
C LYS B 395 -6.38 -25.46 -20.30
N SER B 396 -6.46 -24.15 -20.04
CA SER B 396 -7.35 -23.26 -20.79
C SER B 396 -7.00 -23.17 -22.27
N PHE B 397 -5.81 -22.64 -22.59
CA PHE B 397 -5.42 -22.47 -23.98
C PHE B 397 -5.25 -23.82 -24.68
N SER B 398 -4.72 -24.80 -23.96
CA SER B 398 -4.33 -26.11 -24.49
C SER B 398 -3.21 -25.99 -25.52
N ASP B 399 -2.48 -24.88 -25.53
CA ASP B 399 -1.41 -24.69 -26.50
C ASP B 399 -0.07 -24.26 -25.89
N CYS B 400 -0.10 -23.51 -24.79
CA CYS B 400 1.14 -23.09 -24.14
C CYS B 400 0.83 -22.58 -22.74
N GLU B 401 1.86 -22.03 -22.09
CA GLU B 401 1.82 -21.38 -20.79
C GLU B 401 1.34 -22.33 -19.69
N PRO B 402 2.16 -23.29 -19.29
CA PRO B 402 1.81 -24.14 -18.14
C PRO B 402 1.89 -23.35 -16.84
N ASP B 403 1.24 -23.90 -15.81
CA ASP B 403 1.14 -23.23 -14.52
C ASP B 403 2.40 -23.43 -13.70
N ASP B 404 2.97 -22.31 -13.22
CA ASP B 404 4.14 -22.34 -12.35
C ASP B 404 4.00 -21.47 -11.11
N ASN B 405 3.09 -20.51 -11.09
CA ASN B 405 2.92 -19.61 -9.96
C ASN B 405 1.90 -20.11 -8.94
N HIS B 406 1.49 -21.38 -9.03
CA HIS B 406 0.60 -21.99 -8.06
C HIS B 406 1.39 -23.02 -7.26
N LEU B 407 1.37 -22.87 -5.94
CA LEU B 407 2.19 -23.66 -5.05
C LEU B 407 1.33 -24.51 -4.12
N SER B 408 1.78 -25.74 -3.87
CA SER B 408 1.18 -26.62 -2.88
C SER B 408 1.99 -26.47 -1.59
N ILE B 409 1.34 -25.92 -0.56
CA ILE B 409 2.03 -25.55 0.68
C ILE B 409 1.43 -26.35 1.83
N VAL B 410 2.29 -27.00 2.60
CA VAL B 410 1.89 -27.76 3.77
C VAL B 410 2.29 -26.99 5.01
N THR B 411 1.53 -27.18 6.09
CA THR B 411 1.80 -26.52 7.35
C THR B 411 1.29 -27.39 8.49
N LEU B 412 1.43 -26.90 9.72
CA LEU B 412 1.08 -27.68 10.89
C LEU B 412 0.60 -26.75 11.99
N GLU B 413 -0.21 -27.30 12.90
CA GLU B 413 -0.82 -26.54 13.98
C GLU B 413 0.19 -26.32 15.10
N GLU B 414 0.61 -25.07 15.28
CA GLU B 414 1.44 -24.68 16.41
C GLU B 414 0.87 -23.39 16.99
N ALA B 415 0.92 -23.29 18.32
CA ALA B 415 0.08 -22.32 19.03
C ALA B 415 0.30 -20.88 18.59
N PRO B 416 1.53 -20.33 18.53
CA PRO B 416 1.65 -18.90 18.20
C PRO B 416 1.81 -18.63 16.71
N PHE B 417 2.14 -19.66 15.94
CA PHE B 417 2.51 -19.47 14.54
C PHE B 417 1.41 -19.87 13.56
N VAL B 418 0.71 -20.97 13.80
CA VAL B 418 -0.41 -21.38 12.97
C VAL B 418 -1.60 -21.71 13.85
N ILE B 419 -2.60 -20.84 13.85
CA ILE B 419 -3.83 -21.03 14.60
C ILE B 419 -4.92 -21.45 13.62
N VAL B 420 -5.57 -22.57 13.93
CA VAL B 420 -6.63 -23.13 13.10
C VAL B 420 -7.95 -22.94 13.82
N GLU B 421 -8.93 -22.36 13.13
CA GLU B 421 -10.27 -22.19 13.66
C GLU B 421 -11.28 -22.78 12.68
N ASP B 422 -12.43 -23.18 13.23
CA ASP B 422 -13.47 -23.76 12.39
C ASP B 422 -14.11 -22.71 11.51
N ILE B 423 -14.63 -23.14 10.36
CA ILE B 423 -15.27 -22.22 9.43
C ILE B 423 -16.54 -21.67 10.06
N ASP B 424 -16.81 -20.39 9.80
CA ASP B 424 -17.97 -19.73 10.39
C ASP B 424 -19.26 -20.31 9.84
N PRO B 425 -20.15 -20.83 10.69
CA PRO B 425 -21.45 -21.32 10.17
C PRO B 425 -22.28 -20.24 9.52
N LEU B 426 -22.19 -18.99 9.99
CA LEU B 426 -23.05 -17.94 9.47
C LEU B 426 -22.66 -17.53 8.06
N THR B 427 -21.35 -17.45 7.78
CA THR B 427 -20.88 -16.96 6.49
C THR B 427 -20.29 -18.04 5.61
N GLU B 428 -19.72 -19.10 6.20
CA GLU B 428 -19.01 -20.16 5.46
C GLU B 428 -17.79 -19.62 4.72
N THR B 429 -17.32 -18.44 5.12
CA THR B 429 -16.11 -17.85 4.57
C THR B 429 -15.18 -17.45 5.72
N CYS B 430 -13.88 -17.46 5.44
CA CYS B 430 -12.90 -17.06 6.42
C CYS B 430 -13.00 -15.56 6.72
N VAL B 431 -12.70 -15.20 7.97
CA VAL B 431 -12.73 -13.81 8.41
C VAL B 431 -11.56 -13.07 7.77
N ARG B 432 -11.57 -11.74 7.90
CA ARG B 432 -10.59 -10.90 7.20
C ARG B 432 -9.17 -11.24 7.61
N ASN B 433 -8.96 -11.79 8.81
CA ASN B 433 -7.62 -12.03 9.31
C ASN B 433 -7.07 -13.40 8.95
N THR B 434 -7.92 -14.36 8.60
CA THR B 434 -7.49 -15.71 8.31
C THR B 434 -7.56 -15.99 6.82
N VAL B 435 -6.99 -17.13 6.42
CA VAL B 435 -7.00 -17.57 5.03
C VAL B 435 -7.55 -18.99 4.98
N PRO B 436 -8.18 -19.41 3.89
CA PRO B 436 -8.66 -20.80 3.82
C PRO B 436 -7.51 -21.78 3.89
N CYS B 437 -7.75 -22.91 4.56
CA CYS B 437 -6.74 -23.96 4.64
C CYS B 437 -7.46 -25.30 4.83
N ARG B 438 -7.15 -26.26 3.98
CA ARG B 438 -7.86 -27.53 4.04
C ARG B 438 -7.14 -28.52 4.94
N LYS B 439 -7.90 -29.49 5.44
CA LYS B 439 -7.34 -30.56 6.27
C LYS B 439 -8.12 -31.82 6.00
N PHE B 440 -7.42 -32.91 5.68
CA PHE B 440 -8.08 -34.18 5.43
C PHE B 440 -8.43 -34.84 6.75
N VAL B 441 -9.73 -35.00 7.02
CA VAL B 441 -10.21 -35.63 8.24
C VAL B 441 -10.85 -36.95 7.87
N LYS B 442 -10.36 -38.03 8.48
CA LYS B 442 -10.89 -39.35 8.22
C LYS B 442 -12.30 -39.48 8.77
N ILE B 443 -13.11 -40.33 8.14
CA ILE B 443 -14.45 -40.61 8.65
C ILE B 443 -14.36 -41.27 10.01
N ASN B 444 -13.54 -42.32 10.12
CA ASN B 444 -13.30 -42.99 11.38
C ASN B 444 -11.93 -43.66 11.36
N ASN B 445 -11.72 -44.55 12.34
CA ASN B 445 -10.45 -45.24 12.49
C ASN B 445 -10.25 -46.28 11.39
N SER B 446 -11.15 -47.27 11.32
CA SER B 446 -10.96 -48.40 10.43
C SER B 446 -11.00 -47.98 8.97
N THR B 447 -11.94 -47.10 8.62
CA THR B 447 -12.10 -46.70 7.23
C THR B 447 -10.96 -45.81 6.78
N ASN B 448 -10.68 -45.84 5.47
CA ASN B 448 -9.70 -44.97 4.84
C ASN B 448 -10.32 -43.75 4.20
N GLU B 449 -11.65 -43.63 4.25
CA GLU B 449 -12.34 -42.53 3.62
C GLU B 449 -12.34 -41.31 4.52
N GLY B 450 -12.24 -40.13 3.91
CA GLY B 450 -12.23 -38.89 4.64
C GLY B 450 -12.67 -37.75 3.74
N MET B 451 -12.78 -36.57 4.35
CA MET B 451 -13.21 -35.38 3.62
C MET B 451 -12.32 -34.20 3.97
N ASN B 452 -12.21 -33.26 3.03
CA ASN B 452 -11.34 -32.10 3.16
C ASN B 452 -12.08 -30.98 3.87
N VAL B 453 -11.95 -30.95 5.20
CA VAL B 453 -12.59 -29.89 5.97
C VAL B 453 -11.84 -28.59 5.72
N LYS B 454 -12.57 -27.54 5.38
CA LYS B 454 -11.99 -26.22 5.14
C LYS B 454 -12.01 -25.46 6.45
N LYS B 455 -10.84 -25.25 7.05
CA LYS B 455 -10.69 -24.45 8.24
C LYS B 455 -10.11 -23.09 7.87
N CYS B 456 -10.03 -22.20 8.86
CA CYS B 456 -9.46 -20.88 8.68
C CYS B 456 -8.14 -20.83 9.43
N CYS B 457 -7.05 -20.55 8.71
CA CYS B 457 -5.71 -20.57 9.26
C CYS B 457 -5.18 -19.15 9.36
N LYS B 458 -4.66 -18.80 10.53
CA LYS B 458 -4.06 -17.49 10.77
C LYS B 458 -2.79 -17.67 11.58
N GLY B 459 -2.16 -16.57 11.94
CA GLY B 459 -1.02 -16.59 12.83
C GLY B 459 0.19 -15.90 12.23
N PHE B 460 1.31 -16.02 12.94
CA PHE B 460 2.56 -15.39 12.52
C PHE B 460 3.04 -15.94 11.19
N CYS B 461 3.14 -17.27 11.09
CA CYS B 461 3.61 -17.89 9.86
C CYS B 461 2.64 -17.63 8.71
N ILE B 462 1.34 -17.55 9.01
CA ILE B 462 0.37 -17.29 7.95
C ILE B 462 0.51 -15.87 7.43
N ASP B 463 0.77 -14.90 8.31
CA ASP B 463 1.03 -13.54 7.86
C ASP B 463 2.31 -13.47 7.04
N ILE B 464 3.34 -14.21 7.45
CA ILE B 464 4.57 -14.28 6.67
C ILE B 464 4.28 -14.85 5.28
N LEU B 465 3.47 -15.91 5.21
CA LEU B 465 3.11 -16.50 3.93
C LEU B 465 2.32 -15.54 3.07
N LYS B 466 1.40 -14.78 3.67
CA LYS B 466 0.63 -13.79 2.91
C LYS B 466 1.55 -12.73 2.32
N LYS B 467 2.50 -12.24 3.11
CA LYS B 467 3.45 -11.25 2.58
C LYS B 467 4.32 -11.86 1.49
N LEU B 468 4.71 -13.13 1.64
CA LEU B 468 5.51 -13.79 0.62
C LEU B 468 4.73 -13.92 -0.68
N SER B 469 3.45 -14.29 -0.59
CA SER B 469 2.62 -14.38 -1.79
C SER B 469 2.42 -13.01 -2.43
N ARG B 470 2.30 -11.98 -1.60
CA ARG B 470 2.14 -10.63 -2.13
C ARG B 470 3.39 -10.18 -2.89
N THR B 471 4.56 -10.46 -2.33
CA THR B 471 5.80 -9.96 -2.92
C THR B 471 6.28 -10.83 -4.08
N VAL B 472 6.50 -12.12 -3.83
CA VAL B 472 6.93 -13.04 -4.88
C VAL B 472 5.87 -13.25 -5.95
N LYS B 473 4.62 -12.87 -5.67
CA LYS B 473 3.51 -12.93 -6.63
C LYS B 473 3.28 -14.37 -7.10
N PHE B 474 2.87 -15.20 -6.14
CA PHE B 474 2.42 -16.56 -6.44
C PHE B 474 1.07 -16.79 -5.78
N THR B 475 0.48 -17.94 -6.07
CA THR B 475 -0.76 -18.38 -5.44
C THR B 475 -0.54 -19.74 -4.81
N TYR B 476 -1.33 -20.05 -3.79
CA TYR B 476 -1.12 -21.26 -3.00
C TYR B 476 -2.45 -21.89 -2.62
N ASP B 477 -2.41 -23.19 -2.32
CA ASP B 477 -3.51 -23.91 -1.70
C ASP B 477 -2.98 -24.49 -0.38
N LEU B 478 -3.03 -23.66 0.66
CA LEU B 478 -2.50 -24.07 1.96
C LEU B 478 -3.31 -25.21 2.54
N TYR B 479 -2.62 -26.16 3.16
CA TYR B 479 -3.29 -27.29 3.79
C TYR B 479 -2.44 -27.81 4.95
N LEU B 480 -3.11 -28.53 5.85
CA LEU B 480 -2.47 -29.06 7.05
C LEU B 480 -2.02 -30.49 6.83
N VAL B 481 -0.89 -30.85 7.44
CA VAL B 481 -0.39 -32.21 7.33
C VAL B 481 -1.16 -33.12 8.28
N THR B 482 -1.16 -34.42 7.96
CA THR B 482 -1.88 -35.41 8.75
C THR B 482 -1.03 -36.61 9.16
N ASN B 483 0.10 -36.86 8.49
CA ASN B 483 0.90 -38.04 8.83
C ASN B 483 1.49 -37.91 10.23
N GLY B 484 2.01 -36.74 10.58
CA GLY B 484 2.61 -36.57 11.89
C GLY B 484 3.03 -35.14 12.15
N LYS B 485 4.09 -35.01 12.95
CA LYS B 485 4.62 -33.72 13.36
C LYS B 485 5.50 -33.12 12.27
N HIS B 486 6.27 -32.09 12.62
CA HIS B 486 7.10 -31.36 11.67
C HIS B 486 7.91 -32.28 10.76
N GLY B 487 8.75 -33.12 11.33
CA GLY B 487 9.53 -34.04 10.52
C GLY B 487 10.26 -35.05 11.39
N LYS B 488 10.46 -36.22 10.81
CA LYS B 488 11.19 -37.31 11.47
C LYS B 488 11.45 -38.40 10.45
N LYS B 489 12.61 -39.04 10.57
CA LYS B 489 13.01 -40.13 9.70
C LYS B 489 12.87 -41.46 10.44
N VAL B 490 12.01 -42.32 9.92
CA VAL B 490 11.84 -43.68 10.44
C VAL B 490 12.06 -44.65 9.29
N ASN B 491 12.96 -45.61 9.50
CA ASN B 491 13.30 -46.61 8.47
C ASN B 491 13.71 -45.93 7.16
N ASN B 492 14.50 -44.87 7.28
CA ASN B 492 14.98 -44.08 6.15
C ASN B 492 13.84 -43.48 5.32
N VAL B 493 12.71 -43.20 5.96
CA VAL B 493 11.57 -42.57 5.30
C VAL B 493 11.13 -41.37 6.15
N TRP B 494 10.97 -40.22 5.50
CA TRP B 494 10.60 -39.00 6.19
C TRP B 494 9.08 -38.89 6.30
N ASN B 495 8.63 -38.39 7.44
CA ASN B 495 7.21 -38.15 7.67
C ASN B 495 6.99 -36.70 8.07
N GLY B 496 5.74 -36.28 8.01
CA GLY B 496 5.43 -34.90 8.37
C GLY B 496 5.66 -33.92 7.23
N MET B 497 5.91 -32.67 7.61
CA MET B 497 6.13 -31.62 6.62
C MET B 497 7.37 -31.91 5.77
N ILE B 498 8.43 -32.42 6.40
CA ILE B 498 9.62 -32.81 5.65
C ILE B 498 9.28 -33.91 4.66
N GLY B 499 8.46 -34.88 5.08
CA GLY B 499 8.04 -35.92 4.18
C GLY B 499 7.24 -35.40 3.00
N GLU B 500 6.34 -34.44 3.27
CA GLU B 500 5.56 -33.84 2.18
C GLU B 500 6.44 -33.09 1.21
N VAL B 501 7.43 -32.36 1.72
CA VAL B 501 8.30 -31.56 0.84
C VAL B 501 9.21 -32.47 0.03
N VAL B 502 9.79 -33.49 0.66
CA VAL B 502 10.73 -34.37 -0.03
C VAL B 502 10.04 -35.13 -1.15
N TYR B 503 8.84 -35.65 -0.89
CA TYR B 503 8.14 -36.49 -1.85
C TYR B 503 7.30 -35.68 -2.84
N GLN B 504 7.64 -34.41 -3.03
CA GLN B 504 7.06 -33.53 -4.06
C GLN B 504 5.55 -33.35 -3.92
N ARG B 505 4.98 -33.74 -2.78
CA ARG B 505 3.55 -33.47 -2.57
C ARG B 505 3.31 -31.99 -2.27
N ALA B 506 4.29 -31.30 -1.70
CA ALA B 506 4.18 -29.89 -1.38
C ALA B 506 5.43 -29.16 -1.88
N VAL B 507 5.22 -27.95 -2.40
CA VAL B 507 6.34 -27.15 -2.86
C VAL B 507 7.18 -26.65 -1.69
N MET B 508 6.54 -26.23 -0.59
CA MET B 508 7.27 -25.71 0.56
C MET B 508 6.42 -25.86 1.80
N ALA B 509 7.08 -25.81 2.95
CA ALA B 509 6.43 -25.81 4.26
C ALA B 509 6.69 -24.49 4.96
N VAL B 510 5.67 -23.99 5.65
CA VAL B 510 5.73 -22.64 6.21
C VAL B 510 5.60 -22.71 7.73
N GLY B 511 5.20 -23.87 8.25
CA GLY B 511 5.00 -24.02 9.68
C GLY B 511 6.26 -23.83 10.51
N SER B 512 6.14 -24.01 11.82
CA SER B 512 7.25 -23.81 12.73
C SER B 512 8.28 -24.93 12.57
N LEU B 513 9.14 -24.80 11.57
CA LEU B 513 10.06 -25.86 11.17
C LEU B 513 11.48 -25.43 11.51
N THR B 514 12.15 -26.21 12.35
CA THR B 514 13.50 -25.89 12.81
C THR B 514 14.53 -26.33 11.78
N ILE B 515 15.62 -25.57 11.68
CA ILE B 515 16.70 -25.83 10.74
C ILE B 515 17.78 -26.62 11.48
N ASN B 516 18.13 -27.79 10.96
CA ASN B 516 19.27 -28.55 11.43
C ASN B 516 19.93 -29.23 10.24
N GLU B 517 20.98 -30.00 10.51
CA GLU B 517 21.80 -30.54 9.43
C GLU B 517 21.08 -31.66 8.67
N GLU B 518 20.45 -32.57 9.40
CA GLU B 518 19.87 -33.75 8.75
C GLU B 518 18.70 -33.38 7.86
N ARG B 519 17.94 -32.34 8.25
CA ARG B 519 16.88 -31.85 7.37
C ARG B 519 17.46 -31.10 6.18
N SER B 520 18.50 -30.29 6.42
CA SER B 520 19.14 -29.57 5.32
C SER B 520 19.77 -30.51 4.30
N GLU B 521 20.08 -31.74 4.70
CA GLU B 521 20.60 -32.71 3.74
C GLU B 521 19.54 -33.14 2.73
N VAL B 522 18.26 -33.05 3.09
CA VAL B 522 17.20 -33.55 2.22
C VAL B 522 16.31 -32.46 1.64
N VAL B 523 16.27 -31.28 2.26
CA VAL B 523 15.48 -30.16 1.75
C VAL B 523 16.35 -28.90 1.76
N ASP B 524 15.86 -27.88 1.05
CA ASP B 524 16.51 -26.58 1.02
C ASP B 524 15.76 -25.63 1.94
N PHE B 525 16.48 -25.03 2.88
CA PHE B 525 15.89 -24.12 3.85
C PHE B 525 16.15 -22.67 3.45
N SER B 526 15.18 -21.82 3.73
CA SER B 526 15.34 -20.39 3.53
C SER B 526 16.10 -19.78 4.71
N VAL B 527 16.31 -18.48 4.66
CA VAL B 527 16.98 -17.83 5.80
C VAL B 527 16.04 -17.87 7.00
N PRO B 528 16.55 -18.03 8.23
CA PRO B 528 15.66 -18.03 9.39
C PRO B 528 14.97 -16.68 9.56
N PHE B 529 13.68 -16.73 9.89
CA PHE B 529 12.91 -15.53 10.17
C PHE B 529 12.51 -15.40 11.63
N VAL B 530 12.88 -16.35 12.47
CA VAL B 530 12.73 -16.23 13.92
C VAL B 530 13.69 -17.20 14.58
N GLU B 531 14.43 -16.69 15.56
CA GLU B 531 15.49 -17.46 16.23
C GLU B 531 14.91 -18.29 17.36
N THR B 532 15.08 -19.62 17.26
CA THR B 532 14.56 -20.54 18.26
C THR B 532 15.65 -21.56 18.57
N GLY B 533 16.21 -21.49 19.77
CA GLY B 533 17.07 -22.55 20.25
C GLY B 533 16.26 -23.62 20.94
N ILE B 534 16.83 -24.24 21.97
CA ILE B 534 16.06 -25.05 22.91
C ILE B 534 16.32 -24.50 24.31
N SER B 535 15.26 -24.36 25.09
CA SER B 535 15.29 -23.72 26.39
C SER B 535 14.56 -24.58 27.40
N VAL B 536 14.61 -24.15 28.66
CA VAL B 536 14.05 -24.90 29.79
C VAL B 536 13.03 -24.03 30.49
N MET B 537 11.86 -24.61 30.76
CA MET B 537 10.77 -23.98 31.48
C MET B 537 10.69 -24.59 32.87
N VAL B 538 10.61 -23.75 33.90
CA VAL B 538 10.49 -24.19 35.28
C VAL B 538 9.39 -23.39 35.94
N SER B 539 9.07 -23.75 37.18
CA SER B 539 8.08 -23.05 37.97
C SER B 539 8.75 -22.01 38.84
N ARG B 540 7.97 -21.04 39.30
CA ARG B 540 8.48 -19.95 40.13
C ARG B 540 9.03 -20.49 41.45
N THR B 601 40.92 9.34 82.67
CA THR B 601 39.71 9.19 81.90
C THR B 601 39.97 8.71 80.47
N ILE B 602 41.23 8.61 80.06
CA ILE B 602 41.53 8.21 78.69
C ILE B 602 41.11 6.76 78.44
N GLY B 603 41.38 5.87 79.39
CA GLY B 603 40.98 4.49 79.25
C GLY B 603 39.49 4.24 79.38
N LYS B 604 38.76 5.18 79.98
CA LYS B 604 37.32 5.06 80.17
C LYS B 604 36.52 5.97 79.25
N ALA B 605 37.17 6.78 78.42
CA ALA B 605 36.44 7.69 77.55
C ALA B 605 35.86 7.00 76.33
N ILE B 606 36.31 5.79 76.01
CA ILE B 606 35.85 5.11 74.80
C ILE B 606 34.38 4.75 74.92
N TRP B 607 33.99 4.13 76.04
CA TRP B 607 32.59 3.76 76.24
C TRP B 607 31.71 5.00 76.30
N LEU B 608 32.19 6.06 76.96
CA LEU B 608 31.41 7.29 77.05
C LEU B 608 31.18 7.89 75.66
N LEU B 609 32.24 7.99 74.86
CA LEU B 609 32.10 8.55 73.52
C LEU B 609 31.17 7.70 72.65
N TRP B 610 31.42 6.40 72.59
CA TRP B 610 30.62 5.49 71.79
C TRP B 610 29.17 5.38 72.25
N GLY B 611 28.88 5.63 73.53
CA GLY B 611 27.51 5.66 73.99
C GLY B 611 26.88 7.01 73.69
N LEU B 612 27.71 8.05 73.63
CA LEU B 612 27.26 9.35 73.19
C LEU B 612 26.99 9.40 71.70
N VAL B 613 27.47 8.40 70.95
CA VAL B 613 27.13 8.33 69.53
C VAL B 613 25.64 8.16 69.34
N PHE B 614 25.03 7.21 70.05
CA PHE B 614 23.64 6.87 69.83
C PHE B 614 22.66 7.62 70.73
N ASN B 615 23.15 8.57 71.54
CA ASN B 615 22.32 9.40 72.42
C ASN B 615 21.44 8.53 73.33
N ASN B 616 22.10 7.56 73.97
CA ASN B 616 21.41 6.67 74.89
C ASN B 616 21.10 7.32 76.22
N SER B 617 21.72 8.45 76.53
CA SER B 617 21.47 9.23 77.74
C SER B 617 21.70 8.37 78.99
N VAL B 618 22.95 7.93 79.15
CA VAL B 618 23.38 7.20 80.34
C VAL B 618 24.41 8.06 81.06
N PRO B 619 24.03 8.77 82.13
CA PRO B 619 25.00 9.65 82.80
C PRO B 619 26.21 8.92 83.35
N VAL B 620 27.40 9.33 82.90
CA VAL B 620 28.64 8.74 83.37
C VAL B 620 29.53 9.82 83.95
N GLN B 621 29.91 10.80 83.13
CA GLN B 621 30.83 11.86 83.54
C GLN B 621 30.67 13.09 82.66
N ASN B 622 31.60 14.03 82.76
CA ASN B 622 31.53 15.26 81.98
C ASN B 622 32.91 15.67 81.48
N PRO B 623 33.03 16.13 80.23
CA PRO B 623 34.34 16.55 79.71
C PRO B 623 34.80 17.85 80.34
N LYS B 624 36.12 18.06 80.30
CA LYS B 624 36.74 19.24 80.87
C LYS B 624 37.35 20.18 79.84
N GLY B 625 37.83 19.66 78.71
CA GLY B 625 38.55 20.49 77.77
C GLY B 625 37.61 21.23 76.84
N THR B 626 37.92 22.51 76.61
CA THR B 626 37.17 23.30 75.63
C THR B 626 37.27 22.68 74.25
N THR B 627 38.49 22.30 73.85
CA THR B 627 38.67 21.55 72.61
C THR B 627 37.96 20.21 72.69
N SER B 628 38.03 19.55 73.85
CA SER B 628 37.30 18.29 74.04
C SER B 628 35.81 18.50 73.89
N LYS B 629 35.27 19.56 74.49
CA LYS B 629 33.84 19.83 74.41
C LYS B 629 33.42 20.12 72.96
N ILE B 630 34.21 20.93 72.25
CA ILE B 630 33.88 21.27 70.87
C ILE B 630 33.90 20.02 70.00
N MET B 631 34.93 19.19 70.16
CA MET B 631 35.03 17.98 69.35
C MET B 631 33.94 16.98 69.72
N VAL B 632 33.53 16.94 71.00
CA VAL B 632 32.42 16.09 71.40
C VAL B 632 31.13 16.55 70.73
N SER B 633 30.87 17.85 70.72
CA SER B 633 29.68 18.36 70.06
C SER B 633 29.71 18.04 68.57
N VAL B 634 30.86 18.26 67.94
CA VAL B 634 30.99 17.98 66.51
C VAL B 634 30.76 16.50 66.23
N TRP B 635 31.31 15.63 67.06
CA TRP B 635 31.20 14.19 66.81
C TRP B 635 29.79 13.69 67.05
N ALA B 636 29.12 14.21 68.09
CA ALA B 636 27.72 13.85 68.30
C ALA B 636 26.82 14.34 67.18
N PHE B 637 27.07 15.55 66.67
CA PHE B 637 26.31 16.03 65.52
C PHE B 637 26.57 15.18 64.29
N PHE B 638 27.83 14.76 64.11
CA PHE B 638 28.13 13.87 63.00
C PHE B 638 27.40 12.55 63.15
N ALA B 639 27.29 12.05 64.38
CA ALA B 639 26.50 10.84 64.62
C ALA B 639 25.04 11.05 64.26
N VAL B 640 24.49 12.21 64.62
CA VAL B 640 23.07 12.48 64.31
C VAL B 640 22.86 12.54 62.81
N ILE B 641 23.72 13.26 62.09
CA ILE B 641 23.53 13.35 60.64
C ILE B 641 23.80 12.00 59.99
N PHE B 642 24.69 11.20 60.56
CA PHE B 642 24.90 9.85 60.05
C PHE B 642 23.65 9.02 60.18
N LEU B 643 22.96 9.12 61.32
CA LEU B 643 21.70 8.42 61.47
C LEU B 643 20.67 8.91 60.45
N ALA B 644 20.59 10.22 60.24
CA ALA B 644 19.65 10.74 59.25
C ALA B 644 19.95 10.20 57.86
N SER B 645 21.23 10.21 57.46
CA SER B 645 21.59 9.70 56.15
C SER B 645 21.35 8.20 56.04
N TYR B 646 21.55 7.45 57.13
CA TYR B 646 21.29 6.02 57.10
C TYR B 646 19.81 5.73 56.92
N THR B 647 18.96 6.48 57.62
CA THR B 647 17.52 6.32 57.44
C THR B 647 17.10 6.66 56.02
N ALA B 648 17.65 7.75 55.47
CA ALA B 648 17.34 8.12 54.11
C ALA B 648 17.79 7.04 53.13
N ASN B 649 18.98 6.48 53.35
CA ASN B 649 19.47 5.42 52.49
C ASN B 649 18.58 4.19 52.55
N LEU B 650 18.12 3.82 53.74
CA LEU B 650 17.21 2.67 53.84
C LEU B 650 15.91 2.94 53.10
N ALA B 651 15.38 4.16 53.22
CA ALA B 651 14.15 4.49 52.51
C ALA B 651 14.35 4.40 51.00
N ALA B 652 15.46 4.95 50.51
CA ALA B 652 15.78 4.88 49.09
C ALA B 652 15.96 3.44 48.63
N PHE B 653 16.61 2.61 49.45
CA PHE B 653 16.80 1.20 49.13
C PHE B 653 15.46 0.49 48.98
N MET B 654 14.58 0.62 49.97
CA MET B 654 13.33 -0.14 49.91
C MET B 654 12.42 0.39 48.81
N ILE B 655 12.42 1.71 48.58
CA ILE B 655 11.58 2.25 47.51
C ILE B 655 12.11 1.81 46.15
N GLN B 656 13.36 1.39 46.07
CA GLN B 656 13.89 0.77 44.87
C GLN B 656 13.44 -0.69 44.80
N GLU B 657 13.10 -1.14 43.59
CA GLU B 657 12.63 -2.50 43.39
C GLU B 657 13.27 -3.08 42.14
N GLU B 658 13.54 -4.40 42.18
CA GLU B 658 14.12 -5.13 41.06
C GLU B 658 13.66 -6.59 41.13
N PHE B 659 14.10 -7.39 40.16
CA PHE B 659 13.65 -8.77 40.00
C PHE B 659 14.86 -9.70 39.86
N VAL B 660 14.60 -10.99 39.95
CA VAL B 660 15.63 -12.01 39.90
C VAL B 660 15.43 -12.88 38.66
N ASP B 661 16.44 -13.70 38.37
CA ASP B 661 16.40 -14.59 37.21
C ASP B 661 17.26 -15.81 37.53
N GLN B 662 17.59 -16.60 36.50
CA GLN B 662 18.46 -17.76 36.67
C GLN B 662 19.03 -18.13 35.29
N VAL B 663 20.24 -18.69 35.31
CA VAL B 663 20.97 -19.02 34.09
C VAL B 663 21.32 -20.51 34.00
N THR B 664 22.13 -21.01 34.92
CA THR B 664 22.46 -22.44 34.93
C THR B 664 22.84 -22.94 33.54
N GLY B 665 22.39 -24.14 33.19
CA GLY B 665 22.69 -24.69 31.88
C GLY B 665 22.31 -26.14 31.78
N LEU B 666 22.09 -26.62 30.55
CA LEU B 666 21.71 -28.02 30.35
C LEU B 666 22.75 -28.97 30.91
N SER B 667 24.00 -28.52 31.00
CA SER B 667 25.07 -29.38 31.48
C SER B 667 25.19 -29.39 32.99
N ASP B 668 24.28 -28.71 33.69
CA ASP B 668 24.30 -28.72 35.14
C ASP B 668 24.35 -30.16 35.67
N LYS B 669 24.84 -30.31 36.90
CA LYS B 669 25.00 -31.64 37.47
C LYS B 669 23.66 -32.36 37.60
N LYS B 670 22.61 -31.64 38.02
CA LYS B 670 21.30 -32.27 38.17
C LYS B 670 20.76 -32.74 36.82
N PHE B 671 20.98 -31.95 35.76
CA PHE B 671 20.51 -32.36 34.44
C PHE B 671 21.26 -33.59 33.94
N GLN B 672 22.58 -33.68 34.22
CA GLN B 672 23.33 -34.86 33.81
C GLN B 672 22.79 -36.10 34.49
N ARG B 673 22.94 -36.19 35.82
CA ARG B 673 22.41 -37.28 36.63
C ARG B 673 21.72 -36.69 37.86
N PRO B 674 20.40 -36.76 37.95
CA PRO B 674 19.71 -36.18 39.12
C PRO B 674 19.64 -37.13 40.30
N HIS B 675 20.33 -38.28 40.20
CA HIS B 675 20.32 -39.24 41.30
C HIS B 675 21.01 -38.70 42.54
N ASP B 676 21.89 -37.71 42.38
CA ASP B 676 22.52 -37.08 43.53
C ASP B 676 21.48 -36.42 44.43
N TYR B 677 20.52 -35.73 43.83
CA TYR B 677 19.37 -35.21 44.56
C TYR B 677 18.48 -36.35 45.02
N SER B 678 18.18 -36.39 46.32
CA SER B 678 17.46 -37.52 46.88
C SER B 678 16.09 -37.75 46.23
N PRO B 679 15.22 -36.75 46.08
CA PRO B 679 14.10 -36.91 45.16
C PRO B 679 14.53 -36.58 43.74
N PRO B 680 14.60 -37.56 42.85
CA PRO B 680 15.09 -37.30 41.49
C PRO B 680 14.13 -36.43 40.71
N PHE B 681 14.53 -35.18 40.46
CA PHE B 681 13.67 -34.25 39.73
C PHE B 681 13.54 -34.70 38.27
N ARG B 682 12.34 -34.50 37.74
CA ARG B 682 11.95 -35.08 36.46
C ARG B 682 11.90 -34.02 35.38
N PHE B 683 12.54 -34.29 34.24
CA PHE B 683 12.45 -33.43 33.07
C PHE B 683 12.19 -34.30 31.84
N GLY B 684 11.52 -33.72 30.85
CA GLY B 684 11.16 -34.47 29.67
C GLY B 684 10.87 -33.58 28.50
N THR B 685 10.81 -34.21 27.32
CA THR B 685 10.57 -33.56 26.05
C THR B 685 9.34 -34.18 25.41
N VAL B 686 9.04 -33.77 24.19
CA VAL B 686 8.07 -34.47 23.36
C VAL B 686 8.83 -35.15 22.22
N PRO B 687 8.43 -36.35 21.80
CA PRO B 687 9.16 -37.01 20.72
C PRO B 687 8.81 -36.46 19.35
N ASN B 688 9.36 -37.06 18.30
CA ASN B 688 9.14 -36.63 16.92
C ASN B 688 9.54 -35.17 16.72
N GLY B 689 10.60 -34.75 17.39
CA GLY B 689 11.01 -33.36 17.31
C GLY B 689 12.49 -33.16 17.05
N SER B 690 12.88 -31.91 16.76
CA SER B 690 14.30 -31.61 16.58
C SER B 690 15.02 -31.64 17.91
N THR B 691 14.35 -31.20 18.99
CA THR B 691 14.99 -31.20 20.31
C THR B 691 15.31 -32.62 20.76
N GLU B 692 14.38 -33.55 20.56
CA GLU B 692 14.64 -34.94 20.95
C GLU B 692 15.78 -35.53 20.16
N ARG B 693 15.82 -35.28 18.85
CA ARG B 693 16.90 -35.78 18.02
C ARG B 693 18.25 -35.20 18.46
N ASN B 694 18.28 -33.89 18.75
CA ASN B 694 19.50 -33.25 19.18
C ASN B 694 19.99 -33.81 20.51
N ILE B 695 19.06 -34.03 21.45
CA ILE B 695 19.43 -34.58 22.75
C ILE B 695 19.90 -36.03 22.62
N ARG B 696 19.27 -36.80 21.73
CA ARG B 696 19.73 -38.17 21.49
C ARG B 696 21.14 -38.18 20.90
N ASN B 697 21.42 -37.26 19.98
CA ASN B 697 22.74 -37.22 19.36
C ASN B 697 23.81 -36.73 20.34
N ASN B 698 23.44 -35.81 21.23
CA ASN B 698 24.43 -35.22 22.13
C ASN B 698 24.72 -36.14 23.32
N TYR B 699 23.71 -36.37 24.16
CA TYR B 699 23.85 -37.21 25.36
C TYR B 699 22.84 -38.34 25.32
N PRO B 700 23.25 -39.56 24.95
CA PRO B 700 22.30 -40.68 24.98
C PRO B 700 21.76 -40.99 26.37
N TYR B 701 22.58 -40.80 27.42
CA TYR B 701 22.13 -41.10 28.78
C TYR B 701 21.00 -40.16 29.19
N MET B 702 21.10 -38.88 28.84
CA MET B 702 20.04 -37.94 29.15
C MET B 702 18.74 -38.31 28.43
N HIS B 703 18.85 -38.76 27.18
CA HIS B 703 17.67 -39.22 26.46
C HIS B 703 17.06 -40.46 27.10
N GLN B 704 17.91 -41.39 27.56
CA GLN B 704 17.41 -42.59 28.22
C GLN B 704 16.66 -42.23 29.51
N TYR B 705 17.21 -41.29 30.28
CA TYR B 705 16.49 -40.83 31.47
C TYR B 705 15.20 -40.10 31.10
N MET B 706 15.23 -39.31 30.03
CA MET B 706 14.05 -38.58 29.59
C MET B 706 12.94 -39.52 29.15
N THR B 707 13.29 -40.70 28.65
CA THR B 707 12.28 -41.65 28.19
C THR B 707 11.27 -41.98 29.28
N ARG B 708 11.68 -41.94 30.55
CA ARG B 708 10.76 -42.21 31.65
C ARG B 708 9.76 -41.08 31.88
N PHE B 709 9.94 -39.92 31.26
CA PHE B 709 9.02 -38.80 31.42
C PHE B 709 8.58 -38.27 30.07
N ASN B 710 8.54 -39.13 29.06
CA ASN B 710 8.09 -38.72 27.74
C ASN B 710 6.61 -38.34 27.76
N GLN B 711 6.25 -37.36 26.94
CA GLN B 711 4.86 -36.89 26.90
C GLN B 711 4.59 -36.27 25.53
N ARG B 712 3.34 -35.89 25.33
CA ARG B 712 2.84 -35.54 23.99
C ARG B 712 2.76 -34.03 23.74
N GLY B 713 2.02 -33.30 24.57
CA GLY B 713 1.63 -31.94 24.25
C GLY B 713 2.38 -30.88 25.03
N VAL B 714 2.40 -29.68 24.45
CA VAL B 714 2.97 -28.52 25.12
C VAL B 714 2.08 -28.08 26.28
N GLU B 715 0.77 -28.03 26.05
CA GLU B 715 -0.15 -27.67 27.13
C GLU B 715 -0.15 -28.73 28.22
N ASP B 716 0.01 -30.00 27.85
CA ASP B 716 0.14 -31.05 28.84
C ASP B 716 1.39 -30.83 29.70
N ALA B 717 2.50 -30.43 29.07
CA ALA B 717 3.69 -30.12 29.83
C ALA B 717 3.46 -28.92 30.75
N LEU B 718 2.75 -27.91 30.27
CA LEU B 718 2.49 -26.73 31.09
C LEU B 718 1.65 -27.09 32.31
N VAL B 719 0.60 -27.88 32.13
CA VAL B 719 -0.24 -28.24 33.27
C VAL B 719 0.49 -29.18 34.21
N SER B 720 1.35 -30.06 33.66
CA SER B 720 2.14 -30.94 34.52
C SER B 720 3.11 -30.14 35.38
N LEU B 721 3.75 -29.12 34.79
CA LEU B 721 4.63 -28.25 35.57
C LEU B 721 3.85 -27.48 36.61
N LYS B 722 2.67 -26.98 36.24
CA LYS B 722 1.87 -26.18 37.16
C LYS B 722 1.41 -27.00 38.35
N THR B 723 0.99 -28.25 38.11
CA THR B 723 0.48 -29.09 39.20
C THR B 723 1.58 -29.79 39.98
N GLY B 724 2.85 -29.61 39.60
CA GLY B 724 3.95 -30.26 40.28
C GLY B 724 4.27 -31.66 39.79
N LYS B 725 3.56 -32.16 38.77
CA LYS B 725 3.86 -33.47 38.20
C LYS B 725 5.15 -33.48 37.40
N LEU B 726 5.70 -32.31 37.07
CA LEU B 726 6.96 -32.22 36.34
C LEU B 726 7.74 -31.02 36.88
N ASP B 727 9.06 -31.09 36.72
CA ASP B 727 9.95 -30.06 37.25
C ASP B 727 10.45 -29.11 36.17
N ALA B 728 11.06 -29.63 35.12
CA ALA B 728 11.62 -28.82 34.04
C ALA B 728 11.18 -29.37 32.70
N PHE B 729 10.76 -28.47 31.81
CA PHE B 729 10.33 -28.84 30.47
C PHE B 729 11.31 -28.26 29.45
N ILE B 730 12.02 -29.14 28.74
CA ILE B 730 12.97 -28.72 27.73
C ILE B 730 12.28 -28.75 26.37
N TYR B 731 12.28 -27.62 25.68
CA TYR B 731 11.51 -27.51 24.45
C TYR B 731 12.02 -26.33 23.64
N ASP B 732 11.45 -26.19 22.44
CA ASP B 732 11.79 -25.09 21.53
C ASP B 732 11.69 -23.75 22.25
N ALA B 733 12.65 -22.87 21.95
CA ALA B 733 12.76 -21.61 22.68
C ALA B 733 11.60 -20.65 22.39
N ALA B 734 11.19 -20.55 21.12
CA ALA B 734 10.14 -19.60 20.77
C ALA B 734 8.81 -19.98 21.39
N VAL B 735 8.45 -21.27 21.34
CA VAL B 735 7.20 -21.73 21.91
C VAL B 735 7.19 -21.51 23.42
N LEU B 736 8.28 -21.85 24.08
CA LEU B 736 8.36 -21.65 25.53
C LEU B 736 8.31 -20.17 25.89
N ASN B 737 8.96 -19.32 25.10
CA ASN B 737 8.89 -17.89 25.34
C ASN B 737 7.45 -17.38 25.20
N TYR B 738 6.73 -17.82 24.18
CA TYR B 738 5.34 -17.42 24.01
C TYR B 738 4.49 -17.89 25.19
N LYS B 739 4.69 -19.14 25.62
CA LYS B 739 3.92 -19.66 26.75
C LYS B 739 4.21 -18.89 28.03
N ALA B 740 5.49 -18.56 28.27
CA ALA B 740 5.84 -17.76 29.43
C ALA B 740 5.21 -16.37 29.36
N GLY B 741 5.20 -15.77 28.17
CA GLY B 741 4.56 -14.48 28.02
C GLY B 741 3.07 -14.50 28.27
N ARG B 742 2.38 -15.54 27.79
CA ARG B 742 0.93 -15.60 27.91
C ARG B 742 0.43 -16.42 29.09
N ASP B 743 1.30 -16.83 30.00
CA ASP B 743 0.83 -17.52 31.19
C ASP B 743 0.29 -16.51 32.21
N GLU B 744 -0.84 -16.84 32.80
CA GLU B 744 -1.54 -15.91 33.70
C GLU B 744 -0.73 -15.75 34.98
N GLY B 745 -0.05 -14.62 35.11
CA GLY B 745 0.89 -14.40 36.19
C GLY B 745 2.24 -15.05 35.99
N CYS B 746 2.39 -15.86 34.94
CA CYS B 746 3.60 -16.62 34.62
C CYS B 746 4.24 -17.25 35.85
N LYS B 747 3.52 -18.18 36.50
CA LYS B 747 4.17 -19.08 37.44
C LYS B 747 5.27 -19.89 36.77
N LEU B 748 5.22 -20.01 35.45
CA LEU B 748 6.25 -20.65 34.66
C LEU B 748 7.19 -19.60 34.07
N VAL B 749 8.48 -19.87 34.16
CA VAL B 749 9.50 -18.98 33.63
C VAL B 749 10.55 -19.79 32.88
N THR B 750 11.04 -19.24 31.79
CA THR B 750 12.12 -19.85 31.03
C THR B 750 13.46 -19.45 31.62
N ILE B 751 14.43 -20.37 31.53
CA ILE B 751 15.75 -20.13 32.11
C ILE B 751 16.47 -19.17 31.17
N GLY B 752 16.53 -17.89 31.57
CA GLY B 752 17.16 -16.84 30.80
C GLY B 752 16.59 -16.75 29.40
N SER B 753 17.49 -16.55 28.44
CA SER B 753 17.16 -16.64 27.02
C SER B 753 17.63 -17.97 26.49
N GLY B 754 16.96 -18.47 25.46
CA GLY B 754 17.39 -19.72 24.86
C GLY B 754 18.58 -19.51 23.96
N TYR B 755 19.77 -19.90 24.43
CA TYR B 755 20.99 -19.74 23.67
C TYR B 755 21.97 -20.88 23.85
N ILE B 756 21.64 -21.91 24.63
CA ILE B 756 22.61 -22.92 25.00
C ILE B 756 22.87 -23.90 23.86
N PHE B 757 21.83 -24.53 23.34
CA PHE B 757 21.93 -25.50 22.26
C PHE B 757 21.68 -24.81 20.92
N ALA B 758 21.30 -25.60 19.90
CA ALA B 758 21.42 -25.29 18.48
C ALA B 758 21.23 -23.83 18.13
N THR B 759 20.32 -23.14 18.81
CA THR B 759 20.02 -21.72 18.59
C THR B 759 19.91 -21.38 17.11
N THR B 760 19.26 -22.27 16.37
CA THR B 760 18.98 -22.10 14.95
C THR B 760 17.73 -21.25 14.80
N GLY B 761 17.12 -21.24 13.62
CA GLY B 761 15.90 -20.50 13.40
C GLY B 761 14.89 -21.29 12.60
N TYR B 762 13.66 -20.77 12.59
CA TYR B 762 12.62 -21.33 11.75
C TYR B 762 12.81 -20.90 10.30
N GLY B 763 12.58 -21.83 9.38
CA GLY B 763 12.77 -21.55 7.97
C GLY B 763 11.66 -22.15 7.12
N ILE B 764 11.61 -21.71 5.87
CA ILE B 764 10.69 -22.24 4.89
C ILE B 764 11.39 -23.37 4.14
N ALA B 765 10.96 -24.60 4.38
CA ALA B 765 11.62 -25.77 3.81
C ALA B 765 11.09 -26.00 2.40
N LEU B 766 11.91 -25.69 1.41
CA LEU B 766 11.58 -25.89 0.01
C LEU B 766 12.14 -27.22 -0.48
N GLN B 767 11.74 -27.59 -1.69
CA GLN B 767 12.29 -28.78 -2.32
C GLN B 767 13.74 -28.57 -2.68
N LYS B 768 14.50 -29.65 -2.73
CA LYS B 768 15.92 -29.58 -3.02
C LYS B 768 16.14 -29.05 -4.43
N GLY B 769 16.85 -27.93 -4.54
CA GLY B 769 17.10 -27.32 -5.82
C GLY B 769 15.96 -26.52 -6.40
N SER B 770 14.93 -26.22 -5.61
CA SER B 770 13.78 -25.49 -6.12
C SER B 770 14.16 -24.07 -6.50
N PRO B 771 13.58 -23.55 -7.59
CA PRO B 771 13.91 -22.19 -8.03
C PRO B 771 13.38 -21.09 -7.12
N TRP B 772 12.46 -21.40 -6.20
CA TRP B 772 11.88 -20.39 -5.33
C TRP B 772 12.81 -19.95 -4.21
N LYS B 773 13.93 -20.64 -4.00
CA LYS B 773 14.75 -20.39 -2.83
C LYS B 773 15.29 -18.96 -2.80
N ARG B 774 15.84 -18.50 -3.93
CA ARG B 774 16.43 -17.16 -3.96
C ARG B 774 15.39 -16.08 -3.72
N GLN B 775 14.23 -16.20 -4.38
CA GLN B 775 13.19 -15.20 -4.21
C GLN B 775 12.66 -15.18 -2.77
N ILE B 776 12.46 -16.37 -2.19
CA ILE B 776 11.96 -16.42 -0.81
C ILE B 776 12.97 -15.82 0.15
N ASP B 777 14.26 -16.15 -0.02
CA ASP B 777 15.29 -15.60 0.85
C ASP B 777 15.34 -14.08 0.74
N LEU B 778 15.32 -13.57 -0.50
CA LEU B 778 15.38 -12.11 -0.68
C LEU B 778 14.16 -11.44 -0.09
N ALA B 779 12.97 -12.03 -0.27
CA ALA B 779 11.76 -11.44 0.30
C ALA B 779 11.81 -11.44 1.83
N LEU B 780 12.29 -12.52 2.43
CA LEU B 780 12.38 -12.56 3.89
C LEU B 780 13.36 -11.53 4.42
N LEU B 781 14.51 -11.39 3.76
CA LEU B 781 15.48 -10.38 4.17
C LEU B 781 14.91 -8.97 3.96
N GLN B 782 14.13 -8.78 2.90
CA GLN B 782 13.45 -7.51 2.69
C GLN B 782 12.50 -7.19 3.82
N PHE B 783 11.71 -8.19 4.25
CA PHE B 783 10.81 -7.98 5.38
C PHE B 783 11.58 -7.66 6.65
N VAL B 784 12.71 -8.35 6.87
CA VAL B 784 13.53 -8.06 8.04
C VAL B 784 14.04 -6.62 8.00
N GLY B 785 14.46 -6.17 6.83
CA GLY B 785 15.06 -4.84 6.71
C GLY B 785 14.08 -3.69 6.83
N ASP B 786 12.80 -3.94 6.55
CA ASP B 786 11.78 -2.89 6.58
C ASP B 786 11.06 -2.77 7.91
N GLY B 787 11.42 -3.60 8.89
CA GLY B 787 10.76 -3.56 10.18
C GLY B 787 9.42 -4.25 10.24
N GLU B 788 8.94 -4.82 9.13
CA GLU B 788 7.69 -5.56 9.16
C GLU B 788 7.77 -6.78 10.06
N MET B 789 8.97 -7.34 10.20
CA MET B 789 9.17 -8.48 11.09
C MET B 789 8.87 -8.10 12.53
N GLU B 790 9.35 -6.94 12.96
CA GLU B 790 9.06 -6.46 14.32
C GLU B 790 7.58 -6.19 14.50
N GLU B 791 6.92 -5.65 13.47
CA GLU B 791 5.49 -5.41 13.54
C GLU B 791 4.74 -6.72 13.73
N LEU B 792 5.10 -7.75 12.97
CA LEU B 792 4.45 -9.05 13.12
C LEU B 792 4.73 -9.65 14.50
N GLU B 793 5.96 -9.50 15.00
CA GLU B 793 6.29 -10.02 16.31
C GLU B 793 5.46 -9.33 17.40
N THR B 794 5.31 -8.01 17.31
CA THR B 794 4.49 -7.29 18.27
C THR B 794 3.01 -7.67 18.14
N LEU B 795 2.57 -7.97 16.91
CA LEU B 795 1.19 -8.38 16.71
C LEU B 795 0.92 -9.76 17.29
N TRP B 796 1.90 -10.66 17.25
CA TRP B 796 1.66 -12.05 17.59
C TRP B 796 2.41 -12.56 18.80
N LEU B 797 3.57 -11.99 19.14
CA LEU B 797 4.40 -12.51 20.24
C LEU B 797 4.64 -11.41 21.27
N THR B 798 3.75 -11.33 22.26
CA THR B 798 3.92 -10.46 23.42
C THR B 798 3.55 -11.26 24.66
N GLY B 799 3.46 -10.59 25.80
CA GLY B 799 3.07 -11.26 27.02
C GLY B 799 3.15 -10.33 28.21
N ILE B 800 2.81 -10.89 29.38
CA ILE B 800 2.80 -10.11 30.62
C ILE B 800 4.22 -9.83 31.09
N CYS B 801 4.99 -10.88 31.36
CA CYS B 801 6.32 -10.74 31.96
C CYS B 801 7.39 -10.87 30.87
N HIS B 802 7.53 -9.79 30.12
CA HIS B 802 8.54 -9.70 29.06
C HIS B 802 9.96 -9.85 29.62
N LEU B 813 13.26 -9.55 55.47
CA LEU B 813 13.41 -9.66 54.03
C LEU B 813 14.87 -9.48 53.63
N ASP B 814 15.76 -9.95 54.49
CA ASP B 814 17.20 -9.84 54.26
C ASP B 814 17.88 -11.10 54.77
N ILE B 815 18.93 -11.51 54.07
CA ILE B 815 19.61 -12.76 54.37
C ILE B 815 21.06 -12.48 54.75
N ASP B 816 21.82 -11.88 53.83
CA ASP B 816 23.23 -11.60 54.09
C ASP B 816 23.39 -10.62 55.24
N ASN B 817 22.64 -9.52 55.21
CA ASN B 817 22.74 -8.52 56.27
C ASN B 817 22.24 -9.06 57.61
N MET B 818 21.15 -9.84 57.58
CA MET B 818 20.65 -10.40 58.83
C MET B 818 21.64 -11.39 59.42
N ALA B 819 22.28 -12.20 58.57
CA ALA B 819 23.32 -13.10 59.05
C ALA B 819 24.49 -12.33 59.63
N GLY B 820 24.87 -11.21 59.00
CA GLY B 820 25.93 -10.39 59.55
C GLY B 820 25.58 -9.81 60.91
N VAL B 821 24.35 -9.33 61.06
CA VAL B 821 23.91 -8.78 62.34
C VAL B 821 23.90 -9.86 63.41
N PHE B 822 23.39 -11.05 63.06
CA PHE B 822 23.38 -12.17 64.00
C PHE B 822 24.79 -12.57 64.42
N TYR B 823 25.71 -12.64 63.45
CA TYR B 823 27.10 -12.96 63.78
C TYR B 823 27.72 -11.89 64.66
N MET B 824 27.42 -10.61 64.38
CA MET B 824 27.99 -9.53 65.20
C MET B 824 27.49 -9.60 66.64
N LEU B 825 26.18 -9.79 66.83
CA LEU B 825 25.66 -9.86 68.18
C LEU B 825 26.16 -11.11 68.91
N ALA B 826 26.25 -12.24 68.19
CA ALA B 826 26.78 -13.45 68.80
C ALA B 826 28.22 -13.28 69.21
N ALA B 827 29.04 -12.63 68.37
CA ALA B 827 30.43 -12.40 68.70
C ALA B 827 30.56 -11.45 69.90
N ALA B 828 29.72 -10.41 69.95
CA ALA B 828 29.76 -9.50 71.09
C ALA B 828 29.42 -10.23 72.38
N MET B 829 28.36 -11.04 72.36
CA MET B 829 28.00 -11.82 73.55
C MET B 829 29.10 -12.79 73.94
N ALA B 830 29.69 -13.47 72.95
CA ALA B 830 30.73 -14.44 73.24
C ALA B 830 31.94 -13.78 73.87
N LEU B 831 32.36 -12.63 73.33
CA LEU B 831 33.49 -11.91 73.90
C LEU B 831 33.16 -11.43 75.32
N SER B 832 31.92 -11.00 75.54
CA SER B 832 31.50 -10.59 76.88
C SER B 832 31.61 -11.75 77.85
N LEU B 833 31.14 -12.94 77.44
CA LEU B 833 31.25 -14.11 78.31
C LEU B 833 32.70 -14.50 78.55
N ILE B 834 33.56 -14.37 77.53
CA ILE B 834 34.96 -14.72 77.70
C ILE B 834 35.63 -13.76 78.68
N THR B 835 35.27 -12.48 78.63
CA THR B 835 35.85 -11.49 79.53
C THR B 835 35.28 -11.55 80.95
N PHE B 836 34.51 -12.59 81.27
CA PHE B 836 33.96 -12.71 82.62
C PHE B 836 35.06 -12.84 83.66
N ILE B 837 36.09 -13.64 83.36
CA ILE B 837 37.19 -13.81 84.30
C ILE B 837 37.94 -12.49 84.48
N TRP B 838 38.28 -11.84 83.37
CA TRP B 838 38.91 -10.52 83.41
C TRP B 838 38.54 -9.71 82.17
N LYS C 25 16.14 -1.19 -69.85
CA LYS C 25 17.11 -0.13 -69.59
C LYS C 25 18.40 -0.70 -69.03
N ILE C 26 19.34 0.18 -68.70
CA ILE C 26 20.67 -0.19 -68.22
C ILE C 26 20.77 0.19 -66.75
N VAL C 27 21.18 -0.77 -65.93
CA VAL C 27 21.41 -0.56 -64.49
C VAL C 27 22.89 -0.74 -64.23
N ASN C 28 23.51 0.28 -63.64
CA ASN C 28 24.95 0.27 -63.41
C ASN C 28 25.28 -0.31 -62.04
N ILE C 29 26.33 -1.11 -61.98
CA ILE C 29 26.86 -1.65 -60.74
C ILE C 29 28.32 -1.20 -60.62
N GLY C 30 28.65 -0.58 -59.50
CA GLY C 30 29.98 -0.09 -59.24
C GLY C 30 30.79 -1.07 -58.42
N ALA C 31 32.10 -1.02 -58.61
CA ALA C 31 33.00 -1.90 -57.88
C ALA C 31 34.31 -1.19 -57.60
N VAL C 32 34.82 -1.36 -56.39
CA VAL C 32 36.15 -0.90 -56.01
C VAL C 32 36.98 -2.15 -55.72
N LEU C 33 37.97 -2.41 -56.56
CA LEU C 33 38.72 -3.65 -56.51
C LEU C 33 40.21 -3.36 -56.41
N SER C 34 41.00 -4.42 -56.33
CA SER C 34 42.45 -4.32 -56.10
C SER C 34 43.26 -4.41 -57.37
N THR C 35 42.98 -5.40 -58.23
CA THR C 35 43.74 -5.60 -59.44
C THR C 35 42.76 -5.83 -60.61
N ARG C 36 43.23 -5.52 -61.81
CA ARG C 36 42.37 -5.56 -62.99
C ARG C 36 41.90 -6.96 -63.34
N LYS C 37 42.58 -8.00 -62.84
CA LYS C 37 42.09 -9.35 -63.05
C LYS C 37 40.72 -9.53 -62.41
N HIS C 38 40.55 -9.04 -61.18
CA HIS C 38 39.24 -9.05 -60.54
C HIS C 38 38.26 -8.10 -61.22
N GLU C 39 38.72 -7.02 -61.83
CA GLU C 39 37.82 -6.18 -62.63
C GLU C 39 37.24 -6.96 -63.80
N GLN C 40 38.11 -7.67 -64.52
CA GLN C 40 37.66 -8.46 -65.67
C GLN C 40 36.73 -9.58 -65.22
N MET C 41 37.05 -10.23 -64.09
CA MET C 41 36.20 -11.30 -63.61
C MET C 41 34.87 -10.77 -63.07
N PHE C 42 34.86 -9.54 -62.54
CA PHE C 42 33.60 -8.91 -62.15
C PHE C 42 32.75 -8.59 -63.37
N ARG C 43 33.38 -8.10 -64.44
CA ARG C 43 32.66 -7.90 -65.70
C ARG C 43 32.07 -9.20 -66.20
N GLU C 44 32.85 -10.28 -66.16
CA GLU C 44 32.35 -11.59 -66.58
C GLU C 44 31.20 -12.05 -65.71
N ALA C 45 31.31 -11.83 -64.39
CA ALA C 45 30.25 -12.26 -63.48
C ALA C 45 28.95 -11.51 -63.74
N VAL C 46 29.02 -10.19 -63.96
CA VAL C 46 27.81 -9.44 -64.23
C VAL C 46 27.23 -9.81 -65.59
N ASN C 47 28.09 -10.10 -66.57
CA ASN C 47 27.61 -10.53 -67.87
C ASN C 47 26.91 -11.87 -67.79
N GLN C 48 27.44 -12.79 -66.98
CA GLN C 48 26.77 -14.07 -66.78
C GLN C 48 25.46 -13.89 -66.02
N ALA C 49 25.44 -12.98 -65.03
CA ALA C 49 24.25 -12.77 -64.24
C ALA C 49 23.11 -12.20 -65.07
N ASN C 50 23.40 -11.27 -65.98
CA ASN C 50 22.33 -10.68 -66.77
C ASN C 50 21.77 -11.64 -67.83
N LYS C 51 22.40 -12.78 -68.04
CA LYS C 51 21.96 -13.75 -69.04
C LYS C 51 21.00 -14.79 -68.51
N ARG C 52 20.64 -14.73 -67.21
CA ARG C 52 19.82 -15.78 -66.60
C ARG C 52 18.63 -15.21 -65.84
N HIS C 53 18.15 -14.03 -66.21
CA HIS C 53 17.06 -13.36 -65.50
C HIS C 53 16.02 -12.82 -66.48
N GLY C 54 15.63 -13.65 -67.44
CA GLY C 54 14.59 -13.28 -68.37
C GLY C 54 15.14 -12.79 -69.69
N SER C 55 14.33 -12.92 -70.74
CA SER C 55 14.69 -12.48 -72.08
C SER C 55 14.34 -11.02 -72.34
N TRP C 56 13.68 -10.36 -71.41
CA TRP C 56 13.35 -8.95 -71.57
C TRP C 56 14.63 -8.11 -71.57
N LYS C 57 14.56 -6.95 -72.24
CA LYS C 57 15.71 -6.05 -72.36
C LYS C 57 15.93 -5.37 -71.01
N ILE C 58 16.57 -6.11 -70.11
CA ILE C 58 17.09 -5.57 -68.86
C ILE C 58 18.58 -5.85 -68.85
N GLN C 59 19.38 -4.79 -68.75
CA GLN C 59 20.83 -4.88 -68.93
C GLN C 59 21.54 -4.42 -67.66
N LEU C 60 22.60 -5.12 -67.31
CA LEU C 60 23.45 -4.76 -66.18
C LEU C 60 24.82 -4.35 -66.72
N ASN C 61 25.26 -3.15 -66.36
CA ASN C 61 26.55 -2.62 -66.76
C ASN C 61 27.47 -2.58 -65.55
N ALA C 62 28.77 -2.65 -65.81
CA ALA C 62 29.76 -2.75 -64.74
C ALA C 62 30.77 -1.62 -64.86
N THR C 63 30.96 -0.88 -63.76
CA THR C 63 32.00 0.13 -63.66
C THR C 63 32.93 -0.24 -62.51
N SER C 64 34.24 -0.22 -62.77
CA SER C 64 35.21 -0.68 -61.79
C SER C 64 36.33 0.35 -61.62
N VAL C 65 36.78 0.50 -60.38
CA VAL C 65 37.85 1.43 -60.03
C VAL C 65 38.83 0.72 -59.10
N THR C 66 40.12 0.95 -59.32
CA THR C 66 41.14 0.45 -58.42
C THR C 66 41.18 1.27 -57.13
N HIS C 67 41.83 0.72 -56.12
CA HIS C 67 42.02 1.45 -54.88
C HIS C 67 43.04 2.56 -55.05
N LYS C 68 42.90 3.59 -54.22
CA LYS C 68 43.82 4.73 -54.25
C LYS C 68 44.72 4.72 -53.03
N PRO C 69 45.94 5.24 -53.14
CA PRO C 69 46.87 5.22 -51.99
C PRO C 69 46.32 5.87 -50.73
N ASN C 70 45.58 6.97 -50.85
CA ASN C 70 45.06 7.68 -49.70
C ASN C 70 43.54 7.72 -49.75
N ALA C 71 42.94 7.82 -48.55
CA ALA C 71 41.50 7.64 -48.44
C ALA C 71 40.72 8.80 -49.04
N ILE C 72 41.22 10.03 -48.89
CA ILE C 72 40.48 11.19 -49.39
C ILE C 72 40.41 11.15 -50.92
N GLN C 73 41.54 10.87 -51.57
CA GLN C 73 41.53 10.71 -53.02
C GLN C 73 40.68 9.52 -53.44
N MET C 74 40.62 8.48 -52.61
CA MET C 74 39.77 7.34 -52.92
C MET C 74 38.31 7.74 -52.93
N ALA C 75 37.88 8.53 -51.93
CA ALA C 75 36.50 9.01 -51.90
C ALA C 75 36.21 9.95 -53.06
N LEU C 76 37.16 10.81 -53.40
CA LEU C 76 36.97 11.70 -54.54
C LEU C 76 36.83 10.91 -55.84
N SER C 77 37.63 9.85 -56.00
CA SER C 77 37.51 8.99 -57.17
C SER C 77 36.17 8.27 -57.18
N VAL C 78 35.69 7.84 -56.01
CA VAL C 78 34.37 7.21 -55.94
C VAL C 78 33.30 8.19 -56.41
N CYS C 79 33.37 9.43 -55.95
CA CYS C 79 32.38 10.43 -56.33
C CYS C 79 32.45 10.76 -57.82
N GLU C 80 33.66 10.86 -58.37
CA GLU C 80 33.80 11.27 -59.77
C GLU C 80 33.46 10.14 -60.73
N ASP C 81 33.82 8.90 -60.39
CA ASP C 81 33.72 7.78 -61.33
C ASP C 81 32.49 6.91 -61.10
N LEU C 82 32.27 6.47 -59.85
CA LEU C 82 31.21 5.51 -59.60
C LEU C 82 29.83 6.18 -59.53
N ILE C 83 29.68 7.17 -58.65
CA ILE C 83 28.38 7.78 -58.44
C ILE C 83 27.92 8.54 -59.67
N SER C 84 28.87 9.06 -60.46
CA SER C 84 28.49 9.78 -61.68
C SER C 84 27.88 8.87 -62.73
N SER C 85 27.99 7.55 -62.56
CA SER C 85 27.40 6.59 -63.48
C SER C 85 26.04 6.08 -63.00
N GLN C 86 25.48 6.69 -61.96
CA GLN C 86 24.19 6.29 -61.41
C GLN C 86 24.18 4.82 -61.00
N VAL C 87 25.21 4.43 -60.24
CA VAL C 87 25.34 3.05 -59.82
C VAL C 87 24.32 2.74 -58.74
N TYR C 88 23.61 1.62 -58.91
CA TYR C 88 22.63 1.20 -57.91
C TYR C 88 23.29 0.62 -56.67
N ALA C 89 24.49 0.05 -56.81
CA ALA C 89 25.21 -0.52 -55.67
C ALA C 89 26.69 -0.48 -56.00
N ILE C 90 27.51 -0.50 -54.93
CA ILE C 90 28.96 -0.42 -55.05
C ILE C 90 29.57 -1.57 -54.26
N LEU C 91 30.54 -2.26 -54.87
CA LEU C 91 31.25 -3.36 -54.24
C LEU C 91 32.69 -2.94 -53.99
N VAL C 92 33.14 -3.03 -52.74
CA VAL C 92 34.50 -2.69 -52.36
C VAL C 92 35.13 -3.90 -51.67
N SER C 93 36.13 -4.49 -52.33
CA SER C 93 36.70 -5.72 -51.77
C SER C 93 37.79 -5.47 -50.75
N HIS C 94 38.97 -5.02 -51.20
CA HIS C 94 40.14 -4.88 -50.35
C HIS C 94 41.28 -4.37 -51.20
N PRO C 95 42.26 -3.69 -50.59
CA PRO C 95 43.46 -3.30 -51.33
C PRO C 95 44.60 -4.27 -51.12
N PRO C 96 45.72 -4.09 -51.81
CA PRO C 96 46.87 -5.00 -51.59
C PRO C 96 47.53 -4.86 -50.23
N THR C 97 47.12 -3.87 -49.41
CA THR C 97 47.67 -3.70 -48.08
C THR C 97 47.37 -4.93 -47.24
N PRO C 98 48.25 -5.29 -46.28
CA PRO C 98 48.13 -6.59 -45.61
C PRO C 98 46.77 -6.89 -45.01
N ASN C 99 46.33 -6.08 -44.05
CA ASN C 99 45.06 -6.31 -43.35
C ASN C 99 44.86 -5.17 -42.34
N ASP C 100 43.62 -5.05 -41.87
CA ASP C 100 43.23 -4.10 -40.83
C ASP C 100 43.67 -2.68 -41.19
N HIS C 101 43.12 -2.19 -42.29
CA HIS C 101 43.47 -0.86 -42.78
C HIS C 101 42.27 0.07 -42.91
N PHE C 102 41.05 -0.41 -42.66
CA PHE C 102 39.86 0.43 -42.69
C PHE C 102 39.68 1.14 -44.03
N THR C 103 40.05 0.46 -45.10
CA THR C 103 40.05 1.05 -46.44
C THR C 103 38.67 1.27 -47.06
N PRO C 104 37.67 0.41 -46.81
CA PRO C 104 36.32 0.72 -47.34
C PRO C 104 35.61 1.84 -46.62
N THR C 105 36.28 2.57 -45.73
CA THR C 105 35.62 3.67 -45.03
C THR C 105 35.25 4.83 -45.95
N PRO C 106 36.15 5.39 -46.78
CA PRO C 106 35.72 6.49 -47.65
C PRO C 106 34.59 6.11 -48.60
N VAL C 107 34.65 4.90 -49.17
CA VAL C 107 33.57 4.45 -50.04
C VAL C 107 32.27 4.36 -49.27
N SER C 108 32.33 3.82 -48.06
CA SER C 108 31.12 3.68 -47.25
C SER C 108 30.51 5.04 -46.95
N TYR C 109 31.32 6.01 -46.54
CA TYR C 109 30.78 7.34 -46.23
C TYR C 109 30.21 8.01 -47.46
N THR C 110 30.97 8.01 -48.56
CA THR C 110 30.54 8.72 -49.76
C THR C 110 29.26 8.13 -50.33
N ALA C 111 29.16 6.79 -50.37
CA ALA C 111 27.96 6.19 -50.92
C ALA C 111 26.84 6.08 -49.89
N GLY C 112 27.14 6.34 -48.61
CA GLY C 112 26.08 6.41 -47.62
C GLY C 112 25.50 7.79 -47.44
N PHE C 113 26.18 8.82 -47.94
CA PHE C 113 25.54 10.13 -48.01
C PHE C 113 24.29 10.09 -48.86
N TYR C 114 24.29 9.29 -49.93
CA TYR C 114 23.13 9.16 -50.80
C TYR C 114 22.35 7.87 -50.55
N ARG C 115 22.66 7.13 -49.48
CA ARG C 115 21.97 5.89 -49.15
C ARG C 115 22.11 4.83 -50.24
N ILE C 116 23.18 4.88 -51.01
CA ILE C 116 23.47 3.85 -52.00
C ILE C 116 24.06 2.64 -51.27
N PRO C 117 23.44 1.46 -51.40
CA PRO C 117 23.98 0.29 -50.69
C PRO C 117 25.39 -0.05 -51.14
N VAL C 118 26.22 -0.47 -50.19
CA VAL C 118 27.62 -0.81 -50.42
C VAL C 118 27.84 -2.23 -49.94
N LEU C 119 28.29 -3.10 -50.84
CA LEU C 119 28.55 -4.51 -50.52
C LEU C 119 30.05 -4.69 -50.32
N GLY C 120 30.43 -5.14 -49.12
CA GLY C 120 31.82 -5.42 -48.80
C GLY C 120 32.09 -6.90 -48.96
N LEU C 121 33.24 -7.22 -49.56
CA LEU C 121 33.57 -8.59 -49.92
C LEU C 121 34.66 -9.21 -49.07
N THR C 122 35.51 -8.41 -48.44
CA THR C 122 36.65 -8.94 -47.70
C THR C 122 36.72 -8.45 -46.27
N THR C 123 36.35 -7.19 -46.02
CA THR C 123 36.56 -6.61 -44.69
C THR C 123 35.66 -7.31 -43.67
N ARG C 124 36.25 -7.66 -42.52
CA ARG C 124 35.53 -8.27 -41.42
C ARG C 124 35.58 -7.40 -40.17
N MET C 125 35.89 -6.12 -40.32
CA MET C 125 35.96 -5.21 -39.20
C MET C 125 34.59 -5.13 -38.53
N SER C 126 34.60 -4.99 -37.20
CA SER C 126 33.35 -4.95 -36.46
C SER C 126 32.70 -3.56 -36.46
N ILE C 127 33.42 -2.52 -36.92
CA ILE C 127 32.85 -1.19 -36.94
C ILE C 127 31.74 -1.08 -37.97
N TYR C 128 31.87 -1.75 -39.11
CA TYR C 128 30.91 -1.59 -40.20
C TYR C 128 29.55 -2.21 -39.90
N SER C 129 29.43 -2.97 -38.81
CA SER C 129 28.12 -3.46 -38.38
C SER C 129 27.31 -2.40 -37.65
N ASP C 130 27.89 -1.24 -37.37
CA ASP C 130 27.18 -0.14 -36.72
C ASP C 130 26.44 0.64 -37.79
N LYS C 131 25.10 0.53 -37.81
CA LYS C 131 24.31 1.18 -38.84
C LYS C 131 24.10 2.67 -38.57
N SER C 132 24.43 3.15 -37.37
CA SER C 132 24.35 4.58 -37.11
C SER C 132 25.51 5.33 -37.76
N ILE C 133 26.66 4.69 -37.88
CA ILE C 133 27.82 5.30 -38.53
C ILE C 133 27.86 4.99 -40.02
N HIS C 134 27.76 3.71 -40.37
CA HIS C 134 27.76 3.25 -41.76
C HIS C 134 26.32 2.90 -42.10
N LEU C 135 25.66 3.77 -42.86
CA LEU C 135 24.20 3.68 -43.01
C LEU C 135 23.77 2.67 -44.06
N SER C 136 24.61 2.38 -45.06
CA SER C 136 24.21 1.55 -46.18
C SER C 136 25.29 0.51 -46.49
N PHE C 137 25.73 -0.22 -45.47
CA PHE C 137 26.79 -1.20 -45.62
C PHE C 137 26.24 -2.60 -45.35
N LEU C 138 26.31 -3.45 -46.36
CA LEU C 138 26.09 -4.88 -46.24
C LEU C 138 27.39 -5.60 -46.58
N ARG C 139 27.54 -6.83 -46.09
CA ARG C 139 28.74 -7.58 -46.42
C ARG C 139 28.41 -9.07 -46.46
N THR C 140 29.17 -9.78 -47.29
CA THR C 140 28.99 -11.22 -47.48
C THR C 140 29.90 -12.06 -46.59
N VAL C 141 30.77 -11.43 -45.81
CA VAL C 141 31.61 -12.12 -44.84
C VAL C 141 31.19 -11.68 -43.44
N PRO C 142 31.00 -12.60 -42.50
CA PRO C 142 30.63 -12.21 -41.14
C PRO C 142 31.77 -11.47 -40.46
N PRO C 143 31.47 -10.59 -39.51
CA PRO C 143 32.52 -9.87 -38.80
C PRO C 143 33.27 -10.79 -37.85
N TYR C 144 34.44 -10.33 -37.41
CA TYR C 144 35.22 -11.09 -36.44
C TYR C 144 34.45 -11.30 -35.14
N SER C 145 33.64 -10.32 -34.74
CA SER C 145 32.91 -10.42 -33.49
C SER C 145 31.94 -11.61 -33.47
N HIS C 146 31.52 -12.10 -34.63
CA HIS C 146 30.64 -13.25 -34.68
C HIS C 146 31.36 -14.55 -34.32
N GLN C 147 32.69 -14.57 -34.39
CA GLN C 147 33.43 -15.79 -34.04
C GLN C 147 33.10 -16.27 -32.64
N SER C 148 32.76 -15.34 -31.74
CA SER C 148 32.41 -15.73 -30.37
C SER C 148 31.32 -16.78 -30.34
N SER C 149 30.35 -16.67 -31.26
CA SER C 149 29.28 -17.66 -31.34
C SER C 149 29.86 -19.06 -31.45
N VAL C 150 30.82 -19.25 -32.36
CA VAL C 150 31.47 -20.55 -32.50
C VAL C 150 32.05 -20.99 -31.18
N TRP C 151 32.77 -20.09 -30.49
CA TRP C 151 33.35 -20.42 -29.20
C TRP C 151 32.26 -20.91 -28.25
N PHE C 152 31.12 -20.22 -28.22
CA PHE C 152 30.02 -20.63 -27.38
C PHE C 152 29.64 -22.08 -27.65
N GLU C 153 29.48 -22.43 -28.93
CA GLU C 153 29.13 -23.80 -29.28
C GLU C 153 30.19 -24.78 -28.80
N MET C 154 31.46 -24.41 -28.94
CA MET C 154 32.53 -25.27 -28.44
C MET C 154 32.40 -25.45 -26.93
N MET C 155 32.07 -24.37 -26.22
CA MET C 155 31.88 -24.47 -24.78
C MET C 155 30.76 -25.43 -24.41
N ARG C 156 29.85 -25.73 -25.35
CA ARG C 156 28.84 -26.73 -25.13
C ARG C 156 29.30 -28.12 -25.54
N VAL C 157 30.14 -28.21 -26.57
CA VAL C 157 30.56 -29.52 -27.07
C VAL C 157 31.49 -30.20 -26.07
N TYR C 158 32.46 -29.45 -25.55
CA TYR C 158 33.42 -29.99 -24.61
C TYR C 158 33.08 -29.67 -23.16
N ASN C 159 31.92 -29.06 -22.91
CA ASN C 159 31.40 -28.81 -21.57
C ASN C 159 32.37 -27.97 -20.74
N TRP C 160 32.59 -26.75 -21.19
CA TRP C 160 33.39 -25.77 -20.47
C TRP C 160 32.48 -24.66 -19.96
N ASN C 161 32.52 -24.42 -18.65
CA ASN C 161 31.70 -23.39 -18.03
C ASN C 161 32.48 -22.23 -17.44
N HIS C 162 33.74 -22.43 -17.09
CA HIS C 162 34.59 -21.38 -16.53
C HIS C 162 35.65 -21.01 -17.58
N ILE C 163 35.57 -19.77 -18.06
CA ILE C 163 36.45 -19.30 -19.13
C ILE C 163 37.04 -17.95 -18.74
N ILE C 164 38.18 -17.63 -19.35
CA ILE C 164 38.86 -16.36 -19.16
C ILE C 164 38.85 -15.64 -20.49
N LEU C 165 38.11 -14.55 -20.59
CA LEU C 165 38.06 -13.74 -21.80
C LEU C 165 39.16 -12.71 -21.74
N LEU C 166 39.96 -12.64 -22.80
CA LEU C 166 41.14 -11.77 -22.83
C LEU C 166 41.12 -11.02 -24.16
N VAL C 167 40.66 -9.77 -24.13
CA VAL C 167 40.40 -9.02 -25.34
C VAL C 167 41.19 -7.72 -25.33
N SER C 168 41.51 -7.22 -26.51
CA SER C 168 42.15 -5.91 -26.62
C SER C 168 41.12 -4.82 -26.35
N ASP C 169 41.59 -3.69 -25.81
CA ASP C 169 40.69 -2.59 -25.49
C ASP C 169 40.48 -1.74 -26.73
N ASP C 170 39.70 -2.26 -27.68
CA ASP C 170 39.40 -1.61 -28.95
C ASP C 170 37.91 -1.75 -29.18
N HIS C 171 37.48 -1.36 -30.39
CA HIS C 171 36.10 -1.65 -30.80
C HIS C 171 35.90 -3.15 -30.99
N GLU C 172 36.90 -3.84 -31.55
CA GLU C 172 36.76 -5.26 -31.85
C GLU C 172 36.72 -6.10 -30.57
N GLY C 173 37.65 -5.84 -29.65
CA GLY C 173 37.65 -6.59 -28.40
C GLY C 173 36.35 -6.41 -27.63
N ARG C 174 35.87 -5.16 -27.56
CA ARG C 174 34.62 -4.90 -26.85
C ARG C 174 33.43 -5.51 -27.57
N ALA C 175 33.42 -5.53 -28.90
CA ALA C 175 32.30 -6.14 -29.63
C ALA C 175 32.27 -7.64 -29.42
N ALA C 176 33.42 -8.30 -29.53
CA ALA C 176 33.48 -9.74 -29.28
C ALA C 176 33.10 -10.06 -27.84
N GLN C 177 33.59 -9.26 -26.89
CA GLN C 177 33.22 -9.47 -25.49
C GLN C 177 31.72 -9.30 -25.29
N LYS C 178 31.13 -8.28 -25.92
CA LYS C 178 29.69 -8.04 -25.77
C LYS C 178 28.87 -9.19 -26.32
N ARG C 179 29.24 -9.69 -27.50
CA ARG C 179 28.49 -10.81 -28.07
C ARG C 179 28.64 -12.06 -27.23
N LEU C 180 29.86 -12.36 -26.77
CA LEU C 180 30.06 -13.54 -25.92
C LEU C 180 29.30 -13.42 -24.62
N GLU C 181 29.30 -12.24 -24.00
CA GLU C 181 28.55 -12.05 -22.76
C GLU C 181 27.05 -12.16 -22.98
N THR C 182 26.56 -11.67 -24.11
CA THR C 182 25.14 -11.83 -24.42
C THR C 182 24.78 -13.30 -24.56
N LEU C 183 25.63 -14.06 -25.27
CA LEU C 183 25.37 -15.49 -25.44
C LEU C 183 25.40 -16.21 -24.10
N LEU C 184 26.36 -15.86 -23.23
CA LEU C 184 26.45 -16.51 -21.93
C LEU C 184 25.26 -16.14 -21.05
N GLU C 185 24.82 -14.87 -21.08
CA GLU C 185 23.66 -14.46 -20.32
C GLU C 185 22.40 -15.18 -20.80
N GLU C 186 22.32 -15.46 -22.11
CA GLU C 186 21.24 -16.30 -22.60
C GLU C 186 21.25 -17.67 -21.94
N ARG C 187 22.44 -18.17 -21.59
CA ARG C 187 22.60 -19.45 -20.91
C ARG C 187 22.59 -19.32 -19.39
N GLU C 188 22.37 -18.11 -18.87
CA GLU C 188 22.47 -17.83 -17.43
C GLU C 188 23.86 -18.23 -16.92
N SER C 189 24.87 -17.55 -17.44
CA SER C 189 26.27 -17.80 -17.08
C SER C 189 27.06 -16.54 -17.31
N LYS C 190 28.32 -16.56 -16.86
CA LYS C 190 29.20 -15.41 -17.03
C LYS C 190 30.63 -15.89 -17.18
N ALA C 191 31.46 -15.05 -17.80
CA ALA C 191 32.88 -15.33 -17.90
C ALA C 191 33.53 -15.16 -16.54
N GLU C 192 34.46 -16.06 -16.22
CA GLU C 192 35.11 -15.99 -14.91
C GLU C 192 35.90 -14.71 -14.74
N LYS C 193 36.58 -14.26 -15.80
CA LYS C 193 37.34 -13.01 -15.73
C LYS C 193 37.52 -12.42 -17.12
N VAL C 194 37.21 -11.13 -17.27
CA VAL C 194 37.40 -10.40 -18.52
C VAL C 194 38.57 -9.46 -18.32
N LEU C 195 39.61 -9.63 -19.14
CA LEU C 195 40.82 -8.84 -19.07
C LEU C 195 41.00 -8.06 -20.36
N GLN C 196 41.50 -6.84 -20.24
CA GLN C 196 41.73 -5.96 -21.37
C GLN C 196 43.14 -5.40 -21.32
N PHE C 197 43.76 -5.31 -22.50
CA PHE C 197 45.06 -4.68 -22.65
C PHE C 197 45.00 -3.68 -23.79
N ASP C 198 45.75 -2.60 -23.65
CA ASP C 198 45.78 -1.59 -24.69
C ASP C 198 46.50 -2.13 -25.92
N PRO C 199 46.01 -1.86 -27.13
CA PRO C 199 46.65 -2.41 -28.33
C PRO C 199 48.08 -1.91 -28.48
N GLY C 200 48.95 -2.79 -28.95
CA GLY C 200 50.34 -2.44 -29.20
C GLY C 200 51.23 -2.49 -27.98
N THR C 201 50.69 -2.76 -26.80
CA THR C 201 51.49 -2.77 -25.59
C THR C 201 52.37 -4.02 -25.55
N LYS C 202 53.48 -3.93 -24.84
CA LYS C 202 54.42 -5.03 -24.71
C LYS C 202 54.59 -5.51 -23.28
N ASN C 203 53.70 -5.14 -22.37
CA ASN C 203 53.91 -5.41 -20.96
C ASN C 203 52.69 -6.13 -20.37
N VAL C 204 52.22 -7.16 -21.07
CA VAL C 204 50.99 -7.86 -20.68
C VAL C 204 51.28 -8.87 -19.57
N THR C 205 52.50 -8.85 -19.03
CA THR C 205 52.88 -9.79 -18.00
C THR C 205 51.99 -9.66 -16.76
N ALA C 206 51.61 -8.43 -16.41
CA ALA C 206 50.76 -8.24 -15.23
C ALA C 206 49.40 -8.91 -15.41
N LEU C 207 48.78 -8.75 -16.58
CA LEU C 207 47.48 -9.34 -16.82
C LEU C 207 47.54 -10.86 -16.82
N LEU C 208 48.60 -11.43 -17.41
CA LEU C 208 48.73 -12.88 -17.43
C LEU C 208 49.03 -13.44 -16.05
N MET C 209 49.78 -12.69 -15.23
CA MET C 209 49.97 -13.08 -13.83
C MET C 209 48.64 -13.03 -13.08
N GLU C 210 47.82 -12.01 -13.36
CA GLU C 210 46.51 -11.93 -12.74
C GLU C 210 45.64 -13.12 -13.13
N ALA C 211 45.67 -13.49 -14.41
CA ALA C 211 44.88 -14.63 -14.88
C ALA C 211 45.46 -15.96 -14.40
N ARG C 212 46.73 -16.00 -14.00
CA ARG C 212 47.33 -17.22 -13.49
C ARG C 212 46.63 -17.69 -12.23
N GLU C 213 46.33 -16.77 -11.31
CA GLU C 213 45.68 -17.10 -10.05
C GLU C 213 44.23 -17.55 -10.23
N LEU C 214 43.64 -17.34 -11.39
CA LEU C 214 42.25 -17.69 -11.60
C LEU C 214 42.07 -19.20 -11.68
N GLU C 215 40.86 -19.65 -11.32
CA GLU C 215 40.58 -21.08 -11.29
C GLU C 215 40.34 -21.64 -12.68
N ALA C 216 39.77 -20.84 -13.58
CA ALA C 216 39.46 -21.31 -14.93
C ALA C 216 40.74 -21.53 -15.73
N ARG C 217 40.70 -22.54 -16.60
CA ARG C 217 41.84 -22.86 -17.47
C ARG C 217 41.58 -22.57 -18.94
N VAL C 218 40.33 -22.49 -19.36
CA VAL C 218 40.02 -22.20 -20.76
C VAL C 218 40.20 -20.71 -21.01
N ILE C 219 41.15 -20.36 -21.85
CA ILE C 219 41.49 -18.97 -22.14
C ILE C 219 41.03 -18.64 -23.55
N ILE C 220 40.23 -17.58 -23.67
CA ILE C 220 39.71 -17.13 -24.95
C ILE C 220 40.36 -15.80 -25.30
N LEU C 221 40.95 -15.72 -26.49
CA LEU C 221 41.73 -14.57 -26.90
C LEU C 221 41.08 -13.87 -28.09
N SER C 222 41.21 -12.54 -28.12
CA SER C 222 40.70 -11.73 -29.22
C SER C 222 41.60 -10.50 -29.35
N ALA C 223 42.54 -10.56 -30.29
CA ALA C 223 43.48 -9.47 -30.47
C ALA C 223 44.08 -9.56 -31.86
N SER C 224 44.82 -8.51 -32.24
CA SER C 224 45.48 -8.46 -33.53
C SER C 224 46.64 -9.46 -33.57
N GLU C 225 47.31 -9.52 -34.73
CA GLU C 225 48.38 -10.50 -34.90
C GLU C 225 49.57 -10.20 -33.99
N ASP C 226 50.01 -8.95 -33.95
CA ASP C 226 51.14 -8.59 -33.11
C ASP C 226 50.80 -8.74 -31.63
N ASP C 227 49.60 -8.32 -31.23
CA ASP C 227 49.18 -8.50 -29.85
C ASP C 227 49.06 -9.98 -29.49
N ALA C 228 48.57 -10.80 -30.43
CA ALA C 228 48.52 -12.23 -30.20
C ALA C 228 49.91 -12.82 -30.02
N ALA C 229 50.88 -12.37 -30.84
CA ALA C 229 52.24 -12.85 -30.67
C ALA C 229 52.81 -12.43 -29.32
N THR C 230 52.53 -11.19 -28.89
CA THR C 230 53.01 -10.72 -27.60
C THR C 230 52.44 -11.55 -26.45
N VAL C 231 51.13 -11.80 -26.48
CA VAL C 231 50.52 -12.55 -25.39
C VAL C 231 50.97 -14.01 -25.42
N TYR C 232 51.19 -14.57 -26.62
CA TYR C 232 51.72 -15.92 -26.71
C TYR C 232 53.12 -16.01 -26.10
N ARG C 233 53.96 -15.03 -26.40
CA ARG C 233 55.31 -15.02 -25.84
C ARG C 233 55.25 -14.89 -24.32
N ALA C 234 54.39 -14.01 -23.82
CA ALA C 234 54.26 -13.85 -22.37
C ALA C 234 53.76 -15.14 -21.71
N ALA C 235 52.78 -15.81 -22.34
CA ALA C 235 52.26 -17.05 -21.77
C ALA C 235 53.31 -18.15 -21.78
N ALA C 236 54.10 -18.24 -22.85
CA ALA C 236 55.17 -19.22 -22.88
C ALA C 236 56.20 -18.94 -21.81
N MET C 237 56.53 -17.66 -21.59
CA MET C 237 57.46 -17.30 -20.54
C MET C 237 56.90 -17.58 -19.15
N LEU C 238 55.58 -17.46 -18.97
CA LEU C 238 54.95 -17.63 -17.67
C LEU C 238 54.42 -19.04 -17.45
N ASN C 239 54.78 -19.99 -18.32
CA ASN C 239 54.40 -21.39 -18.18
C ASN C 239 52.89 -21.57 -18.17
N MET C 240 52.19 -20.70 -18.89
CA MET C 240 50.75 -20.75 -18.98
C MET C 240 50.25 -21.62 -20.12
N THR C 241 51.15 -22.23 -20.89
CA THR C 241 50.78 -23.05 -22.04
C THR C 241 50.96 -24.54 -21.78
N GLY C 242 51.03 -24.96 -20.52
CA GLY C 242 51.23 -26.34 -20.17
C GLY C 242 49.95 -27.16 -20.22
N SER C 243 50.04 -28.38 -19.69
CA SER C 243 48.90 -29.28 -19.67
C SER C 243 47.80 -28.72 -18.78
N GLY C 244 46.55 -29.06 -19.13
CA GLY C 244 45.40 -28.61 -18.39
C GLY C 244 44.78 -27.33 -18.89
N TYR C 245 45.49 -26.57 -19.73
CA TYR C 245 44.97 -25.34 -20.29
C TYR C 245 44.28 -25.61 -21.63
N VAL C 246 43.42 -24.67 -22.01
CA VAL C 246 42.79 -24.66 -23.33
C VAL C 246 42.91 -23.24 -23.89
N TRP C 247 43.38 -23.13 -25.13
CA TRP C 247 43.54 -21.85 -25.80
C TRP C 247 42.57 -21.77 -26.97
N LEU C 248 41.52 -20.97 -26.82
CA LEU C 248 40.56 -20.71 -27.88
C LEU C 248 40.82 -19.32 -28.44
N VAL C 249 41.08 -19.24 -29.75
CA VAL C 249 41.37 -17.99 -30.42
C VAL C 249 40.54 -17.91 -31.70
N GLY C 250 40.74 -16.82 -32.44
CA GLY C 250 40.06 -16.60 -33.69
C GLY C 250 40.99 -16.71 -34.88
N GLU C 251 40.54 -16.15 -36.00
CA GLU C 251 41.31 -16.26 -37.24
C GLU C 251 42.54 -15.38 -37.22
N ARG C 252 42.45 -14.18 -36.64
CA ARG C 252 43.57 -13.25 -36.67
C ARG C 252 44.76 -13.80 -35.88
N GLU C 253 44.51 -14.43 -34.74
CA GLU C 253 45.58 -14.83 -33.84
C GLU C 253 46.42 -15.98 -34.37
N ILE C 254 45.96 -16.69 -35.40
CA ILE C 254 46.73 -17.82 -35.94
C ILE C 254 47.20 -17.48 -37.34
N SER C 255 47.41 -16.20 -37.62
CA SER C 255 47.86 -15.74 -38.92
C SER C 255 49.11 -14.88 -38.76
N GLY C 256 49.95 -14.90 -39.79
CA GLY C 256 51.17 -14.10 -39.76
C GLY C 256 52.17 -14.65 -38.75
N ASN C 257 53.02 -13.74 -38.27
CA ASN C 257 54.04 -14.11 -37.29
C ASN C 257 53.46 -14.63 -35.99
N ALA C 258 52.20 -14.31 -35.69
CA ALA C 258 51.55 -14.87 -34.51
C ALA C 258 51.46 -16.38 -34.59
N LEU C 259 51.54 -16.95 -35.80
CA LEU C 259 51.57 -18.40 -35.94
C LEU C 259 52.90 -18.96 -35.45
N ARG C 260 53.99 -18.21 -35.61
CA ARG C 260 55.30 -18.71 -35.20
C ARG C 260 55.36 -18.89 -33.68
N TYR C 261 54.79 -17.95 -32.93
CA TYR C 261 54.87 -17.96 -31.48
C TYR C 261 53.69 -18.63 -30.81
N ALA C 262 52.77 -19.21 -31.60
CA ALA C 262 51.61 -19.84 -31.02
C ALA C 262 52.01 -21.13 -30.30
N PRO C 263 51.49 -21.38 -29.10
CA PRO C 263 51.78 -22.63 -28.40
C PRO C 263 51.10 -23.80 -29.11
N ASP C 264 51.82 -24.91 -29.23
CA ASP C 264 51.29 -26.08 -29.92
C ASP C 264 50.02 -26.57 -29.25
N GLY C 265 49.06 -27.00 -30.06
CA GLY C 265 47.77 -27.45 -29.57
C GLY C 265 46.72 -26.38 -29.40
N ILE C 266 46.91 -25.22 -30.03
CA ILE C 266 46.00 -24.09 -29.85
C ILE C 266 44.85 -24.21 -30.87
N ILE C 267 43.62 -24.14 -30.38
CA ILE C 267 42.47 -24.23 -31.26
C ILE C 267 42.18 -22.86 -31.86
N GLY C 268 42.12 -22.80 -33.20
CA GLY C 268 41.83 -21.57 -33.89
C GLY C 268 40.72 -21.77 -34.90
N LEU C 269 40.25 -20.66 -35.45
CA LEU C 269 39.16 -20.66 -36.42
C LEU C 269 39.65 -20.11 -37.75
N GLN C 270 39.02 -20.57 -38.83
CA GLN C 270 39.28 -20.05 -40.16
C GLN C 270 37.96 -19.97 -40.91
N LEU C 271 37.91 -19.06 -41.88
CA LEU C 271 36.72 -18.88 -42.71
C LEU C 271 36.92 -19.55 -44.05
N ILE C 272 35.99 -20.41 -44.43
CA ILE C 272 36.05 -21.06 -45.73
C ILE C 272 35.72 -20.04 -46.81
N ASN C 273 36.59 -19.96 -47.82
CA ASN C 273 36.52 -18.92 -48.85
C ASN C 273 36.55 -17.52 -48.26
N GLY C 274 37.20 -17.37 -47.10
CA GLY C 274 37.33 -16.06 -46.49
C GLY C 274 38.18 -15.10 -47.29
N LYS C 275 39.29 -15.57 -47.87
CA LYS C 275 40.12 -14.76 -48.74
C LYS C 275 39.88 -15.02 -50.22
N ASN C 276 38.98 -15.94 -50.57
CA ASN C 276 38.65 -16.19 -51.97
C ASN C 276 37.76 -15.08 -52.49
N GLU C 277 38.37 -14.05 -53.07
CA GLU C 277 37.61 -12.89 -53.50
C GLU C 277 36.80 -13.16 -54.77
N SER C 278 37.21 -14.14 -55.58
CA SER C 278 36.47 -14.45 -56.81
C SER C 278 35.08 -14.98 -56.50
N ALA C 279 34.99 -15.95 -55.59
CA ALA C 279 33.69 -16.53 -55.24
C ALA C 279 32.79 -15.48 -54.60
N HIS C 280 33.36 -14.65 -53.73
CA HIS C 280 32.58 -13.59 -53.09
C HIS C 280 32.09 -12.59 -54.13
N ILE C 281 32.92 -12.25 -55.11
CA ILE C 281 32.51 -11.34 -56.18
C ILE C 281 31.33 -11.93 -56.94
N SER C 282 31.44 -13.21 -57.33
CA SER C 282 30.37 -13.83 -58.09
C SER C 282 29.08 -13.89 -57.28
N ASP C 283 29.18 -14.26 -56.00
CA ASP C 283 28.00 -14.39 -55.16
C ASP C 283 27.34 -13.03 -54.95
N ALA C 284 28.15 -11.99 -54.70
CA ALA C 284 27.59 -10.65 -54.53
C ALA C 284 26.95 -10.15 -55.81
N VAL C 285 27.56 -10.45 -56.97
CA VAL C 285 26.98 -10.05 -58.24
C VAL C 285 25.62 -10.70 -58.45
N GLY C 286 25.53 -12.00 -58.15
CA GLY C 286 24.24 -12.67 -58.26
C GLY C 286 23.20 -12.09 -57.32
N VAL C 287 23.60 -11.81 -56.08
CA VAL C 287 22.68 -11.23 -55.10
C VAL C 287 22.18 -9.88 -55.58
N VAL C 288 23.09 -9.03 -56.07
CA VAL C 288 22.73 -7.69 -56.53
C VAL C 288 21.81 -7.78 -57.74
N ALA C 289 22.10 -8.69 -58.66
CA ALA C 289 21.25 -8.83 -59.85
C ALA C 289 19.83 -9.26 -59.45
N GLN C 290 19.71 -10.25 -58.57
CA GLN C 290 18.40 -10.70 -58.14
C GLN C 290 17.65 -9.58 -57.41
N ALA C 291 18.35 -8.85 -56.55
CA ALA C 291 17.72 -7.76 -55.82
C ALA C 291 17.24 -6.65 -56.77
N VAL C 292 18.05 -6.32 -57.77
CA VAL C 292 17.66 -5.29 -58.74
C VAL C 292 16.43 -5.74 -59.52
N HIS C 293 16.42 -7.00 -59.96
CA HIS C 293 15.28 -7.49 -60.71
C HIS C 293 14.02 -7.50 -59.86
N GLU C 294 14.14 -7.85 -58.58
CA GLU C 294 12.99 -7.79 -57.69
C GLU C 294 12.52 -6.35 -57.47
N LEU C 295 13.48 -5.41 -57.36
CA LEU C 295 13.14 -4.02 -57.13
C LEU C 295 12.38 -3.43 -58.33
N LEU C 296 12.79 -3.78 -59.55
CA LEU C 296 12.16 -3.19 -60.73
C LEU C 296 10.67 -3.52 -60.82
N GLU C 297 10.20 -4.55 -60.12
CA GLU C 297 8.79 -4.90 -60.16
C GLU C 297 7.92 -3.91 -59.39
N LYS C 298 8.49 -3.10 -58.52
CA LYS C 298 7.73 -2.15 -57.73
C LYS C 298 7.55 -0.83 -58.47
N GLU C 299 6.77 0.05 -57.87
CA GLU C 299 6.46 1.36 -58.44
C GLU C 299 7.21 2.46 -57.67
N ASN C 300 7.09 3.68 -58.17
CA ASN C 300 7.76 4.82 -57.52
C ASN C 300 9.26 4.62 -57.49
N ILE C 301 9.82 4.07 -58.57
CA ILE C 301 11.26 3.84 -58.66
C ILE C 301 11.92 5.09 -59.23
N THR C 302 12.95 5.57 -58.52
CA THR C 302 13.66 6.79 -58.91
C THR C 302 15.09 6.44 -59.27
N ASP C 303 15.60 7.08 -60.30
CA ASP C 303 16.98 6.85 -60.73
C ASP C 303 17.95 7.39 -59.69
N PRO C 304 19.05 6.69 -59.42
CA PRO C 304 20.06 7.20 -58.49
C PRO C 304 20.72 8.45 -59.05
N PRO C 305 21.21 9.34 -58.19
CA PRO C 305 21.71 10.63 -58.66
C PRO C 305 23.15 10.57 -59.13
N ARG C 306 23.48 11.51 -60.02
CA ARG C 306 24.87 11.79 -60.38
C ARG C 306 25.45 12.78 -59.38
N GLY C 307 25.61 12.30 -58.14
CA GLY C 307 25.83 13.16 -57.00
C GLY C 307 27.25 13.70 -56.85
N CYS C 308 27.94 13.90 -57.98
CA CYS C 308 29.24 14.56 -57.92
C CYS C 308 29.08 16.00 -57.45
N VAL C 309 28.32 16.80 -58.18
CA VAL C 309 28.03 18.19 -57.81
C VAL C 309 26.58 18.48 -58.12
N GLY C 310 25.95 19.31 -57.28
CA GLY C 310 24.58 19.72 -57.53
C GLY C 310 23.51 18.89 -56.87
N ASN C 311 23.88 17.80 -56.19
CA ASN C 311 22.91 16.93 -55.54
C ASN C 311 23.25 16.77 -54.07
N THR C 312 22.25 16.95 -53.21
CA THR C 312 22.41 16.70 -51.78
C THR C 312 21.32 15.82 -51.19
N ASN C 313 20.15 15.74 -51.81
CA ASN C 313 19.10 14.85 -51.31
C ASN C 313 19.49 13.39 -51.51
N ILE C 314 19.02 12.55 -50.61
CA ILE C 314 19.34 11.12 -50.65
C ILE C 314 18.59 10.47 -51.80
N TRP C 315 18.98 9.25 -52.16
CA TRP C 315 18.27 8.48 -53.17
C TRP C 315 17.00 7.92 -52.54
N LYS C 316 15.85 8.26 -53.11
CA LYS C 316 14.58 7.96 -52.45
C LYS C 316 14.36 6.46 -52.26
N THR C 317 14.69 5.66 -53.26
CA THR C 317 14.49 4.22 -53.20
C THR C 317 15.67 3.49 -52.56
N GLY C 318 16.68 4.23 -52.10
CA GLY C 318 17.84 3.63 -51.48
C GLY C 318 17.53 2.79 -50.26
N PRO C 319 16.79 3.37 -49.29
CA PRO C 319 16.34 2.55 -48.15
C PRO C 319 15.52 1.33 -48.55
N LEU C 320 14.63 1.49 -49.54
CA LEU C 320 13.84 0.35 -49.98
C LEU C 320 14.71 -0.68 -50.69
N PHE C 321 15.69 -0.22 -51.47
CA PHE C 321 16.61 -1.13 -52.12
C PHE C 321 17.41 -1.92 -51.08
N LYS C 322 17.88 -1.26 -50.03
CA LYS C 322 18.61 -1.96 -48.97
C LYS C 322 17.71 -2.94 -48.24
N ARG C 323 16.44 -2.56 -48.01
CA ARG C 323 15.50 -3.47 -47.38
C ARG C 323 15.30 -4.72 -48.23
N VAL C 324 15.15 -4.55 -49.54
CA VAL C 324 15.00 -5.68 -50.44
C VAL C 324 16.27 -6.54 -50.43
N LEU C 325 17.43 -5.91 -50.44
CA LEU C 325 18.70 -6.66 -50.42
C LEU C 325 18.82 -7.48 -49.15
N MET C 326 18.47 -6.90 -48.00
CA MET C 326 18.60 -7.61 -46.74
C MET C 326 17.56 -8.73 -46.62
N SER C 327 16.32 -8.45 -47.02
CA SER C 327 15.25 -9.45 -46.92
C SER C 327 15.36 -10.54 -47.97
N SER C 328 16.28 -10.41 -48.93
CA SER C 328 16.40 -11.39 -50.00
C SER C 328 16.89 -12.73 -49.45
N LYS C 329 16.39 -13.81 -50.05
CA LYS C 329 16.73 -15.17 -49.67
C LYS C 329 17.37 -15.88 -50.85
N TYR C 330 18.38 -16.70 -50.56
CA TYR C 330 19.10 -17.42 -51.60
C TYR C 330 19.38 -18.84 -51.14
N ALA C 331 19.58 -19.72 -52.12
CA ALA C 331 19.96 -21.10 -51.85
C ALA C 331 21.12 -21.58 -52.72
N ASP C 332 21.61 -20.75 -53.64
CA ASP C 332 22.71 -21.11 -54.52
C ASP C 332 23.81 -20.07 -54.39
N GLY C 333 25.06 -20.54 -54.54
CA GLY C 333 26.20 -19.66 -54.45
C GLY C 333 27.51 -20.41 -54.34
N VAL C 334 28.60 -19.78 -54.83
CA VAL C 334 29.91 -20.42 -54.75
C VAL C 334 30.34 -20.56 -53.29
N THR C 335 30.10 -19.53 -52.48
CA THR C 335 30.37 -19.58 -51.05
C THR C 335 29.22 -20.19 -50.26
N GLY C 336 28.13 -20.55 -50.92
CA GLY C 336 26.98 -21.13 -50.27
C GLY C 336 25.81 -20.16 -50.20
N ARG C 337 24.79 -20.59 -49.46
CA ARG C 337 23.60 -19.77 -49.29
C ARG C 337 23.94 -18.51 -48.50
N VAL C 338 23.43 -17.38 -48.98
CA VAL C 338 23.68 -16.08 -48.36
C VAL C 338 22.40 -15.57 -47.72
N GLU C 339 22.51 -15.17 -46.46
CA GLU C 339 21.41 -14.57 -45.72
C GLU C 339 21.98 -13.47 -44.84
N PHE C 340 21.38 -12.29 -44.91
CA PHE C 340 21.86 -11.13 -44.17
C PHE C 340 20.99 -10.92 -42.93
N ASN C 341 21.62 -10.80 -41.77
CA ASN C 341 20.89 -10.54 -40.54
C ASN C 341 20.42 -9.09 -40.51
N GLU C 342 19.82 -8.68 -39.40
CA GLU C 342 19.24 -7.34 -39.32
C GLU C 342 20.31 -6.26 -39.35
N ASP C 343 21.56 -6.62 -39.06
CA ASP C 343 22.67 -5.67 -39.11
C ASP C 343 23.32 -5.60 -40.49
N GLY C 344 22.94 -6.48 -41.41
CA GLY C 344 23.52 -6.49 -42.74
C GLY C 344 24.76 -7.35 -42.91
N ASP C 345 25.04 -8.23 -41.96
CA ASP C 345 26.18 -9.13 -42.05
C ASP C 345 25.72 -10.51 -42.47
N ARG C 346 26.62 -11.23 -43.14
CA ARG C 346 26.31 -12.60 -43.57
C ARG C 346 26.08 -13.49 -42.37
N LYS C 347 25.01 -14.28 -42.44
CA LYS C 347 24.69 -15.25 -41.40
C LYS C 347 24.76 -16.65 -42.00
N PHE C 348 24.82 -17.65 -41.13
CA PHE C 348 24.96 -19.05 -41.51
C PHE C 348 26.19 -19.26 -42.39
N ALA C 349 27.33 -18.87 -41.84
CA ALA C 349 28.61 -18.99 -42.52
C ALA C 349 29.42 -20.10 -41.86
N ASN C 350 29.89 -21.04 -42.66
CA ASN C 350 30.66 -22.17 -42.14
C ASN C 350 32.04 -21.71 -41.67
N TYR C 351 32.55 -22.40 -40.64
CA TYR C 351 33.89 -22.17 -40.13
C TYR C 351 34.66 -23.47 -40.12
N SER C 352 35.99 -23.36 -40.15
CA SER C 352 36.88 -24.51 -40.05
C SER C 352 37.68 -24.40 -38.76
N ILE C 353 37.62 -25.43 -37.92
CA ILE C 353 38.32 -25.43 -36.64
C ILE C 353 39.67 -26.10 -36.85
N MET C 354 40.75 -25.36 -36.63
CA MET C 354 42.10 -25.83 -36.88
C MET C 354 42.84 -26.02 -35.57
N ASN C 355 43.72 -27.03 -35.55
CA ASN C 355 44.56 -27.33 -34.41
C ASN C 355 46.02 -27.25 -34.81
N LEU C 356 46.84 -26.69 -33.94
CA LEU C 356 48.28 -26.58 -34.18
C LEU C 356 48.94 -27.84 -33.66
N GLN C 357 49.01 -28.86 -34.53
CA GLN C 357 49.66 -30.12 -34.21
C GLN C 357 51.01 -30.15 -34.92
N ASN C 358 52.09 -30.09 -34.13
CA ASN C 358 53.45 -30.15 -34.65
C ASN C 358 53.72 -29.02 -35.64
N ARG C 359 53.45 -27.79 -35.20
CA ARG C 359 53.72 -26.57 -35.96
C ARG C 359 52.96 -26.52 -37.28
N LYS C 360 51.89 -27.29 -37.43
CA LYS C 360 51.09 -27.29 -38.65
C LYS C 360 49.62 -27.27 -38.29
N LEU C 361 48.86 -26.40 -38.95
CA LEU C 361 47.43 -26.29 -38.70
C LEU C 361 46.71 -27.49 -39.30
N VAL C 362 46.02 -28.25 -38.45
CA VAL C 362 45.29 -29.45 -38.88
C VAL C 362 43.82 -29.25 -38.52
N GLN C 363 42.96 -29.37 -39.53
CA GLN C 363 41.52 -29.21 -39.29
C GLN C 363 41.01 -30.34 -38.43
N VAL C 364 40.16 -30.00 -37.45
CA VAL C 364 39.63 -30.98 -36.52
C VAL C 364 38.12 -30.86 -36.43
N GLY C 365 37.51 -30.11 -37.33
CA GLY C 365 36.07 -30.02 -37.35
C GLY C 365 35.58 -28.82 -38.14
N ILE C 366 34.26 -28.79 -38.32
CA ILE C 366 33.58 -27.76 -39.08
C ILE C 366 32.44 -27.20 -38.25
N TYR C 367 32.30 -25.87 -38.29
CA TYR C 367 31.17 -25.18 -37.68
C TYR C 367 30.15 -24.94 -38.79
N ASN C 368 29.11 -25.75 -38.79
CA ASN C 368 28.04 -25.69 -39.78
C ASN C 368 26.88 -24.91 -39.19
N GLY C 369 26.82 -23.61 -39.52
CA GLY C 369 25.64 -22.80 -39.27
C GLY C 369 25.41 -22.51 -37.80
N THR C 370 24.98 -23.52 -37.05
CA THR C 370 24.69 -23.39 -35.64
C THR C 370 25.13 -24.62 -34.86
N HIS C 371 25.97 -25.46 -35.46
CA HIS C 371 26.41 -26.67 -34.80
C HIS C 371 27.87 -26.92 -35.15
N VAL C 372 28.51 -27.79 -34.35
CA VAL C 372 29.91 -28.15 -34.54
C VAL C 372 29.97 -29.64 -34.81
N ILE C 373 30.58 -30.03 -35.92
CA ILE C 373 30.76 -31.42 -36.29
C ILE C 373 32.25 -31.74 -36.30
N PRO C 374 32.71 -32.73 -35.54
CA PRO C 374 34.11 -33.12 -35.59
C PRO C 374 34.35 -34.28 -36.54
N ASN C 375 35.50 -34.23 -37.22
CA ASN C 375 35.91 -35.30 -38.10
C ASN C 375 36.68 -36.35 -37.28
N ASP C 376 37.33 -37.29 -37.96
CA ASP C 376 38.04 -38.38 -37.30
C ASP C 376 39.49 -38.05 -36.99
N ARG C 377 39.82 -36.76 -36.87
CA ARG C 377 41.16 -36.33 -36.49
C ARG C 377 41.19 -36.09 -34.99
N LYS C 378 42.19 -36.68 -34.32
CA LYS C 378 42.30 -36.55 -32.87
C LYS C 378 42.75 -35.14 -32.50
N ILE C 379 42.07 -34.55 -31.53
CA ILE C 379 42.43 -33.21 -31.05
C ILE C 379 43.62 -33.33 -30.10
N ILE C 380 44.65 -32.53 -30.35
CA ILE C 380 45.84 -32.50 -29.51
C ILE C 380 45.81 -31.18 -28.73
N TRP C 381 45.76 -31.29 -27.41
CA TRP C 381 45.63 -30.15 -26.53
C TRP C 381 47.00 -29.58 -26.21
N PRO C 382 47.07 -28.33 -25.73
CA PRO C 382 48.38 -27.66 -25.59
C PRO C 382 49.36 -28.37 -24.67
N GLY C 383 48.96 -29.44 -23.99
CA GLY C 383 49.89 -30.22 -23.21
C GLY C 383 50.40 -31.42 -23.97
N GLY C 384 50.06 -32.61 -23.47
CA GLY C 384 50.50 -33.86 -24.09
C GLY C 384 49.38 -34.67 -24.67
N GLU C 385 48.93 -35.68 -23.90
CA GLU C 385 47.95 -36.67 -24.32
C GLU C 385 46.68 -36.02 -24.87
N THR C 386 45.92 -36.78 -25.67
CA THR C 386 44.75 -36.27 -26.36
C THR C 386 43.48 -36.28 -25.53
N GLU C 387 43.57 -36.62 -24.24
CA GLU C 387 42.38 -36.62 -23.39
C GLU C 387 41.86 -35.19 -23.25
N LYS C 388 40.55 -35.05 -23.16
CA LYS C 388 39.94 -33.73 -23.04
C LYS C 388 40.18 -33.18 -21.64
N PRO C 389 40.86 -32.05 -21.49
CA PRO C 389 41.12 -31.50 -20.15
C PRO C 389 39.97 -30.62 -19.69
N ARG C 390 39.43 -30.92 -18.51
CA ARG C 390 38.47 -30.01 -17.89
C ARG C 390 39.16 -28.69 -17.57
N GLY C 391 38.50 -27.58 -17.90
CA GLY C 391 39.16 -26.29 -17.89
C GLY C 391 39.09 -25.53 -16.59
N TYR C 392 39.29 -26.21 -15.46
CA TYR C 392 39.31 -25.53 -14.18
C TYR C 392 39.94 -26.42 -13.12
N GLN C 393 40.58 -25.79 -12.14
CA GLN C 393 41.10 -26.46 -10.96
C GLN C 393 40.22 -26.13 -9.76
N MET C 394 40.66 -26.57 -8.59
CA MET C 394 39.86 -26.41 -7.37
C MET C 394 40.26 -25.19 -6.55
N SER C 395 41.54 -24.80 -6.58
CA SER C 395 42.06 -23.69 -5.79
C SER C 395 41.81 -23.93 -4.30
N THR C 396 42.48 -24.97 -3.80
CA THR C 396 42.30 -25.39 -2.41
C THR C 396 42.63 -24.26 -1.44
N ARG C 397 43.73 -23.55 -1.69
CA ARG C 397 44.06 -22.39 -0.87
C ARG C 397 43.06 -21.27 -1.13
N LEU C 398 42.56 -20.68 -0.05
CA LEU C 398 41.57 -19.61 -0.12
C LEU C 398 42.12 -18.35 0.51
N LYS C 399 41.74 -17.20 -0.06
CA LYS C 399 42.16 -15.89 0.43
C LYS C 399 41.06 -15.32 1.30
N ILE C 400 41.27 -15.34 2.61
CA ILE C 400 40.29 -14.87 3.58
C ILE C 400 40.51 -13.38 3.83
N VAL C 401 39.42 -12.64 3.98
CA VAL C 401 39.48 -11.23 4.33
C VAL C 401 38.65 -11.02 5.59
N THR C 402 39.24 -10.35 6.58
CA THR C 402 38.58 -10.08 7.86
C THR C 402 38.70 -8.60 8.18
N ILE C 403 38.10 -8.20 9.30
CA ILE C 403 38.15 -6.83 9.80
C ILE C 403 38.44 -6.89 11.30
N HIS C 404 38.87 -5.76 11.84
CA HIS C 404 39.24 -5.67 13.26
C HIS C 404 37.98 -5.39 14.07
N GLN C 405 37.37 -6.45 14.60
CA GLN C 405 36.28 -6.35 15.55
C GLN C 405 36.74 -6.99 16.85
N GLU C 406 36.57 -6.27 17.96
CA GLU C 406 37.27 -6.62 19.19
C GLU C 406 36.93 -8.02 19.72
N PRO C 407 35.67 -8.40 19.91
CA PRO C 407 35.42 -9.72 20.50
C PRO C 407 35.67 -10.87 19.54
N PHE C 408 35.63 -10.63 18.24
CA PHE C 408 35.76 -11.69 17.25
C PHE C 408 37.15 -11.76 16.62
N VAL C 409 37.72 -10.64 16.19
CA VAL C 409 39.00 -10.61 15.52
C VAL C 409 39.91 -9.64 16.25
N TYR C 410 40.71 -10.16 17.19
CA TYR C 410 41.79 -9.41 17.79
C TYR C 410 42.97 -9.35 16.85
N VAL C 411 43.52 -8.14 16.68
CA VAL C 411 44.68 -7.88 15.83
C VAL C 411 45.78 -7.31 16.71
N LYS C 412 46.97 -7.90 16.62
CA LYS C 412 48.08 -7.56 17.49
C LYS C 412 49.37 -7.55 16.67
N PRO C 413 50.36 -6.77 17.07
CA PRO C 413 51.68 -6.84 16.42
C PRO C 413 52.41 -8.14 16.76
N THR C 414 53.40 -8.46 15.93
CA THR C 414 54.20 -9.66 16.08
C THR C 414 55.34 -9.43 17.08
N MET C 415 56.00 -10.52 17.47
CA MET C 415 57.01 -10.45 18.52
C MET C 415 58.36 -9.96 17.97
N SER C 416 58.99 -10.75 17.10
CA SER C 416 60.31 -10.40 16.59
C SER C 416 60.34 -10.32 15.07
N ASP C 417 59.99 -11.41 14.37
CA ASP C 417 59.98 -11.42 12.91
C ASP C 417 58.93 -12.44 12.47
N GLY C 418 57.72 -11.96 12.17
CA GLY C 418 56.66 -12.82 11.68
C GLY C 418 56.30 -13.95 12.61
N THR C 419 56.32 -13.72 13.91
CA THR C 419 55.99 -14.74 14.89
C THR C 419 55.00 -14.18 15.91
N CYS C 420 54.17 -15.08 16.44
CA CYS C 420 53.10 -14.70 17.37
C CYS C 420 53.42 -15.22 18.77
N LYS C 421 53.04 -14.43 19.77
CA LYS C 421 53.26 -14.82 21.15
C LYS C 421 52.44 -16.06 21.50
N GLU C 422 53.02 -16.92 22.33
CA GLU C 422 52.36 -18.13 22.80
C GLU C 422 51.54 -17.76 24.04
N GLU C 423 50.22 -17.70 23.89
CA GLU C 423 49.33 -17.34 24.96
C GLU C 423 48.45 -18.52 25.35
N PHE C 424 48.17 -18.63 26.64
CA PHE C 424 47.34 -19.70 27.18
C PHE C 424 46.10 -19.09 27.83
N THR C 425 44.96 -19.74 27.63
CA THR C 425 43.73 -19.31 28.27
C THR C 425 43.80 -19.58 29.77
N VAL C 426 42.92 -18.91 30.52
CA VAL C 426 42.88 -19.07 31.96
C VAL C 426 42.56 -20.51 32.36
N ASN C 427 41.90 -21.26 31.49
CA ASN C 427 41.62 -22.68 31.74
C ASN C 427 42.77 -23.58 31.34
N GLY C 428 43.85 -23.03 30.79
CA GLY C 428 45.00 -23.82 30.41
C GLY C 428 45.09 -24.17 28.94
N ASP C 429 44.05 -23.94 28.16
CA ASP C 429 44.10 -24.27 26.74
C ASP C 429 44.92 -23.24 25.98
N PRO C 430 45.75 -23.67 25.03
CA PRO C 430 46.50 -22.70 24.22
C PRO C 430 45.59 -21.91 23.29
N VAL C 431 46.03 -20.70 22.97
CA VAL C 431 45.29 -19.81 22.07
C VAL C 431 45.81 -20.00 20.66
N LYS C 432 44.88 -20.18 19.72
CA LYS C 432 45.23 -20.39 18.31
C LYS C 432 45.28 -19.03 17.61
N LYS C 433 46.46 -18.68 17.11
CA LYS C 433 46.68 -17.43 16.40
C LYS C 433 47.13 -17.70 14.97
N VAL C 434 46.84 -16.74 14.08
CA VAL C 434 47.15 -16.88 12.67
C VAL C 434 47.85 -15.60 12.21
N ILE C 435 48.82 -15.77 11.32
CA ILE C 435 49.55 -14.64 10.75
C ILE C 435 48.69 -14.04 9.64
N CYS C 436 48.42 -12.74 9.76
CA CYS C 436 47.53 -12.03 8.85
C CYS C 436 48.20 -10.76 8.35
N THR C 437 48.20 -10.57 7.04
CA THR C 437 48.85 -9.41 6.44
C THR C 437 47.83 -8.31 6.20
N GLY C 438 48.08 -7.15 6.77
CA GLY C 438 47.25 -6.00 6.53
C GLY C 438 47.99 -4.74 6.91
N PRO C 439 47.37 -3.58 6.78
CA PRO C 439 48.02 -2.35 7.22
C PRO C 439 48.28 -2.35 8.71
N ASN C 440 49.39 -1.73 9.10
CA ASN C 440 49.52 -1.29 10.48
C ASN C 440 48.47 -0.26 10.88
N ASP C 441 48.30 0.82 10.14
CA ASP C 441 47.61 1.96 10.74
C ASP C 441 46.65 2.57 9.74
N THR C 442 45.98 3.63 10.22
CA THR C 442 44.92 4.31 9.49
C THR C 442 45.52 5.25 8.46
N SER C 443 44.68 6.10 7.88
CA SER C 443 45.14 7.03 6.85
C SER C 443 46.28 7.94 7.27
N PRO C 444 46.27 8.56 8.46
CA PRO C 444 47.39 9.46 8.80
C PRO C 444 48.74 8.78 8.85
N GLY C 445 48.79 7.50 9.22
CA GLY C 445 50.08 6.83 9.36
C GLY C 445 50.84 6.74 8.05
N SER C 446 50.15 6.33 6.98
CA SER C 446 50.74 6.19 5.66
C SER C 446 49.64 6.02 4.63
N PRO C 447 49.84 6.49 3.40
CA PRO C 447 48.83 6.23 2.35
C PRO C 447 48.55 4.76 2.13
N ARG C 448 49.59 3.92 2.14
CA ARG C 448 49.45 2.48 1.97
C ARG C 448 50.71 1.80 2.48
N HIS C 449 50.53 0.80 3.35
CA HIS C 449 51.65 0.03 3.87
C HIS C 449 51.16 -1.28 4.47
N THR C 450 51.67 -2.41 3.96
CA THR C 450 51.22 -3.73 4.39
C THR C 450 52.28 -4.40 5.25
N VAL C 451 51.88 -4.80 6.46
CA VAL C 451 52.76 -5.50 7.38
C VAL C 451 52.05 -6.75 7.89
N PRO C 452 52.81 -7.74 8.34
CA PRO C 452 52.20 -8.92 8.96
C PRO C 452 51.97 -8.73 10.45
N GLN C 453 50.84 -9.24 10.92
CA GLN C 453 50.42 -9.13 12.31
C GLN C 453 49.82 -10.47 12.72
N CYS C 454 49.34 -10.54 13.96
CA CYS C 454 48.69 -11.74 14.49
C CYS C 454 47.21 -11.46 14.68
N CYS C 455 46.38 -12.37 14.17
CA CYS C 455 44.93 -12.32 14.30
C CYS C 455 44.47 -13.54 15.09
N TYR C 456 43.50 -13.33 15.98
CA TYR C 456 42.91 -14.44 16.72
C TYR C 456 41.50 -14.06 17.15
N GLY C 457 40.83 -14.99 17.83
CA GLY C 457 39.54 -14.69 18.40
C GLY C 457 38.48 -15.68 17.95
N PHE C 458 37.22 -15.24 18.07
CA PHE C 458 36.08 -16.10 17.76
C PHE C 458 36.07 -16.50 16.29
N CYS C 459 36.16 -15.52 15.40
CA CYS C 459 36.08 -15.81 13.97
C CYS C 459 37.29 -16.60 13.49
N ILE C 460 38.46 -16.35 14.06
CA ILE C 460 39.64 -17.12 13.67
C ILE C 460 39.50 -18.57 14.12
N ASP C 461 38.94 -18.81 15.30
CA ASP C 461 38.68 -20.17 15.74
C ASP C 461 37.69 -20.87 14.81
N LEU C 462 36.62 -20.15 14.42
CA LEU C 462 35.66 -20.73 13.48
C LEU C 462 36.32 -21.05 12.14
N LEU C 463 37.17 -20.15 11.66
CA LEU C 463 37.86 -20.36 10.39
C LEU C 463 38.79 -21.56 10.46
N ILE C 464 39.51 -21.70 11.58
CA ILE C 464 40.40 -22.86 11.74
C ILE C 464 39.59 -24.15 11.76
N LYS C 465 38.46 -24.15 12.48
CA LYS C 465 37.61 -25.34 12.52
C LYS C 465 37.09 -25.69 11.13
N LEU C 466 36.69 -24.68 10.36
CA LEU C 466 36.20 -24.93 9.00
C LEU C 466 37.31 -25.47 8.11
N ALA C 467 38.50 -24.89 8.19
CA ALA C 467 39.61 -25.36 7.37
C ALA C 467 40.07 -26.75 7.80
N ARG C 468 39.76 -27.15 9.04
CA ARG C 468 40.12 -28.49 9.48
C ARG C 468 39.09 -29.52 9.04
N THR C 469 37.80 -29.20 9.16
CA THR C 469 36.76 -30.19 8.90
C THR C 469 36.69 -30.55 7.43
N MET C 470 37.05 -29.61 6.54
CA MET C 470 37.13 -29.87 5.11
C MET C 470 38.48 -29.40 4.61
N ASN C 471 39.05 -30.12 3.65
CA ASN C 471 40.43 -29.90 3.23
C ASN C 471 40.59 -28.61 2.45
N PHE C 472 40.95 -27.52 3.13
CA PHE C 472 41.39 -26.31 2.46
C PHE C 472 42.28 -25.51 3.40
N THR C 473 43.26 -24.84 2.82
CA THR C 473 44.19 -24.00 3.56
C THR C 473 43.85 -22.53 3.31
N TYR C 474 44.14 -21.69 4.31
CA TYR C 474 43.74 -20.30 4.28
C TYR C 474 44.96 -19.40 4.25
N GLU C 475 44.73 -18.15 3.83
CA GLU C 475 45.74 -17.09 3.88
C GLU C 475 45.01 -15.82 4.30
N VAL C 476 45.00 -15.56 5.60
CA VAL C 476 44.22 -14.46 6.15
C VAL C 476 44.90 -13.13 5.84
N HIS C 477 44.10 -12.15 5.46
CA HIS C 477 44.60 -10.79 5.25
C HIS C 477 43.49 -9.81 5.60
N LEU C 478 43.87 -8.67 6.17
CA LEU C 478 42.92 -7.65 6.56
C LEU C 478 42.46 -6.86 5.34
N VAL C 479 41.24 -6.33 5.43
CA VAL C 479 40.71 -5.50 4.35
C VAL C 479 41.54 -4.23 4.22
N ALA C 480 41.72 -3.77 2.98
CA ALA C 480 42.58 -2.63 2.71
C ALA C 480 42.12 -1.39 3.47
N ASP C 481 40.84 -1.05 3.34
CA ASP C 481 40.26 0.02 4.15
C ASP C 481 39.70 -0.60 5.42
N GLY C 482 38.91 0.15 6.17
CA GLY C 482 38.35 -0.36 7.40
C GLY C 482 36.84 -0.37 7.43
N LYS C 483 36.21 -0.69 6.30
CA LYS C 483 34.77 -0.66 6.16
C LYS C 483 34.25 -2.03 5.78
N PHE C 484 33.08 -2.39 6.36
CA PHE C 484 32.47 -3.67 6.04
C PHE C 484 32.04 -3.73 4.59
N GLY C 485 31.42 -2.67 4.08
CA GLY C 485 31.07 -2.64 2.67
C GLY C 485 29.65 -2.21 2.38
N THR C 486 29.50 -1.22 1.50
CA THR C 486 28.21 -0.78 1.02
C THR C 486 28.29 -0.61 -0.50
N GLN C 487 27.16 -0.25 -1.10
CA GLN C 487 27.09 0.06 -2.52
C GLN C 487 26.91 1.56 -2.66
N GLU C 488 27.93 2.24 -3.20
CA GLU C 488 27.92 3.69 -3.29
C GLU C 488 28.10 4.12 -4.74
N ARG C 489 27.60 5.32 -5.04
CA ARG C 489 27.71 5.85 -6.39
C ARG C 489 29.14 6.30 -6.68
N VAL C 490 29.62 5.98 -7.88
CA VAL C 490 30.93 6.42 -8.32
C VAL C 490 30.77 7.77 -9.03
N ASN C 491 31.90 8.45 -9.22
CA ASN C 491 31.89 9.79 -9.78
C ASN C 491 31.29 9.85 -11.19
N ASN C 492 31.32 8.75 -11.94
CA ASN C 492 30.88 8.76 -13.33
C ASN C 492 30.15 7.46 -13.63
N SER C 493 29.65 7.37 -14.87
CA SER C 493 28.97 6.22 -15.46
C SER C 493 27.60 5.95 -14.85
N ASN C 494 27.17 6.73 -13.86
CA ASN C 494 25.85 6.58 -13.24
C ASN C 494 25.66 5.15 -12.72
N LYS C 495 26.69 4.60 -12.11
CA LYS C 495 26.68 3.23 -11.63
C LYS C 495 27.00 3.20 -10.13
N LYS C 496 26.66 2.08 -9.50
CA LYS C 496 26.96 1.84 -8.10
C LYS C 496 27.99 0.73 -7.97
N GLU C 497 28.94 0.91 -7.07
CA GLU C 497 30.02 -0.04 -6.86
C GLU C 497 30.11 -0.41 -5.39
N TRP C 498 30.57 -1.62 -5.13
CA TRP C 498 30.79 -2.11 -3.78
C TRP C 498 32.19 -1.74 -3.31
N ASN C 499 32.31 -1.52 -2.00
CA ASN C 499 33.57 -1.13 -1.39
C ASN C 499 33.86 -2.03 -0.19
N GLY C 500 35.02 -1.84 0.41
CA GLY C 500 35.38 -2.56 1.61
C GLY C 500 35.49 -4.05 1.38
N MET C 501 35.06 -4.81 2.40
CA MET C 501 35.15 -6.27 2.34
C MET C 501 34.26 -6.84 1.25
N MET C 502 33.07 -6.27 1.05
CA MET C 502 32.19 -6.73 -0.03
C MET C 502 32.85 -6.53 -1.39
N GLY C 503 33.47 -5.36 -1.59
CA GLY C 503 34.17 -5.13 -2.84
C GLY C 503 35.37 -6.04 -3.02
N GLU C 504 36.08 -6.33 -1.93
CA GLU C 504 37.21 -7.26 -2.02
C GLU C 504 36.74 -8.65 -2.42
N LEU C 505 35.63 -9.11 -1.84
CA LEU C 505 35.11 -10.43 -2.19
C LEU C 505 34.62 -10.47 -3.63
N LEU C 506 33.91 -9.42 -4.07
CA LEU C 506 33.32 -9.44 -5.41
C LEU C 506 34.35 -9.22 -6.50
N SER C 507 35.45 -8.52 -6.21
CA SER C 507 36.47 -8.22 -7.21
C SER C 507 37.48 -9.35 -7.39
N GLY C 508 37.36 -10.43 -6.62
CA GLY C 508 38.28 -11.54 -6.72
C GLY C 508 39.50 -11.47 -5.83
N GLN C 509 39.69 -10.36 -5.11
CA GLN C 509 40.82 -10.25 -4.20
C GLN C 509 40.70 -11.20 -3.01
N ALA C 510 39.52 -11.73 -2.74
CA ALA C 510 39.32 -12.66 -1.63
C ALA C 510 38.32 -13.72 -2.04
N ASP C 511 38.39 -14.87 -1.38
CA ASP C 511 37.50 -15.99 -1.65
C ASP C 511 36.47 -16.23 -0.56
N MET C 512 36.67 -15.68 0.63
CA MET C 512 35.73 -15.85 1.73
C MET C 512 35.80 -14.62 2.63
N ILE C 513 34.75 -14.43 3.41
CA ILE C 513 34.67 -13.35 4.39
C ILE C 513 34.37 -14.01 5.73
N VAL C 514 35.41 -14.21 6.54
CA VAL C 514 35.25 -14.75 7.89
C VAL C 514 35.36 -13.57 8.84
N ALA C 515 34.22 -12.95 9.14
CA ALA C 515 34.16 -11.76 9.96
C ALA C 515 32.71 -11.53 10.36
N PRO C 516 32.46 -10.70 11.39
CA PRO C 516 31.06 -10.42 11.75
C PRO C 516 30.35 -9.59 10.69
N LEU C 517 30.01 -10.22 9.57
CA LEU C 517 29.33 -9.57 8.46
C LEU C 517 27.83 -9.79 8.61
N THR C 518 27.09 -8.71 8.81
CA THR C 518 25.65 -8.81 9.01
C THR C 518 24.94 -9.17 7.70
N ILE C 519 24.01 -10.12 7.80
CA ILE C 519 23.22 -10.54 6.65
C ILE C 519 22.08 -9.56 6.44
N ASN C 520 21.97 -9.04 5.22
CA ASN C 520 20.86 -8.16 4.87
C ASN C 520 20.52 -8.37 3.40
N ASN C 521 19.42 -7.76 2.98
CA ASN C 521 18.91 -7.99 1.63
C ASN C 521 19.83 -7.40 0.57
N GLU C 522 20.46 -6.26 0.87
CA GLU C 522 21.30 -5.59 -0.13
C GLU C 522 22.52 -6.42 -0.48
N ARG C 523 23.20 -6.98 0.52
CA ARG C 523 24.40 -7.75 0.26
C ARG C 523 24.06 -9.12 -0.34
N ALA C 524 22.93 -9.69 0.06
CA ALA C 524 22.56 -11.03 -0.39
C ALA C 524 22.20 -11.09 -1.86
N GLN C 525 22.02 -9.94 -2.53
CA GLN C 525 21.71 -9.96 -3.95
C GLN C 525 22.92 -10.31 -4.80
N TYR C 526 24.12 -10.03 -4.31
CA TYR C 526 25.35 -10.27 -5.06
C TYR C 526 26.18 -11.42 -4.52
N ILE C 527 26.31 -11.54 -3.21
CA ILE C 527 27.10 -12.60 -2.60
C ILE C 527 26.15 -13.61 -1.93
N GLU C 528 26.72 -14.73 -1.51
CA GLU C 528 25.95 -15.79 -0.88
C GLU C 528 26.40 -15.94 0.57
N PHE C 529 25.43 -15.90 1.48
CA PHE C 529 25.67 -16.04 2.91
C PHE C 529 25.40 -17.47 3.35
N SER C 530 26.18 -17.93 4.32
CA SER C 530 25.92 -19.20 4.96
C SER C 530 24.80 -19.03 5.99
N LYS C 531 24.42 -20.15 6.60
CA LYS C 531 23.50 -20.08 7.73
C LYS C 531 24.17 -19.30 8.85
N PRO C 532 23.50 -18.33 9.45
CA PRO C 532 24.20 -17.42 10.38
C PRO C 532 24.84 -18.17 11.54
N PHE C 533 26.08 -17.82 11.83
CA PHE C 533 26.79 -18.41 12.95
C PHE C 533 26.65 -17.61 14.24
N LYS C 534 25.99 -16.45 14.20
CA LYS C 534 25.78 -15.70 15.44
C LYS C 534 24.49 -14.89 15.31
N TYR C 535 23.46 -15.27 16.07
CA TYR C 535 22.20 -14.55 16.02
C TYR C 535 22.24 -13.37 16.99
N GLN C 536 22.01 -12.16 16.47
CA GLN C 536 22.10 -10.95 17.29
C GLN C 536 21.40 -9.81 16.57
N GLY C 537 21.06 -8.78 17.34
CA GLY C 537 20.40 -7.61 16.77
C GLY C 537 21.19 -6.33 16.99
N LEU C 538 20.56 -5.19 16.71
CA LEU C 538 21.19 -3.90 16.95
C LEU C 538 20.81 -3.39 18.34
N THR C 539 21.68 -2.54 18.90
CA THR C 539 21.47 -1.99 20.22
C THR C 539 22.27 -0.70 20.34
N ILE C 540 21.95 0.08 21.37
CA ILE C 540 22.52 1.40 21.57
C ILE C 540 23.36 1.38 22.85
N LEU C 541 24.61 1.80 22.74
CA LEU C 541 25.51 1.95 23.87
C LEU C 541 25.59 3.41 24.25
N VAL C 542 25.48 3.69 25.56
CA VAL C 542 25.51 5.05 26.07
C VAL C 542 26.42 5.10 27.30
N LYS C 543 26.83 6.31 27.67
CA LYS C 543 27.64 6.45 28.88
C LYS C 543 26.68 6.81 29.98
N LYS C 544 25.51 6.19 29.98
CA LYS C 544 24.49 6.53 30.98
C LYS C 544 24.89 6.08 32.37
N GLU C 545 25.95 6.68 32.89
CA GLU C 545 26.40 6.33 34.23
C GLU C 545 26.67 7.63 34.96
N ILE C 546 25.89 7.92 36.00
CA ILE C 546 26.04 9.19 36.72
C ILE C 546 26.66 9.00 38.10
N PRO C 547 27.98 9.19 38.20
CA PRO C 547 28.66 9.06 39.50
C PRO C 547 28.31 10.17 40.50
N ARG C 548 27.01 10.41 40.67
CA ARG C 548 26.58 11.43 41.62
C ARG C 548 26.60 10.85 43.04
N SER C 549 26.22 11.69 44.01
CA SER C 549 26.31 11.36 45.44
C SER C 549 27.77 11.05 45.76
N THR C 550 28.00 10.09 46.66
CA THR C 550 29.36 9.66 47.03
C THR C 550 30.22 10.82 47.52
N LEU C 551 29.57 11.80 48.17
CA LEU C 551 30.27 12.92 48.78
C LEU C 551 29.37 13.55 49.83
N ASP C 552 29.97 14.00 50.92
CA ASP C 552 29.21 14.48 52.07
C ASP C 552 28.37 15.70 51.73
N SER C 553 28.85 16.56 50.82
CA SER C 553 28.18 17.83 50.57
C SER C 553 26.76 17.62 50.05
N PHE C 554 26.48 16.45 49.49
CA PHE C 554 25.15 16.17 48.95
C PHE C 554 24.18 15.64 49.98
N MET C 555 24.59 15.41 51.23
CA MET C 555 23.64 15.22 52.32
C MET C 555 23.66 16.38 53.30
N GLN C 556 24.40 17.45 53.00
CA GLN C 556 24.37 18.69 53.76
C GLN C 556 24.13 19.82 52.77
N PRO C 557 22.90 19.98 52.28
CA PRO C 557 22.64 20.95 51.21
C PRO C 557 22.56 22.37 51.76
N PHE C 558 23.32 23.27 51.12
CA PHE C 558 23.33 24.71 51.38
C PHE C 558 23.25 25.05 52.88
N GLN C 559 24.26 24.65 53.65
CA GLN C 559 24.20 24.82 55.09
C GLN C 559 24.38 26.28 55.50
N SER C 560 23.38 27.09 55.17
CA SER C 560 23.33 28.50 55.57
C SER C 560 21.86 28.91 55.64
N THR C 561 21.61 30.20 55.83
CA THR C 561 20.25 30.74 55.90
C THR C 561 19.41 30.03 56.97
N LEU C 562 18.88 28.85 56.62
CA LEU C 562 18.05 28.11 57.56
C LEU C 562 18.85 27.69 58.79
N TRP C 563 20.03 27.11 58.58
CA TRP C 563 20.86 26.71 59.70
C TRP C 563 21.36 27.91 60.50
N LEU C 564 21.60 29.04 59.83
CA LEU C 564 21.97 30.25 60.54
C LEU C 564 20.83 30.73 61.44
N LEU C 565 19.59 30.64 60.94
CA LEU C 565 18.43 30.98 61.76
C LEU C 565 18.29 30.04 62.94
N VAL C 566 18.52 28.75 62.71
CA VAL C 566 18.48 27.78 63.81
C VAL C 566 19.54 28.10 64.86
N GLY C 567 20.75 28.42 64.42
CA GLY C 567 21.80 28.78 65.36
C GLY C 567 21.48 30.02 66.15
N LEU C 568 20.94 31.05 65.48
CA LEU C 568 20.52 32.25 66.20
C LEU C 568 19.43 31.94 67.20
N SER C 569 18.47 31.09 66.83
CA SER C 569 17.38 30.75 67.74
C SER C 569 17.90 30.01 68.97
N VAL C 570 18.79 29.03 68.76
CA VAL C 570 19.29 28.26 69.90
C VAL C 570 20.17 29.12 70.79
N HIS C 571 21.00 29.98 70.20
CA HIS C 571 21.79 30.91 71.01
C HIS C 571 20.89 31.85 71.81
N VAL C 572 19.84 32.37 71.17
CA VAL C 572 18.98 33.33 71.83
C VAL C 572 18.24 32.68 72.98
N VAL C 573 17.69 31.48 72.76
CA VAL C 573 16.98 30.82 73.85
C VAL C 573 17.93 30.41 74.96
N ALA C 574 19.15 29.98 74.62
CA ALA C 574 20.11 29.62 75.67
C ALA C 574 20.45 30.82 76.53
N VAL C 575 20.73 31.97 75.89
CA VAL C 575 21.07 33.17 76.64
C VAL C 575 19.88 33.65 77.46
N MET C 576 18.68 33.60 76.89
CA MET C 576 17.50 34.08 77.63
C MET C 576 17.22 33.18 78.82
N LEU C 577 17.38 31.86 78.66
CA LEU C 577 17.20 30.96 79.79
C LEU C 577 18.24 31.22 80.87
N TYR C 578 19.50 31.44 80.47
CA TYR C 578 20.55 31.74 81.44
C TYR C 578 20.25 33.02 82.19
N LEU C 579 19.82 34.06 81.47
CA LEU C 579 19.48 35.33 82.11
C LEU C 579 18.30 35.17 83.06
N LEU C 580 17.28 34.41 82.66
CA LEU C 580 16.13 34.20 83.53
C LEU C 580 16.52 33.45 84.80
N ASP C 581 17.35 32.41 84.66
CA ASP C 581 17.77 31.64 85.83
C ASP C 581 18.65 32.47 86.75
N ARG C 582 19.52 33.32 86.18
CA ARG C 582 20.38 34.15 87.01
C ARG C 582 19.60 35.25 87.70
N PHE C 583 18.64 35.85 87.00
CA PHE C 583 17.91 37.00 87.54
C PHE C 583 16.97 36.60 88.66
N SER C 584 16.27 35.48 88.50
CA SER C 584 15.35 34.97 89.54
C SER C 584 15.71 33.53 89.85
N PRO C 585 16.59 33.27 90.83
CA PRO C 585 17.00 31.91 91.20
C PRO C 585 15.87 31.08 91.79
N SER C 605 26.60 26.23 83.01
CA SER C 605 25.33 26.05 83.72
C SER C 605 24.30 25.40 82.81
N ALA C 606 23.09 25.95 82.81
CA ALA C 606 22.04 25.48 81.92
C ALA C 606 22.26 25.90 80.46
N MET C 607 23.16 26.84 80.21
CA MET C 607 23.44 27.25 78.84
C MET C 607 24.00 26.09 78.02
N TRP C 608 24.95 25.34 78.59
CA TRP C 608 25.49 24.18 77.89
C TRP C 608 24.45 23.07 77.77
N PHE C 609 23.60 22.94 78.78
CA PHE C 609 22.53 21.95 78.70
C PHE C 609 21.70 22.25 77.47
N SER C 610 21.43 23.53 77.24
CA SER C 610 20.67 23.92 76.06
C SER C 610 21.34 23.37 74.82
N TRP C 611 22.61 23.68 74.65
CA TRP C 611 23.35 23.17 73.50
C TRP C 611 23.25 21.66 73.47
N GLY C 612 23.33 21.03 74.64
CA GLY C 612 23.31 19.58 74.70
C GLY C 612 21.93 18.95 74.76
N VAL C 613 20.88 19.75 74.88
CA VAL C 613 19.54 19.19 75.02
C VAL C 613 19.28 18.17 73.94
N LEU C 614 19.90 18.34 72.78
CA LEU C 614 19.65 17.45 71.67
C LEU C 614 20.23 16.09 71.87
N LEU C 615 21.10 15.95 72.85
CA LEU C 615 21.77 14.69 73.00
C LEU C 615 22.11 14.34 74.42
N ASN C 616 22.38 15.35 75.22
CA ASN C 616 22.76 15.12 76.60
C ASN C 616 23.98 14.24 76.69
N PHE C 627 12.14 26.38 88.33
CA PHE C 627 11.09 25.37 88.24
C PHE C 627 10.61 25.28 86.80
N SER C 628 9.97 26.35 86.33
CA SER C 628 9.44 26.36 84.98
C SER C 628 10.51 26.49 83.91
N ALA C 629 11.74 26.82 84.31
CA ALA C 629 12.86 26.81 83.36
C ALA C 629 13.05 25.42 82.78
N ARG C 630 12.88 24.39 83.61
CA ARG C 630 12.96 23.02 83.13
C ARG C 630 11.83 22.69 82.17
N ILE C 631 10.64 23.22 82.42
CA ILE C 631 9.52 23.01 81.49
C ILE C 631 9.80 23.66 80.15
N LEU C 632 10.32 24.90 80.18
CA LEU C 632 10.68 25.58 78.93
C LEU C 632 11.77 24.82 78.19
N GLY C 633 12.77 24.32 78.91
CA GLY C 633 13.78 23.50 78.28
C GLY C 633 13.21 22.25 77.66
N MET C 634 12.22 21.64 78.32
CA MET C 634 11.61 20.42 77.78
C MET C 634 10.85 20.71 76.49
N VAL C 635 10.06 21.79 76.47
CA VAL C 635 9.31 22.11 75.26
C VAL C 635 10.27 22.52 74.13
N TRP C 636 11.37 23.19 74.49
CA TRP C 636 12.39 23.49 73.50
C TRP C 636 13.08 22.23 72.97
N ALA C 637 13.32 21.24 73.82
CA ALA C 637 13.87 19.97 73.36
C ALA C 637 12.90 19.27 72.42
N GLY C 638 11.61 19.32 72.73
CA GLY C 638 10.63 18.78 71.81
C GLY C 638 10.65 19.47 70.46
N PHE C 639 10.78 20.80 70.48
CA PHE C 639 10.94 21.55 69.23
C PHE C 639 12.19 21.10 68.48
N ALA C 640 13.29 20.90 69.20
CA ALA C 640 14.53 20.45 68.56
C ALA C 640 14.33 19.10 67.88
N MET C 641 13.69 18.17 68.59
CA MET C 641 13.46 16.85 68.00
C MET C 641 12.57 16.94 66.78
N ILE C 642 11.51 17.75 66.84
CA ILE C 642 10.61 17.83 65.70
C ILE C 642 11.32 18.46 64.50
N ILE C 643 12.20 19.44 64.73
CA ILE C 643 12.89 20.06 63.60
C ILE C 643 13.93 19.10 63.03
N VAL C 644 14.59 18.31 63.87
CA VAL C 644 15.54 17.34 63.34
C VAL C 644 14.82 16.26 62.52
N ALA C 645 13.67 15.80 63.01
CA ALA C 645 12.89 14.84 62.24
C ALA C 645 12.42 15.45 60.93
N SER C 646 12.01 16.72 60.95
CA SER C 646 11.59 17.38 59.72
C SER C 646 12.72 17.45 58.71
N TYR C 647 13.92 17.83 59.17
CA TYR C 647 15.06 17.92 58.25
C TYR C 647 15.41 16.54 57.71
N THR C 648 15.33 15.51 58.56
CA THR C 648 15.60 14.15 58.12
C THR C 648 14.63 13.73 57.01
N ALA C 649 13.34 13.97 57.22
CA ALA C 649 12.36 13.61 56.21
C ALA C 649 12.59 14.40 54.91
N ASN C 650 12.92 15.68 55.04
CA ASN C 650 13.19 16.50 53.87
C ASN C 650 14.34 15.94 53.05
N LEU C 651 15.46 15.64 53.71
CA LEU C 651 16.61 15.16 52.96
C LEU C 651 16.36 13.76 52.41
N ALA C 652 15.61 12.93 53.14
CA ALA C 652 15.30 11.60 52.64
C ALA C 652 14.46 11.68 51.37
N ALA C 653 13.47 12.58 51.34
CA ALA C 653 12.73 12.79 50.09
C ALA C 653 13.62 13.43 49.03
N PHE C 654 14.60 14.23 49.44
CA PHE C 654 15.47 14.88 48.47
C PHE C 654 16.30 13.87 47.70
N LEU C 655 17.00 13.00 48.41
CA LEU C 655 17.92 12.06 47.76
C LEU C 655 17.21 10.87 47.14
N VAL C 656 15.90 10.75 47.34
CA VAL C 656 15.13 9.73 46.65
C VAL C 656 14.57 10.23 45.33
N LEU C 657 14.05 11.47 45.33
CA LEU C 657 13.29 11.93 44.17
C LEU C 657 14.19 12.29 43.00
N ASP C 658 15.43 12.72 43.27
CA ASP C 658 16.32 13.16 42.20
C ASP C 658 17.03 11.95 41.59
N ARG C 659 16.66 11.62 40.36
CA ARG C 659 17.29 10.51 39.65
C ARG C 659 17.10 10.71 38.15
N PRO C 660 18.12 11.17 37.43
CA PRO C 660 17.95 11.46 36.00
C PRO C 660 18.08 10.22 35.13
N GLU C 661 16.94 9.67 34.69
CA GLU C 661 16.98 8.53 33.79
C GLU C 661 17.25 9.02 32.40
N GLU C 662 16.84 10.25 32.12
CA GLU C 662 17.03 10.83 30.80
C GLU C 662 17.05 9.77 29.71
N ARG C 663 18.23 9.49 29.18
CA ARG C 663 18.34 8.52 28.09
C ARG C 663 17.36 7.37 28.21
N ILE C 664 16.40 7.29 27.29
CA ILE C 664 15.50 6.15 27.32
C ILE C 664 16.07 5.04 26.50
N THR C 665 15.94 3.83 27.05
CA THR C 665 16.44 2.62 26.41
C THR C 665 15.91 2.37 25.00
N GLY C 666 14.75 2.94 24.73
CA GLY C 666 14.14 2.70 23.45
C GLY C 666 14.75 3.29 22.22
N ILE C 667 14.44 2.69 21.10
CA ILE C 667 14.88 3.26 19.85
C ILE C 667 13.70 4.16 19.50
N ASN C 668 12.56 3.91 20.14
CA ASN C 668 11.42 4.79 19.90
C ASN C 668 11.46 6.05 20.76
N ASP C 669 12.59 6.34 21.40
CA ASP C 669 12.68 7.55 22.22
C ASP C 669 12.59 8.79 21.34
N PRO C 670 11.81 9.79 21.73
CA PRO C 670 11.67 10.99 20.89
C PRO C 670 12.97 11.74 20.66
N ARG C 671 13.92 11.66 21.60
CA ARG C 671 15.20 12.35 21.40
C ARG C 671 15.94 11.80 20.19
N LEU C 672 15.93 10.48 20.02
CA LEU C 672 16.58 9.88 18.86
C LEU C 672 15.87 10.25 17.57
N ARG C 673 14.54 10.26 17.58
CA ARG C 673 13.78 10.60 16.39
C ARG C 673 13.92 12.07 16.00
N ASN C 674 14.14 12.96 16.97
CA ASN C 674 14.28 14.39 16.72
C ASN C 674 15.67 14.82 17.14
N PRO C 675 16.60 14.95 16.19
CA PRO C 675 17.97 15.32 16.55
C PRO C 675 18.03 16.73 17.16
N SER C 676 18.98 16.91 18.07
CA SER C 676 19.19 18.19 18.74
C SER C 676 20.67 18.33 19.08
N ASP C 677 21.04 19.54 19.51
CA ASP C 677 22.43 19.81 19.85
C ASP C 677 22.89 19.00 21.07
N LYS C 678 22.02 18.85 22.07
CA LYS C 678 22.42 18.20 23.31
C LYS C 678 22.49 16.68 23.20
N PHE C 679 21.98 16.09 22.12
CA PHE C 679 22.07 14.66 21.88
C PHE C 679 22.75 14.41 20.54
N ILE C 680 23.94 13.82 20.59
CA ILE C 680 24.70 13.47 19.40
C ILE C 680 24.82 11.95 19.38
N TYR C 681 24.43 11.33 18.27
CA TYR C 681 24.50 9.88 18.13
C TYR C 681 24.82 9.54 16.68
N ALA C 682 25.59 8.47 16.48
CA ALA C 682 26.00 8.05 15.15
C ALA C 682 26.44 6.60 15.20
N THR C 683 26.66 6.03 14.01
CA THR C 683 27.13 4.66 13.86
C THR C 683 28.41 4.67 13.04
N VAL C 684 28.88 3.47 12.69
CA VAL C 684 30.08 3.35 11.87
C VAL C 684 29.73 3.59 10.41
N LYS C 685 30.55 4.39 9.73
CA LYS C 685 30.30 4.72 8.34
C LYS C 685 30.46 3.50 7.44
N GLN C 686 29.59 3.40 6.44
CA GLN C 686 29.64 2.33 5.44
C GLN C 686 29.55 0.96 6.09
N SER C 687 28.50 0.76 6.89
CA SER C 687 28.25 -0.50 7.55
C SER C 687 26.80 -0.93 7.29
N SER C 688 26.36 -1.99 7.97
CA SER C 688 24.99 -2.46 7.81
C SER C 688 23.99 -1.50 8.43
N VAL C 689 24.36 -0.85 9.54
CA VAL C 689 23.46 0.10 10.17
C VAL C 689 23.19 1.28 9.25
N ASP C 690 24.22 1.70 8.49
CA ASP C 690 24.04 2.78 7.53
C ASP C 690 22.99 2.41 6.48
N ILE C 691 23.08 1.20 5.94
CA ILE C 691 22.10 0.74 4.97
C ILE C 691 20.72 0.67 5.60
N TYR C 692 20.64 0.15 6.83
CA TYR C 692 19.34 -0.01 7.49
C TYR C 692 18.66 1.33 7.71
N PHE C 693 19.43 2.35 8.11
CA PHE C 693 18.84 3.66 8.32
C PHE C 693 18.56 4.36 7.00
N ARG C 694 19.34 4.04 5.95
CA ARG C 694 19.12 4.66 4.65
C ARG C 694 17.81 4.17 4.03
N ARG C 695 17.57 2.86 4.07
CA ARG C 695 16.48 2.28 3.28
C ARG C 695 15.10 2.67 3.83
N GLN C 696 14.93 2.66 5.15
CA GLN C 696 13.63 2.99 5.71
C GLN C 696 13.38 4.49 5.60
N VAL C 697 12.26 4.85 4.97
CA VAL C 697 11.95 6.25 4.72
C VAL C 697 11.42 6.98 5.94
N GLU C 698 10.91 6.25 6.93
CA GLU C 698 10.40 6.85 8.16
C GLU C 698 11.51 7.15 9.17
N LEU C 699 12.74 6.74 8.88
CA LEU C 699 13.89 7.08 9.70
C LEU C 699 14.83 8.04 8.99
N SER C 700 14.34 8.77 7.98
CA SER C 700 15.21 9.57 7.14
C SER C 700 15.82 10.74 7.89
N THR C 701 15.05 11.36 8.80
CA THR C 701 15.60 12.47 9.58
C THR C 701 16.74 12.01 10.46
N MET C 702 16.60 10.84 11.09
CA MET C 702 17.68 10.27 11.88
C MET C 702 18.90 9.98 11.01
N TYR C 703 18.69 9.49 9.79
CA TYR C 703 19.79 9.33 8.87
C TYR C 703 20.49 10.66 8.59
N ARG C 704 19.72 11.70 8.26
CA ARG C 704 20.34 12.98 7.91
C ARG C 704 21.13 13.54 9.08
N HIS C 705 20.64 13.32 10.30
CA HIS C 705 21.43 13.71 11.48
C HIS C 705 22.69 12.86 11.60
N MET C 706 22.58 11.55 11.37
CA MET C 706 23.68 10.64 11.66
C MET C 706 24.82 10.78 10.67
N GLU C 707 24.51 10.99 9.38
CA GLU C 707 25.54 10.97 8.35
C GLU C 707 26.56 12.09 8.53
N LYS C 708 26.21 13.16 9.25
CA LYS C 708 27.18 14.21 9.54
C LYS C 708 28.18 13.81 10.61
N HIS C 709 27.93 12.71 11.33
CA HIS C 709 28.76 12.34 12.47
C HIS C 709 29.18 10.88 12.47
N ASN C 710 28.98 10.15 11.38
CA ASN C 710 29.37 8.74 11.34
C ASN C 710 30.88 8.61 11.42
N TYR C 711 31.34 7.57 12.14
CA TYR C 711 32.75 7.38 12.42
C TYR C 711 33.36 6.33 11.48
N GLU C 712 34.70 6.30 11.48
CA GLU C 712 35.43 5.40 10.59
C GLU C 712 35.43 3.96 11.09
N SER C 713 35.46 3.76 12.41
CA SER C 713 35.57 2.42 12.97
C SER C 713 34.81 2.36 14.29
N ALA C 714 34.49 1.13 14.70
CA ALA C 714 33.75 0.93 15.94
C ALA C 714 34.57 1.28 17.18
N ALA C 715 35.88 1.05 17.13
CA ALA C 715 36.73 1.40 18.27
C ALA C 715 36.75 2.89 18.51
N GLU C 716 36.77 3.68 17.43
CA GLU C 716 36.73 5.13 17.57
C GLU C 716 35.45 5.59 18.26
N ALA C 717 34.31 5.03 17.86
CA ALA C 717 33.05 5.37 18.51
C ALA C 717 33.03 4.91 19.96
N ILE C 718 33.59 3.74 20.24
CA ILE C 718 33.65 3.24 21.61
C ILE C 718 34.43 4.20 22.48
N GLN C 719 35.58 4.65 22.00
CA GLN C 719 36.39 5.60 22.78
C GLN C 719 35.69 6.95 22.90
N ALA C 720 35.05 7.41 21.83
CA ALA C 720 34.38 8.71 21.86
C ALA C 720 33.25 8.71 22.88
N VAL C 721 32.47 7.63 22.94
CA VAL C 721 31.45 7.51 23.98
C VAL C 721 32.11 7.40 25.35
N ARG C 722 33.25 6.70 25.41
CA ARG C 722 34.02 6.65 26.66
C ARG C 722 34.61 8.01 27.02
N ASP C 723 35.02 8.78 26.02
CA ASP C 723 35.57 10.11 26.25
C ASP C 723 34.49 11.18 26.33
N ASN C 724 33.23 10.79 26.36
CA ASN C 724 32.06 11.67 26.48
C ASN C 724 31.90 12.62 25.30
N LYS C 725 32.67 12.44 24.23
CA LYS C 725 32.47 13.25 23.03
C LYS C 725 31.25 12.79 22.23
N LEU C 726 30.71 11.61 22.54
CA LEU C 726 29.52 11.09 21.91
C LEU C 726 28.55 10.62 22.98
N HIS C 727 27.26 10.68 22.68
CA HIS C 727 26.21 10.37 23.65
C HIS C 727 25.53 9.04 23.42
N ALA C 728 25.57 8.50 22.20
CA ALA C 728 24.95 7.21 21.92
C ALA C 728 25.59 6.62 20.68
N PHE C 729 25.71 5.29 20.65
CA PHE C 729 26.32 4.59 19.53
C PHE C 729 25.48 3.37 19.19
N ILE C 730 25.00 3.30 17.96
CA ILE C 730 24.14 2.20 17.50
C ILE C 730 25.03 1.18 16.80
N TRP C 731 25.01 -0.05 17.29
CA TRP C 731 25.89 -1.08 16.74
C TRP C 731 25.35 -2.46 17.12
N ASP C 732 26.05 -3.49 16.64
CA ASP C 732 25.60 -4.86 16.84
C ASP C 732 25.57 -5.21 18.32
N SER C 733 24.60 -6.04 18.71
CA SER C 733 24.38 -6.34 20.12
C SER C 733 25.54 -7.11 20.72
N ALA C 734 26.16 -8.00 19.94
CA ALA C 734 27.25 -8.81 20.47
C ALA C 734 28.45 -7.94 20.82
N VAL C 735 28.86 -7.06 19.90
CA VAL C 735 30.03 -6.23 20.12
C VAL C 735 29.80 -5.27 21.30
N LEU C 736 28.66 -4.58 21.30
CA LEU C 736 28.39 -3.63 22.36
C LEU C 736 28.19 -4.33 23.70
N GLU C 737 27.59 -5.53 23.70
CA GLU C 737 27.45 -6.28 24.93
C GLU C 737 28.81 -6.67 25.49
N PHE C 738 29.72 -7.12 24.62
CA PHE C 738 31.07 -7.45 25.09
C PHE C 738 31.79 -6.21 25.63
N GLU C 739 31.63 -5.07 24.94
CA GLU C 739 32.27 -3.84 25.42
C GLU C 739 31.70 -3.40 26.76
N ALA C 740 30.39 -3.50 26.94
CA ALA C 740 29.78 -3.14 28.20
C ALA C 740 30.21 -4.10 29.32
N SER C 741 30.43 -5.37 28.97
CA SER C 741 31.01 -6.28 29.94
C SER C 741 32.43 -5.87 30.30
N GLN C 742 33.20 -5.40 29.32
CA GLN C 742 34.58 -5.02 29.58
C GLN C 742 34.68 -3.71 30.34
N LYS C 743 33.85 -2.72 29.99
CA LYS C 743 33.92 -1.38 30.56
C LYS C 743 32.72 -1.14 31.45
N CYS C 744 32.97 -0.73 32.70
CA CYS C 744 31.90 -0.49 33.65
C CYS C 744 31.16 0.82 33.38
N ASP C 745 31.84 1.80 32.79
CA ASP C 745 31.25 3.12 32.61
C ASP C 745 30.31 3.22 31.42
N LEU C 746 30.19 2.16 30.62
CA LEU C 746 29.29 2.13 29.48
C LEU C 746 28.16 1.14 29.72
N VAL C 747 26.96 1.47 29.25
CA VAL C 747 25.80 0.62 29.42
C VAL C 747 25.06 0.52 28.09
N THR C 748 24.20 -0.48 27.99
CA THR C 748 23.42 -0.74 26.78
C THR C 748 21.93 -0.63 27.09
N THR C 749 21.13 -0.74 26.05
CA THR C 749 19.67 -0.72 26.16
C THR C 749 19.14 -2.15 26.08
N GLY C 750 17.82 -2.29 26.08
CA GLY C 750 17.20 -3.60 26.04
C GLY C 750 16.40 -3.87 24.78
N GLU C 751 16.03 -2.81 24.06
CA GLU C 751 15.22 -2.95 22.84
C GLU C 751 16.14 -3.36 21.70
N LEU C 752 16.16 -4.66 21.39
CA LEU C 752 16.97 -5.20 20.32
C LEU C 752 16.16 -5.12 19.02
N PHE C 753 16.53 -4.18 18.16
CA PHE C 753 15.85 -4.00 16.89
C PHE C 753 16.74 -4.44 15.74
N PHE C 754 16.11 -4.74 14.61
CA PHE C 754 16.78 -5.28 13.43
C PHE C 754 17.56 -6.55 13.78
N ARG C 755 16.82 -7.55 14.23
CA ARG C 755 17.43 -8.83 14.58
C ARG C 755 17.90 -9.53 13.32
N SER C 756 19.16 -9.94 13.32
CA SER C 756 19.80 -10.52 12.14
C SER C 756 20.86 -11.51 12.62
N GLY C 757 21.76 -11.87 11.72
CA GLY C 757 22.80 -12.83 12.06
C GLY C 757 24.11 -12.51 11.38
N PHE C 758 25.18 -12.91 12.06
CA PHE C 758 26.53 -12.95 11.52
C PHE C 758 26.68 -14.28 10.81
N GLY C 759 26.91 -14.22 9.50
CA GLY C 759 27.25 -15.38 8.71
C GLY C 759 28.50 -15.11 7.90
N ILE C 760 28.92 -16.13 7.16
CA ILE C 760 30.17 -16.09 6.41
C ILE C 760 29.86 -15.73 4.95
N GLY C 761 30.50 -14.68 4.46
CA GLY C 761 30.25 -14.23 3.10
C GLY C 761 31.04 -15.04 2.09
N MET C 762 30.41 -15.29 0.94
CA MET C 762 31.03 -16.01 -0.15
C MET C 762 30.43 -15.51 -1.46
N ARG C 763 31.16 -15.74 -2.55
CA ARG C 763 30.70 -15.28 -3.85
C ARG C 763 29.48 -16.09 -4.30
N LYS C 764 29.05 -15.84 -5.54
CA LYS C 764 27.95 -16.61 -6.10
C LYS C 764 28.41 -18.04 -6.33
N ASP C 765 27.55 -18.88 -6.92
CA ASP C 765 27.63 -20.33 -6.80
C ASP C 765 29.08 -20.82 -6.81
N SER C 766 29.46 -21.49 -5.73
CA SER C 766 30.84 -21.79 -5.39
C SER C 766 30.90 -23.19 -4.78
N PRO C 767 32.03 -23.88 -4.92
CA PRO C 767 32.13 -25.23 -4.33
C PRO C 767 31.93 -25.26 -2.83
N TRP C 768 32.40 -24.24 -2.11
CA TRP C 768 32.33 -24.23 -0.65
C TRP C 768 31.04 -23.61 -0.12
N LYS C 769 29.98 -23.56 -0.92
CA LYS C 769 28.75 -22.91 -0.49
C LYS C 769 27.92 -23.79 0.45
N GLN C 770 27.62 -25.02 0.05
CA GLN C 770 26.78 -25.88 0.86
C GLN C 770 27.51 -26.38 2.10
N ASN C 771 28.78 -26.78 1.94
CA ASN C 771 29.49 -27.42 3.04
C ASN C 771 29.78 -26.45 4.17
N VAL C 772 29.98 -25.17 3.88
CA VAL C 772 30.18 -24.19 4.95
C VAL C 772 28.93 -24.09 5.81
N SER C 773 27.77 -24.00 5.17
CA SER C 773 26.51 -23.93 5.92
C SER C 773 26.26 -25.19 6.70
N LEU C 774 26.54 -26.35 6.11
CA LEU C 774 26.35 -27.62 6.82
C LEU C 774 27.27 -27.71 8.03
N SER C 775 28.52 -27.30 7.88
CA SER C 775 29.46 -27.34 9.00
C SER C 775 29.04 -26.37 10.11
N ILE C 776 28.56 -25.18 9.74
CA ILE C 776 28.11 -24.24 10.76
C ILE C 776 26.89 -24.79 11.50
N LEU C 777 25.95 -25.39 10.76
CA LEU C 777 24.79 -26.00 11.41
C LEU C 777 25.21 -27.12 12.34
N LYS C 778 26.13 -27.98 11.90
CA LYS C 778 26.59 -29.08 12.75
C LYS C 778 27.27 -28.55 14.01
N SER C 779 28.10 -27.51 13.87
CA SER C 779 28.75 -26.92 15.04
C SER C 779 27.72 -26.32 15.99
N HIS C 780 26.64 -25.77 15.45
CA HIS C 780 25.56 -25.29 16.31
C HIS C 780 24.88 -26.44 17.03
N GLU C 781 24.70 -27.59 16.36
CA GLU C 781 24.02 -28.72 16.97
C GLU C 781 24.74 -29.17 18.23
N ASN C 782 26.03 -29.41 18.14
CA ASN C 782 26.83 -29.72 19.33
C ASN C 782 27.25 -28.41 20.00
N GLY C 783 28.15 -28.49 20.97
CA GLY C 783 28.49 -27.35 21.79
C GLY C 783 29.63 -26.49 21.29
N PHE C 784 30.08 -26.66 20.05
CA PHE C 784 31.25 -25.92 19.58
C PHE C 784 31.01 -24.42 19.57
N MET C 785 29.86 -23.98 19.06
CA MET C 785 29.55 -22.55 19.09
C MET C 785 29.35 -22.07 20.52
N GLU C 786 28.73 -22.90 21.37
CA GLU C 786 28.63 -22.55 22.78
C GLU C 786 30.01 -22.49 23.43
N ASP C 787 30.91 -23.40 23.03
CA ASP C 787 32.27 -23.36 23.55
C ASP C 787 32.97 -22.07 23.18
N LEU C 788 32.84 -21.65 21.92
CA LEU C 788 33.46 -20.41 21.48
C LEU C 788 32.85 -19.21 22.18
N ASP C 789 31.53 -19.20 22.35
CA ASP C 789 30.87 -18.11 23.05
C ASP C 789 31.35 -18.02 24.49
N LYS C 790 31.49 -19.16 25.16
CA LYS C 790 31.99 -19.17 26.53
C LYS C 790 33.44 -18.74 26.60
N THR C 791 34.25 -19.12 25.60
CA THR C 791 35.67 -18.82 25.63
C THR C 791 35.94 -17.34 25.37
N TRP C 792 35.27 -16.74 24.38
CA TRP C 792 35.62 -15.40 23.93
C TRP C 792 34.60 -14.33 24.27
N VAL C 793 33.34 -14.68 24.54
CA VAL C 793 32.28 -13.71 24.77
C VAL C 793 31.81 -13.76 26.22
N ARG C 794 31.48 -14.95 26.72
CA ARG C 794 30.93 -15.05 28.08
C ARG C 794 32.01 -14.97 29.16
N TYR C 795 33.22 -14.55 28.84
CA TYR C 795 34.26 -14.30 29.83
C TYR C 795 33.99 -12.95 30.48
N GLN C 796 33.11 -12.93 31.48
CA GLN C 796 32.66 -11.69 32.09
C GLN C 796 33.72 -11.20 33.07
N GLU C 797 34.23 -9.99 32.82
CA GLU C 797 35.20 -9.34 33.69
C GLU C 797 34.69 -7.95 34.06
N CYS C 798 35.56 -7.18 34.72
CA CYS C 798 35.22 -5.82 35.10
C CYS C 798 36.21 -4.85 34.46
N GLN D 28 51.50 34.59 -35.81
CA GLN D 28 51.30 34.12 -34.45
C GLN D 28 49.81 34.02 -34.13
N ALA D 29 48.99 34.70 -34.93
CA ALA D 29 47.54 34.60 -34.78
C ALA D 29 47.07 33.18 -35.08
N VAL D 30 46.20 32.63 -34.24
CA VAL D 30 45.71 31.28 -34.45
C VAL D 30 44.77 31.27 -35.66
N THR D 31 45.22 30.68 -36.76
CA THR D 31 44.42 30.63 -37.97
C THR D 31 43.24 29.67 -37.77
N VAL D 32 42.06 30.22 -37.53
CA VAL D 32 40.85 29.43 -37.35
C VAL D 32 39.92 29.72 -38.51
N ALA D 33 39.51 28.67 -39.21
CA ALA D 33 38.69 28.77 -40.41
C ALA D 33 37.24 28.43 -40.07
N VAL D 34 36.33 29.32 -40.46
CA VAL D 34 34.90 29.13 -40.23
C VAL D 34 34.28 28.77 -41.57
N VAL D 35 33.72 27.57 -41.66
CA VAL D 35 33.06 27.08 -42.86
C VAL D 35 31.56 27.01 -42.60
N PHE D 36 30.78 27.46 -43.57
CA PHE D 36 29.34 27.59 -43.43
C PHE D 36 28.62 26.58 -44.32
N GLY D 37 27.46 26.13 -43.85
CA GLY D 37 26.63 25.23 -44.62
C GLY D 37 25.78 25.97 -45.64
N SER D 38 24.54 25.52 -45.82
CA SER D 38 23.64 26.12 -46.82
C SER D 38 22.38 26.65 -46.16
N SER D 39 22.52 27.15 -44.93
CA SER D 39 21.39 27.73 -44.20
C SER D 39 21.24 29.19 -44.63
N GLY D 40 20.72 29.38 -45.84
CA GLY D 40 20.69 30.68 -46.47
C GLY D 40 22.09 31.24 -46.60
N PRO D 41 22.89 30.66 -47.51
CA PRO D 41 24.33 31.00 -47.56
C PRO D 41 24.59 32.48 -47.76
N LEU D 42 25.11 33.13 -46.71
CA LEU D 42 25.62 34.50 -46.75
C LEU D 42 26.64 34.65 -45.63
N GLN D 43 27.84 35.12 -45.98
CA GLN D 43 28.89 35.33 -44.99
C GLN D 43 29.53 36.71 -45.06
N THR D 44 29.40 37.45 -46.16
CA THR D 44 29.96 38.79 -46.24
C THR D 44 29.30 39.72 -45.23
N GLN D 45 27.98 39.58 -45.04
CA GLN D 45 27.29 40.37 -44.03
C GLN D 45 27.80 40.05 -42.63
N ALA D 46 28.33 38.84 -42.43
CA ALA D 46 28.87 38.42 -41.14
C ALA D 46 30.38 38.25 -41.18
N ARG D 47 31.04 38.93 -42.12
CA ARG D 47 32.49 38.85 -42.28
C ARG D 47 33.22 39.99 -41.56
N THR D 48 32.62 41.18 -41.49
CA THR D 48 33.26 42.32 -40.87
C THR D 48 33.01 42.39 -39.36
N ARG D 49 32.72 41.25 -38.73
CA ARG D 49 32.42 41.20 -37.31
C ARG D 49 33.37 40.32 -36.51
N LEU D 50 34.39 39.73 -37.12
CA LEU D 50 35.30 38.85 -36.42
C LEU D 50 36.77 39.07 -36.73
N THR D 51 37.11 39.80 -37.80
CA THR D 51 38.51 40.00 -38.16
C THR D 51 39.28 40.70 -37.05
N SER D 52 38.74 41.82 -36.55
CA SER D 52 39.34 42.55 -35.45
C SER D 52 38.47 42.48 -34.19
N GLN D 53 37.63 41.47 -34.10
CA GLN D 53 36.74 41.27 -32.96
C GLN D 53 37.07 39.94 -32.28
N ASN D 54 36.54 39.76 -31.07
CA ASN D 54 36.73 38.53 -30.28
C ASN D 54 38.22 38.27 -30.01
N PHE D 55 39.03 39.32 -30.06
CA PHE D 55 40.43 39.22 -29.70
C PHE D 55 40.69 40.06 -28.46
N LEU D 56 39.94 41.16 -28.32
CA LEU D 56 40.03 41.96 -27.11
C LEU D 56 39.17 41.40 -25.99
N ASP D 57 38.32 40.41 -26.30
CA ASP D 57 37.45 39.83 -25.28
C ASP D 57 38.26 39.05 -24.25
N LEU D 58 39.19 38.22 -24.72
CA LEU D 58 39.95 37.28 -23.89
C LEU D 58 41.04 36.54 -24.68
N PRO D 59 40.77 36.03 -25.89
CA PRO D 59 41.82 35.34 -26.64
C PRO D 59 42.97 36.28 -26.97
N LEU D 60 44.10 35.68 -27.38
CA LEU D 60 45.31 36.45 -27.63
C LEU D 60 45.28 37.11 -29.00
N GLU D 61 45.28 36.31 -30.06
CA GLU D 61 45.28 36.80 -31.43
C GLU D 61 44.67 35.74 -32.33
N ILE D 62 43.64 36.11 -33.09
CA ILE D 62 42.98 35.19 -34.00
C ILE D 62 43.00 35.79 -35.41
N GLN D 63 42.88 34.91 -36.39
CA GLN D 63 42.80 35.31 -37.80
C GLN D 63 41.77 34.42 -38.48
N PRO D 64 40.53 34.89 -38.67
CA PRO D 64 39.49 34.02 -39.21
C PRO D 64 39.44 34.02 -40.74
N LEU D 65 39.31 32.84 -41.33
CA LEU D 65 39.16 32.67 -42.77
C LEU D 65 37.79 32.07 -43.03
N THR D 66 36.93 32.82 -43.71
CA THR D 66 35.55 32.41 -43.92
C THR D 66 35.35 31.91 -45.35
N VAL D 67 34.85 30.69 -45.48
CA VAL D 67 34.48 30.11 -46.76
C VAL D 67 33.16 29.36 -46.60
N GLY D 68 32.24 29.58 -47.52
CA GLY D 68 30.91 28.99 -47.45
C GLY D 68 30.66 28.07 -48.63
N VAL D 69 29.87 27.03 -48.39
CA VAL D 69 29.51 26.05 -49.41
C VAL D 69 28.00 26.08 -49.56
N ASN D 70 27.51 26.33 -50.78
CA ASN D 70 26.07 26.34 -51.00
C ASN D 70 25.52 24.94 -51.23
N ASN D 71 26.40 23.97 -51.43
CA ASN D 71 26.01 22.57 -51.56
C ASN D 71 26.83 21.72 -50.59
N THR D 72 26.15 20.77 -49.95
CA THR D 72 26.75 20.01 -48.85
C THR D 72 26.98 18.55 -49.23
N ASN D 73 27.14 18.26 -50.52
CA ASN D 73 27.48 16.92 -50.94
C ASN D 73 28.93 16.59 -50.56
N PRO D 74 29.26 15.30 -50.41
CA PRO D 74 30.60 14.95 -49.93
C PRO D 74 31.74 15.47 -50.79
N SER D 75 31.56 15.50 -52.11
CA SER D 75 32.62 15.98 -52.99
C SER D 75 32.95 17.43 -52.70
N SER D 76 31.91 18.28 -52.56
CA SER D 76 32.16 19.69 -52.29
C SER D 76 32.82 19.88 -50.93
N ILE D 77 32.35 19.16 -49.90
CA ILE D 77 32.92 19.30 -48.58
C ILE D 77 34.40 18.94 -48.61
N LEU D 78 34.72 17.79 -49.22
CA LEU D 78 36.11 17.36 -49.30
C LEU D 78 36.96 18.36 -50.08
N THR D 79 36.46 18.82 -51.23
CA THR D 79 37.25 19.72 -52.06
C THR D 79 37.54 21.03 -51.34
N GLN D 80 36.50 21.65 -50.77
CA GLN D 80 36.70 22.94 -50.10
C GLN D 80 37.58 22.80 -48.87
N ILE D 81 37.36 21.76 -48.06
CA ILE D 81 38.18 21.60 -46.86
C ILE D 81 39.62 21.33 -47.23
N CYS D 82 39.85 20.54 -48.27
CA CYS D 82 41.23 20.23 -48.68
C CYS D 82 41.92 21.45 -49.28
N GLY D 83 41.20 22.26 -50.05
CA GLY D 83 41.78 23.49 -50.55
C GLY D 83 42.06 24.48 -49.43
N LEU D 84 41.20 24.51 -48.42
CA LEU D 84 41.42 25.38 -47.28
C LEU D 84 42.63 24.94 -46.47
N LEU D 85 42.78 23.63 -46.26
CA LEU D 85 43.92 23.11 -45.52
C LEU D 85 45.23 23.23 -46.30
N GLY D 86 45.15 23.49 -47.61
CA GLY D 86 46.33 23.66 -48.42
C GLY D 86 46.95 25.03 -48.37
N ALA D 87 46.45 25.91 -47.50
CA ALA D 87 46.98 27.26 -47.37
C ALA D 87 46.65 27.79 -45.99
N ALA D 88 47.32 28.88 -45.61
CA ALA D 88 47.07 29.68 -44.42
C ALA D 88 47.43 29.00 -43.11
N ARG D 89 47.87 27.74 -43.14
CA ARG D 89 48.28 27.02 -41.93
C ARG D 89 47.18 27.04 -40.87
N VAL D 90 46.06 26.42 -41.22
CA VAL D 90 44.87 26.46 -40.35
C VAL D 90 45.12 25.67 -39.08
N HIS D 91 44.60 26.19 -37.96
CA HIS D 91 44.71 25.53 -36.67
C HIS D 91 43.47 24.72 -36.31
N GLY D 92 42.29 25.20 -36.66
CA GLY D 92 41.05 24.50 -36.38
C GLY D 92 39.97 24.92 -37.35
N ILE D 93 38.88 24.15 -37.38
CA ILE D 93 37.79 24.39 -38.31
C ILE D 93 36.49 24.42 -37.53
N VAL D 94 35.63 25.37 -37.87
CA VAL D 94 34.31 25.52 -37.26
C VAL D 94 33.27 25.30 -38.35
N PHE D 95 32.45 24.25 -38.18
CA PHE D 95 31.50 23.82 -39.19
C PHE D 95 30.08 24.07 -38.72
N GLU D 96 29.22 24.49 -39.65
CA GLU D 96 27.79 24.69 -39.38
C GLU D 96 26.99 24.05 -40.51
N ASP D 97 25.93 23.35 -40.14
CA ASP D 97 25.06 22.66 -41.10
C ASP D 97 23.63 23.17 -40.91
N ASN D 98 22.70 22.63 -41.69
CA ASN D 98 21.32 23.12 -41.63
C ASN D 98 20.55 22.50 -40.48
N VAL D 99 20.29 21.18 -40.57
CA VAL D 99 19.59 20.28 -39.64
C VAL D 99 19.24 19.02 -40.41
N ASP D 100 18.99 19.16 -41.72
CA ASP D 100 18.40 18.07 -42.50
C ASP D 100 19.35 16.89 -42.65
N THR D 101 20.61 17.17 -42.97
CA THR D 101 21.58 16.13 -43.33
C THR D 101 22.21 15.55 -42.07
N GLU D 102 22.58 14.26 -42.17
CA GLU D 102 23.20 13.56 -41.05
C GLU D 102 24.52 12.89 -41.39
N ALA D 103 24.80 12.62 -42.67
CA ALA D 103 26.08 12.00 -43.02
C ALA D 103 27.22 13.00 -42.96
N VAL D 104 26.90 14.29 -42.82
CA VAL D 104 27.93 15.32 -42.79
C VAL D 104 28.82 15.15 -41.56
N ALA D 105 28.23 14.71 -40.44
CA ALA D 105 29.03 14.46 -39.25
C ALA D 105 30.07 13.37 -39.49
N GLN D 106 29.66 12.29 -40.15
CA GLN D 106 30.59 11.21 -40.46
C GLN D 106 31.66 11.67 -41.44
N LEU D 107 31.29 12.48 -42.43
CA LEU D 107 32.29 13.00 -43.36
C LEU D 107 33.30 13.89 -42.63
N LEU D 108 32.82 14.73 -41.71
CA LEU D 108 33.72 15.59 -40.94
C LEU D 108 34.65 14.74 -40.07
N ASP D 109 34.11 13.68 -39.48
CA ASP D 109 34.94 12.77 -38.68
C ASP D 109 36.04 12.15 -39.55
N PHE D 110 35.66 11.73 -40.77
CA PHE D 110 36.62 11.16 -41.70
C PHE D 110 37.73 12.15 -42.02
N VAL D 111 37.35 13.39 -42.33
CA VAL D 111 38.35 14.42 -42.67
C VAL D 111 39.25 14.69 -41.48
N SER D 112 38.67 14.83 -40.29
CA SER D 112 39.46 15.11 -39.10
C SER D 112 40.45 13.99 -38.79
N SER D 113 40.02 12.73 -38.94
CA SER D 113 40.93 11.62 -38.74
C SER D 113 42.03 11.60 -39.79
N GLN D 114 41.71 11.90 -41.05
CA GLN D 114 42.72 11.86 -42.11
C GLN D 114 43.70 13.02 -42.06
N THR D 115 43.34 14.15 -41.46
CA THR D 115 44.22 15.31 -41.44
C THR D 115 44.64 15.77 -40.05
N HIS D 116 44.07 15.22 -38.97
CA HIS D 116 44.44 15.55 -37.60
C HIS D 116 44.20 17.03 -37.29
N VAL D 117 43.30 17.69 -38.00
CA VAL D 117 42.93 19.07 -37.75
C VAL D 117 41.71 19.07 -36.84
N PRO D 118 41.71 19.82 -35.74
CA PRO D 118 40.52 19.88 -34.88
C PRO D 118 39.36 20.55 -35.61
N ILE D 119 38.21 19.88 -35.61
CA ILE D 119 36.99 20.39 -36.21
C ILE D 119 35.91 20.41 -35.14
N LEU D 120 35.22 21.54 -35.02
CA LEU D 120 34.09 21.67 -34.12
C LEU D 120 32.81 21.85 -34.91
N SER D 121 31.78 21.11 -34.52
CA SER D 121 30.46 21.20 -35.12
C SER D 121 29.60 22.10 -34.24
N ILE D 122 28.93 23.06 -34.87
CA ILE D 122 28.22 24.10 -34.12
C ILE D 122 26.72 23.79 -34.10
N SER D 123 26.11 23.72 -35.28
CA SER D 123 24.67 23.54 -35.36
C SER D 123 24.36 22.70 -36.60
N GLY D 124 23.09 22.38 -36.76
CA GLY D 124 22.67 21.52 -37.85
C GLY D 124 22.77 20.06 -37.50
N GLY D 125 22.59 19.23 -38.52
CA GLY D 125 22.65 17.80 -38.31
C GLY D 125 24.04 17.29 -37.98
N SER D 126 25.07 18.06 -38.33
CA SER D 126 26.44 17.65 -38.02
C SER D 126 26.73 17.71 -36.52
N ALA D 127 25.90 18.41 -35.75
CA ALA D 127 26.07 18.50 -34.31
C ALA D 127 25.43 17.34 -33.56
N VAL D 128 24.76 16.43 -34.27
CA VAL D 128 24.22 15.23 -33.65
C VAL D 128 25.37 14.28 -33.32
N VAL D 129 25.34 13.73 -32.12
CA VAL D 129 26.51 13.05 -31.57
C VAL D 129 26.68 11.68 -32.22
N LEU D 130 27.88 11.40 -32.70
CA LEU D 130 28.29 10.06 -33.11
C LEU D 130 28.97 9.42 -31.91
N THR D 131 28.34 8.40 -31.34
CA THR D 131 28.91 7.78 -30.15
C THR D 131 30.26 7.15 -30.40
N PRO D 132 30.47 6.31 -31.43
CA PRO D 132 31.84 5.91 -31.76
C PRO D 132 32.46 6.81 -32.81
N LYS D 133 33.71 7.18 -32.58
CA LYS D 133 34.48 7.99 -33.51
C LYS D 133 35.82 7.31 -33.79
N GLU D 134 36.42 7.68 -34.91
CA GLU D 134 37.68 7.08 -35.30
C GLU D 134 38.76 7.44 -34.26
N PRO D 135 39.67 6.52 -33.96
CA PRO D 135 40.60 6.76 -32.84
C PRO D 135 41.47 7.99 -33.00
N GLY D 136 41.92 8.29 -34.22
CA GLY D 136 42.74 9.46 -34.46
C GLY D 136 41.99 10.75 -34.70
N SER D 137 40.66 10.71 -34.65
CA SER D 137 39.85 11.87 -34.99
C SER D 137 39.84 12.87 -33.85
N ALA D 138 39.86 14.16 -34.21
CA ALA D 138 39.72 15.26 -33.26
C ALA D 138 38.38 15.97 -33.42
N PHE D 139 37.42 15.33 -34.09
CA PHE D 139 36.11 15.92 -34.30
C PHE D 139 35.37 16.07 -32.97
N LEU D 140 34.81 17.25 -32.75
CA LEU D 140 34.09 17.57 -31.53
C LEU D 140 32.75 18.16 -31.90
N GLN D 141 31.73 17.88 -31.10
CA GLN D 141 30.37 18.29 -31.39
C GLN D 141 29.78 19.01 -30.18
N LEU D 142 29.18 20.17 -30.41
CA LEU D 142 28.45 20.87 -29.36
C LEU D 142 27.04 20.28 -29.27
N GLY D 143 26.99 19.04 -28.80
CA GLY D 143 25.75 18.32 -28.67
C GLY D 143 25.82 17.39 -27.48
N VAL D 144 24.73 16.67 -27.26
CA VAL D 144 24.58 15.79 -26.11
C VAL D 144 24.19 14.40 -26.59
N SER D 145 24.72 13.37 -25.94
CA SER D 145 24.36 12.00 -26.25
C SER D 145 22.93 11.73 -25.82
N LEU D 146 22.38 10.59 -26.22
CA LEU D 146 21.01 10.25 -25.83
C LEU D 146 20.90 10.03 -24.33
N GLU D 147 21.98 9.63 -23.67
CA GLU D 147 21.92 9.34 -22.24
C GLU D 147 21.59 10.57 -21.42
N GLN D 148 22.23 11.70 -21.72
CA GLN D 148 21.98 12.93 -20.97
C GLN D 148 20.56 13.45 -21.20
N GLN D 149 20.10 13.39 -22.45
CA GLN D 149 18.73 13.79 -22.74
C GLN D 149 17.73 12.90 -22.00
N LEU D 150 18.00 11.60 -21.96
CA LEU D 150 17.13 10.69 -21.21
C LEU D 150 17.17 11.00 -19.72
N GLN D 151 18.35 11.36 -19.21
CA GLN D 151 18.44 11.76 -17.80
C GLN D 151 17.55 12.95 -17.50
N VAL D 152 17.61 13.97 -18.37
CA VAL D 152 16.78 15.16 -18.14
C VAL D 152 15.30 14.83 -18.26
N LEU D 153 14.94 14.01 -19.26
CA LEU D 153 13.54 13.66 -19.44
C LEU D 153 13.00 12.86 -18.26
N PHE D 154 13.81 11.94 -17.72
CA PHE D 154 13.37 11.17 -16.57
C PHE D 154 13.34 12.04 -15.31
N LYS D 155 14.20 13.06 -15.24
CA LYS D 155 14.07 14.04 -14.16
C LYS D 155 12.74 14.78 -14.24
N VAL D 156 12.33 15.13 -15.46
CA VAL D 156 11.01 15.75 -15.64
C VAL D 156 9.91 14.80 -15.19
N LEU D 157 10.01 13.53 -15.58
CA LEU D 157 9.02 12.54 -15.19
C LEU D 157 8.94 12.41 -13.67
N GLU D 158 10.09 12.39 -13.00
CA GLU D 158 10.11 12.34 -11.55
C GLU D 158 9.50 13.60 -10.94
N GLU D 159 9.77 14.76 -11.55
CA GLU D 159 9.21 16.01 -11.04
C GLU D 159 7.70 16.00 -11.07
N TYR D 160 7.11 15.51 -12.17
CA TYR D 160 5.66 15.43 -12.25
C TYR D 160 5.11 14.06 -11.87
N ASP D 161 5.95 13.18 -11.32
CA ASP D 161 5.52 11.88 -10.82
C ASP D 161 4.78 11.07 -11.88
N TRP D 162 5.34 11.05 -13.08
CA TRP D 162 4.82 10.21 -14.17
C TRP D 162 5.57 8.89 -14.22
N SER D 163 5.33 8.07 -13.19
CA SER D 163 6.06 6.81 -13.04
C SER D 163 5.67 5.79 -14.10
N ALA D 164 4.57 5.99 -14.81
CA ALA D 164 4.12 5.07 -15.85
C ALA D 164 4.35 5.71 -17.22
N PHE D 165 5.01 4.96 -18.10
CA PHE D 165 5.29 5.46 -19.44
C PHE D 165 5.47 4.28 -20.38
N ALA D 166 5.33 4.55 -21.67
CA ALA D 166 5.54 3.56 -22.72
C ALA D 166 6.52 4.09 -23.74
N VAL D 167 7.39 3.22 -24.23
CA VAL D 167 8.43 3.59 -25.18
C VAL D 167 7.98 3.21 -26.58
N ILE D 168 7.97 4.18 -27.49
CA ILE D 168 7.66 3.95 -28.89
C ILE D 168 8.89 4.35 -29.69
N THR D 169 9.37 3.44 -30.53
CA THR D 169 10.55 3.68 -31.33
C THR D 169 10.26 3.35 -32.78
N SER D 170 11.04 3.95 -33.68
CA SER D 170 11.06 3.55 -35.07
C SER D 170 12.29 2.68 -35.32
N LEU D 171 12.41 2.17 -36.56
CA LEU D 171 13.61 1.47 -36.97
C LEU D 171 14.71 2.42 -37.42
N HIS D 172 14.64 3.69 -37.00
CA HIS D 172 15.74 4.61 -37.22
C HIS D 172 17.00 4.06 -36.56
N PRO D 173 18.15 4.13 -37.23
CA PRO D 173 19.38 3.61 -36.63
C PRO D 173 19.68 4.30 -35.30
N GLY D 174 20.09 3.50 -34.32
CA GLY D 174 20.30 3.99 -32.98
C GLY D 174 19.15 3.74 -32.03
N HIS D 175 18.10 3.05 -32.46
CA HIS D 175 16.99 2.74 -31.57
C HIS D 175 17.44 1.81 -30.45
N ALA D 176 18.34 0.86 -30.76
CA ALA D 176 18.88 -0.01 -29.72
C ALA D 176 19.66 0.80 -28.69
N LEU D 177 20.41 1.81 -29.14
CA LEU D 177 21.11 2.69 -28.21
C LEU D 177 20.12 3.46 -27.35
N PHE D 178 19.01 3.91 -27.93
CA PHE D 178 17.98 4.61 -27.17
C PHE D 178 17.39 3.72 -26.10
N LEU D 179 17.08 2.46 -26.45
CA LEU D 179 16.53 1.53 -25.47
C LEU D 179 17.55 1.20 -24.38
N GLU D 180 18.82 1.06 -24.77
CA GLU D 180 19.86 0.81 -23.78
C GLU D 180 19.99 1.98 -22.81
N GLY D 181 19.94 3.20 -23.32
CA GLY D 181 19.99 4.36 -22.45
C GLY D 181 18.79 4.45 -21.53
N VAL D 182 17.60 4.12 -22.05
CA VAL D 182 16.40 4.11 -21.22
C VAL D 182 16.55 3.09 -20.10
N ARG D 183 17.02 1.89 -20.43
CA ARG D 183 17.21 0.85 -19.42
C ARG D 183 18.23 1.27 -18.37
N ALA D 184 19.35 1.87 -18.82
CA ALA D 184 20.37 2.29 -17.88
C ALA D 184 19.86 3.39 -16.96
N VAL D 185 19.11 4.35 -17.49
CA VAL D 185 18.57 5.42 -16.66
C VAL D 185 17.57 4.86 -15.66
N ALA D 186 16.69 3.96 -16.11
CA ALA D 186 15.68 3.40 -15.21
C ALA D 186 16.33 2.57 -14.11
N ASP D 187 17.34 1.78 -14.44
CA ASP D 187 18.00 0.95 -13.44
C ASP D 187 18.83 1.79 -12.48
N ALA D 188 19.50 2.83 -12.98
CA ALA D 188 20.34 3.67 -12.15
C ALA D 188 19.57 4.67 -11.32
N SER D 189 18.26 4.81 -11.55
CA SER D 189 17.45 5.72 -10.77
C SER D 189 17.04 5.03 -9.47
N TYR D 190 16.17 5.69 -8.69
CA TYR D 190 15.75 5.16 -7.40
C TYR D 190 14.22 5.15 -7.27
N LEU D 191 13.50 5.21 -8.38
CA LEU D 191 12.04 5.29 -8.35
C LEU D 191 11.35 4.02 -8.82
N SER D 192 12.08 3.07 -9.40
CA SER D 192 11.50 1.83 -9.92
C SER D 192 10.39 2.12 -10.92
N TRP D 193 10.79 2.75 -12.04
CA TRP D 193 9.83 3.17 -13.04
C TRP D 193 9.11 1.98 -13.65
N ARG D 194 7.83 2.16 -13.93
CA ARG D 194 7.01 1.15 -14.58
C ARG D 194 7.11 1.33 -16.10
N LEU D 195 7.91 0.48 -16.74
CA LEU D 195 8.09 0.52 -18.19
C LEU D 195 7.09 -0.44 -18.82
N LEU D 196 6.16 0.11 -19.60
CA LEU D 196 5.12 -0.69 -20.23
C LEU D 196 5.67 -1.35 -21.50
N ASP D 197 4.77 -1.91 -22.30
CA ASP D 197 5.15 -2.56 -23.54
C ASP D 197 5.86 -1.59 -24.48
N VAL D 198 6.91 -2.08 -25.13
CA VAL D 198 7.72 -1.28 -26.06
C VAL D 198 7.21 -1.52 -27.47
N LEU D 199 6.88 -0.44 -28.17
CA LEU D 199 6.32 -0.49 -29.52
C LEU D 199 7.35 -0.05 -30.54
N THR D 200 7.23 -0.58 -31.76
CA THR D 200 8.11 -0.23 -32.86
C THR D 200 7.28 0.16 -34.08
N LEU D 201 7.71 1.21 -34.77
CA LEU D 201 7.11 1.63 -36.04
C LEU D 201 7.92 1.04 -37.18
N GLU D 202 7.28 0.21 -38.00
CA GLU D 202 8.02 -0.56 -38.98
C GLU D 202 8.29 0.23 -40.25
N LEU D 203 7.23 0.62 -40.97
CA LEU D 203 7.42 1.18 -42.30
C LEU D 203 7.88 2.64 -42.27
N GLY D 204 7.42 3.42 -41.29
CA GLY D 204 7.77 4.81 -41.22
C GLY D 204 7.07 5.64 -42.27
N PRO D 205 7.83 6.19 -43.23
CA PRO D 205 7.21 7.00 -44.28
C PRO D 205 6.18 6.25 -45.11
N GLY D 206 6.40 4.96 -45.35
CA GLY D 206 5.48 4.16 -46.13
C GLY D 206 4.54 3.35 -45.26
N GLY D 207 4.12 3.92 -44.13
CA GLY D 207 3.29 3.22 -43.18
C GLY D 207 1.98 2.72 -43.78
N PRO D 208 1.69 1.44 -43.57
CA PRO D 208 0.42 0.88 -44.08
C PRO D 208 -0.81 1.45 -43.39
N ARG D 209 -0.65 2.09 -42.24
CA ARG D 209 -1.74 2.64 -41.44
C ARG D 209 -2.71 1.59 -40.94
N ALA D 210 -2.32 0.31 -40.97
CA ALA D 210 -3.14 -0.78 -40.45
C ALA D 210 -2.49 -1.48 -39.28
N ARG D 211 -1.28 -2.02 -39.45
CA ARG D 211 -0.60 -2.69 -38.35
C ARG D 211 -0.14 -1.69 -37.30
N THR D 212 0.51 -0.61 -37.73
CA THR D 212 0.93 0.42 -36.79
C THR D 212 -0.27 1.10 -36.14
N GLN D 213 -1.36 1.24 -36.89
CA GLN D 213 -2.60 1.77 -36.29
C GLN D 213 -3.12 0.83 -35.20
N ARG D 214 -3.11 -0.47 -35.47
CA ARG D 214 -3.55 -1.44 -34.47
C ARG D 214 -2.69 -1.37 -33.22
N LEU D 215 -1.36 -1.25 -33.41
CA LEU D 215 -0.46 -1.15 -32.26
C LEU D 215 -0.70 0.16 -31.50
N LEU D 216 -0.95 1.26 -32.21
CA LEU D 216 -1.16 2.54 -31.55
C LEU D 216 -2.46 2.55 -30.77
N ARG D 217 -3.48 1.84 -31.25
CA ARG D 217 -4.73 1.74 -30.51
C ARG D 217 -4.66 0.75 -29.35
N GLN D 218 -3.57 0.00 -29.24
CA GLN D 218 -3.40 -0.97 -28.16
C GLN D 218 -2.59 -0.42 -26.98
N VAL D 219 -2.49 0.89 -26.84
CA VAL D 219 -1.68 1.52 -25.80
C VAL D 219 -2.60 1.94 -24.65
N ASP D 220 -2.05 1.98 -23.44
CA ASP D 220 -2.78 2.37 -22.24
C ASP D 220 -1.91 3.21 -21.31
N ALA D 221 -0.98 3.98 -21.87
CA ALA D 221 -0.06 4.75 -21.05
C ALA D 221 -0.37 6.24 -21.13
N PRO D 222 -0.20 6.97 -20.03
CA PRO D 222 -0.45 8.41 -20.05
C PRO D 222 0.75 9.21 -20.53
N VAL D 223 1.93 8.60 -20.49
CA VAL D 223 3.18 9.23 -20.91
C VAL D 223 3.85 8.32 -21.92
N LEU D 224 4.26 8.89 -23.05
CA LEU D 224 4.91 8.14 -24.13
C LEU D 224 6.22 8.81 -24.50
N VAL D 225 7.28 8.02 -24.58
CA VAL D 225 8.60 8.50 -24.99
C VAL D 225 8.88 7.95 -26.37
N ALA D 226 9.08 8.85 -27.34
CA ALA D 226 9.16 8.48 -28.75
C ALA D 226 10.56 8.73 -29.30
N TYR D 227 11.06 7.76 -30.07
CA TYR D 227 12.32 7.87 -30.79
C TYR D 227 12.06 7.70 -32.28
N CYS D 228 12.47 8.71 -33.06
CA CYS D 228 12.25 8.74 -34.50
C CYS D 228 12.92 10.01 -35.04
N SER D 229 13.04 10.07 -36.36
CA SER D 229 13.57 11.25 -37.04
C SER D 229 12.44 12.25 -37.24
N ARG D 230 12.73 13.34 -37.96
CA ARG D 230 11.73 14.40 -38.14
C ARG D 230 10.55 13.91 -38.98
N GLU D 231 10.83 13.32 -40.15
CA GLU D 231 9.76 12.81 -40.99
C GLU D 231 9.00 11.69 -40.30
N GLU D 232 9.71 10.79 -39.65
CA GLU D 232 9.06 9.74 -38.87
C GLU D 232 8.25 10.33 -37.73
N ALA D 233 8.74 11.41 -37.11
CA ALA D 233 7.98 12.07 -36.05
C ALA D 233 6.66 12.61 -36.60
N GLU D 234 6.71 13.27 -37.75
CA GLU D 234 5.47 13.80 -38.33
C GLU D 234 4.50 12.69 -38.66
N VAL D 235 5.00 11.59 -39.25
CA VAL D 235 4.13 10.47 -39.60
C VAL D 235 3.51 9.87 -38.35
N LEU D 236 4.33 9.64 -37.32
CA LEU D 236 3.84 9.03 -36.08
C LEU D 236 2.81 9.92 -35.40
N PHE D 237 3.05 11.23 -35.36
CA PHE D 237 2.11 12.12 -34.70
C PHE D 237 0.81 12.24 -35.47
N ALA D 238 0.87 12.25 -36.80
CA ALA D 238 -0.35 12.26 -37.60
C ALA D 238 -1.16 10.98 -37.36
N GLU D 239 -0.47 9.84 -37.32
CA GLU D 239 -1.18 8.59 -37.08
C GLU D 239 -1.74 8.53 -35.67
N ALA D 240 -1.04 9.11 -34.69
CA ALA D 240 -1.57 9.17 -33.33
C ALA D 240 -2.80 10.06 -33.26
N ALA D 241 -2.78 11.19 -33.99
CA ALA D 241 -3.95 12.04 -34.08
C ALA D 241 -5.13 11.29 -34.68
N GLN D 242 -4.86 10.44 -35.68
CA GLN D 242 -5.91 9.55 -36.18
C GLN D 242 -6.36 8.58 -35.09
N ALA D 243 -5.42 8.09 -34.28
CA ALA D 243 -5.71 7.10 -33.24
C ALA D 243 -6.17 7.71 -31.93
N GLY D 244 -6.21 9.04 -31.81
CA GLY D 244 -6.71 9.66 -30.61
C GLY D 244 -5.76 9.73 -29.45
N LEU D 245 -4.45 9.67 -29.69
CA LEU D 245 -3.46 9.79 -28.63
C LEU D 245 -2.99 11.22 -28.40
N VAL D 246 -3.78 12.22 -28.83
CA VAL D 246 -3.42 13.62 -28.66
C VAL D 246 -4.39 14.24 -27.67
N GLY D 247 -4.05 15.42 -27.15
CA GLY D 247 -4.89 16.11 -26.20
C GLY D 247 -4.54 15.76 -24.78
N PRO D 248 -5.50 15.93 -23.87
CA PRO D 248 -5.25 15.68 -22.45
C PRO D 248 -5.15 14.18 -22.17
N GLY D 249 -4.47 13.85 -21.08
CA GLY D 249 -4.33 12.47 -20.66
C GLY D 249 -3.21 11.73 -21.36
N HIS D 250 -2.52 12.40 -22.27
CA HIS D 250 -1.40 11.80 -23.00
C HIS D 250 -0.30 12.83 -23.17
N VAL D 251 0.92 12.47 -22.75
CA VAL D 251 2.07 13.35 -22.81
C VAL D 251 3.14 12.68 -23.66
N TRP D 252 3.80 13.47 -24.52
CA TRP D 252 4.81 12.96 -25.43
C TRP D 252 6.16 13.60 -25.11
N LEU D 253 7.19 12.77 -24.97
CA LEU D 253 8.55 13.24 -24.72
C LEU D 253 9.46 12.70 -25.81
N VAL D 254 10.20 13.59 -26.46
CA VAL D 254 11.08 13.20 -27.57
C VAL D 254 12.43 13.88 -27.40
N PRO D 255 13.48 13.25 -27.94
CA PRO D 255 14.80 13.90 -27.96
C PRO D 255 14.95 14.85 -29.15
N ASN D 256 16.16 15.35 -29.36
CA ASN D 256 16.38 16.38 -30.37
C ASN D 256 16.18 15.86 -31.79
N LEU D 257 16.24 14.55 -31.99
CA LEU D 257 16.16 14.00 -33.34
C LEU D 257 14.82 14.34 -33.99
N ALA D 258 13.72 14.19 -33.24
CA ALA D 258 12.40 14.49 -33.78
C ALA D 258 12.13 15.99 -33.80
N LEU D 259 12.93 16.80 -33.10
CA LEU D 259 12.66 18.22 -32.98
C LEU D 259 12.73 18.92 -34.35
N GLY D 260 13.76 18.61 -35.13
CA GLY D 260 13.96 19.32 -36.38
C GLY D 260 14.31 20.78 -36.13
N SER D 261 13.85 21.64 -37.02
CA SER D 261 14.08 23.07 -36.89
C SER D 261 13.17 23.63 -35.80
N THR D 262 13.77 24.25 -34.79
CA THR D 262 13.02 24.76 -33.66
C THR D 262 12.21 26.01 -34.01
N ASP D 263 12.72 26.83 -34.94
CA ASP D 263 12.05 28.07 -35.30
C ASP D 263 10.74 27.84 -36.04
N ALA D 264 10.59 26.70 -36.73
CA ALA D 264 9.41 26.41 -37.54
C ALA D 264 8.87 25.05 -37.16
N PRO D 265 8.08 24.97 -36.09
CA PRO D 265 7.43 23.71 -35.74
C PRO D 265 6.36 23.36 -36.76
N PRO D 266 6.39 22.16 -37.29
CA PRO D 266 5.49 21.80 -38.40
C PRO D 266 4.09 21.48 -37.89
N ALA D 267 3.19 21.23 -38.85
CA ALA D 267 1.88 20.71 -38.51
C ALA D 267 2.01 19.27 -38.01
N ALA D 268 0.92 18.76 -37.46
CA ALA D 268 0.89 17.43 -36.86
C ALA D 268 1.95 17.27 -35.78
N PHE D 269 2.14 18.29 -34.96
CA PHE D 269 2.97 18.22 -33.76
C PHE D 269 2.10 18.54 -32.55
N PRO D 270 1.80 17.55 -31.71
CA PRO D 270 0.83 17.78 -30.62
C PRO D 270 1.30 18.88 -29.67
N VAL D 271 0.34 19.67 -29.21
CA VAL D 271 0.64 20.70 -28.22
C VAL D 271 1.04 20.05 -26.92
N GLY D 272 2.11 20.56 -26.31
CA GLY D 272 2.66 19.96 -25.11
C GLY D 272 3.78 18.98 -25.34
N LEU D 273 4.28 18.87 -26.57
CA LEU D 273 5.44 18.03 -26.84
C LEU D 273 6.65 18.54 -26.08
N ILE D 274 7.37 17.63 -25.43
CA ILE D 274 8.46 17.97 -24.53
C ILE D 274 9.77 17.46 -25.13
N SER D 275 10.78 18.34 -25.14
CA SER D 275 12.12 17.94 -25.58
C SER D 275 13.14 18.66 -24.71
N VAL D 276 14.39 18.24 -24.83
CA VAL D 276 15.48 18.84 -24.05
C VAL D 276 16.63 19.15 -25.00
N VAL D 277 16.98 20.43 -25.11
CA VAL D 277 18.02 20.91 -26.00
C VAL D 277 19.02 21.73 -25.21
N THR D 278 20.24 21.84 -25.72
CA THR D 278 21.23 22.68 -25.05
C THR D 278 20.90 24.15 -25.25
N GLU D 279 21.67 25.01 -24.59
CA GLU D 279 21.42 26.45 -24.65
C GLU D 279 21.89 27.02 -25.98
N SER D 280 21.25 26.60 -27.06
CA SER D 280 21.60 27.10 -28.39
C SER D 280 20.35 27.38 -29.22
N TRP D 281 19.19 26.93 -28.74
CA TRP D 281 17.98 26.99 -29.54
C TRP D 281 17.50 28.42 -29.78
N ARG D 282 17.85 29.36 -28.89
CA ARG D 282 17.54 30.77 -29.09
C ARG D 282 18.81 31.61 -29.16
N LEU D 283 19.86 31.08 -29.79
CA LEU D 283 21.10 31.78 -30.00
C LEU D 283 21.33 31.94 -31.50
N SER D 284 21.78 33.12 -31.92
CA SER D 284 21.95 33.38 -33.33
C SER D 284 23.22 32.72 -33.87
N LEU D 285 23.34 32.70 -35.19
CA LEU D 285 24.48 32.04 -35.82
C LEU D 285 25.79 32.73 -35.47
N ARG D 286 25.80 34.06 -35.44
CA ARG D 286 27.03 34.78 -35.11
C ARG D 286 27.50 34.45 -33.70
N GLN D 287 26.55 34.38 -32.75
CA GLN D 287 26.92 34.03 -31.38
C GLN D 287 27.54 32.64 -31.31
N LYS D 288 26.95 31.67 -32.02
CA LYS D 288 27.50 30.32 -32.03
C LYS D 288 28.89 30.28 -32.65
N VAL D 289 29.06 30.99 -33.77
CA VAL D 289 30.36 30.97 -34.47
C VAL D 289 31.43 31.60 -33.60
N ARG D 290 31.13 32.75 -33.00
CA ARG D 290 32.10 33.38 -32.11
C ARG D 290 32.36 32.51 -30.88
N ASP D 291 31.35 31.77 -30.42
CA ASP D 291 31.55 30.84 -29.30
C ASP D 291 32.53 29.73 -29.68
N GLY D 292 32.36 29.15 -30.87
CA GLY D 292 33.27 28.09 -31.30
C GLY D 292 34.69 28.60 -31.50
N VAL D 293 34.83 29.76 -32.13
CA VAL D 293 36.15 30.35 -32.30
C VAL D 293 36.77 30.67 -30.96
N ALA D 294 35.95 31.11 -30.00
CA ALA D 294 36.45 31.37 -28.66
C ALA D 294 36.94 30.08 -27.99
N ILE D 295 36.23 28.97 -28.19
CA ILE D 295 36.67 27.70 -27.62
C ILE D 295 38.02 27.30 -28.20
N LEU D 296 38.15 27.41 -29.53
CA LEU D 296 39.44 27.08 -30.16
C LEU D 296 40.55 27.98 -29.65
N ALA D 297 40.28 29.28 -29.54
CA ALA D 297 41.30 30.23 -29.10
C ALA D 297 41.68 30.00 -27.65
N LEU D 298 40.71 29.64 -26.80
CA LEU D 298 41.01 29.34 -25.40
C LEU D 298 41.86 28.09 -25.29
N GLY D 299 41.57 27.06 -26.09
CA GLY D 299 42.43 25.88 -26.09
C GLY D 299 43.84 26.20 -26.53
N ALA D 300 43.98 27.01 -27.59
CA ALA D 300 45.30 27.41 -28.04
C ALA D 300 46.02 28.24 -26.98
N HIS D 301 45.28 29.11 -26.28
CA HIS D 301 45.88 29.93 -25.24
C HIS D 301 46.38 29.07 -24.08
N SER D 302 45.61 28.05 -23.69
CA SER D 302 46.07 27.14 -22.66
C SER D 302 47.31 26.37 -23.10
N TYR D 303 47.33 25.95 -24.36
CA TYR D 303 48.52 25.28 -24.88
C TYR D 303 49.73 26.20 -24.84
N ARG D 304 49.54 27.47 -25.22
CA ARG D 304 50.64 28.44 -25.15
C ARG D 304 51.08 28.68 -23.72
N ARG D 305 50.13 28.67 -22.78
CA ARG D 305 50.47 28.82 -21.37
C ARG D 305 51.35 27.67 -20.90
N GLN D 306 51.01 26.45 -21.28
CA GLN D 306 51.83 25.31 -20.85
C GLN D 306 53.06 25.11 -21.74
N TYR D 307 52.87 25.08 -23.05
CA TYR D 307 53.96 24.91 -24.00
C TYR D 307 54.32 26.25 -24.60
N GLY D 308 55.61 26.55 -24.66
CA GLY D 308 56.04 27.88 -25.07
C GLY D 308 55.57 28.27 -26.46
N THR D 309 55.52 27.30 -27.37
CA THR D 309 55.16 27.55 -28.77
C THR D 309 53.66 27.30 -28.94
N LEU D 310 53.10 27.87 -30.00
CA LEU D 310 51.71 27.66 -30.41
C LEU D 310 51.55 26.23 -30.91
N PRO D 311 50.34 25.66 -30.88
CA PRO D 311 50.14 24.34 -31.47
C PRO D 311 50.40 24.36 -32.97
N ALA D 312 50.95 23.27 -33.47
CA ALA D 312 51.30 23.17 -34.88
C ALA D 312 50.04 23.16 -35.75
N PRO D 313 50.08 23.82 -36.90
CA PRO D 313 48.93 23.80 -37.81
C PRO D 313 48.84 22.47 -38.56
N ALA D 314 47.66 22.21 -39.10
CA ALA D 314 47.45 21.02 -39.90
C ALA D 314 48.26 21.08 -41.19
N GLY D 315 48.75 19.93 -41.62
CA GLY D 315 49.61 19.89 -42.80
C GLY D 315 48.88 20.08 -44.11
N ASP D 316 48.08 19.10 -44.51
CA ASP D 316 47.36 19.13 -45.78
C ASP D 316 46.52 17.85 -45.87
N CYS D 317 45.63 17.83 -46.88
CA CYS D 317 44.86 16.62 -47.16
C CYS D 317 45.74 15.52 -47.74
N ARG D 318 46.71 15.90 -48.58
CA ARG D 318 47.54 14.94 -49.29
C ARG D 318 48.54 14.33 -48.31
N SER D 319 49.49 13.55 -48.84
CA SER D 319 50.40 12.75 -48.02
C SER D 319 49.58 11.76 -47.20
N HIS D 320 50.12 11.28 -46.10
CA HIS D 320 49.42 10.31 -45.24
C HIS D 320 49.98 10.46 -43.83
N PRO D 321 49.41 11.35 -43.02
CA PRO D 321 49.81 11.42 -41.60
C PRO D 321 49.25 10.24 -40.81
N GLY D 322 49.92 9.10 -40.94
CA GLY D 322 49.51 7.86 -40.32
C GLY D 322 49.28 7.97 -38.83
N PRO D 323 50.34 8.26 -38.06
CA PRO D 323 50.17 8.40 -36.62
C PRO D 323 49.92 9.82 -36.18
N VAL D 324 49.73 10.02 -34.88
CA VAL D 324 49.42 11.34 -34.32
C VAL D 324 50.60 11.79 -33.47
N SER D 325 51.15 12.95 -33.80
CA SER D 325 52.27 13.47 -33.04
C SER D 325 51.81 13.91 -31.65
N PRO D 326 52.69 13.87 -30.65
CA PRO D 326 52.31 14.38 -29.32
C PRO D 326 51.90 15.84 -29.34
N ALA D 327 52.38 16.61 -30.32
CA ALA D 327 51.98 18.00 -30.46
C ALA D 327 50.49 18.11 -30.75
N ARG D 328 49.98 17.27 -31.66
CA ARG D 328 48.55 17.25 -31.93
C ARG D 328 47.76 16.76 -30.72
N GLU D 329 48.28 15.75 -30.03
CA GLU D 329 47.57 15.15 -28.91
C GLU D 329 47.43 16.15 -27.76
N ALA D 330 48.50 16.91 -27.48
CA ALA D 330 48.47 17.91 -26.44
C ALA D 330 47.45 18.99 -26.76
N PHE D 331 47.41 19.43 -28.02
CA PHE D 331 46.39 20.39 -28.43
C PHE D 331 44.99 19.83 -28.22
N TYR D 332 44.77 18.58 -28.63
CA TYR D 332 43.45 17.98 -28.50
C TYR D 332 43.03 17.89 -27.03
N ARG D 333 43.96 17.52 -26.15
CA ARG D 333 43.63 17.43 -24.73
C ARG D 333 43.53 18.80 -24.07
N HIS D 334 44.09 19.85 -24.68
CA HIS D 334 44.07 21.17 -24.08
C HIS D 334 42.84 21.98 -24.44
N LEU D 335 42.00 21.51 -25.35
CA LEU D 335 40.74 22.19 -25.66
C LEU D 335 39.52 21.39 -25.22
N LEU D 336 39.72 20.27 -24.52
CA LEU D 336 38.59 19.55 -23.94
C LEU D 336 37.96 20.33 -22.80
N ASN D 337 38.78 20.86 -21.90
CA ASN D 337 38.32 21.62 -20.74
C ASN D 337 38.47 23.10 -21.06
N VAL D 338 37.39 23.71 -21.55
CA VAL D 338 37.39 25.14 -21.89
C VAL D 338 36.15 25.78 -21.28
N THR D 339 36.36 26.88 -20.57
CA THR D 339 35.27 27.65 -19.98
C THR D 339 35.21 29.01 -20.64
N TRP D 340 34.04 29.36 -21.18
CA TRP D 340 33.86 30.61 -21.91
C TRP D 340 32.65 31.33 -21.34
N GLU D 341 32.86 32.56 -20.85
CA GLU D 341 31.79 33.40 -20.32
C GLU D 341 31.03 32.68 -19.21
N GLY D 342 31.74 31.87 -18.44
CA GLY D 342 31.12 31.12 -17.37
C GLY D 342 30.38 29.87 -17.80
N ARG D 343 30.37 29.57 -19.10
CA ARG D 343 29.70 28.38 -19.62
C ARG D 343 30.68 27.21 -19.65
N ASP D 344 30.22 26.05 -19.21
CA ASP D 344 31.06 24.86 -19.15
C ASP D 344 31.02 24.16 -20.51
N PHE D 345 32.13 24.21 -21.23
CA PHE D 345 32.26 23.56 -22.54
C PHE D 345 33.20 22.37 -22.48
N SER D 346 33.17 21.62 -21.38
CA SER D 346 34.00 20.43 -21.26
C SER D 346 33.53 19.36 -22.24
N PHE D 347 34.48 18.73 -22.91
CA PHE D 347 34.20 17.70 -23.89
C PHE D 347 34.57 16.34 -23.31
N SER D 348 33.65 15.39 -23.41
CA SER D 348 33.90 14.02 -23.00
C SER D 348 34.86 13.37 -23.98
N PRO D 349 35.48 12.25 -23.59
CA PRO D 349 36.39 11.56 -24.54
C PRO D 349 35.71 11.14 -25.83
N GLY D 350 34.39 11.03 -25.84
CA GLY D 350 33.65 10.72 -27.04
C GLY D 350 33.38 11.95 -27.90
N GLY D 351 34.03 13.05 -27.58
CA GLY D 351 33.88 14.28 -28.37
C GLY D 351 32.52 14.93 -28.32
N TYR D 352 31.93 15.04 -27.13
CA TYR D 352 30.68 15.77 -26.98
C TYR D 352 30.64 16.39 -25.59
N LEU D 353 29.75 17.36 -25.42
CA LEU D 353 29.62 18.05 -24.14
C LEU D 353 29.21 17.06 -23.04
N VAL D 354 29.89 17.14 -21.91
CA VAL D 354 29.66 16.23 -20.80
C VAL D 354 28.80 16.86 -19.71
N ARG D 355 29.04 18.14 -19.39
CA ARG D 355 28.26 18.85 -18.37
C ARG D 355 27.78 20.18 -18.94
N PRO D 356 26.79 20.15 -19.83
CA PRO D 356 26.23 21.41 -20.33
C PRO D 356 25.03 21.86 -19.51
N THR D 357 24.48 23.02 -19.85
CA THR D 357 23.27 23.53 -19.22
C THR D 357 22.11 23.27 -20.18
N MET D 358 21.27 22.30 -19.83
CA MET D 358 20.18 21.90 -20.71
C MET D 358 18.93 22.73 -20.44
N VAL D 359 18.03 22.73 -21.43
CA VAL D 359 16.77 23.43 -21.35
C VAL D 359 15.67 22.51 -21.83
N VAL D 360 14.65 22.30 -20.99
CA VAL D 360 13.48 21.54 -21.37
C VAL D 360 12.50 22.50 -22.04
N ILE D 361 12.24 22.28 -23.31
CA ILE D 361 11.35 23.12 -24.10
C ILE D 361 10.07 22.35 -24.40
N ALA D 362 8.98 23.08 -24.55
CA ALA D 362 7.68 22.49 -24.84
C ALA D 362 6.93 23.37 -25.83
N LEU D 363 6.00 22.75 -26.54
CA LEU D 363 5.22 23.43 -27.56
C LEU D 363 3.94 23.97 -26.92
N ASN D 364 3.82 25.30 -26.87
CA ASN D 364 2.69 25.93 -26.22
C ASN D 364 1.49 25.97 -27.16
N ARG D 365 0.40 26.61 -26.71
CA ARG D 365 -0.82 26.65 -27.50
C ARG D 365 -0.66 27.49 -28.76
N HIS D 366 0.26 28.45 -28.75
CA HIS D 366 0.50 29.28 -29.93
C HIS D 366 1.37 28.58 -30.97
N ARG D 367 1.59 27.26 -30.84
CA ARG D 367 2.43 26.49 -31.75
C ARG D 367 3.83 27.08 -31.84
N LEU D 368 4.42 27.40 -30.69
CA LEU D 368 5.79 27.88 -30.60
C LEU D 368 6.53 27.08 -29.54
N TRP D 369 7.79 26.76 -29.82
CA TRP D 369 8.62 26.07 -28.85
C TRP D 369 8.93 27.04 -27.71
N GLU D 370 8.45 26.75 -26.52
CA GLU D 370 8.55 27.63 -25.37
C GLU D 370 9.45 27.02 -24.31
N MET D 371 10.35 27.84 -23.77
CA MET D 371 11.20 27.41 -22.67
C MET D 371 10.34 27.06 -21.45
N VAL D 372 10.59 25.90 -20.86
CA VAL D 372 9.81 25.40 -19.74
C VAL D 372 10.67 25.15 -18.51
N GLY D 373 11.83 24.53 -18.68
CA GLY D 373 12.67 24.21 -17.54
C GLY D 373 14.14 24.35 -17.85
N ARG D 374 14.93 24.47 -16.79
CA ARG D 374 16.38 24.54 -16.87
C ARG D 374 16.99 23.34 -16.17
N TRP D 375 18.21 22.98 -16.59
CA TRP D 375 18.98 21.92 -15.96
C TRP D 375 20.32 22.52 -15.56
N ASP D 376 20.43 22.90 -14.29
CA ASP D 376 21.67 23.47 -13.76
C ASP D 376 22.65 22.35 -13.48
N HIS D 377 23.71 22.65 -12.71
CA HIS D 377 24.78 21.70 -12.44
C HIS D 377 24.27 20.28 -12.21
N GLY D 378 23.27 20.12 -11.35
CA GLY D 378 22.65 18.82 -11.16
C GLY D 378 21.17 18.87 -10.87
N VAL D 379 20.56 20.05 -10.98
CA VAL D 379 19.20 20.26 -10.53
C VAL D 379 18.32 20.63 -11.72
N LEU D 380 17.06 20.21 -11.66
CA LEU D 380 16.05 20.57 -12.65
C LEU D 380 15.11 21.62 -12.07
N TYR D 381 15.02 22.77 -12.73
CA TYR D 381 14.14 23.87 -12.33
C TYR D 381 13.00 23.95 -13.33
N MET D 382 11.80 23.64 -12.89
CA MET D 382 10.64 23.73 -13.76
C MET D 382 9.95 25.08 -13.59
N LYS D 383 9.06 25.38 -14.52
CA LYS D 383 8.34 26.64 -14.44
C LYS D 383 6.88 26.46 -14.07
N TYR D 384 6.26 25.37 -14.54
CA TYR D 384 4.88 25.04 -14.19
C TYR D 384 4.84 24.02 -13.05
N PRO D 385 4.22 24.35 -11.92
CA PRO D 385 4.00 23.32 -10.90
C PRO D 385 2.97 22.29 -11.30
N VAL D 386 2.04 22.64 -12.18
CA VAL D 386 1.05 21.71 -12.71
C VAL D 386 1.16 21.75 -14.24
N TRP D 387 1.26 20.58 -14.84
CA TRP D 387 1.45 20.53 -16.29
C TRP D 387 0.15 20.92 -16.99
N PRO D 388 0.14 21.98 -17.80
CA PRO D 388 -1.10 22.41 -18.46
C PRO D 388 -1.48 21.43 -19.56
N ARG D 389 -2.64 20.80 -19.39
CA ARG D 389 -3.11 19.79 -20.33
C ARG D 389 -4.12 20.39 -21.30
N TYR D 390 -3.63 21.14 -22.28
CA TYR D 390 -4.49 21.71 -23.31
C TYR D 390 -5.22 20.61 -24.07
N SER D 391 -6.55 20.70 -24.07
CA SER D 391 -7.36 19.66 -24.70
C SER D 391 -7.45 19.85 -26.21
N THR D 392 -8.04 20.97 -26.64
CA THR D 392 -8.19 21.28 -28.05
C THR D 392 -7.64 22.68 -28.30
N SER D 393 -6.73 22.79 -29.27
CA SER D 393 -6.10 24.07 -29.61
C SER D 393 -5.51 24.73 -28.39
N LEU D 394 -6.24 25.70 -27.80
CA LEU D 394 -5.73 26.45 -26.67
C LEU D 394 -6.44 26.14 -25.36
N GLN D 395 -7.65 25.57 -25.42
CA GLN D 395 -8.51 25.39 -24.25
C GLN D 395 -7.85 24.55 -23.17
N PRO D 396 -7.66 25.10 -21.96
CA PRO D 396 -7.13 24.29 -20.87
C PRO D 396 -8.16 23.27 -20.37
N VAL D 397 -7.69 22.40 -19.47
CA VAL D 397 -8.58 21.50 -18.74
C VAL D 397 -8.40 21.74 -17.24
N VAL D 398 -9.12 20.98 -16.43
CA VAL D 398 -9.09 21.18 -14.97
C VAL D 398 -8.57 19.93 -14.28
N ASP D 399 -8.67 18.78 -14.94
CA ASP D 399 -8.24 17.51 -14.36
C ASP D 399 -8.93 17.27 -13.02
N SER D 400 -10.26 17.05 -13.07
CA SER D 400 -11.10 17.02 -11.88
C SER D 400 -10.48 16.24 -10.71
N ARG D 401 -9.69 15.22 -10.99
CA ARG D 401 -9.05 14.44 -9.94
C ARG D 401 -7.81 15.12 -9.35
N HIS D 402 -7.62 16.41 -9.60
CA HIS D 402 -6.47 17.15 -9.11
C HIS D 402 -6.94 18.26 -8.17
N LEU D 403 -6.22 18.44 -7.06
CA LEU D 403 -6.59 19.38 -6.01
C LEU D 403 -5.45 20.36 -5.75
N THR D 404 -5.82 21.59 -5.44
CA THR D 404 -4.87 22.61 -5.00
C THR D 404 -5.06 22.84 -3.50
N VAL D 405 -3.99 22.71 -2.74
CA VAL D 405 -4.04 22.74 -1.29
C VAL D 405 -3.20 23.90 -0.78
N ALA D 406 -3.79 24.73 0.07
CA ALA D 406 -3.09 25.85 0.70
C ALA D 406 -2.80 25.53 2.16
N THR D 407 -1.56 25.74 2.58
CA THR D 407 -1.12 25.37 3.92
C THR D 407 -0.49 26.57 4.60
N LEU D 408 0.03 26.34 5.79
CA LEU D 408 0.79 27.33 6.56
C LEU D 408 1.70 26.58 7.51
N GLU D 409 2.79 27.23 7.90
CA GLU D 409 3.82 26.58 8.70
C GLU D 409 3.46 26.66 10.17
N GLU D 410 3.21 25.49 10.77
CA GLU D 410 3.08 25.34 12.21
C GLU D 410 3.98 24.20 12.65
N ARG D 411 4.80 24.43 13.67
CA ARG D 411 5.92 23.54 13.98
C ARG D 411 5.55 22.07 14.13
N PRO D 412 4.48 21.68 14.85
CA PRO D 412 4.23 20.23 14.99
C PRO D 412 3.43 19.65 13.83
N PHE D 413 2.74 20.49 13.07
CA PHE D 413 1.79 20.01 12.07
C PHE D 413 2.31 20.17 10.64
N VAL D 414 2.83 21.34 10.27
CA VAL D 414 3.38 21.56 8.95
C VAL D 414 4.77 22.16 9.11
N ILE D 415 5.80 21.36 8.84
CA ILE D 415 7.19 21.79 8.93
C ILE D 415 7.70 21.99 7.51
N VAL D 416 8.25 23.17 7.25
CA VAL D 416 8.75 23.56 5.94
C VAL D 416 10.26 23.71 6.03
N GLU D 417 10.96 23.05 5.11
CA GLU D 417 12.41 23.10 5.06
C GLU D 417 12.85 23.27 3.61
N SER D 418 14.16 23.40 3.42
CA SER D 418 14.65 23.59 2.06
C SER D 418 15.13 22.26 1.47
N PRO D 419 15.00 22.07 0.17
CA PRO D 419 15.48 20.83 -0.44
C PRO D 419 17.00 20.77 -0.43
N ASP D 420 17.52 19.55 -0.55
CA ASP D 420 18.95 19.34 -0.48
C ASP D 420 19.65 20.06 -1.63
N PRO D 421 20.60 20.95 -1.35
CA PRO D 421 21.24 21.71 -2.44
C PRO D 421 21.98 20.83 -3.44
N GLY D 422 22.56 19.72 -2.99
CA GLY D 422 23.30 18.86 -3.91
C GLY D 422 22.41 18.23 -4.97
N THR D 423 21.25 17.72 -4.54
CA THR D 423 20.33 17.07 -5.46
C THR D 423 19.25 18.00 -5.98
N GLY D 424 18.73 18.88 -5.11
CA GLY D 424 17.65 19.78 -5.47
C GLY D 424 16.27 19.20 -5.29
N GLY D 425 16.15 17.92 -4.97
CA GLY D 425 14.87 17.29 -4.72
C GLY D 425 14.54 17.25 -3.23
N CYS D 426 13.33 16.77 -2.95
CA CYS D 426 12.85 16.69 -1.58
C CYS D 426 13.24 15.37 -0.94
N VAL D 427 13.31 15.38 0.38
CA VAL D 427 13.57 14.18 1.19
C VAL D 427 12.42 13.21 0.95
N PRO D 428 12.66 11.89 0.91
CA PRO D 428 11.56 10.96 0.61
C PRO D 428 10.37 11.06 1.54
N ASN D 429 10.57 11.42 2.81
CA ASN D 429 9.45 11.51 3.72
C ASN D 429 8.71 12.83 3.62
N THR D 430 9.19 13.77 2.80
CA THR D 430 8.55 15.06 2.63
C THR D 430 7.85 15.13 1.28
N VAL D 431 7.16 16.24 1.02
CA VAL D 431 6.52 16.48 -0.28
C VAL D 431 6.90 17.87 -0.76
N PRO D 432 6.92 18.07 -2.09
CA PRO D 432 7.29 19.44 -2.47
C PRO D 432 6.22 20.48 -2.15
N CYS D 433 6.63 21.71 -1.90
CA CYS D 433 5.67 22.79 -1.64
C CYS D 433 6.29 24.15 -1.92
N ARG D 434 5.58 25.02 -2.62
CA ARG D 434 6.11 26.33 -2.96
C ARG D 434 5.48 27.41 -2.09
N ARG D 435 5.64 28.67 -2.49
CA ARG D 435 5.01 29.75 -1.74
C ARG D 435 4.78 30.94 -2.67
N GLN D 436 3.72 31.70 -2.38
CA GLN D 436 3.40 32.88 -3.16
C GLN D 436 4.15 34.08 -2.59
N SER D 437 3.80 35.27 -3.07
CA SER D 437 4.35 36.51 -2.54
C SER D 437 3.40 37.65 -2.85
N ASN D 438 3.48 38.71 -2.04
CA ASN D 438 2.74 39.93 -2.33
C ASN D 438 3.42 40.65 -3.49
N HIS D 439 2.66 41.54 -4.14
CA HIS D 439 3.10 42.19 -5.38
C HIS D 439 3.66 41.12 -6.31
N THR D 440 4.80 41.41 -6.96
CA THR D 440 5.51 40.44 -7.80
C THR D 440 4.57 39.72 -8.75
N PHE D 441 3.97 40.46 -9.69
CA PHE D 441 2.97 39.92 -10.59
C PHE D 441 3.50 38.68 -11.32
N SER D 442 2.89 37.52 -11.04
CA SER D 442 3.42 36.25 -11.50
C SER D 442 2.63 35.64 -12.65
N SER D 443 1.85 36.45 -13.37
CA SER D 443 1.11 35.92 -14.52
C SER D 443 2.05 35.40 -15.60
N GLY D 444 3.15 36.10 -15.84
CA GLY D 444 4.10 35.68 -16.86
C GLY D 444 4.86 34.41 -16.52
N ASP D 445 4.89 34.03 -15.25
CA ASP D 445 5.53 32.79 -14.78
C ASP D 445 7.03 32.76 -15.09
N LEU D 446 7.63 33.94 -15.29
CA LEU D 446 9.08 34.06 -15.40
C LEU D 446 9.70 34.32 -14.02
N THR D 447 9.31 33.47 -13.07
CA THR D 447 9.72 33.60 -11.68
C THR D 447 10.15 32.25 -11.14
N PRO D 448 11.42 32.11 -10.77
CA PRO D 448 11.87 30.86 -10.14
C PRO D 448 11.10 30.57 -8.86
N TYR D 449 10.99 29.28 -8.54
CA TYR D 449 10.34 28.85 -7.30
C TYR D 449 11.15 29.32 -6.11
N THR D 450 10.45 29.57 -5.01
CA THR D 450 11.05 29.37 -3.69
C THR D 450 10.66 27.98 -3.23
N LYS D 451 11.19 26.96 -3.92
CA LYS D 451 10.75 25.58 -3.71
C LYS D 451 11.21 25.08 -2.35
N LEU D 452 10.27 24.45 -1.64
CA LEU D 452 10.51 23.95 -0.30
C LEU D 452 9.94 22.55 -0.19
N CYS D 453 10.18 21.91 0.95
CA CYS D 453 9.62 20.59 1.24
C CYS D 453 8.86 20.65 2.55
N CYS D 454 7.68 20.02 2.54
CA CYS D 454 6.82 20.01 3.72
C CYS D 454 6.66 18.62 4.29
N LYS D 455 6.62 18.53 5.61
CA LYS D 455 6.39 17.27 6.31
C LYS D 455 5.55 17.56 7.55
N GLY D 456 5.13 16.51 8.24
CA GLY D 456 4.47 16.69 9.51
C GLY D 456 3.17 15.91 9.59
N PHE D 457 2.42 16.19 10.66
CA PHE D 457 1.17 15.49 10.92
C PHE D 457 0.15 15.76 9.82
N CYS D 458 -0.07 17.03 9.49
CA CYS D 458 -1.06 17.37 8.47
C CYS D 458 -0.65 16.85 7.10
N ILE D 459 0.65 16.85 6.80
CA ILE D 459 1.11 16.33 5.51
C ILE D 459 0.89 14.83 5.43
N ASP D 460 1.13 14.11 6.53
CA ASP D 460 0.85 12.67 6.55
C ASP D 460 -0.63 12.39 6.39
N ILE D 461 -1.47 13.18 7.05
CA ILE D 461 -2.92 13.05 6.88
C ILE D 461 -3.31 13.27 5.42
N LEU D 462 -2.72 14.30 4.81
CA LEU D 462 -3.03 14.60 3.40
C LEU D 462 -2.56 13.47 2.49
N LYS D 463 -1.39 12.89 2.75
CA LYS D 463 -0.92 11.77 1.94
C LYS D 463 -1.85 10.57 2.06
N LYS D 464 -2.29 10.27 3.28
CA LYS D 464 -3.23 9.16 3.46
C LYS D 464 -4.56 9.43 2.77
N LEU D 465 -5.03 10.68 2.83
CA LEU D 465 -6.26 11.03 2.14
C LEU D 465 -6.10 10.91 0.63
N ALA D 466 -4.95 11.32 0.10
CA ALA D 466 -4.71 11.19 -1.33
C ALA D 466 -4.67 9.72 -1.74
N LYS D 467 -4.09 8.87 -0.89
CA LYS D 467 -4.07 7.44 -1.19
C LYS D 467 -5.47 6.85 -1.17
N VAL D 468 -6.29 7.23 -0.19
CA VAL D 468 -7.61 6.60 -0.03
C VAL D 468 -8.61 7.16 -1.03
N VAL D 469 -8.86 8.47 -0.98
CA VAL D 469 -9.78 9.11 -1.90
C VAL D 469 -9.27 9.11 -3.33
N LYS D 470 -8.00 8.75 -3.54
CA LYS D 470 -7.41 8.56 -4.87
C LYS D 470 -7.49 9.85 -5.70
N PHE D 471 -6.76 10.85 -5.20
CA PHE D 471 -6.58 12.10 -5.92
C PHE D 471 -5.12 12.51 -5.85
N SER D 472 -4.72 13.35 -6.81
CA SER D 472 -3.39 13.95 -6.82
C SER D 472 -3.50 15.41 -6.43
N TYR D 473 -2.53 15.89 -5.65
CA TYR D 473 -2.63 17.20 -5.02
C TYR D 473 -1.43 18.05 -5.39
N ASP D 474 -1.66 19.36 -5.47
CA ASP D 474 -0.62 20.36 -5.70
C ASP D 474 -0.53 21.20 -4.44
N LEU D 475 0.59 21.08 -3.72
CA LEU D 475 0.72 21.68 -2.40
C LEU D 475 1.45 23.01 -2.49
N TYR D 476 0.93 24.00 -1.76
CA TYR D 476 1.60 25.28 -1.61
C TYR D 476 1.14 25.92 -0.31
N LEU D 477 1.92 26.88 0.17
CA LEU D 477 1.63 27.56 1.43
C LEU D 477 1.38 29.04 1.17
N VAL D 478 0.38 29.58 1.86
CA VAL D 478 -0.07 30.94 1.60
C VAL D 478 0.80 31.94 2.32
N THR D 479 1.06 33.07 1.67
CA THR D 479 1.80 34.18 2.27
C THR D 479 0.96 35.42 2.49
N ASN D 480 -0.33 35.39 2.17
CA ASN D 480 -1.18 36.57 2.35
C ASN D 480 -1.41 36.89 3.82
N GLY D 481 -1.29 35.91 4.71
CA GLY D 481 -1.50 36.17 6.12
C GLY D 481 -1.51 34.88 6.92
N LYS D 482 -2.11 34.96 8.10
CA LYS D 482 -2.17 33.84 9.04
C LYS D 482 -3.36 32.94 8.67
N HIS D 483 -3.74 32.04 9.57
CA HIS D 483 -4.73 31.00 9.26
C HIS D 483 -6.02 31.59 8.68
N GLY D 484 -6.45 32.74 9.18
CA GLY D 484 -7.63 33.37 8.62
C GLY D 484 -8.17 34.52 9.44
N LYS D 485 -8.59 35.58 8.76
CA LYS D 485 -9.17 36.75 9.40
C LYS D 485 -9.90 37.59 8.36
N ARG D 486 -11.01 38.17 8.77
CA ARG D 486 -11.80 39.05 7.91
C ARG D 486 -11.49 40.50 8.29
N VAL D 487 -10.79 41.20 7.41
CA VAL D 487 -10.48 42.61 7.58
C VAL D 487 -11.38 43.38 6.63
N ARG D 488 -12.31 44.16 7.19
CA ARG D 488 -13.20 45.03 6.42
C ARG D 488 -13.91 44.26 5.30
N GLY D 489 -14.36 43.04 5.64
CA GLY D 489 -15.10 42.23 4.70
C GLY D 489 -14.27 41.40 3.74
N VAL D 490 -12.94 41.50 3.80
CA VAL D 490 -12.07 40.74 2.91
C VAL D 490 -11.30 39.74 3.76
N TRP D 491 -11.38 38.46 3.40
CA TRP D 491 -10.68 37.43 4.15
C TRP D 491 -9.24 37.32 3.68
N ASN D 492 -8.37 36.92 4.59
CA ASN D 492 -6.96 36.68 4.27
C ASN D 492 -6.53 35.35 4.86
N GLY D 493 -5.48 34.78 4.28
CA GLY D 493 -4.95 33.52 4.75
C GLY D 493 -5.53 32.34 3.98
N MET D 494 -5.45 31.16 4.60
CA MET D 494 -5.98 29.96 3.98
C MET D 494 -7.50 30.04 3.81
N ILE D 495 -8.18 30.67 4.77
CA ILE D 495 -9.62 30.87 4.63
C ILE D 495 -9.90 31.74 3.41
N GLY D 496 -9.10 32.79 3.21
CA GLY D 496 -9.27 33.61 2.02
C GLY D 496 -8.96 32.87 0.74
N GLU D 497 -7.95 31.99 0.78
CA GLU D 497 -7.60 31.21 -0.41
C GLU D 497 -8.75 30.29 -0.80
N VAL D 498 -9.32 29.58 0.16
CA VAL D 498 -10.41 28.65 -0.14
C VAL D 498 -11.68 29.42 -0.51
N TYR D 499 -11.97 30.51 0.20
CA TYR D 499 -13.20 31.25 -0.01
C TYR D 499 -13.27 31.88 -1.40
N TYR D 500 -12.16 32.43 -1.88
CA TYR D 500 -12.12 33.10 -3.17
C TYR D 500 -11.73 32.16 -4.30
N LYS D 501 -11.87 30.85 -4.09
CA LYS D 501 -11.71 29.84 -5.15
C LYS D 501 -10.30 29.85 -5.74
N ARG D 502 -9.32 30.35 -4.99
CA ARG D 502 -7.92 30.25 -5.40
C ARG D 502 -7.30 28.92 -4.99
N ALA D 503 -7.98 28.13 -4.17
CA ALA D 503 -7.50 26.81 -3.78
C ALA D 503 -8.71 25.92 -3.54
N ASP D 504 -8.49 24.61 -3.65
CA ASP D 504 -9.58 23.67 -3.50
C ASP D 504 -9.82 23.25 -2.05
N MET D 505 -8.80 23.28 -1.21
CA MET D 505 -8.96 22.97 0.21
C MET D 505 -7.71 23.41 0.94
N ALA D 506 -7.81 23.45 2.27
CA ALA D 506 -6.70 23.81 3.15
C ALA D 506 -6.48 22.70 4.14
N ILE D 507 -5.20 22.40 4.41
CA ILE D 507 -4.83 21.24 5.22
C ILE D 507 -4.12 21.62 6.51
N GLY D 508 -3.74 22.87 6.69
CA GLY D 508 -2.98 23.26 7.87
C GLY D 508 -3.73 23.14 9.18
N SER D 509 -3.11 23.59 10.27
CA SER D 509 -3.72 23.55 11.59
C SER D 509 -4.79 24.63 11.65
N LEU D 510 -5.96 24.31 11.11
CA LEU D 510 -7.04 25.28 10.93
C LEU D 510 -8.18 24.95 11.88
N THR D 511 -8.58 25.93 12.68
CA THR D 511 -9.59 25.74 13.71
C THR D 511 -10.99 25.95 13.15
N ILE D 512 -11.94 25.18 13.68
CA ILE D 512 -13.33 25.25 13.27
C ILE D 512 -14.08 26.17 14.24
N ASN D 513 -14.75 27.19 13.69
CA ASN D 513 -15.63 28.03 14.48
C ASN D 513 -16.78 28.47 13.59
N GLU D 514 -17.75 29.15 14.21
CA GLU D 514 -18.96 29.53 13.49
C GLU D 514 -18.64 30.54 12.38
N GLU D 515 -17.72 31.46 12.64
CA GLU D 515 -17.42 32.51 11.66
C GLU D 515 -16.89 31.93 10.36
N ARG D 516 -15.97 30.96 10.44
CA ARG D 516 -15.42 30.36 9.23
C ARG D 516 -16.38 29.34 8.62
N SER D 517 -17.15 28.63 9.45
CA SER D 517 -18.06 27.62 8.93
C SER D 517 -19.23 28.23 8.16
N GLU D 518 -19.45 29.54 8.31
CA GLU D 518 -20.57 30.17 7.60
C GLU D 518 -20.26 30.36 6.12
N ILE D 519 -18.99 30.50 5.76
CA ILE D 519 -18.63 30.85 4.39
C ILE D 519 -18.08 29.64 3.64
N ILE D 520 -17.44 28.72 4.37
CA ILE D 520 -16.85 27.53 3.77
C ILE D 520 -17.38 26.29 4.49
N ASP D 521 -17.05 25.13 3.94
CA ASP D 521 -17.48 23.85 4.47
C ASP D 521 -16.29 23.15 5.12
N PHE D 522 -16.38 22.90 6.42
CA PHE D 522 -15.35 22.18 7.15
C PHE D 522 -15.63 20.69 7.14
N SER D 523 -14.56 19.90 7.21
CA SER D 523 -14.68 18.46 7.34
C SER D 523 -14.82 18.09 8.81
N VAL D 524 -14.85 16.80 9.09
CA VAL D 524 -14.90 16.35 10.49
C VAL D 524 -13.57 16.65 11.15
N PRO D 525 -13.54 17.10 12.40
CA PRO D 525 -12.26 17.35 13.08
C PRO D 525 -11.47 16.06 13.22
N PHE D 526 -10.16 16.17 13.04
CA PHE D 526 -9.26 15.03 13.17
C PHE D 526 -8.25 15.19 14.30
N VAL D 527 -8.33 16.30 15.05
CA VAL D 527 -7.60 16.42 16.31
C VAL D 527 -8.29 17.50 17.14
N GLU D 528 -8.38 17.24 18.44
CA GLU D 528 -9.14 18.07 19.35
C GLU D 528 -8.26 19.18 19.93
N THR D 529 -8.62 20.43 19.66
CA THR D 529 -7.92 21.59 20.21
C THR D 529 -8.94 22.55 20.75
N GLY D 530 -8.74 23.03 21.97
CA GLY D 530 -9.53 24.13 22.47
C GLY D 530 -8.70 25.38 22.52
N ILE D 531 -8.79 26.13 23.62
CA ILE D 531 -7.85 27.20 23.93
C ILE D 531 -7.34 26.94 25.33
N SER D 532 -6.04 27.19 25.55
CA SER D 532 -5.43 26.81 26.80
C SER D 532 -4.42 27.88 27.23
N VAL D 533 -4.12 27.87 28.52
CA VAL D 533 -3.23 28.83 29.15
C VAL D 533 -1.96 28.12 29.58
N MET D 534 -0.82 28.65 29.17
CA MET D 534 0.49 28.13 29.53
C MET D 534 1.16 29.09 30.50
N VAL D 535 1.76 28.53 31.56
CA VAL D 535 2.45 29.30 32.58
C VAL D 535 3.86 28.75 32.75
N SER D 536 4.66 29.47 33.53
CA SER D 536 6.08 29.15 33.70
C SER D 536 6.36 28.27 34.91
N ARG D 537 5.33 27.85 35.65
CA ARG D 537 5.46 27.03 36.86
C ARG D 537 6.65 27.47 37.71
N SER D 538 6.68 28.78 38.03
CA SER D 538 7.77 29.37 38.79
C SER D 538 7.94 28.71 40.16
N THR D 598 0.76 11.97 94.63
CA THR D 598 1.84 11.63 93.71
C THR D 598 1.31 10.89 92.48
N ILE D 599 0.07 11.13 92.11
CA ILE D 599 -0.56 10.46 90.97
C ILE D 599 -0.88 11.42 89.84
N GLY D 600 -1.50 12.56 90.17
CA GLY D 600 -1.92 13.50 89.15
C GLY D 600 -0.82 14.35 88.56
N LYS D 601 0.36 14.37 89.20
CA LYS D 601 1.52 15.08 88.68
C LYS D 601 2.33 14.23 87.71
N SER D 602 1.90 13.00 87.44
CA SER D 602 2.59 12.12 86.52
C SER D 602 2.44 12.55 85.07
N VAL D 603 1.53 13.49 84.78
CA VAL D 603 1.35 13.93 83.40
C VAL D 603 2.59 14.65 82.89
N TRP D 604 3.26 15.40 83.77
CA TRP D 604 4.49 16.07 83.36
C TRP D 604 5.57 15.06 82.98
N LEU D 605 5.73 14.01 83.79
CA LEU D 605 6.69 12.97 83.46
C LEU D 605 6.30 12.26 82.17
N LEU D 606 5.00 12.00 81.98
CA LEU D 606 4.54 11.31 80.78
C LEU D 606 4.84 12.15 79.53
N TRP D 607 4.58 13.45 79.59
CA TRP D 607 4.88 14.31 78.45
C TRP D 607 6.37 14.50 78.24
N ALA D 608 7.18 14.47 79.31
CA ALA D 608 8.62 14.49 79.13
C ALA D 608 9.10 13.23 78.41
N LEU D 609 8.51 12.09 78.73
CA LEU D 609 8.85 10.86 78.02
C LEU D 609 8.26 10.82 76.62
N VAL D 610 7.23 11.64 76.36
CA VAL D 610 6.70 11.75 75.00
C VAL D 610 7.80 12.20 74.04
N PHE D 611 8.60 13.17 74.46
CA PHE D 611 9.81 13.53 73.74
C PHE D 611 11.04 12.79 74.24
N ASN D 612 10.85 11.82 75.14
CA ASN D 612 11.88 10.88 75.61
C ASN D 612 13.23 11.57 75.80
N ASN D 613 13.21 12.60 76.62
CA ASN D 613 14.39 13.39 76.91
C ASN D 613 15.16 12.87 78.11
N SER D 614 14.71 11.75 78.69
CA SER D 614 15.35 11.11 79.84
C SER D 614 15.48 12.10 81.01
N VAL D 615 14.46 12.91 81.20
CA VAL D 615 14.46 13.93 82.25
C VAL D 615 14.33 13.24 83.60
N PRO D 616 15.29 13.43 84.51
CA PRO D 616 15.18 12.81 85.83
C PRO D 616 14.12 13.48 86.68
N ILE D 617 12.98 12.81 86.88
CA ILE D 617 11.93 13.35 87.72
C ILE D 617 11.63 12.39 88.86
N GLU D 618 11.17 11.19 88.51
CA GLU D 618 10.75 10.20 89.50
C GLU D 618 10.86 8.82 88.86
N ASN D 619 10.31 7.82 89.56
CA ASN D 619 10.30 6.46 89.06
C ASN D 619 8.95 5.86 89.44
N PRO D 620 8.11 5.52 88.46
CA PRO D 620 6.90 4.76 88.78
C PRO D 620 7.27 3.37 89.28
N ARG D 621 6.45 2.86 90.21
CA ARG D 621 6.70 1.56 90.80
C ARG D 621 5.64 0.52 90.51
N GLY D 622 4.42 0.93 90.16
CA GLY D 622 3.35 -0.02 89.95
C GLY D 622 3.50 -0.80 88.66
N THR D 623 2.86 -1.96 88.62
CA THR D 623 2.80 -2.73 87.38
C THR D 623 2.02 -1.95 86.31
N THR D 624 0.89 -1.36 86.69
CA THR D 624 0.13 -0.55 85.75
C THR D 624 0.95 0.66 85.29
N SER D 625 1.70 1.26 86.21
CA SER D 625 2.55 2.38 85.86
C SER D 625 3.58 1.97 84.81
N LYS D 626 4.25 0.84 85.02
CA LYS D 626 5.23 0.37 84.05
C LYS D 626 4.58 0.05 82.71
N ILE D 627 3.39 -0.56 82.74
CA ILE D 627 2.71 -0.93 81.51
C ILE D 627 2.36 0.30 80.69
N MET D 628 1.74 1.30 81.33
CA MET D 628 1.36 2.49 80.56
C MET D 628 2.58 3.31 80.17
N VAL D 629 3.66 3.29 80.97
CA VAL D 629 4.88 3.97 80.56
C VAL D 629 5.44 3.32 79.30
N LEU D 630 5.49 1.99 79.25
CA LEU D 630 6.00 1.31 78.07
C LEU D 630 5.10 1.55 76.86
N VAL D 631 3.78 1.49 77.06
CA VAL D 631 2.84 1.75 75.97
C VAL D 631 3.02 3.16 75.45
N TRP D 632 3.23 4.12 76.35
CA TRP D 632 3.36 5.50 75.91
C TRP D 632 4.70 5.75 75.24
N ALA D 633 5.75 5.05 75.66
CA ALA D 633 7.03 5.12 74.93
C ALA D 633 6.87 4.57 73.53
N PHE D 634 6.19 3.43 73.39
CA PHE D 634 5.95 2.86 72.07
C PHE D 634 5.12 3.81 71.22
N PHE D 635 4.09 4.42 71.80
CA PHE D 635 3.27 5.38 71.09
C PHE D 635 4.09 6.60 70.67
N ALA D 636 4.99 7.07 71.54
CA ALA D 636 5.80 8.21 71.21
C ALA D 636 6.74 7.92 70.05
N VAL D 637 7.38 6.75 70.06
CA VAL D 637 8.33 6.44 69.00
C VAL D 637 7.60 6.23 67.68
N ILE D 638 6.41 5.60 67.72
CA ILE D 638 5.68 5.43 66.48
C ILE D 638 5.09 6.76 66.01
N PHE D 639 4.79 7.68 66.93
CA PHE D 639 4.32 8.99 66.52
C PHE D 639 5.42 9.78 65.83
N LEU D 640 6.64 9.71 66.36
CA LEU D 640 7.78 10.32 65.67
C LEU D 640 7.98 9.71 64.30
N ALA D 641 7.93 8.37 64.22
CA ALA D 641 8.12 7.70 62.93
C ALA D 641 7.02 8.08 61.95
N SER D 642 5.78 8.14 62.41
CA SER D 642 4.67 8.49 61.54
C SER D 642 4.79 9.93 61.06
N TYR D 643 5.27 10.83 61.93
CA TYR D 643 5.49 12.20 61.51
C TYR D 643 6.54 12.27 60.42
N THR D 644 7.66 11.57 60.61
CA THR D 644 8.72 11.58 59.60
C THR D 644 8.22 11.00 58.29
N ALA D 645 7.52 9.87 58.35
CA ALA D 645 7.00 9.25 57.14
C ALA D 645 5.99 10.15 56.45
N ASN D 646 5.13 10.81 57.23
CA ASN D 646 4.12 11.68 56.65
C ASN D 646 4.76 12.87 55.95
N LEU D 647 5.79 13.47 56.57
CA LEU D 647 6.50 14.56 55.91
C LEU D 647 7.18 14.08 54.64
N ALA D 648 7.79 12.89 54.67
CA ALA D 648 8.43 12.38 53.47
C ALA D 648 7.42 12.17 52.35
N ALA D 649 6.27 11.56 52.66
CA ALA D 649 5.26 11.32 51.64
C ALA D 649 4.70 12.62 51.10
N PHE D 650 4.48 13.61 51.98
CA PHE D 650 4.02 14.92 51.52
C PHE D 650 5.04 15.56 50.59
N MET D 651 6.33 15.46 50.93
CA MET D 651 7.36 16.04 50.09
C MET D 651 7.46 15.34 48.74
N ILE D 652 7.21 14.03 48.70
CA ILE D 652 7.22 13.32 47.42
C ILE D 652 6.10 13.81 46.52
N GLN D 653 4.91 14.01 47.08
CA GLN D 653 3.77 14.49 46.31
C GLN D 653 4.02 15.90 45.78
N GLU D 654 3.59 16.13 44.54
CA GLU D 654 3.76 17.41 43.85
C GLU D 654 2.42 18.12 43.75
N GLN D 655 2.30 19.24 44.46
CA GLN D 655 1.06 20.00 44.42
C GLN D 655 0.89 20.68 43.07
N TYR D 656 -0.35 20.72 42.59
CA TYR D 656 -0.69 21.42 41.35
C TYR D 656 -0.85 22.89 41.71
N ILE D 657 0.26 23.61 41.71
CA ILE D 657 0.28 25.04 42.08
C ILE D 657 -0.09 25.81 40.81
N ASP D 658 -1.38 26.07 40.63
CA ASP D 658 -1.81 26.74 39.41
C ASP D 658 -2.00 28.24 39.60
N THR D 659 -1.48 29.02 38.67
CA THR D 659 -1.62 30.47 38.75
C THR D 659 -3.08 30.87 38.74
N VAL D 660 -3.85 30.30 37.81
CA VAL D 660 -5.26 30.62 37.72
C VAL D 660 -6.08 29.36 37.61
N SER D 661 -7.35 29.43 37.99
CA SER D 661 -8.22 28.29 37.85
C SER D 661 -8.45 28.05 36.38
N GLY D 662 -8.61 29.14 35.64
CA GLY D 662 -8.83 29.04 34.21
C GLY D 662 -9.11 30.44 33.69
N LEU D 663 -9.94 30.54 32.66
CA LEU D 663 -10.29 31.86 32.14
C LEU D 663 -11.35 32.51 33.01
N SER D 664 -12.33 31.74 33.47
CA SER D 664 -13.34 32.29 34.35
C SER D 664 -12.74 32.88 35.62
N ASP D 665 -11.42 32.86 35.77
CA ASP D 665 -10.79 33.31 36.99
C ASP D 665 -10.96 34.82 37.17
N LYS D 666 -10.87 35.29 38.40
CA LYS D 666 -11.09 36.71 38.61
C LYS D 666 -9.93 37.52 38.04
N LYS D 667 -8.73 36.96 38.02
CA LYS D 667 -7.59 37.73 37.54
C LYS D 667 -7.74 38.10 36.07
N PHE D 668 -8.16 37.15 35.25
CA PHE D 668 -8.26 37.40 33.81
C PHE D 668 -9.34 38.42 33.49
N GLN D 669 -10.47 38.37 34.20
CA GLN D 669 -11.61 39.21 33.87
C GLN D 669 -11.29 40.69 34.07
N ARG D 670 -10.96 41.08 35.30
CA ARG D 670 -10.76 42.49 35.64
C ARG D 670 -9.39 42.69 36.30
N PRO D 671 -8.31 42.64 35.53
CA PRO D 671 -7.00 42.96 36.10
C PRO D 671 -6.88 44.40 36.58
N GLN D 672 -7.61 45.34 35.96
CA GLN D 672 -7.55 46.72 36.40
C GLN D 672 -8.28 46.92 37.72
N ASP D 673 -9.36 46.18 37.95
CA ASP D 673 -10.15 46.38 39.17
C ASP D 673 -9.47 45.78 40.39
N GLN D 674 -8.43 44.98 40.18
CA GLN D 674 -7.67 44.37 41.28
C GLN D 674 -6.30 45.02 41.38
N TYR D 675 -5.85 45.23 42.62
CA TYR D 675 -4.60 45.94 42.85
C TYR D 675 -3.38 45.28 42.19
N PRO D 676 -3.13 43.97 42.35
CA PRO D 676 -1.91 43.39 41.77
C PRO D 676 -2.09 43.14 40.28
N PRO D 677 -1.13 43.56 39.46
CA PRO D 677 -1.19 43.29 38.03
C PRO D 677 -0.48 41.99 37.65
N PHE D 678 -0.92 41.42 36.54
CA PHE D 678 -0.27 40.26 35.96
C PHE D 678 -0.51 40.26 34.47
N ARG D 679 0.39 39.61 33.74
CA ARG D 679 0.52 39.78 32.30
C ARG D 679 0.08 38.52 31.57
N PHE D 680 -0.87 38.67 30.65
CA PHE D 680 -1.26 37.60 29.75
C PHE D 680 -1.45 38.15 28.34
N GLY D 681 -1.12 37.33 27.36
CA GLY D 681 -1.21 37.75 25.97
C GLY D 681 -1.36 36.57 25.05
N THR D 682 -1.61 36.88 23.78
CA THR D 682 -1.82 35.87 22.75
C THR D 682 -1.24 36.37 21.44
N VAL D 683 -1.28 35.51 20.42
CA VAL D 683 -0.87 35.85 19.06
C VAL D 683 -2.12 36.31 18.30
N PRO D 684 -2.14 37.52 17.76
CA PRO D 684 -3.38 38.05 17.17
C PRO D 684 -3.77 37.36 15.88
N ASN D 685 -4.90 37.79 15.31
CA ASN D 685 -5.40 37.33 14.01
C ASN D 685 -5.69 35.83 14.00
N GLY D 686 -5.94 35.24 15.17
CA GLY D 686 -6.23 33.82 15.27
C GLY D 686 -7.65 33.58 15.73
N SER D 687 -7.99 32.30 15.89
CA SER D 687 -9.30 31.91 16.40
C SER D 687 -9.46 32.35 17.86
N THR D 688 -8.38 32.27 18.64
CA THR D 688 -8.46 32.64 20.05
C THR D 688 -8.80 34.12 20.22
N GLU D 689 -8.19 34.98 19.41
CA GLU D 689 -8.49 36.41 19.51
C GLU D 689 -9.94 36.69 19.17
N ARG D 690 -10.47 36.02 18.14
CA ARG D 690 -11.87 36.19 17.79
C ARG D 690 -12.78 35.71 18.92
N ASN D 691 -12.45 34.57 19.51
CA ASN D 691 -13.24 34.05 20.63
C ASN D 691 -13.27 35.03 21.80
N ILE D 692 -12.09 35.55 22.16
CA ILE D 692 -12.01 36.46 23.29
C ILE D 692 -12.71 37.78 22.99
N ARG D 693 -12.58 38.28 21.74
CA ARG D 693 -13.28 39.49 21.35
C ARG D 693 -14.79 39.31 21.44
N SER D 694 -15.29 38.16 20.99
CA SER D 694 -16.73 37.92 21.04
C SER D 694 -17.22 37.75 22.47
N ASN D 695 -16.40 37.15 23.34
CA ASN D 695 -16.86 36.80 24.68
C ASN D 695 -16.54 37.87 25.72
N TYR D 696 -15.26 38.16 25.91
CA TYR D 696 -14.81 39.03 27.00
C TYR D 696 -14.15 40.28 26.42
N ARG D 697 -14.77 41.43 26.66
CA ARG D 697 -14.26 42.68 26.10
C ARG D 697 -13.21 43.34 26.98
N ASP D 698 -13.39 43.35 28.30
CA ASP D 698 -12.38 43.90 29.18
C ASP D 698 -11.09 43.09 29.10
N MET D 699 -11.22 41.77 29.07
CA MET D 699 -10.05 40.90 28.93
C MET D 699 -9.32 41.19 27.62
N HIS D 700 -10.06 41.36 26.53
CA HIS D 700 -9.43 41.68 25.25
C HIS D 700 -8.74 43.04 25.29
N THR D 701 -9.38 44.03 25.90
CA THR D 701 -8.78 45.36 25.95
C THR D 701 -7.52 45.38 26.80
N HIS D 702 -7.45 44.52 27.82
CA HIS D 702 -6.22 44.41 28.58
C HIS D 702 -5.17 43.61 27.83
N MET D 703 -5.59 42.60 27.06
CA MET D 703 -4.65 41.72 26.38
C MET D 703 -4.04 42.36 25.15
N VAL D 704 -4.76 43.27 24.48
CA VAL D 704 -4.28 43.81 23.21
C VAL D 704 -2.98 44.58 23.38
N LYS D 705 -2.85 45.35 24.47
CA LYS D 705 -1.63 46.10 24.71
C LYS D 705 -0.45 45.21 25.09
N PHE D 706 -0.70 43.93 25.38
CA PHE D 706 0.34 42.95 25.68
C PHE D 706 0.52 41.95 24.56
N ASN D 707 0.29 42.39 23.32
CA ASN D 707 0.28 41.52 22.16
C ASN D 707 1.68 40.97 21.87
N GLN D 708 1.72 39.78 21.28
CA GLN D 708 2.96 39.09 20.99
C GLN D 708 2.90 38.54 19.57
N ARG D 709 4.08 38.34 18.96
CA ARG D 709 4.19 38.08 17.53
C ARG D 709 4.16 36.60 17.18
N SER D 710 4.94 35.77 17.87
CA SER D 710 5.09 34.37 17.48
C SER D 710 4.97 33.47 18.70
N VAL D 711 4.77 32.18 18.44
CA VAL D 711 4.69 31.20 19.52
C VAL D 711 6.04 31.04 20.21
N GLU D 712 7.12 30.96 19.43
CA GLU D 712 8.45 30.85 20.02
C GLU D 712 8.82 32.11 20.79
N ASP D 713 8.45 33.29 20.27
CA ASP D 713 8.67 34.52 21.02
C ASP D 713 7.88 34.53 22.32
N ALA D 714 6.65 34.02 22.31
CA ALA D 714 5.87 33.94 23.53
C ALA D 714 6.49 32.99 24.54
N LEU D 715 7.00 31.86 24.07
CA LEU D 715 7.67 30.93 24.97
C LEU D 715 8.93 31.55 25.56
N THR D 716 9.70 32.27 24.74
CA THR D 716 10.89 32.96 25.26
C THR D 716 10.50 34.01 26.29
N SER D 717 9.44 34.78 26.03
CA SER D 717 9.00 35.78 26.98
C SER D 717 8.54 35.15 28.30
N LEU D 718 7.84 34.01 28.21
CA LEU D 718 7.45 33.30 29.42
C LEU D 718 8.67 32.80 30.17
N LYS D 719 9.68 32.31 29.46
CA LYS D 719 10.88 31.80 30.11
C LYS D 719 11.63 32.91 30.83
N MET D 720 11.80 34.07 30.18
CA MET D 720 12.58 35.15 30.75
C MET D 720 11.78 35.97 31.77
N GLY D 721 10.46 35.85 31.77
CA GLY D 721 9.62 36.51 32.76
C GLY D 721 8.92 37.76 32.31
N LYS D 722 9.01 38.12 31.03
CA LYS D 722 8.29 39.29 30.53
C LYS D 722 6.77 39.06 30.51
N LEU D 723 6.34 37.81 30.42
CA LEU D 723 4.92 37.47 30.40
C LEU D 723 4.66 36.39 31.42
N ASP D 724 3.44 36.37 31.96
CA ASP D 724 3.05 35.40 32.98
C ASP D 724 2.24 34.25 32.41
N ALA D 725 1.23 34.54 31.59
CA ALA D 725 0.37 33.53 31.01
C ALA D 725 0.26 33.73 29.51
N PHE D 726 0.24 32.63 28.77
CA PHE D 726 0.11 32.66 27.31
C PHE D 726 -1.15 31.88 26.93
N ILE D 727 -2.09 32.55 26.27
CA ILE D 727 -3.34 31.95 25.85
C ILE D 727 -3.23 31.61 24.37
N TYR D 728 -3.33 30.33 24.03
CA TYR D 728 -3.15 29.92 22.65
C TYR D 728 -3.90 28.62 22.42
N ASP D 729 -3.60 27.97 21.29
CA ASP D 729 -4.27 26.73 20.93
C ASP D 729 -3.85 25.59 21.83
N ALA D 730 -4.76 24.65 22.07
CA ALA D 730 -4.49 23.57 23.00
C ALA D 730 -3.43 22.61 22.46
N ALA D 731 -3.55 22.22 21.19
CA ALA D 731 -2.63 21.24 20.63
C ALA D 731 -1.21 21.81 20.52
N VAL D 732 -1.09 23.04 20.06
CA VAL D 732 0.23 23.66 19.90
C VAL D 732 0.90 23.83 21.26
N LEU D 733 0.15 24.31 22.25
CA LEU D 733 0.72 24.49 23.57
C LEU D 733 1.07 23.15 24.22
N ASN D 734 0.25 22.13 23.99
CA ASN D 734 0.57 20.81 24.52
C ASN D 734 1.86 20.28 23.91
N TYR D 735 2.03 20.44 22.59
CA TYR D 735 3.26 20.00 21.96
C TYR D 735 4.46 20.78 22.48
N MET D 736 4.30 22.10 22.65
CA MET D 736 5.40 22.92 23.16
C MET D 736 5.79 22.52 24.58
N ALA D 737 4.81 22.24 25.43
CA ALA D 737 5.09 21.79 26.78
C ALA D 737 5.77 20.43 26.78
N GLY D 738 5.33 19.53 25.89
CA GLY D 738 5.88 18.18 25.88
C GLY D 738 7.36 18.16 25.52
N LYS D 739 7.75 18.93 24.51
CA LYS D 739 9.12 18.91 24.02
C LYS D 739 9.99 20.01 24.62
N ASP D 740 9.52 20.65 25.69
CA ASP D 740 10.27 21.75 26.28
C ASP D 740 11.57 21.24 26.91
N GLU D 741 12.58 22.11 26.89
CA GLU D 741 13.88 21.83 27.50
C GLU D 741 13.85 22.34 28.93
N GLY D 742 14.04 21.43 29.89
CA GLY D 742 13.97 21.76 31.30
C GLY D 742 12.66 21.41 31.96
N CYS D 743 11.61 21.11 31.19
CA CYS D 743 10.32 20.67 31.71
C CYS D 743 9.72 21.74 32.65
N LYS D 744 9.99 23.00 32.36
CA LYS D 744 9.59 24.10 33.22
C LYS D 744 8.40 24.88 32.68
N LEU D 745 7.63 24.29 31.76
CA LEU D 745 6.41 24.89 31.25
C LEU D 745 5.25 23.92 31.43
N VAL D 746 4.15 24.41 31.98
CA VAL D 746 2.97 23.60 32.25
C VAL D 746 1.72 24.40 31.89
N THR D 747 0.66 23.70 31.53
CA THR D 747 -0.62 24.32 31.22
C THR D 747 -1.55 24.27 32.43
N ILE D 748 -2.48 25.22 32.48
CA ILE D 748 -3.46 25.27 33.56
C ILE D 748 -4.38 24.06 33.42
N GLY D 749 -4.24 23.10 34.32
CA GLY D 749 -4.98 21.85 34.19
C GLY D 749 -4.67 21.22 32.85
N SER D 750 -5.71 20.88 32.09
CA SER D 750 -5.53 20.49 30.70
C SER D 750 -6.80 20.87 29.94
N GLY D 751 -6.83 22.11 29.45
CA GLY D 751 -7.89 22.57 28.55
C GLY D 751 -9.29 22.13 28.93
N LYS D 752 -9.66 22.31 30.20
CA LYS D 752 -10.85 21.63 30.72
C LYS D 752 -12.08 22.54 30.83
N VAL D 753 -11.94 23.85 30.64
CA VAL D 753 -13.09 24.74 30.72
C VAL D 753 -13.20 25.65 29.49
N PHE D 754 -12.74 25.18 28.33
CA PHE D 754 -12.55 26.07 27.20
C PHE D 754 -13.30 25.56 25.96
N ALA D 755 -12.99 26.17 24.82
CA ALA D 755 -13.84 26.06 23.62
C ALA D 755 -13.91 24.66 23.05
N THR D 756 -12.93 23.80 23.33
CA THR D 756 -12.88 22.39 22.93
C THR D 756 -13.44 22.16 21.53
N THR D 757 -12.82 22.81 20.55
CA THR D 757 -13.12 22.60 19.14
C THR D 757 -12.11 21.62 18.55
N GLY D 758 -12.04 21.55 17.22
CA GLY D 758 -11.08 20.68 16.57
C GLY D 758 -10.55 21.27 15.29
N TYR D 759 -9.41 20.74 14.84
CA TYR D 759 -8.86 21.09 13.54
C TYR D 759 -9.63 20.44 12.43
N GLY D 760 -9.94 21.21 11.38
CA GLY D 760 -10.70 20.69 10.26
C GLY D 760 -10.02 21.01 8.95
N ILE D 761 -10.52 20.38 7.89
CA ILE D 761 -10.04 20.61 6.55
C ILE D 761 -11.00 21.56 5.85
N ALA D 762 -10.56 22.78 5.60
CA ALA D 762 -11.40 23.77 4.93
C ALA D 762 -11.61 23.35 3.48
N MET D 763 -12.85 23.43 3.02
CA MET D 763 -13.19 23.15 1.64
C MET D 763 -14.14 24.21 1.13
N GLN D 764 -14.15 24.39 -0.20
CA GLN D 764 -15.08 25.30 -0.82
C GLN D 764 -16.51 24.84 -0.57
N LYS D 765 -17.41 25.80 -0.40
CA LYS D 765 -18.80 25.46 -0.13
C LYS D 765 -19.41 24.70 -1.30
N ASP D 766 -20.21 23.69 -0.99
CA ASP D 766 -20.89 22.80 -1.93
C ASP D 766 -19.91 21.90 -2.67
N SER D 767 -18.68 21.75 -2.19
CA SER D 767 -17.73 20.86 -2.82
C SER D 767 -18.17 19.41 -2.69
N HIS D 768 -17.99 18.64 -3.76
CA HIS D 768 -18.34 17.22 -3.74
C HIS D 768 -17.28 16.35 -3.09
N TRP D 769 -16.11 16.91 -2.76
CA TRP D 769 -15.10 16.17 -2.04
C TRP D 769 -15.43 15.97 -0.57
N LYS D 770 -16.42 16.71 -0.05
CA LYS D 770 -16.66 16.72 1.39
C LYS D 770 -17.07 15.35 1.89
N ARG D 771 -17.98 14.67 1.18
CA ARG D 771 -18.46 13.37 1.65
C ARG D 771 -17.31 12.36 1.75
N ALA D 772 -16.54 12.23 0.67
CA ALA D 772 -15.45 11.26 0.66
C ALA D 772 -14.38 11.62 1.67
N ILE D 773 -14.07 12.92 1.81
CA ILE D 773 -13.02 13.32 2.73
C ILE D 773 -13.43 13.06 4.19
N ASP D 774 -14.67 13.39 4.55
CA ASP D 774 -15.14 13.09 5.90
C ASP D 774 -15.17 11.60 6.18
N LEU D 775 -15.64 10.80 5.21
CA LEU D 775 -15.66 9.35 5.41
C LEU D 775 -14.26 8.79 5.59
N ALA D 776 -13.31 9.25 4.76
CA ALA D 776 -11.93 8.76 4.88
C ALA D 776 -11.30 9.19 6.19
N LEU D 777 -11.57 10.42 6.64
CA LEU D 777 -11.03 10.88 7.91
C LEU D 777 -11.61 10.07 9.07
N LEU D 778 -12.90 9.77 9.03
CA LEU D 778 -13.51 8.95 10.08
C LEU D 778 -12.92 7.54 10.08
N GLN D 779 -12.71 6.97 8.89
CA GLN D 779 -12.07 5.65 8.81
C GLN D 779 -10.66 5.68 9.39
N LEU D 780 -9.89 6.73 9.07
CA LEU D 780 -8.54 6.85 9.60
C LEU D 780 -8.55 6.99 11.12
N LEU D 781 -9.47 7.80 11.64
CA LEU D 781 -9.57 7.97 13.09
C LEU D 781 -9.97 6.66 13.78
N GLY D 782 -10.88 5.91 13.18
CA GLY D 782 -11.31 4.65 13.78
C GLY D 782 -10.27 3.55 13.70
N ASP D 783 -9.45 3.55 12.64
CA ASP D 783 -8.48 2.49 12.44
C ASP D 783 -7.24 2.63 13.30
N GLY D 784 -7.02 3.78 13.93
CA GLY D 784 -5.85 3.99 14.74
C GLY D 784 -4.64 4.53 14.02
N GLU D 785 -4.75 4.81 12.71
CA GLU D 785 -3.64 5.43 12.00
C GLU D 785 -3.37 6.83 12.52
N THR D 786 -4.43 7.57 12.87
CA THR D 786 -4.26 8.89 13.46
C THR D 786 -3.50 8.81 14.78
N GLN D 787 -3.78 7.77 15.57
CA GLN D 787 -3.03 7.58 16.82
C GLN D 787 -1.56 7.32 16.55
N LYS D 788 -1.26 6.55 15.49
CA LYS D 788 0.12 6.35 15.09
C LYS D 788 0.78 7.67 14.70
N LEU D 789 0.05 8.52 13.98
CA LEU D 789 0.59 9.82 13.60
C LEU D 789 0.85 10.69 14.83
N GLU D 790 -0.05 10.66 15.81
CA GLU D 790 0.19 11.40 17.05
C GLU D 790 1.41 10.86 17.79
N THR D 791 1.60 9.54 17.78
CA THR D 791 2.78 8.97 18.40
C THR D 791 4.05 9.42 17.68
N VAL D 792 4.01 9.46 16.35
CA VAL D 792 5.21 9.82 15.58
C VAL D 792 5.54 11.30 15.75
N TRP D 793 4.55 12.18 15.68
CA TRP D 793 4.78 13.62 15.63
C TRP D 793 4.51 14.31 16.96
N LEU D 794 3.31 14.15 17.52
CA LEU D 794 2.93 14.86 18.73
C LEU D 794 3.25 14.02 19.98
N SER D 795 4.59 13.97 20.19
CA SER D 795 5.16 13.30 21.35
C SER D 795 6.41 14.13 21.84
N GLY D 796 6.31 14.66 23.07
CA GLY D 796 7.40 15.46 23.59
C GLY D 796 8.40 14.68 24.43
N ILE D 797 9.08 15.35 25.36
CA ILE D 797 10.06 14.69 26.20
C ILE D 797 9.42 13.62 27.07
N CYS D 798 9.75 12.35 26.81
CA CYS D 798 9.13 11.27 27.56
C CYS D 798 7.63 11.48 27.53
N GLN D 799 6.98 11.37 28.68
CA GLN D 799 5.55 11.64 28.74
C GLN D 799 5.34 13.05 29.26
N ASN D 800 4.12 13.33 29.71
CA ASN D 800 3.83 14.66 30.23
C ASN D 800 4.89 15.09 31.26
N GLU D 801 5.63 14.11 31.82
CA GLU D 801 6.72 14.39 32.76
C GLU D 801 6.18 15.05 34.04
N LYS D 802 5.34 14.28 34.74
CA LYS D 802 4.88 14.70 36.05
C LYS D 802 6.06 14.93 36.98
N ASN D 803 6.99 13.97 37.02
CA ASN D 803 8.29 14.08 37.67
C ASN D 803 8.20 14.45 39.14
N GLU D 804 7.03 14.28 39.76
CA GLU D 804 6.81 14.69 41.15
C GLU D 804 7.32 16.11 41.39
N VAL D 805 8.10 16.30 42.44
CA VAL D 805 8.59 17.63 42.80
C VAL D 805 9.96 17.79 42.15
N MET D 806 10.02 18.54 41.05
CA MET D 806 11.31 18.78 40.41
C MET D 806 12.16 19.75 41.24
N SER D 807 11.54 20.81 41.74
CA SER D 807 12.20 21.80 42.60
C SER D 807 11.11 22.52 43.39
N SER D 808 11.47 23.66 43.99
CA SER D 808 10.54 24.49 44.76
C SER D 808 9.96 23.70 45.94
N LYS D 809 10.85 23.35 46.85
CA LYS D 809 10.48 22.67 48.09
C LYS D 809 9.48 23.52 48.87
N LEU D 810 8.40 22.88 49.33
CA LEU D 810 7.39 23.54 50.14
C LEU D 810 7.40 22.93 51.54
N ASP D 811 7.55 23.78 52.56
CA ASP D 811 7.62 23.33 53.94
C ASP D 811 6.85 24.29 54.83
N ILE D 812 5.66 24.70 54.38
CA ILE D 812 4.86 25.68 55.12
C ILE D 812 4.43 25.11 56.47
N ASP D 813 4.10 23.82 56.52
CA ASP D 813 3.72 23.19 57.78
C ASP D 813 4.84 23.31 58.81
N ASN D 814 6.08 23.08 58.39
CA ASN D 814 7.20 23.09 59.32
C ASN D 814 7.43 24.47 59.91
N MET D 815 7.47 25.51 59.06
CA MET D 815 7.67 26.86 59.58
C MET D 815 6.50 27.33 60.41
N ALA D 816 5.27 26.99 60.02
CA ALA D 816 4.12 27.35 60.83
C ALA D 816 4.20 26.71 62.21
N GLY D 817 4.55 25.43 62.27
CA GLY D 817 4.75 24.80 63.56
C GLY D 817 5.88 25.42 64.34
N VAL D 818 6.94 25.83 63.65
CA VAL D 818 8.06 26.50 64.31
C VAL D 818 7.56 27.75 65.03
N PHE D 819 6.85 28.61 64.31
CA PHE D 819 6.35 29.84 64.91
C PHE D 819 5.36 29.54 66.03
N TYR D 820 4.54 28.50 65.86
CA TYR D 820 3.59 28.12 66.90
C TYR D 820 4.31 27.75 68.19
N MET D 821 5.35 26.92 68.09
CA MET D 821 6.12 26.55 69.28
C MET D 821 6.82 27.75 69.90
N LEU D 822 7.41 28.64 69.10
CA LEU D 822 8.08 29.80 69.69
C LEU D 822 7.10 30.70 70.42
N LEU D 823 5.94 30.96 69.81
CA LEU D 823 4.94 31.78 70.47
C LEU D 823 4.44 31.11 71.75
N VAL D 824 4.21 29.80 71.73
CA VAL D 824 3.75 29.10 72.93
C VAL D 824 4.78 29.19 74.04
N ALA D 825 6.07 29.04 73.69
CA ALA D 825 7.12 29.13 74.69
C ALA D 825 7.19 30.54 75.29
N MET D 826 7.08 31.57 74.45
CA MET D 826 7.15 32.93 74.97
C MET D 826 5.94 33.24 75.84
N GLY D 827 4.77 32.71 75.46
CA GLY D 827 3.60 32.86 76.31
C GLY D 827 3.76 32.18 77.65
N LEU D 828 4.37 30.99 77.65
CA LEU D 828 4.64 30.30 78.91
C LEU D 828 5.58 31.11 79.78
N ALA D 829 6.62 31.71 79.18
CA ALA D 829 7.53 32.56 79.93
C ALA D 829 6.79 33.78 80.50
N LEU D 830 5.89 34.38 79.71
CA LEU D 830 5.10 35.49 80.19
C LEU D 830 4.20 35.08 81.36
N LEU D 831 3.62 33.88 81.28
CA LEU D 831 2.80 33.37 82.37
C LEU D 831 3.63 33.16 83.63
N VAL D 832 4.85 32.66 83.48
CA VAL D 832 5.74 32.55 84.63
C VAL D 832 6.06 33.92 85.20
N PHE D 833 6.25 34.91 84.33
CA PHE D 833 6.44 36.28 84.80
C PHE D 833 5.23 36.77 85.57
N ALA D 834 4.03 36.36 85.14
CA ALA D 834 2.81 36.77 85.81
C ALA D 834 2.76 36.24 87.24
N TRP D 835 3.19 35.00 87.46
CA TRP D 835 3.25 34.45 88.81
C TRP D 835 4.43 35.04 89.57
#